data_6TYE
#
_entry.id   6TYE
#
_cell.length_a   129.527
_cell.length_b   158.522
_cell.length_c   214.656
_cell.angle_alpha   90.00
_cell.angle_beta   90.00
_cell.angle_gamma   90.00
#
_symmetry.space_group_name_H-M   'P 21 21 21'
#
loop_
_entity.id
_entity.type
_entity.pdbx_description
1 polymer 'RNA polymerase sigma factor'
2 polymer "DNA (5'-D(*GP*CP*AP*TP*CP*CP*GP*TP*GP*AP*AP*TP*CP*GP*AP*GP*G)-3')"
3 polymer "DNA (5'-D(P*GP*TP*GP*TP*CP*AP*GP*TP*AP*GP*CP*TP*GP*TP*CP*AP*CP*GP*GP*AP*TP*GP*C)-3')"
4 polymer "RNA (5'-R(P*CP*UP*CP*GP*A)-3')"
5 polymer 'DNA-directed RNA polymerase subunit alpha'
6 polymer 'DNA-directed RNA polymerase subunit beta'
7 polymer "DNA-directed RNA polymerase subunit beta'"
8 polymer 'DNA-directed RNA polymerase subunit omega'
#
loop_
_entity_poly.entity_id
_entity_poly.type
_entity_poly.pdbx_seq_one_letter_code
_entity_poly.pdbx_strand_id
1 'polypeptide(L)'
;MARVSGAAAAEAALMRALYDEHAAVLWRYALRLTGDAAQAEDVVQETLLRAWQHPEVIGDTARPARAWLFTVARNMIIDE
RRSARFRNVVGSTDQSGTPEQSTPDEVNAALDRLLIADALAQLSAEHRAVIQRSYYRGWSTAQIATDLGIAEGTVKSRLH
YAVRALRLTLQELGVTR
;
F
2 'polydeoxyribonucleotide' (DG)(DC)(DA)(DT)(DC)(DC)(DG)(DT)(DG)(DA)(DA)(DT)(DC)(DG)(DA)(DG)(DG) G
3 'polydeoxyribonucleotide'
;(DC)(DG)(DT)(DG)(DT)(DC)(DA)(DG)(DT)(DA)(DG)(DC)(DT)(DG)(DT)(DC)(DA)(DC)(DG)(DG)
(DA)(DT)(DG)(DC)(DA)(DG)(DG)
;
H
4 'polyribonucleotide' CUCGA I
5 'polypeptide(L)'
;MLISQRPTLSEDVLTDNRSQFVIEPLEPGFGYTLGNSLRRTLLSSIPGAAVTSIRIDGVLHEFTTVPGVKEDVTEIILNL
KSLVVSSEEDEPVTMYLRKQGPGEVTAGDIVPPAGVTVHNPGMHIATLNDKGKLEVELVVERGRGYVPAVQNRASGAEIG
RIPVDSIYSPVLKVTYKVDATRVEQRTDFDKLILDVETKNSISPRDALASAGKTLVELFGLARELNVEAEGIEIGPSPAE
ADHIASFALPIDDLDLTVRSYNCLKREGVHTVGELVARTESDLLDIRNFGQKSIDEVKIKLHQLGLSLKDSPPSFDPSEV
AGYDVATGTWSTEGAYDEQDYAETEQL
;
A,B
6 'polypeptide(L)'
;MLEGCILADSRQSKTAASPSPSRPQSSSNNSVPGAPNRVSFAKLREPLEVPGLLDVQTDSFEWLIGSPRWRESAAERGDV
NPVGGLEEVLYELSPIEDFSGSMSLSFSDPRFDDVKAPVDECKDKDMTYAAPLFVTAEFINNNTGEIKSQTVFMGDFPMM
TEKGTFIINGTERVVVSQLVRSPGVYFDETIDKSTDKTLHSVKVIPSRGAWLEFDVDKRDTVGVRIDRKRRQPVTVLLKA
LGWTSEQIVERFGFSEIMRSTLEKDNTVGTDEALLDIYRKLRPGEPPTKESAQTLLENLFFKEKRYDLARVGRYKVNKKL
GLHVGEPITSSTLTEEDVVATIEYLVRLHEGQTTMTVPGGVEVPVETDDIDHFGNRRLRTVGELIQNQIRVGMSRMERVV
RERMTTQDVEAITPQTLINIRPVVAAIKEFFGTSQLSQFMDQNNPLSGLTHKRRLSALGPGGLSRERAGLEVRDVHPSHY
GRMCPIETPEGPNIGLIGSLSVYARVNPFGFIETPYRKVVDGVVSDEIVYLTADEEDRHVVAQANSPIDADGRFVEPRVL
VRRKAGEVEYVPSSEVDYMDVSPRQMVSVATAMIPFLEHDDANRALMGANMQRQAVPLVRSEAPLVGTGMELRAAIDAGD
VVVAEESGVIEEVSADYITVMHDNGTRRTYRMRKFARSNHGTCANQCPIVDAGDRVEAGQVIADGPCTDDGEMALGKNLL
VAIMPWEGHNYEDAIILSNRLVEEDVLTSIHIEEHEIDARDTKLGAEEITRDIPNISDEVLADLDERGIVRIGAEVRDGD
ILVGKVTPKGETELTPEERLLRAIFGEKAREVRDTSLKVPHGESGKVIGIRVFSREDEDELPAGVNELVRVYVAQKRKIS
DGDKLAGRHGNKGVIGKILPVEDMPFLADGTPVDIILNTHGVPRRMNIGQILETHLGWCAHSGWKVDAAKGVPDWAARLP
DELLEAQPNAIVSTPVFDGAQEAELQGLLSCTLPNRDGDVLVDADGKAMLFDGRSGEPFPYPVTVGYMYIMKLHHLVDDK
IHARSTGPYSMITQQPLGGKAQFGGQRFGEMECWAMQAYGAAYTLQELLTIKSDDTVGRVKVYEAIVKGENIPEPGIPES
FKVLLKELQSLCLNVEVLSSDGAAIELREGEDEDLERAAANLGINLSRNESASVEDLA
;
C
7 'polypeptide(L)'
;MLDVNFFDELRIGLATAEDIRQWSYGEVKKPETINYRTLKPEKDGLFCEKIFGPTRDWECYCGKYKRVRFKGIICERCGV
EVTRAKVRRERMGHIELAAPVTHIWYFKGVPSRLGYLLDLAPKDLEKIIYFAAYVITSVDEEMRHNELSTLEAEMAVERK
AVEDQRDGELEARAQKLEADLAELEAEGAKADARRKVRDGGEREMRQIRDRAQRELDRLEDIWSTFTKLAPKQLIVDENL
YRELVDRYGEYFTGAMGAESIQKLIENFDIDAEAESLRDVIRNGKGQKKLRALKRLKVVAAFQQSGNSPMGMVLDAVPVI
PPELRPMVQLDGGRFATSDLNDLYRRVINRNNRLKRLIDLGAPEIIVNNEKRMLQESVDALFDNGRRGRPVTGPGNRPLK
SLSDLLKGKQGRFRQNLLGKRVDYSGRSVIVVGPQLKLHQCGLPKLMALELFKPFVMKRLVDLNHAQNIKSAKRMVERQR
PQVWDVLEEVIAEHPVLLNRAPTLHRLGIQAFEPMLVEGKAIQLHPLVCEAFNADFDGDQMAVHLPLSAEAQAEARILML
SSNNILSPASGRPLAMPRLDMVTGLYYLTTEVPGDTGEYQPASGDHPETGVYSSPAEAIMAADRGVLSVRAKIKVRLTQL
RPPVEIEAELFGHSGWQPGDAWMAETTLGRVMFNELLPLGYPFVNKQMHKKVQAAIINDLAERYPMIVVAQTVDKLKDAG
FYWATRSGVTVSMADVLVPPRKKEILDHYEERADKVEKQFQRGALNHDERNEALVEIWKEATDEVGQALREHYPDDNPII
TIVDSGATGNFTQTRTLAGMKGLVTNPKGEFIPRPVKSSFREGLTVLEYFINTHGARKGLADTALRTADSGYLTRRLVDV
SQDVIVREHDCQTERGIVVELAERAPDGTLIRDPYIETSAYARTLGTDAVDEAGNVIVERGQDLGDPEIDALLAAGITQV
KVRSVLTCATSTGVCATCYGRSMATGKLVDIGEAVGIVAAQSIGEPGTQLTMRTFHQGGVGEDITGGLPRVQELFEARVP
RGKAPIADVTGRVRLEDGERFYKITIVPDDGGEEVVYDKISKRQRLRVFKHEDGSERVLSDGDHVEVGQQLMEGSADPHE
VLRVQGPREVQIHLVREVQEVYRAQGVSIHDKHIEVIVRQMLRRVTIIDSGSTEFLPGSLIDRAEFEAENRRVVAEGGEP
AAGRPVLMGITKASLATDSWLSAASFQETTRVLTDAAINCRSDKLNGLKENVIIGKLIPAGTGINRYRNIAVQPTEEARA
AAYTIPSYEDQYYSPDFGAATGAAVPLDDYGYSDYR
;
D
8 'polypeptide(L)'
;MSISQSDASLAAVPAVDQFDPSSGASGGYDTPLGITNPPIDELLDRVSSKYALVIYAAKRARQINDYYNQLGEGILEYVG
PLVEPGLQEKPLSIALREIHADLLEHTEGE
;
E
#
loop_
_chem_comp.id
_chem_comp.type
_chem_comp.name
_chem_comp.formula
A RNA linking ADENOSINE-5'-MONOPHOSPHATE 'C10 H14 N5 O7 P'
C RNA linking CYTIDINE-5'-MONOPHOSPHATE 'C9 H14 N3 O8 P'
DA DNA linking 2'-DEOXYADENOSINE-5'-MONOPHOSPHATE 'C10 H14 N5 O6 P'
DC DNA linking 2'-DEOXYCYTIDINE-5'-MONOPHOSPHATE 'C9 H14 N3 O7 P'
DG DNA linking 2'-DEOXYGUANOSINE-5'-MONOPHOSPHATE 'C10 H14 N5 O7 P'
DT DNA linking THYMIDINE-5'-MONOPHOSPHATE 'C10 H15 N2 O8 P'
G RNA linking GUANOSINE-5'-MONOPHOSPHATE 'C10 H14 N5 O8 P'
U RNA linking URIDINE-5'-MONOPHOSPHATE 'C9 H13 N2 O9 P'
#
# COMPACT_ATOMS: atom_id res chain seq x y z
N VAL A 4 -11.26 -73.29 24.58
CA VAL A 4 -9.83 -73.00 24.70
C VAL A 4 -9.56 -71.56 24.28
N SER A 5 -8.28 -71.19 24.15
CA SER A 5 -7.91 -69.83 23.84
C SER A 5 -8.10 -69.49 22.36
N GLY A 6 -8.01 -70.50 21.50
CA GLY A 6 -8.22 -70.28 20.08
C GLY A 6 -9.51 -69.57 19.77
N ALA A 7 -10.53 -69.74 20.61
CA ALA A 7 -11.82 -69.09 20.37
C ALA A 7 -11.76 -67.60 20.67
N ALA A 8 -11.17 -67.25 21.82
CA ALA A 8 -10.99 -65.85 22.14
C ALA A 8 -10.12 -65.16 21.10
N ALA A 9 -9.26 -65.91 20.41
CA ALA A 9 -8.54 -65.32 19.29
C ALA A 9 -9.40 -65.29 18.01
N ALA A 10 -10.29 -66.28 17.86
CA ALA A 10 -11.18 -66.31 16.71
C ALA A 10 -12.06 -65.08 16.66
N GLU A 11 -12.45 -64.55 17.82
CA GLU A 11 -13.23 -63.30 17.83
C GLU A 11 -12.52 -62.20 17.03
N ALA A 12 -11.28 -61.92 17.41
CA ALA A 12 -10.48 -60.92 16.68
C ALA A 12 -10.36 -61.31 15.21
N ALA A 13 -9.85 -62.51 14.93
CA ALA A 13 -9.66 -62.91 13.54
C ALA A 13 -10.96 -62.85 12.74
N LEU A 14 -12.12 -62.79 13.40
CA LEU A 14 -13.38 -62.58 12.71
C LEU A 14 -13.65 -61.10 12.46
N MET A 15 -13.24 -60.23 13.39
CA MET A 15 -13.46 -58.80 13.19
C MET A 15 -12.50 -58.21 12.16
N ARG A 16 -11.20 -58.50 12.32
CA ARG A 16 -10.19 -58.02 11.37
C ARG A 16 -10.48 -58.47 9.95
N ALA A 17 -11.35 -59.47 9.77
CA ALA A 17 -11.70 -59.93 8.44
C ALA A 17 -12.86 -59.15 7.81
N LEU A 18 -13.70 -58.51 8.62
CA LEU A 18 -14.71 -57.60 8.10
C LEU A 18 -14.17 -56.19 7.95
N TYR A 19 -13.24 -55.80 8.82
CA TYR A 19 -12.56 -54.52 8.65
C TYR A 19 -12.01 -54.38 7.24
N ASP A 20 -11.10 -55.29 6.87
CA ASP A 20 -10.36 -55.24 5.62
C ASP A 20 -11.26 -55.21 4.39
N GLU A 21 -12.56 -55.45 4.55
CA GLU A 21 -13.47 -55.51 3.42
C GLU A 21 -14.60 -54.49 3.48
N HIS A 22 -14.82 -53.85 4.62
CA HIS A 22 -15.95 -52.93 4.76
C HIS A 22 -15.61 -51.58 5.37
N ALA A 23 -14.51 -51.44 6.10
CA ALA A 23 -14.24 -50.18 6.80
C ALA A 23 -13.85 -49.09 5.81
N ALA A 24 -12.89 -49.38 4.94
CA ALA A 24 -12.43 -48.42 3.95
C ALA A 24 -13.51 -48.00 2.97
N VAL A 25 -14.63 -48.72 2.93
CA VAL A 25 -15.75 -48.37 2.07
C VAL A 25 -16.82 -47.60 2.84
N LEU A 26 -17.09 -48.02 4.08
CA LEU A 26 -18.04 -47.29 4.94
C LEU A 26 -17.57 -45.86 5.17
N TRP A 27 -16.25 -45.70 5.34
CA TRP A 27 -15.68 -44.37 5.51
C TRP A 27 -16.14 -43.42 4.42
N ARG A 28 -16.08 -43.85 3.16
CA ARG A 28 -16.43 -42.98 2.04
C ARG A 28 -17.89 -42.55 2.11
N TYR A 29 -18.77 -43.45 2.56
CA TYR A 29 -20.18 -43.09 2.70
C TYR A 29 -20.36 -41.93 3.67
N ALA A 30 -19.90 -42.12 4.91
CA ALA A 30 -20.01 -41.01 5.87
C ALA A 30 -19.25 -39.79 5.40
N LEU A 31 -18.24 -39.98 4.55
CA LEU A 31 -17.48 -38.86 4.01
C LEU A 31 -18.36 -38.00 3.11
N ARG A 32 -18.96 -38.62 2.10
CA ARG A 32 -19.87 -37.86 1.24
C ARG A 32 -21.00 -37.22 2.04
N LEU A 33 -21.44 -37.86 3.12
CA LEU A 33 -22.57 -37.31 3.85
C LEU A 33 -22.17 -36.19 4.83
N THR A 34 -20.90 -36.11 5.22
CA THR A 34 -20.47 -35.08 6.16
C THR A 34 -19.42 -34.13 5.63
N GLY A 35 -18.77 -34.44 4.51
CA GLY A 35 -17.73 -33.56 3.99
C GLY A 35 -16.60 -33.31 4.96
N ASP A 36 -16.40 -34.19 5.94
CA ASP A 36 -15.34 -34.05 6.93
C ASP A 36 -14.78 -35.44 7.22
N ALA A 37 -13.57 -35.70 6.72
CA ALA A 37 -12.98 -37.03 6.89
C ALA A 37 -12.74 -37.37 8.36
N ALA A 38 -12.56 -36.36 9.20
CA ALA A 38 -12.30 -36.62 10.62
C ALA A 38 -13.53 -37.24 11.31
N GLN A 39 -14.68 -36.58 11.18
CA GLN A 39 -15.89 -37.14 11.74
C GLN A 39 -16.21 -38.51 11.16
N ALA A 40 -15.98 -38.67 9.84
CA ALA A 40 -16.16 -39.98 9.22
C ALA A 40 -15.28 -41.02 9.91
N GLU A 41 -14.02 -40.68 10.16
CA GLU A 41 -13.14 -41.59 10.89
C GLU A 41 -13.75 -41.96 12.24
N ASP A 42 -14.39 -40.99 12.89
CA ASP A 42 -15.02 -41.28 14.19
C ASP A 42 -16.22 -42.22 14.03
N VAL A 43 -17.10 -41.89 13.09
CA VAL A 43 -18.35 -42.64 12.90
C VAL A 43 -18.05 -44.07 12.48
N VAL A 44 -16.99 -44.28 11.71
CA VAL A 44 -16.65 -45.63 11.26
C VAL A 44 -16.36 -46.52 12.48
N GLN A 45 -15.51 -46.03 13.39
CA GLN A 45 -15.17 -46.82 14.56
C GLN A 45 -16.40 -47.03 15.44
N GLU A 46 -17.21 -45.99 15.63
CA GLU A 46 -18.44 -46.15 16.41
C GLU A 46 -19.30 -47.27 15.83
N THR A 47 -19.57 -47.20 14.52
CA THR A 47 -20.34 -48.22 13.82
C THR A 47 -19.77 -49.61 14.06
N LEU A 48 -18.49 -49.81 13.72
CA LEU A 48 -17.94 -51.15 13.79
C LEU A 48 -17.87 -51.67 15.22
N LEU A 49 -17.73 -50.78 16.21
CA LEU A 49 -17.85 -51.20 17.60
C LEU A 49 -19.24 -51.75 17.88
N ARG A 50 -20.27 -51.02 17.47
CA ARG A 50 -21.63 -51.56 17.61
C ARG A 50 -21.75 -52.92 16.91
N ALA A 51 -21.18 -53.02 15.71
CA ALA A 51 -21.24 -54.28 14.97
C ALA A 51 -20.67 -55.42 15.78
N TRP A 52 -19.45 -55.25 16.30
CA TRP A 52 -18.89 -56.22 17.23
C TRP A 52 -19.84 -56.47 18.41
N GLN A 53 -20.63 -55.48 18.78
CA GLN A 53 -21.59 -55.63 19.86
C GLN A 53 -22.88 -56.31 19.43
N HIS A 54 -23.17 -56.37 18.13
CA HIS A 54 -24.38 -56.99 17.60
C HIS A 54 -23.97 -58.13 16.66
N PRO A 55 -23.61 -59.30 17.21
CA PRO A 55 -23.17 -60.40 16.35
C PRO A 55 -24.29 -61.07 15.59
N GLU A 56 -25.56 -60.77 15.89
CA GLU A 56 -26.69 -61.33 15.17
C GLU A 56 -26.78 -60.85 13.71
N VAL A 57 -25.78 -60.11 13.26
CA VAL A 57 -25.78 -59.53 11.92
C VAL A 57 -24.71 -60.15 11.04
N ILE A 58 -23.51 -60.37 11.59
CA ILE A 58 -22.43 -60.97 10.82
C ILE A 58 -22.52 -62.49 10.79
N GLY A 59 -23.24 -63.09 11.74
CA GLY A 59 -23.28 -64.54 11.82
C GLY A 59 -23.81 -65.19 10.55
N ASP A 60 -24.82 -64.58 9.93
CA ASP A 60 -25.38 -65.08 8.68
C ASP A 60 -24.52 -64.58 7.51
N THR A 61 -23.27 -65.04 7.49
CA THR A 61 -22.27 -64.66 6.50
C THR A 61 -22.86 -64.46 5.10
N ALA A 62 -23.79 -65.32 4.71
CA ALA A 62 -24.33 -65.29 3.36
C ALA A 62 -25.20 -64.07 3.07
N ARG A 63 -25.41 -63.18 4.05
CA ARG A 63 -26.27 -62.01 3.87
C ARG A 63 -25.44 -60.74 3.77
N PRO A 64 -25.93 -59.71 3.05
CA PRO A 64 -25.16 -58.45 2.96
C PRO A 64 -25.03 -57.72 4.29
N ALA A 65 -23.80 -57.68 4.82
CA ALA A 65 -23.54 -56.96 6.08
C ALA A 65 -23.30 -55.47 5.83
N ARG A 66 -22.53 -55.16 4.80
CA ARG A 66 -22.30 -53.76 4.41
C ARG A 66 -23.61 -52.98 4.37
N ALA A 67 -24.68 -53.62 3.91
CA ALA A 67 -25.95 -52.94 3.75
C ALA A 67 -26.51 -52.52 5.10
N TRP A 68 -26.35 -53.37 6.13
CA TRP A 68 -26.74 -52.98 7.48
C TRP A 68 -25.86 -51.85 8.00
N LEU A 69 -24.54 -51.95 7.74
CA LEU A 69 -23.62 -50.95 8.25
C LEU A 69 -23.98 -49.55 7.77
N PHE A 70 -24.28 -49.42 6.47
CA PHE A 70 -24.55 -48.10 5.91
C PHE A 70 -25.68 -47.41 6.67
N THR A 71 -26.75 -48.14 6.98
CA THR A 71 -27.87 -47.56 7.71
C THR A 71 -27.45 -47.14 9.12
N VAL A 72 -26.68 -47.98 9.81
CA VAL A 72 -26.19 -47.58 11.14
C VAL A 72 -25.53 -46.21 11.05
N ALA A 73 -24.60 -46.06 10.11
CA ALA A 73 -23.86 -44.81 9.99
C ALA A 73 -24.82 -43.66 9.67
N ARG A 74 -25.55 -43.78 8.56
CA ARG A 74 -26.51 -42.78 8.11
C ARG A 74 -27.36 -42.27 9.27
N ASN A 75 -27.71 -43.14 10.22
CA ASN A 75 -28.48 -42.69 11.36
C ASN A 75 -27.63 -41.88 12.34
N MET A 76 -26.41 -42.35 12.62
CA MET A 76 -25.58 -41.63 13.57
C MET A 76 -25.27 -40.21 13.08
N ILE A 77 -25.03 -40.05 11.78
CA ILE A 77 -24.68 -38.72 11.28
C ILE A 77 -25.81 -37.73 11.59
N ILE A 78 -27.05 -38.10 11.31
CA ILE A 78 -28.15 -37.18 11.58
C ILE A 78 -28.31 -36.98 13.08
N ASP A 79 -28.07 -38.03 13.89
CA ASP A 79 -28.04 -37.81 15.32
C ASP A 79 -27.06 -36.70 15.69
N GLU A 80 -25.98 -36.56 14.91
CA GLU A 80 -25.08 -35.43 15.12
C GLU A 80 -25.64 -34.14 14.54
N ARG A 81 -26.43 -34.22 13.47
CA ARG A 81 -27.13 -33.05 12.94
C ARG A 81 -28.30 -32.65 13.84
N ARG A 82 -28.32 -33.14 15.07
CA ARG A 82 -29.40 -32.87 16.00
C ARG A 82 -29.26 -31.45 16.56
N SER A 83 -30.04 -31.16 17.62
CA SER A 83 -29.97 -29.86 18.26
C SER A 83 -28.55 -29.45 18.62
N ALA A 84 -27.69 -30.43 18.92
CA ALA A 84 -26.31 -30.13 19.28
C ALA A 84 -25.51 -29.48 18.16
N ARG A 85 -26.02 -29.52 16.92
CA ARG A 85 -25.34 -28.93 15.77
C ARG A 85 -25.98 -27.62 15.31
N PHE A 86 -27.30 -27.50 15.42
CA PHE A 86 -28.00 -26.37 14.83
C PHE A 86 -27.44 -25.04 15.30
N ARG A 87 -27.04 -24.95 16.57
CA ARG A 87 -26.69 -23.66 17.15
C ARG A 87 -25.24 -23.26 16.91
N ASN A 88 -24.32 -24.22 16.89
CA ASN A 88 -22.90 -23.92 16.99
C ASN A 88 -22.15 -23.99 15.67
N VAL A 89 -22.58 -24.84 14.74
CA VAL A 89 -21.76 -25.24 13.60
C VAL A 89 -21.44 -24.08 12.65
N VAL A 90 -21.95 -22.89 12.95
CA VAL A 90 -21.92 -21.79 12.00
C VAL A 90 -20.48 -21.36 11.68
N GLY A 91 -19.89 -20.52 12.54
CA GLY A 91 -18.68 -19.82 12.23
C GLY A 91 -17.51 -20.21 13.12
N SER A 92 -16.36 -19.61 12.82
CA SER A 92 -15.16 -19.77 13.64
C SER A 92 -14.53 -18.41 13.89
N THR A 93 -14.01 -18.23 15.10
CA THR A 93 -13.39 -16.95 15.46
C THR A 93 -12.20 -16.65 14.56
N ASP A 94 -11.28 -17.61 14.45
CA ASP A 94 -10.13 -17.46 13.57
C ASP A 94 -10.50 -17.52 12.09
N GLN A 95 -11.78 -17.70 11.78
CA GLN A 95 -12.26 -17.59 10.40
C GLN A 95 -12.40 -16.12 10.03
N SER A 96 -11.80 -15.74 8.90
CA SER A 96 -11.83 -14.35 8.46
C SER A 96 -13.25 -13.94 8.09
N GLY A 97 -14.00 -13.43 9.06
CA GLY A 97 -15.38 -13.02 8.84
C GLY A 97 -16.17 -12.85 10.12
N THR A 98 -15.49 -12.91 11.27
CA THR A 98 -16.06 -12.79 12.59
C THR A 98 -15.45 -11.59 13.31
N PRO A 99 -16.22 -10.87 14.13
CA PRO A 99 -15.63 -9.72 14.84
C PRO A 99 -14.53 -10.15 15.82
N GLU A 100 -14.19 -9.26 16.74
CA GLU A 100 -13.23 -9.56 17.79
C GLU A 100 -13.82 -9.15 19.13
N GLN A 101 -13.78 -10.05 20.10
CA GLN A 101 -14.08 -9.68 21.47
C GLN A 101 -13.30 -8.41 21.78
N SER A 102 -13.98 -7.28 21.87
CA SER A 102 -13.36 -6.00 22.16
C SER A 102 -13.78 -5.55 23.55
N THR A 103 -12.82 -5.09 24.34
CA THR A 103 -13.11 -4.58 25.67
C THR A 103 -13.01 -3.07 25.69
N PRO A 104 -13.94 -2.38 26.37
CA PRO A 104 -13.96 -0.92 26.29
C PRO A 104 -12.71 -0.29 26.87
N ASP A 105 -12.53 0.99 26.59
CA ASP A 105 -11.46 1.76 27.19
C ASP A 105 -11.91 2.26 28.57
N GLU A 106 -11.08 1.99 29.59
CA GLU A 106 -11.50 2.14 30.96
C GLU A 106 -11.58 3.60 31.40
N VAL A 107 -11.78 4.52 30.46
CA VAL A 107 -11.74 5.94 30.75
C VAL A 107 -12.69 6.27 31.90
N ASN A 108 -13.99 6.12 31.66
CA ASN A 108 -14.99 6.51 32.65
C ASN A 108 -14.69 5.88 34.00
N ALA A 109 -14.83 4.56 34.12
CA ALA A 109 -14.53 3.88 35.38
C ALA A 109 -13.34 4.50 36.10
N ALA A 110 -12.27 4.78 35.36
CA ALA A 110 -11.07 5.33 35.98
C ALA A 110 -11.30 6.76 36.48
N LEU A 111 -11.99 7.59 35.70
CA LEU A 111 -12.29 8.95 36.14
C LEU A 111 -13.21 8.94 37.35
N ASP A 112 -14.24 8.10 37.31
CA ASP A 112 -15.13 7.92 38.45
C ASP A 112 -14.34 7.58 39.71
N ARG A 113 -13.48 6.56 39.63
CA ARG A 113 -12.69 6.20 40.80
C ARG A 113 -11.72 7.30 41.18
N LEU A 114 -11.25 8.10 40.21
CA LEU A 114 -10.34 9.19 40.54
C LEU A 114 -11.06 10.28 41.31
N LEU A 115 -12.34 10.49 41.03
CA LEU A 115 -13.14 11.41 41.83
C LEU A 115 -13.43 10.82 43.20
N ILE A 116 -13.95 9.59 43.23
CA ILE A 116 -14.26 8.91 44.48
C ILE A 116 -13.06 8.93 45.42
N ALA A 117 -11.84 8.83 44.86
CA ALA A 117 -10.64 8.91 45.68
C ALA A 117 -10.34 10.32 46.14
N ASP A 118 -10.80 11.34 45.40
CA ASP A 118 -10.60 12.72 45.81
C ASP A 118 -11.57 13.16 46.90
N ALA A 119 -12.74 12.53 46.98
CA ALA A 119 -13.67 12.75 48.07
C ALA A 119 -13.51 11.74 49.19
N LEU A 120 -12.36 11.08 49.26
CA LEU A 120 -11.99 10.24 50.40
C LEU A 120 -10.95 10.90 51.29
N ALA A 121 -10.07 11.73 50.72
CA ALA A 121 -9.21 12.56 51.56
C ALA A 121 -10.02 13.52 52.42
N GLN A 122 -11.21 13.89 51.95
CA GLN A 122 -12.11 14.77 52.68
C GLN A 122 -12.95 14.04 53.73
N LEU A 123 -12.39 13.03 54.37
CA LEU A 123 -13.11 12.19 55.33
C LEU A 123 -12.29 12.06 56.61
N SER A 124 -12.85 11.33 57.56
CA SER A 124 -12.18 10.97 58.80
C SER A 124 -11.84 9.49 58.77
N ALA A 125 -10.70 9.14 59.38
CA ALA A 125 -10.15 7.79 59.23
C ALA A 125 -11.16 6.71 59.61
N GLU A 126 -12.11 7.02 60.49
CA GLU A 126 -13.06 6.01 60.94
C GLU A 126 -14.15 5.77 59.90
N HIS A 127 -14.78 6.84 59.43
CA HIS A 127 -15.68 6.72 58.28
C HIS A 127 -14.99 5.99 57.15
N ARG A 128 -13.70 6.28 56.94
CA ARG A 128 -12.92 5.62 55.90
C ARG A 128 -12.83 4.12 56.13
N ALA A 129 -12.36 3.72 57.32
CA ALA A 129 -12.19 2.30 57.59
C ALA A 129 -13.52 1.56 57.52
N VAL A 130 -14.63 2.23 57.83
CA VAL A 130 -15.92 1.56 57.77
C VAL A 130 -16.37 1.40 56.32
N ILE A 131 -16.27 2.46 55.52
CA ILE A 131 -16.75 2.38 54.14
C ILE A 131 -15.94 1.37 53.34
N GLN A 132 -14.66 1.21 53.66
CA GLN A 132 -13.80 0.32 52.88
C GLN A 132 -14.03 -1.14 53.25
N ARG A 133 -15.23 -1.46 53.73
CA ARG A 133 -15.58 -2.83 54.10
C ARG A 133 -17.03 -3.11 53.74
N GLN A 143 -22.46 -5.92 58.89
CA GLN A 143 -21.71 -7.08 59.37
C GLN A 143 -20.29 -6.69 59.79
N ILE A 144 -19.82 -5.56 59.24
CA ILE A 144 -18.48 -5.09 59.59
C ILE A 144 -18.36 -4.85 61.08
N ALA A 145 -19.47 -4.61 61.77
CA ALA A 145 -19.48 -4.29 63.20
C ALA A 145 -18.78 -5.36 64.03
N THR A 146 -18.52 -6.52 63.43
CA THR A 146 -17.85 -7.59 64.16
C THR A 146 -16.35 -7.33 64.32
N ASP A 147 -15.71 -6.71 63.32
CA ASP A 147 -14.28 -6.46 63.37
C ASP A 147 -13.99 -5.16 64.11
N LEU A 148 -14.45 -4.03 63.56
CA LEU A 148 -14.15 -2.71 64.09
C LEU A 148 -14.61 -2.54 65.53
N GLY A 149 -15.32 -3.53 66.09
CA GLY A 149 -15.65 -3.51 67.49
C GLY A 149 -16.55 -2.37 67.88
N ILE A 150 -17.70 -2.26 67.21
CA ILE A 150 -18.70 -1.24 67.48
C ILE A 150 -20.07 -1.87 67.26
N ALA A 151 -21.12 -1.08 67.50
CA ALA A 151 -22.47 -1.56 67.33
C ALA A 151 -22.81 -1.71 65.85
N GLU A 152 -24.01 -2.22 65.58
CA GLU A 152 -24.53 -2.20 64.22
C GLU A 152 -25.31 -0.93 63.92
N GLY A 153 -25.91 -0.33 64.94
CA GLY A 153 -26.47 1.01 64.77
C GLY A 153 -25.38 2.03 64.51
N THR A 154 -24.24 1.89 65.20
CA THR A 154 -23.09 2.72 64.87
C THR A 154 -22.67 2.52 63.43
N VAL A 155 -22.71 1.28 62.93
CA VAL A 155 -22.44 1.02 61.52
C VAL A 155 -23.45 1.83 60.71
N LYS A 156 -24.72 1.38 60.69
CA LYS A 156 -25.78 2.06 59.96
C LYS A 156 -25.57 3.56 59.92
N SER A 157 -25.34 4.18 61.09
CA SER A 157 -25.16 5.62 61.15
C SER A 157 -23.91 6.06 60.40
N ARG A 158 -22.73 5.65 60.88
CA ARG A 158 -21.48 6.02 60.24
C ARG A 158 -21.57 5.87 58.72
N LEU A 159 -22.13 4.75 58.25
CA LEU A 159 -22.42 4.60 56.82
C LEU A 159 -23.29 5.75 56.31
N HIS A 160 -24.39 6.03 57.00
CA HIS A 160 -25.34 7.05 56.59
C HIS A 160 -24.68 8.42 56.45
N TYR A 161 -24.15 8.93 57.56
CA TYR A 161 -23.52 10.25 57.56
C TYR A 161 -22.32 10.30 56.61
N ALA A 162 -21.54 9.21 56.53
CA ALA A 162 -20.39 9.20 55.65
C ALA A 162 -20.82 9.33 54.20
N VAL A 163 -21.81 8.54 53.79
CA VAL A 163 -22.31 8.63 52.42
C VAL A 163 -22.85 10.03 52.14
N ARG A 164 -23.45 10.67 53.15
CA ARG A 164 -23.97 12.01 52.90
C ARG A 164 -22.84 13.04 52.79
N ALA A 165 -21.78 12.89 53.57
CA ALA A 165 -20.59 13.71 53.36
C ALA A 165 -20.02 13.50 51.95
N LEU A 166 -20.06 12.24 51.47
CA LEU A 166 -19.55 11.95 50.14
C LEU A 166 -20.39 12.61 49.06
N ARG A 167 -21.71 12.48 49.17
CA ARG A 167 -22.61 13.13 48.20
C ARG A 167 -22.43 14.65 48.27
N LEU A 168 -22.26 15.19 49.47
CA LEU A 168 -21.98 16.62 49.61
C LEU A 168 -20.74 17.01 48.84
N THR A 169 -19.62 16.35 49.10
CA THR A 169 -18.37 16.66 48.40
C THR A 169 -18.55 16.54 46.88
N LEU A 170 -19.07 15.41 46.42
CA LEU A 170 -19.24 15.19 44.99
C LEU A 170 -20.03 16.33 44.36
N GLN A 171 -21.27 16.53 44.81
CA GLN A 171 -22.08 17.60 44.24
C GLN A 171 -21.43 18.97 44.42
N GLU A 172 -20.59 19.13 45.45
CA GLU A 172 -19.79 20.35 45.55
C GLU A 172 -18.90 20.49 44.33
N LEU A 173 -18.37 19.38 43.83
CA LEU A 173 -17.52 19.43 42.64
C LEU A 173 -18.32 19.57 41.34
N GLY A 174 -19.64 19.36 41.37
CA GLY A 174 -20.46 19.49 40.19
C GLY A 174 -20.86 18.18 39.54
N VAL A 175 -20.78 17.06 40.25
CA VAL A 175 -21.14 15.76 39.71
C VAL A 175 -22.61 15.73 39.30
N LEU E 2 12.03 67.29 -13.03
CA LEU E 2 11.20 66.09 -12.98
C LEU E 2 10.44 66.04 -11.65
N ILE E 3 9.24 66.60 -11.59
CA ILE E 3 8.57 66.58 -10.32
C ILE E 3 7.09 66.21 -10.50
N SER E 4 6.38 66.17 -9.40
CA SER E 4 5.00 65.79 -9.33
C SER E 4 3.99 66.61 -10.09
N GLN E 5 2.79 66.04 -10.20
CA GLN E 5 1.63 66.63 -10.85
C GLN E 5 0.37 65.80 -10.59
N ARG E 6 -0.04 65.70 -9.31
CA ARG E 6 -1.20 64.91 -8.81
C ARG E 6 -2.24 64.42 -9.82
N PRO E 7 -2.35 63.11 -10.00
CA PRO E 7 -3.14 62.55 -11.07
C PRO E 7 -4.60 62.67 -11.08
N THR E 8 -5.15 62.27 -12.22
CA THR E 8 -6.54 62.38 -12.48
C THR E 8 -7.12 61.05 -12.71
N LEU E 9 -8.36 60.86 -12.37
CA LEU E 9 -9.15 59.66 -12.62
C LEU E 9 -10.38 60.05 -13.44
N SER E 10 -10.54 59.43 -14.60
CA SER E 10 -11.71 59.66 -15.44
C SER E 10 -12.40 58.34 -15.77
N GLU E 11 -13.72 58.40 -15.94
CA GLU E 11 -14.55 57.22 -16.15
C GLU E 11 -15.09 57.19 -17.58
N ASP E 12 -15.06 56.00 -18.19
CA ASP E 12 -15.62 55.72 -19.50
C ASP E 12 -16.59 54.55 -19.37
N VAL E 13 -17.79 54.71 -19.93
CA VAL E 13 -18.87 53.74 -19.76
C VAL E 13 -18.89 52.80 -20.96
N LEU E 14 -18.77 51.49 -20.72
CA LEU E 14 -18.84 50.52 -21.81
C LEU E 14 -20.27 50.00 -21.98
N THR E 15 -20.83 49.41 -20.93
CA THR E 15 -22.23 49.03 -20.88
C THR E 15 -22.84 49.57 -19.59
N ASP E 16 -24.11 49.24 -19.36
CA ASP E 16 -24.79 49.71 -18.15
C ASP E 16 -24.22 49.09 -16.88
N ASN E 17 -23.43 48.03 -16.98
CA ASN E 17 -22.82 47.40 -15.82
C ASN E 17 -21.34 47.13 -16.06
N ARG E 18 -20.67 48.01 -16.79
CA ARG E 18 -19.24 47.87 -16.99
C ARG E 18 -18.63 49.22 -17.33
N SER E 19 -17.55 49.57 -16.64
CA SER E 19 -16.88 50.83 -16.86
C SER E 19 -15.38 50.64 -16.83
N GLN E 20 -14.69 51.48 -17.59
CA GLN E 20 -13.24 51.59 -17.56
C GLN E 20 -12.86 52.89 -16.86
N PHE E 21 -11.82 52.81 -16.05
CA PHE E 21 -11.32 53.96 -15.29
C PHE E 21 -9.87 54.18 -15.68
N VAL E 22 -9.52 55.42 -16.00
CA VAL E 22 -8.15 55.75 -16.37
C VAL E 22 -7.56 56.64 -15.28
N ILE E 23 -6.43 56.19 -14.72
CA ILE E 23 -5.68 56.94 -13.73
C ILE E 23 -4.34 57.32 -14.32
N GLU E 24 -4.07 58.63 -14.38
CA GLU E 24 -2.82 59.12 -14.96
C GLU E 24 -2.56 60.55 -14.48
N PRO E 25 -1.29 60.94 -14.26
CA PRO E 25 -0.09 60.11 -14.43
C PRO E 25 0.40 59.48 -13.13
N LEU E 26 0.88 58.25 -13.26
CA LEU E 26 1.39 57.46 -12.14
C LEU E 26 2.88 57.24 -12.29
N GLU E 27 3.54 57.08 -11.15
CA GLU E 27 4.98 56.82 -11.13
C GLU E 27 5.29 55.60 -11.99
N PRO E 28 6.48 55.52 -12.59
CA PRO E 28 6.79 54.38 -13.46
C PRO E 28 6.83 53.09 -12.65
N GLY E 29 6.16 52.05 -13.18
CA GLY E 29 6.03 50.78 -12.52
C GLY E 29 4.84 50.66 -11.59
N PHE E 30 4.28 51.79 -11.15
CA PHE E 30 3.22 51.80 -10.15
C PHE E 30 1.88 51.33 -10.66
N GLY E 31 1.64 51.41 -11.98
CA GLY E 31 0.31 51.12 -12.51
C GLY E 31 -0.18 49.73 -12.17
N TYR E 32 0.65 48.72 -12.39
CA TYR E 32 0.20 47.34 -12.18
C TYR E 32 -0.19 47.12 -10.73
N THR E 33 0.57 47.70 -9.80
CA THR E 33 0.29 47.49 -8.39
C THR E 33 -1.06 48.09 -8.01
N LEU E 34 -1.41 49.25 -8.57
CA LEU E 34 -2.68 49.86 -8.21
C LEU E 34 -3.83 49.11 -8.84
N GLY E 35 -3.63 48.61 -10.08
CA GLY E 35 -4.66 47.80 -10.68
C GLY E 35 -4.96 46.59 -9.83
N ASN E 36 -3.91 45.89 -9.41
CA ASN E 36 -4.09 44.69 -8.61
C ASN E 36 -4.66 45.00 -7.23
N SER E 37 -4.21 46.08 -6.59
CA SER E 37 -4.74 46.42 -5.27
C SER E 37 -6.24 46.69 -5.33
N LEU E 38 -6.66 47.47 -6.31
CA LEU E 38 -8.08 47.77 -6.46
C LEU E 38 -8.86 46.51 -6.83
N ARG E 39 -8.29 45.67 -7.70
CA ARG E 39 -8.96 44.44 -8.11
C ARG E 39 -9.17 43.52 -6.92
N ARG E 40 -8.14 43.34 -6.09
CA ARG E 40 -8.26 42.45 -4.94
C ARG E 40 -9.30 42.96 -3.95
N THR E 41 -9.37 44.28 -3.74
CA THR E 41 -10.41 44.80 -2.86
C THR E 41 -11.80 44.64 -3.47
N LEU E 42 -11.92 44.87 -4.78
CA LEU E 42 -13.23 44.78 -5.44
C LEU E 42 -13.77 43.35 -5.43
N LEU E 43 -12.93 42.38 -5.77
CA LEU E 43 -13.39 41.00 -5.94
C LEU E 43 -13.78 40.35 -4.62
N SER E 44 -13.46 40.97 -3.47
CA SER E 44 -13.61 40.32 -2.19
C SER E 44 -14.30 41.15 -1.11
N SER E 45 -14.36 42.47 -1.23
CA SER E 45 -14.79 43.32 -0.11
C SER E 45 -15.71 44.43 -0.60
N ILE E 46 -16.72 44.07 -1.38
CA ILE E 46 -17.71 45.02 -1.87
C ILE E 46 -19.06 44.65 -1.25
N PRO E 47 -19.65 45.53 -0.44
CA PRO E 47 -20.91 45.17 0.24
C PRO E 47 -22.02 44.90 -0.75
N GLY E 48 -22.75 43.83 -0.50
CA GLY E 48 -23.88 43.43 -1.33
C GLY E 48 -24.89 42.71 -0.45
N ALA E 49 -25.98 42.31 -1.09
CA ALA E 49 -27.03 41.55 -0.41
C ALA E 49 -27.22 40.22 -1.13
N ALA E 50 -27.61 39.21 -0.36
CA ALA E 50 -27.81 37.88 -0.92
C ALA E 50 -28.74 37.11 0.00
N VAL E 51 -29.24 35.99 -0.52
CA VAL E 51 -30.15 35.13 0.23
C VAL E 51 -29.37 34.36 1.28
N THR E 52 -29.82 34.46 2.53
CA THR E 52 -29.20 33.69 3.61
C THR E 52 -29.80 32.29 3.67
N SER E 53 -31.12 32.20 3.74
CA SER E 53 -31.78 30.91 3.90
C SER E 53 -33.08 30.88 3.12
N ILE E 54 -33.62 29.68 2.94
CA ILE E 54 -34.93 29.52 2.34
C ILE E 54 -35.75 28.60 3.23
N ARG E 55 -37.02 28.46 2.86
CA ARG E 55 -37.92 27.55 3.56
C ARG E 55 -39.08 27.24 2.64
N ILE E 56 -39.19 25.98 2.21
CA ILE E 56 -40.29 25.50 1.37
C ILE E 56 -41.22 24.71 2.28
N ASP E 57 -42.53 24.89 2.10
CA ASP E 57 -43.50 24.33 3.02
C ASP E 57 -43.47 22.80 3.01
N GLY E 58 -43.67 22.20 1.83
CA GLY E 58 -43.73 20.75 1.74
C GLY E 58 -42.43 20.03 1.97
N VAL E 59 -41.34 20.74 2.25
CA VAL E 59 -40.03 20.14 2.37
C VAL E 59 -39.48 20.36 3.77
N LEU E 60 -38.58 19.49 4.17
CA LEU E 60 -37.86 19.57 5.43
C LEU E 60 -36.36 19.71 5.24
N HIS E 61 -35.79 19.11 4.19
CA HIS E 61 -34.36 19.23 3.91
C HIS E 61 -34.19 19.50 2.41
N GLU E 62 -32.93 19.44 1.97
CA GLU E 62 -32.59 19.71 0.58
C GLU E 62 -32.81 18.50 -0.32
N PHE E 63 -32.55 17.30 0.19
CA PHE E 63 -32.51 16.11 -0.65
C PHE E 63 -33.87 15.48 -0.89
N THR E 64 -34.85 16.28 -1.30
CA THR E 64 -36.18 15.77 -1.58
C THR E 64 -36.68 16.39 -2.89
N THR E 65 -37.96 16.16 -3.18
CA THR E 65 -38.64 16.71 -4.34
C THR E 65 -39.99 17.25 -3.91
N VAL E 66 -40.49 18.24 -4.65
CA VAL E 66 -41.84 18.78 -4.49
C VAL E 66 -42.70 18.23 -5.63
N PRO E 67 -43.87 17.68 -5.36
CA PRO E 67 -44.70 17.15 -6.45
C PRO E 67 -45.14 18.26 -7.38
N GLY E 68 -45.02 18.01 -8.67
CA GLY E 68 -45.49 18.94 -9.69
C GLY E 68 -44.42 19.87 -10.24
N VAL E 69 -43.23 19.90 -9.64
CA VAL E 69 -42.15 20.75 -10.12
C VAL E 69 -41.10 19.85 -10.75
N LYS E 70 -40.53 20.31 -11.86
CA LYS E 70 -39.60 19.48 -12.61
C LYS E 70 -38.26 19.35 -11.89
N GLU E 71 -37.80 20.43 -11.27
CA GLU E 71 -36.53 20.43 -10.56
C GLU E 71 -36.72 19.97 -9.12
N ASP E 72 -35.73 19.25 -8.62
CA ASP E 72 -35.73 18.88 -7.21
C ASP E 72 -35.26 20.08 -6.39
N VAL E 73 -35.23 19.91 -5.06
CA VAL E 73 -34.87 21.03 -4.19
C VAL E 73 -33.44 21.47 -4.43
N THR E 74 -32.53 20.52 -4.64
CA THR E 74 -31.13 20.88 -4.84
C THR E 74 -30.98 21.74 -6.09
N GLU E 75 -31.65 21.35 -7.19
CA GLU E 75 -31.58 22.17 -8.40
C GLU E 75 -32.25 23.52 -8.20
N ILE E 76 -33.32 23.57 -7.42
CA ILE E 76 -33.94 24.87 -7.12
C ILE E 76 -32.97 25.77 -6.37
N ILE E 77 -32.27 25.23 -5.38
CA ILE E 77 -31.32 26.05 -4.62
C ILE E 77 -30.20 26.52 -5.53
N LEU E 78 -29.73 25.64 -6.44
CA LEU E 78 -28.69 26.07 -7.36
C LEU E 78 -29.20 27.17 -8.29
N ASN E 79 -30.44 27.02 -8.79
CA ASN E 79 -31.01 28.06 -9.63
C ASN E 79 -31.17 29.36 -8.86
N LEU E 80 -31.41 29.26 -7.55
CA LEU E 80 -31.55 30.41 -6.67
C LEU E 80 -30.22 31.06 -6.34
N LYS E 81 -29.13 30.29 -6.44
CA LYS E 81 -27.81 30.87 -6.17
C LYS E 81 -27.51 31.98 -7.16
N SER E 82 -28.11 31.94 -8.36
CA SER E 82 -27.91 32.98 -9.35
C SER E 82 -28.70 34.25 -9.04
N LEU E 83 -29.54 34.24 -8.01
CA LEU E 83 -30.36 35.42 -7.72
C LEU E 83 -29.50 36.62 -7.34
N VAL E 84 -29.70 37.72 -8.07
CA VAL E 84 -29.08 38.99 -7.74
C VAL E 84 -30.14 39.83 -7.03
N VAL E 85 -29.75 40.46 -5.93
CA VAL E 85 -30.68 41.21 -5.10
C VAL E 85 -29.88 42.29 -4.37
N SER E 86 -30.55 43.39 -4.04
CA SER E 86 -29.94 44.42 -3.21
C SER E 86 -30.88 44.78 -2.09
N SER E 87 -30.31 45.07 -0.91
CA SER E 87 -31.07 45.33 0.30
C SER E 87 -30.59 46.61 0.97
N GLU E 88 -31.54 47.38 1.47
CA GLU E 88 -31.29 48.62 2.19
C GLU E 88 -31.38 48.48 3.71
N GLU E 89 -31.75 47.31 4.21
CA GLU E 89 -32.10 47.17 5.63
C GLU E 89 -30.93 46.90 6.55
N ASP E 90 -29.90 46.20 6.08
CA ASP E 90 -28.78 45.80 6.95
C ASP E 90 -29.24 44.92 8.12
N GLU E 91 -30.45 44.39 8.03
CA GLU E 91 -31.01 43.46 9.01
C GLU E 91 -31.75 42.39 8.23
N PRO E 92 -31.96 41.21 8.82
CA PRO E 92 -32.62 40.13 8.07
C PRO E 92 -34.00 40.54 7.60
N VAL E 93 -34.32 40.19 6.36
CA VAL E 93 -35.63 40.52 5.78
C VAL E 93 -36.13 39.34 4.96
N THR E 94 -37.44 39.12 4.98
CA THR E 94 -38.05 37.95 4.36
C THR E 94 -38.79 38.32 3.07
N MET E 95 -38.47 37.60 2.00
CA MET E 95 -39.18 37.63 0.73
C MET E 95 -40.10 36.41 0.68
N TYR E 96 -41.15 36.50 -0.14
CA TYR E 96 -42.10 35.42 -0.29
C TYR E 96 -42.27 35.06 -1.76
N LEU E 97 -42.64 33.81 -2.00
CA LEU E 97 -42.94 33.34 -3.34
C LEU E 97 -44.04 32.28 -3.26
N ARG E 98 -45.20 32.59 -3.84
CA ARG E 98 -46.28 31.61 -3.94
C ARG E 98 -46.69 31.56 -5.39
N LYS E 99 -46.73 30.36 -5.96
CA LYS E 99 -47.11 30.21 -7.35
C LYS E 99 -47.72 28.84 -7.56
N GLN E 100 -48.78 28.81 -8.36
CA GLN E 100 -49.50 27.58 -8.67
C GLN E 100 -49.19 27.20 -10.11
N GLY E 101 -49.11 25.90 -10.36
CA GLY E 101 -48.92 25.41 -11.70
C GLY E 101 -50.22 25.39 -12.47
N PRO E 102 -50.13 25.22 -13.79
CA PRO E 102 -48.97 25.09 -14.68
C PRO E 102 -48.21 26.38 -14.93
N GLY E 103 -47.00 26.26 -15.44
CA GLY E 103 -46.23 27.41 -15.87
C GLY E 103 -44.77 27.26 -15.53
N GLU E 104 -44.10 28.42 -15.48
CA GLU E 104 -42.69 28.51 -15.15
C GLU E 104 -42.56 29.55 -14.05
N VAL E 105 -41.80 29.21 -13.01
CA VAL E 105 -41.52 30.13 -11.91
C VAL E 105 -40.16 30.76 -12.17
N THR E 106 -40.16 32.09 -12.22
CA THR E 106 -38.99 32.94 -12.41
C THR E 106 -38.79 33.78 -11.16
N ALA E 107 -37.68 34.51 -11.13
CA ALA E 107 -37.39 35.39 -10.00
C ALA E 107 -38.34 36.57 -9.92
N GLY E 108 -39.03 36.91 -11.00
CA GLY E 108 -40.00 37.98 -10.94
C GLY E 108 -41.25 37.63 -10.15
N ASP E 109 -41.55 36.33 -10.01
CA ASP E 109 -42.66 35.90 -9.18
C ASP E 109 -42.40 36.07 -7.70
N ILE E 110 -41.22 36.52 -7.31
CA ILE E 110 -40.93 36.76 -5.89
C ILE E 110 -41.46 38.12 -5.51
N VAL E 111 -42.02 38.21 -4.30
CA VAL E 111 -42.54 39.47 -3.80
C VAL E 111 -41.54 40.00 -2.77
N PRO E 112 -40.73 40.99 -3.10
CA PRO E 112 -39.74 41.51 -2.15
C PRO E 112 -40.33 42.56 -1.24
N PRO E 113 -40.13 42.44 0.08
CA PRO E 113 -40.58 43.49 0.98
C PRO E 113 -39.89 44.80 0.68
N ALA E 114 -40.41 45.87 1.29
CA ALA E 114 -39.82 47.18 1.10
C ALA E 114 -38.36 47.16 1.55
N GLY E 115 -37.47 47.65 0.67
CA GLY E 115 -36.05 47.72 0.94
C GLY E 115 -35.20 46.81 0.08
N VAL E 116 -35.72 45.63 -0.29
CA VAL E 116 -34.99 44.70 -1.13
C VAL E 116 -35.54 44.79 -2.54
N THR E 117 -34.70 44.43 -3.52
CA THR E 117 -35.09 44.52 -4.92
C THR E 117 -34.34 43.50 -5.74
N VAL E 118 -35.08 42.82 -6.63
CA VAL E 118 -34.55 41.82 -7.55
C VAL E 118 -34.21 42.51 -8.87
N HIS E 119 -33.03 42.23 -9.40
CA HIS E 119 -32.53 42.93 -10.58
C HIS E 119 -32.63 42.11 -11.86
N ASN E 120 -33.09 40.86 -11.80
CA ASN E 120 -33.25 40.02 -12.98
C ASN E 120 -34.49 39.16 -12.83
N PRO E 121 -35.68 39.75 -12.97
CA PRO E 121 -36.92 39.00 -12.74
C PRO E 121 -37.13 37.84 -13.71
N GLY E 122 -36.30 37.70 -14.75
CA GLY E 122 -36.50 36.67 -15.74
C GLY E 122 -35.75 35.38 -15.50
N MET E 123 -35.05 35.25 -14.38
CA MET E 123 -34.31 34.03 -14.10
C MET E 123 -35.27 32.87 -13.90
N HIS E 124 -35.01 31.77 -14.59
CA HIS E 124 -35.81 30.57 -14.38
C HIS E 124 -35.49 29.96 -13.01
N ILE E 125 -36.52 29.57 -12.29
CA ILE E 125 -36.40 28.92 -10.99
C ILE E 125 -36.92 27.50 -11.03
N ALA E 126 -38.12 27.30 -11.59
CA ALA E 126 -38.67 25.95 -11.63
C ALA E 126 -39.74 25.86 -12.71
N THR E 127 -40.07 24.63 -13.10
CA THR E 127 -41.15 24.36 -14.03
C THR E 127 -42.27 23.59 -13.34
N LEU E 128 -43.47 24.17 -13.29
CA LEU E 128 -44.62 23.55 -12.64
C LEU E 128 -45.60 22.99 -13.65
N ASN E 129 -46.02 21.75 -13.42
CA ASN E 129 -47.04 21.09 -14.23
C ASN E 129 -48.41 21.38 -13.62
N ASP E 130 -49.44 20.63 -14.04
CA ASP E 130 -50.78 20.86 -13.53
C ASP E 130 -50.83 20.72 -12.01
N LYS E 131 -50.16 19.71 -11.47
CA LYS E 131 -50.22 19.42 -10.04
C LYS E 131 -49.13 20.12 -9.24
N GLY E 132 -48.51 21.15 -9.80
CA GLY E 132 -47.42 21.83 -9.12
C GLY E 132 -47.86 23.04 -8.31
N LYS E 133 -47.34 23.13 -7.09
CA LYS E 133 -47.59 24.23 -6.17
C LYS E 133 -46.25 24.54 -5.50
N LEU E 134 -45.89 25.81 -5.42
CA LEU E 134 -44.61 26.20 -4.82
C LEU E 134 -44.84 27.35 -3.86
N GLU E 135 -44.48 27.13 -2.60
CA GLU E 135 -44.58 28.13 -1.54
C GLU E 135 -43.21 28.18 -0.86
N VAL E 136 -42.58 29.36 -0.89
CA VAL E 136 -41.20 29.51 -0.45
C VAL E 136 -41.01 30.84 0.27
N GLU E 137 -40.27 30.80 1.37
CA GLU E 137 -39.80 31.99 2.06
C GLU E 137 -38.30 32.10 1.83
N LEU E 138 -37.80 33.33 1.64
CA LEU E 138 -36.39 33.55 1.38
C LEU E 138 -35.89 34.62 2.34
N VAL E 139 -34.98 34.25 3.23
CA VAL E 139 -34.37 35.17 4.17
C VAL E 139 -33.13 35.74 3.51
N VAL E 140 -33.10 37.07 3.37
CA VAL E 140 -32.05 37.83 2.71
C VAL E 140 -31.39 38.71 3.76
N GLU E 141 -30.06 38.66 3.80
CA GLU E 141 -29.25 39.51 4.65
C GLU E 141 -28.27 40.29 3.78
N ARG E 142 -27.63 41.27 4.39
CA ARG E 142 -26.62 42.08 3.73
C ARG E 142 -25.24 41.71 4.26
N GLY E 143 -24.29 41.56 3.35
CA GLY E 143 -22.93 41.23 3.73
C GLY E 143 -21.96 41.51 2.62
N ARG E 144 -20.76 40.95 2.75
CA ARG E 144 -19.71 41.09 1.76
C ARG E 144 -18.96 39.78 1.65
N GLY E 145 -18.53 39.44 0.43
CA GLY E 145 -17.76 38.23 0.25
C GLY E 145 -18.63 36.99 0.17
N TYR E 146 -18.08 35.90 0.69
CA TYR E 146 -18.72 34.58 0.66
C TYR E 146 -18.70 33.97 2.04
N VAL E 147 -19.88 33.77 2.62
CA VAL E 147 -20.05 33.11 3.90
C VAL E 147 -20.80 31.80 3.65
N PRO E 148 -20.30 30.67 4.13
CA PRO E 148 -21.02 29.41 3.92
C PRO E 148 -22.35 29.43 4.68
N ALA E 149 -23.18 28.43 4.39
CA ALA E 149 -24.52 28.41 4.96
C ALA E 149 -24.47 28.24 6.48
N VAL E 150 -25.17 29.13 7.18
CA VAL E 150 -25.18 29.10 8.64
C VAL E 150 -25.85 27.81 9.09
N GLN E 151 -25.15 27.02 9.89
CA GLN E 151 -25.71 25.78 10.40
C GLN E 151 -26.94 26.04 11.25
N ASN E 152 -27.79 25.02 11.37
CA ASN E 152 -28.91 25.12 12.31
C ASN E 152 -28.48 24.82 13.73
N ARG E 153 -27.39 24.06 13.92
CA ARG E 153 -26.88 23.86 15.27
C ARG E 153 -26.23 25.14 15.80
N ALA E 154 -25.66 25.96 14.92
CA ALA E 154 -25.09 27.23 15.36
C ALA E 154 -26.12 28.34 15.39
N SER E 155 -27.07 28.34 14.45
CA SER E 155 -28.19 29.25 14.49
C SER E 155 -29.26 28.71 15.42
N GLY E 156 -30.22 29.56 15.74
CA GLY E 156 -31.40 29.11 16.47
C GLY E 156 -32.49 28.60 15.55
N ALA E 157 -32.21 28.46 14.26
CA ALA E 157 -33.21 27.97 13.33
C ALA E 157 -33.52 26.50 13.61
N GLU E 158 -34.79 26.15 13.43
CA GLU E 158 -35.27 24.80 13.67
C GLU E 158 -35.15 23.96 12.39
N ILE E 159 -35.96 22.90 12.29
CA ILE E 159 -35.75 21.89 11.24
C ILE E 159 -36.26 22.37 9.88
N GLY E 160 -37.38 23.11 9.85
CA GLY E 160 -37.93 23.51 8.56
C GLY E 160 -37.07 24.46 7.76
N ARG E 161 -36.08 25.10 8.38
CA ARG E 161 -35.25 26.09 7.70
C ARG E 161 -34.13 25.42 6.92
N ILE E 162 -33.92 25.89 5.69
CA ILE E 162 -32.90 25.36 4.80
C ILE E 162 -31.86 26.47 4.60
N PRO E 163 -30.67 26.34 5.15
CA PRO E 163 -29.64 27.35 4.90
C PRO E 163 -29.00 27.19 3.54
N VAL E 164 -28.52 28.32 3.01
CA VAL E 164 -27.89 28.35 1.69
C VAL E 164 -26.60 29.18 1.77
N ASP E 165 -25.68 28.88 0.86
CA ASP E 165 -24.47 29.68 0.73
C ASP E 165 -24.81 31.07 0.21
N SER E 166 -24.12 32.08 0.74
CA SER E 166 -24.38 33.47 0.42
C SER E 166 -23.19 34.04 -0.37
N ILE E 167 -23.43 34.38 -1.64
CA ILE E 167 -22.43 35.03 -2.47
C ILE E 167 -22.73 36.52 -2.51
N TYR E 168 -22.27 37.25 -1.48
CA TYR E 168 -22.62 38.66 -1.34
C TYR E 168 -21.98 39.55 -2.41
N SER E 169 -20.81 39.19 -2.91
CA SER E 169 -20.05 40.13 -3.74
C SER E 169 -20.85 40.53 -4.98
N PRO E 170 -21.09 41.83 -5.21
CA PRO E 170 -21.81 42.25 -6.42
C PRO E 170 -20.95 42.41 -7.65
N VAL E 171 -19.63 42.40 -7.53
CA VAL E 171 -18.75 42.61 -8.67
C VAL E 171 -18.55 41.29 -9.39
N LEU E 172 -18.43 41.36 -10.71
CA LEU E 172 -18.33 40.19 -11.56
C LEU E 172 -16.93 39.97 -12.10
N LYS E 173 -16.33 40.97 -12.73
CA LYS E 173 -15.04 40.75 -13.38
C LYS E 173 -14.22 42.02 -13.40
N VAL E 174 -12.97 41.93 -12.93
CA VAL E 174 -12.07 43.08 -12.88
C VAL E 174 -10.77 42.70 -13.56
N THR E 175 -10.29 43.58 -14.45
CA THR E 175 -9.00 43.43 -15.10
C THR E 175 -8.34 44.79 -15.22
N TYR E 176 -7.09 44.80 -15.69
CA TYR E 176 -6.41 46.08 -15.88
C TYR E 176 -5.31 45.92 -16.91
N LYS E 177 -4.93 47.06 -17.51
CA LYS E 177 -3.80 47.15 -18.41
C LYS E 177 -3.14 48.50 -18.17
N VAL E 178 -1.86 48.58 -18.50
CA VAL E 178 -1.09 49.81 -18.33
C VAL E 178 -0.41 50.14 -19.65
N ASP E 179 -0.42 51.42 -20.00
CA ASP E 179 0.38 51.93 -21.12
C ASP E 179 1.54 52.68 -20.49
N ALA E 180 2.75 52.22 -20.78
CA ALA E 180 3.96 52.81 -20.27
C ALA E 180 4.52 53.77 -21.32
N THR E 181 5.14 54.84 -20.83
CA THR E 181 5.78 55.83 -21.69
C THR E 181 7.24 55.76 -21.23
N ARG E 182 8.01 55.01 -22.02
CA ARG E 182 9.41 54.72 -21.80
C ARG E 182 10.32 55.43 -22.81
N VAL E 183 9.92 56.60 -23.28
CA VAL E 183 10.73 57.33 -24.25
C VAL E 183 12.01 57.76 -23.54
N GLU E 184 13.13 57.15 -23.92
CA GLU E 184 14.41 57.38 -23.23
C GLU E 184 14.68 58.88 -23.09
N GLN E 185 14.14 59.46 -22.03
CA GLN E 185 14.27 60.88 -21.74
C GLN E 185 13.98 61.05 -20.25
N ARG E 186 13.77 62.29 -19.83
CA ARG E 186 13.52 62.59 -18.43
C ARG E 186 12.09 62.26 -17.98
N THR E 187 11.15 62.08 -18.92
CA THR E 187 9.74 61.84 -18.59
C THR E 187 9.27 60.44 -18.95
N ASP E 188 9.32 59.52 -17.97
CA ASP E 188 8.70 58.22 -18.10
C ASP E 188 7.46 58.16 -17.21
N PHE E 189 6.41 57.49 -17.66
CA PHE E 189 5.21 57.47 -16.80
C PHE E 189 4.21 56.42 -17.27
N ASP E 190 3.43 55.92 -16.31
CA ASP E 190 2.45 54.88 -16.56
C ASP E 190 1.04 55.47 -16.55
N LYS E 191 0.19 54.96 -17.44
CA LYS E 191 -1.23 55.28 -17.49
C LYS E 191 -2.02 54.00 -17.26
N LEU E 192 -2.84 53.97 -16.21
CA LEU E 192 -3.56 52.77 -15.83
C LEU E 192 -4.98 52.79 -16.38
N ILE E 193 -5.41 51.65 -16.91
CA ILE E 193 -6.76 51.43 -17.42
C ILE E 193 -7.31 50.26 -16.62
N LEU E 194 -8.28 50.53 -15.76
CA LEU E 194 -8.96 49.54 -14.94
C LEU E 194 -10.29 49.22 -15.59
N ASP E 195 -10.68 47.95 -15.55
CA ASP E 195 -11.92 47.48 -16.16
C ASP E 195 -12.75 46.76 -15.10
N VAL E 196 -13.93 47.31 -14.79
CA VAL E 196 -14.78 46.84 -13.71
C VAL E 196 -16.15 46.50 -14.29
N GLU E 197 -16.57 45.25 -14.13
CA GLU E 197 -17.88 44.78 -14.54
C GLU E 197 -18.66 44.23 -13.35
N THR E 198 -19.87 44.73 -13.15
CA THR E 198 -20.74 44.37 -12.02
C THR E 198 -21.98 43.64 -12.53
N LYS E 199 -22.78 43.16 -11.57
CA LYS E 199 -23.99 42.38 -11.86
C LYS E 199 -25.29 43.15 -11.69
N ASN E 200 -25.37 44.40 -12.13
CA ASN E 200 -26.60 45.20 -12.00
C ASN E 200 -27.09 45.36 -10.56
N SER E 201 -26.40 44.78 -9.59
CA SER E 201 -26.74 45.04 -8.19
C SER E 201 -26.29 46.44 -7.79
N ILE E 202 -25.09 46.82 -8.24
CA ILE E 202 -24.55 48.16 -8.10
C ILE E 202 -23.87 48.49 -9.42
N SER E 203 -23.66 49.78 -9.67
CA SER E 203 -22.95 50.17 -10.87
C SER E 203 -21.45 50.06 -10.63
N PRO E 204 -20.66 49.97 -11.70
CA PRO E 204 -19.20 49.86 -11.51
C PRO E 204 -18.62 51.02 -10.71
N ARG E 205 -19.17 52.23 -10.88
CA ARG E 205 -18.66 53.36 -10.11
C ARG E 205 -18.92 53.17 -8.62
N ASP E 206 -20.09 52.64 -8.25
CA ASP E 206 -20.37 52.44 -6.83
C ASP E 206 -19.43 51.39 -6.24
N ALA E 207 -19.13 50.34 -6.99
CA ALA E 207 -18.18 49.33 -6.51
C ALA E 207 -16.80 49.94 -6.32
N LEU E 208 -16.34 50.72 -7.31
CA LEU E 208 -15.04 51.36 -7.19
C LEU E 208 -15.02 52.36 -6.05
N ALA E 209 -16.14 53.04 -5.80
CA ALA E 209 -16.22 53.97 -4.67
C ALA E 209 -16.11 53.23 -3.35
N SER E 210 -16.79 52.08 -3.24
CA SER E 210 -16.67 51.28 -2.02
C SER E 210 -15.23 50.83 -1.82
N ALA E 211 -14.58 50.40 -2.90
CA ALA E 211 -13.17 50.01 -2.81
C ALA E 211 -12.29 51.19 -2.41
N GLY E 212 -12.57 52.37 -2.96
CA GLY E 212 -11.80 53.54 -2.60
C GLY E 212 -11.93 53.89 -1.13
N LYS E 213 -13.17 53.89 -0.63
CA LYS E 213 -13.37 54.15 0.80
C LYS E 213 -12.69 53.10 1.64
N THR E 214 -12.78 51.84 1.23
CA THR E 214 -12.13 50.75 1.95
C THR E 214 -10.64 51.02 2.08
N LEU E 215 -9.99 51.34 0.95
CA LEU E 215 -8.55 51.49 0.96
C LEU E 215 -8.11 52.78 1.63
N VAL E 216 -8.90 53.85 1.52
CA VAL E 216 -8.57 55.08 2.23
C VAL E 216 -8.58 54.82 3.73
N GLU E 217 -9.66 54.20 4.22
CA GLU E 217 -9.74 53.86 5.63
C GLU E 217 -8.59 52.96 6.04
N LEU E 218 -8.25 51.98 5.20
CA LEU E 218 -7.20 51.03 5.55
C LEU E 218 -5.83 51.69 5.62
N PHE E 219 -5.45 52.42 4.56
CA PHE E 219 -4.13 53.05 4.52
C PHE E 219 -4.01 54.21 5.50
N GLY E 220 -5.11 54.72 6.02
CA GLY E 220 -5.00 55.73 7.08
C GLY E 220 -4.21 55.26 8.29
N LEU E 221 -4.05 53.94 8.46
CA LEU E 221 -3.27 53.41 9.58
C LEU E 221 -1.80 53.82 9.53
N ALA E 222 -1.25 54.03 8.33
CA ALA E 222 0.17 54.38 8.25
C ALA E 222 0.46 55.83 8.62
N ARG E 223 -0.53 56.72 8.46
CA ARG E 223 -0.29 58.14 8.74
C ARG E 223 -0.08 58.42 10.22
N GLU E 224 -0.70 57.64 11.11
CA GLU E 224 -0.55 57.88 12.54
C GLU E 224 0.82 57.42 13.02
N LEU E 225 1.52 58.30 13.74
CA LEU E 225 2.88 58.03 14.19
C LEU E 225 2.84 57.07 15.38
N ASN E 226 3.97 56.95 16.08
CA ASN E 226 4.10 56.03 17.22
C ASN E 226 4.57 56.79 18.46
N MET F 1 -18.41 46.93 5.08
CA MET F 1 -19.79 47.33 5.49
C MET F 1 -19.79 47.78 6.95
N LEU F 2 -19.75 46.80 7.85
CA LEU F 2 -19.80 47.08 9.29
C LEU F 2 -18.41 47.45 9.80
N ILE F 3 -17.79 46.57 10.59
CA ILE F 3 -16.49 46.86 11.18
C ILE F 3 -15.61 45.62 11.06
N SER F 4 -14.31 45.83 11.24
CA SER F 4 -13.29 44.79 11.17
C SER F 4 -12.13 45.34 11.98
N GLN F 5 -12.23 45.22 13.30
CA GLN F 5 -11.58 46.14 14.23
C GLN F 5 -10.33 45.52 14.85
N ARG F 6 -9.44 46.40 15.27
CA ARG F 6 -8.20 46.08 15.95
C ARG F 6 -7.04 45.89 14.97
N PRO F 7 -7.01 46.56 13.82
CA PRO F 7 -5.76 46.49 13.03
C PRO F 7 -4.80 47.53 13.58
N THR F 8 -3.64 47.08 14.02
CA THR F 8 -2.67 47.95 14.66
C THR F 8 -1.35 47.89 13.92
N LEU F 9 -0.59 48.98 14.03
CA LEU F 9 0.71 49.11 13.39
C LEU F 9 1.75 49.33 14.47
N SER F 10 2.75 48.45 14.51
CA SER F 10 3.84 48.59 15.48
C SER F 10 5.19 48.62 14.76
N GLU F 11 6.11 49.39 15.32
CA GLU F 11 7.43 49.60 14.75
C GLU F 11 8.49 48.99 15.64
N ASP F 12 9.48 48.34 15.01
CA ASP F 12 10.67 47.84 15.68
C ASP F 12 11.86 48.53 15.02
N VAL F 13 12.70 49.16 15.83
CA VAL F 13 13.81 49.96 15.32
C VAL F 13 15.05 49.08 15.30
N LEU F 14 15.63 48.89 14.12
CA LEU F 14 16.85 48.10 14.01
C LEU F 14 18.06 49.01 14.07
N THR F 15 18.11 50.03 13.23
CA THR F 15 19.11 51.08 13.30
C THR F 15 18.38 52.41 13.31
N ASP F 16 19.15 53.51 13.35
CA ASP F 16 18.53 54.83 13.39
C ASP F 16 17.80 55.17 12.11
N ASN F 17 18.05 54.44 11.03
CA ASN F 17 17.42 54.66 9.73
C ASN F 17 16.96 53.35 9.13
N ARG F 18 16.48 52.43 9.96
CA ARG F 18 15.92 51.17 9.49
C ARG F 18 14.91 50.65 10.49
N SER F 19 13.71 50.31 10.01
CA SER F 19 12.68 49.82 10.90
C SER F 19 11.85 48.74 10.21
N GLN F 20 11.28 47.88 11.04
CA GLN F 20 10.28 46.91 10.62
C GLN F 20 8.92 47.36 11.13
N PHE F 21 7.91 47.23 10.29
CA PHE F 21 6.55 47.61 10.61
C PHE F 21 5.66 46.39 10.51
N VAL F 22 4.82 46.17 11.52
CA VAL F 22 3.86 45.07 11.53
C VAL F 22 2.47 45.67 11.51
N ILE F 23 1.67 45.26 10.54
CA ILE F 23 0.26 45.62 10.45
C ILE F 23 -0.49 44.33 10.76
N GLU F 24 -1.30 44.36 11.82
CA GLU F 24 -1.90 43.10 12.24
C GLU F 24 -3.14 43.30 13.08
N PRO F 25 -4.19 42.49 12.89
CA PRO F 25 -4.38 41.50 11.83
C PRO F 25 -5.28 42.07 10.73
N LEU F 26 -5.03 41.73 9.47
CA LEU F 26 -5.80 42.24 8.36
C LEU F 26 -6.70 41.15 7.80
N GLU F 27 -7.87 41.55 7.33
CA GLU F 27 -8.81 40.59 6.77
C GLU F 27 -8.16 39.85 5.59
N PRO F 28 -8.49 38.58 5.40
CA PRO F 28 -7.89 37.83 4.29
C PRO F 28 -8.41 38.33 2.94
N GLY F 29 -7.51 38.55 1.98
CA GLY F 29 -6.06 38.51 2.12
C GLY F 29 -5.50 39.90 1.88
N PHE F 30 -5.86 40.85 2.75
CA PHE F 30 -5.53 42.25 2.49
C PHE F 30 -4.04 42.53 2.63
N GLY F 31 -3.32 41.71 3.40
CA GLY F 31 -1.90 41.96 3.58
C GLY F 31 -1.20 41.98 2.24
N TYR F 32 -1.47 40.97 1.41
CA TYR F 32 -0.87 40.93 0.08
C TYR F 32 -1.36 42.09 -0.78
N THR F 33 -2.63 42.47 -0.63
CA THR F 33 -3.16 43.51 -1.52
C THR F 33 -2.43 44.83 -1.30
N LEU F 34 -2.26 45.23 -0.04
CA LEU F 34 -1.62 46.52 0.24
C LEU F 34 -0.10 46.47 0.39
N GLY F 35 0.50 45.31 0.71
CA GLY F 35 1.94 45.27 0.90
C GLY F 35 2.74 45.71 -0.31
N ASN F 36 2.43 45.15 -1.48
CA ASN F 36 3.19 45.53 -2.66
C ASN F 36 2.97 46.99 -3.02
N SER F 37 1.74 47.47 -2.85
CA SER F 37 1.45 48.87 -3.09
C SER F 37 2.29 49.75 -2.19
N LEU F 38 2.38 49.41 -0.90
CA LEU F 38 3.16 50.22 0.03
C LEU F 38 4.64 50.19 -0.32
N ARG F 39 5.17 49.01 -0.68
CA ARG F 39 6.59 48.94 -1.03
C ARG F 39 6.88 49.81 -2.24
N ARG F 40 6.06 49.70 -3.28
CA ARG F 40 6.29 50.50 -4.49
C ARG F 40 6.13 51.98 -4.20
N THR F 41 5.18 52.35 -3.35
CA THR F 41 5.00 53.75 -3.00
C THR F 41 6.21 54.28 -2.25
N LEU F 42 6.80 53.45 -1.39
CA LEU F 42 7.98 53.88 -0.66
C LEU F 42 9.15 54.08 -1.61
N LEU F 43 9.42 53.09 -2.47
CA LEU F 43 10.58 53.18 -3.35
C LEU F 43 10.41 54.15 -4.52
N SER F 44 9.19 54.62 -4.80
CA SER F 44 8.93 55.36 -6.03
C SER F 44 8.20 56.68 -5.85
N SER F 45 7.60 56.95 -4.70
CA SER F 45 6.72 58.11 -4.53
C SER F 45 7.03 58.86 -3.25
N ILE F 46 8.31 59.05 -2.96
CA ILE F 46 8.77 59.88 -1.85
C ILE F 46 9.68 60.96 -2.41
N PRO F 47 9.37 62.25 -2.25
CA PRO F 47 10.22 63.30 -2.83
C PRO F 47 11.61 63.32 -2.19
N GLY F 48 12.64 63.41 -3.03
CA GLY F 48 14.01 63.49 -2.58
C GLY F 48 14.85 64.25 -3.58
N ALA F 49 16.13 64.41 -3.24
CA ALA F 49 17.09 65.05 -4.13
C ALA F 49 18.28 64.12 -4.33
N ALA F 50 18.91 64.22 -5.50
CA ALA F 50 20.08 63.39 -5.78
C ALA F 50 20.88 64.02 -6.92
N VAL F 51 22.10 63.51 -7.08
CA VAL F 51 22.98 63.97 -8.15
C VAL F 51 22.49 63.39 -9.48
N THR F 52 22.24 64.28 -10.44
CA THR F 52 21.85 63.90 -11.79
C THR F 52 23.05 63.58 -12.66
N SER F 53 23.99 64.53 -12.76
CA SER F 53 25.18 64.34 -13.57
C SER F 53 26.34 65.07 -12.90
N ILE F 54 27.56 64.70 -13.27
CA ILE F 54 28.75 65.36 -12.76
C ILE F 54 29.67 65.70 -13.94
N ARG F 55 30.81 66.31 -13.62
CA ARG F 55 31.82 66.60 -14.63
C ARG F 55 33.16 66.74 -13.92
N ILE F 56 34.11 65.89 -14.28
CA ILE F 56 35.45 65.91 -13.68
C ILE F 56 36.41 66.58 -14.65
N ASP F 57 37.22 67.49 -14.12
CA ASP F 57 38.17 68.22 -14.95
C ASP F 57 39.30 67.29 -15.38
N GLY F 58 39.61 67.29 -16.66
CA GLY F 58 40.63 66.42 -17.21
C GLY F 58 40.09 65.17 -17.88
N VAL F 59 38.78 64.95 -17.87
CA VAL F 59 38.16 63.77 -18.46
C VAL F 59 37.18 64.29 -19.52
N LEU F 60 37.50 64.05 -20.79
CA LEU F 60 36.62 64.45 -21.88
C LEU F 60 36.15 63.29 -22.75
N HIS F 61 37.03 62.36 -23.06
CA HIS F 61 36.69 61.19 -23.86
C HIS F 61 37.30 59.91 -23.33
N GLU F 62 38.16 59.97 -22.31
CA GLU F 62 38.78 58.78 -21.75
C GLU F 62 37.90 58.09 -20.72
N PHE F 63 37.24 58.87 -19.85
CA PHE F 63 36.53 58.35 -18.69
C PHE F 63 37.18 57.08 -18.17
N THR F 64 38.49 57.12 -17.88
CA THR F 64 39.18 55.91 -17.46
C THR F 64 39.97 56.15 -16.18
N THR F 65 40.93 57.08 -16.21
CA THR F 65 41.70 57.40 -15.03
C THR F 65 41.82 58.91 -14.85
N VAL F 66 41.88 59.33 -13.60
CA VAL F 66 42.20 60.70 -13.22
C VAL F 66 43.61 60.70 -12.64
N PRO F 67 44.54 61.51 -13.15
CA PRO F 67 45.89 61.49 -12.60
C PRO F 67 45.94 62.02 -11.17
N GLY F 68 46.65 61.31 -10.31
CA GLY F 68 46.86 61.71 -8.93
C GLY F 68 45.91 61.09 -7.92
N VAL F 69 44.85 60.42 -8.35
CA VAL F 69 43.89 59.80 -7.45
C VAL F 69 43.92 58.29 -7.62
N LYS F 70 43.69 57.59 -6.50
CA LYS F 70 43.77 56.13 -6.50
C LYS F 70 42.59 55.51 -7.24
N GLU F 71 41.40 56.11 -7.11
CA GLU F 71 40.21 55.56 -7.76
C GLU F 71 40.13 56.04 -9.20
N ASP F 72 39.68 55.15 -10.08
CA ASP F 72 39.42 55.49 -11.48
C ASP F 72 38.09 56.21 -11.59
N VAL F 73 37.72 56.56 -12.82
CA VAL F 73 36.54 57.41 -13.02
C VAL F 73 35.28 56.70 -12.54
N THR F 74 35.14 55.41 -12.86
CA THR F 74 33.92 54.70 -12.48
C THR F 74 33.78 54.57 -10.98
N GLU F 75 34.88 54.26 -10.27
CA GLU F 75 34.82 54.16 -8.82
C GLU F 75 34.52 55.52 -8.19
N ILE F 76 35.02 56.60 -8.79
CA ILE F 76 34.68 57.95 -8.32
C ILE F 76 33.18 58.17 -8.47
N ILE F 77 32.64 57.78 -9.63
CA ILE F 77 31.20 57.96 -9.87
C ILE F 77 30.40 57.13 -8.87
N LEU F 78 30.89 55.93 -8.56
CA LEU F 78 30.16 55.07 -7.63
C LEU F 78 30.12 55.67 -6.23
N ASN F 79 31.27 56.11 -5.70
CA ASN F 79 31.24 56.70 -4.37
C ASN F 79 30.49 58.03 -4.36
N LEU F 80 30.46 58.75 -5.47
CA LEU F 80 29.66 59.98 -5.49
C LEU F 80 28.17 59.70 -5.61
N LYS F 81 27.80 58.57 -6.21
CA LYS F 81 26.38 58.23 -6.36
C LYS F 81 25.72 57.94 -5.02
N SER F 82 26.47 57.41 -4.06
CA SER F 82 25.93 57.13 -2.74
C SER F 82 25.81 58.39 -1.88
N LEU F 83 26.26 59.53 -2.39
CA LEU F 83 26.14 60.78 -1.63
C LEU F 83 24.67 61.12 -1.46
N VAL F 84 24.27 61.36 -0.21
CA VAL F 84 22.91 61.73 0.13
C VAL F 84 22.81 63.24 0.22
N VAL F 85 21.74 63.80 -0.36
CA VAL F 85 21.56 65.25 -0.46
C VAL F 85 20.08 65.56 -0.50
N SER F 86 19.73 66.75 -0.03
CA SER F 86 18.36 67.25 -0.10
C SER F 86 18.38 68.66 -0.67
N SER F 87 17.36 69.00 -1.46
CA SER F 87 17.31 70.30 -2.12
C SER F 87 15.93 70.91 -1.92
N GLU F 88 15.90 72.22 -1.68
CA GLU F 88 14.64 72.95 -1.59
C GLU F 88 14.31 73.68 -2.87
N GLU F 89 15.25 73.78 -3.80
CA GLU F 89 15.03 74.40 -5.10
C GLU F 89 14.64 73.30 -6.10
N ASP F 90 13.54 73.53 -6.84
CA ASP F 90 13.08 72.49 -7.73
C ASP F 90 13.94 72.38 -8.98
N GLU F 91 14.42 73.51 -9.49
CA GLU F 91 15.27 73.52 -10.67
C GLU F 91 16.63 72.91 -10.35
N PRO F 92 17.36 72.45 -11.37
CA PRO F 92 18.70 71.90 -11.13
C PRO F 92 19.61 72.91 -10.46
N VAL F 93 20.51 72.41 -9.62
CA VAL F 93 21.40 73.22 -8.82
C VAL F 93 22.82 72.72 -9.05
N THR F 94 23.77 73.65 -9.11
CA THR F 94 25.15 73.30 -9.43
C THR F 94 26.01 73.43 -8.17
N MET F 95 26.67 72.34 -7.80
CA MET F 95 27.68 72.26 -6.76
C MET F 95 29.06 72.12 -7.38
N TYR F 96 30.07 72.49 -6.59
CA TYR F 96 31.46 72.33 -6.98
C TYR F 96 32.20 71.61 -5.85
N LEU F 97 33.26 70.89 -6.22
CA LEU F 97 34.12 70.22 -5.25
C LEU F 97 35.54 70.29 -5.79
N ARG F 98 36.40 71.04 -5.12
CA ARG F 98 37.79 71.19 -5.54
C ARG F 98 38.72 70.99 -4.36
N LYS F 99 39.72 70.12 -4.52
CA LYS F 99 40.73 69.97 -3.49
C LYS F 99 42.04 69.53 -4.12
N GLN F 100 43.12 70.22 -3.75
CA GLN F 100 44.46 70.00 -4.25
C GLN F 100 45.39 69.52 -3.15
N GLY F 101 46.42 68.79 -3.55
CA GLY F 101 47.45 68.35 -2.63
C GLY F 101 47.10 66.99 -2.08
N PRO F 102 48.06 66.32 -1.43
CA PRO F 102 47.77 64.99 -0.90
C PRO F 102 46.76 65.07 0.23
N GLY F 103 46.10 63.94 0.50
CA GLY F 103 45.12 63.91 1.56
C GLY F 103 43.90 63.07 1.21
N GLU F 104 42.75 63.38 1.81
CA GLU F 104 41.52 62.66 1.55
C GLU F 104 40.38 63.63 1.25
N VAL F 105 39.56 63.30 0.25
CA VAL F 105 38.37 64.08 -0.09
C VAL F 105 37.17 63.44 0.59
N THR F 106 36.41 64.26 1.32
CA THR F 106 35.19 63.81 1.99
C THR F 106 33.99 64.53 1.40
N ALA F 107 32.80 64.08 1.80
CA ALA F 107 31.58 64.77 1.40
C ALA F 107 31.45 66.10 2.12
N GLY F 108 32.14 66.27 3.26
CA GLY F 108 32.16 67.55 3.95
C GLY F 108 33.00 68.58 3.23
N ASP F 109 33.95 68.15 2.40
CA ASP F 109 34.73 69.05 1.57
C ASP F 109 33.91 69.65 0.43
N ILE F 110 32.65 69.28 0.33
CA ILE F 110 31.76 69.81 -0.69
C ILE F 110 31.17 71.14 -0.23
N VAL F 111 30.98 72.07 -1.17
CA VAL F 111 30.38 73.37 -0.89
C VAL F 111 28.94 73.33 -1.40
N PRO F 112 27.94 73.27 -0.52
CA PRO F 112 26.56 73.23 -0.98
C PRO F 112 26.03 74.64 -1.21
N PRO F 113 25.48 74.92 -2.39
CA PRO F 113 24.85 76.23 -2.60
C PRO F 113 23.63 76.38 -1.71
N ALA F 114 23.17 77.62 -1.60
CA ALA F 114 21.98 77.90 -0.81
C ALA F 114 20.79 77.13 -1.35
N GLY F 115 20.09 76.42 -0.48
CA GLY F 115 18.93 75.63 -0.83
C GLY F 115 19.14 74.14 -0.69
N VAL F 116 20.37 73.68 -0.92
CA VAL F 116 20.70 72.27 -0.80
C VAL F 116 21.40 72.03 0.52
N THR F 117 21.38 70.77 0.97
CA THR F 117 21.93 70.37 2.24
C THR F 117 22.47 68.95 2.10
N VAL F 118 23.71 68.75 2.52
CA VAL F 118 24.36 67.45 2.48
C VAL F 118 24.20 66.79 3.83
N HIS F 119 23.75 65.53 3.83
CA HIS F 119 23.42 64.83 5.06
C HIS F 119 24.46 63.79 5.48
N ASN F 120 25.55 63.63 4.74
CA ASN F 120 26.62 62.69 5.11
C ASN F 120 27.96 63.32 4.80
N PRO F 121 28.36 64.35 5.56
CA PRO F 121 29.64 65.02 5.26
C PRO F 121 30.86 64.14 5.45
N GLY F 122 30.72 62.96 6.06
CA GLY F 122 31.84 62.09 6.32
C GLY F 122 32.07 60.98 5.33
N MET F 123 31.29 60.90 4.26
CA MET F 123 31.47 59.83 3.28
C MET F 123 32.78 60.00 2.54
N HIS F 124 33.55 58.92 2.45
CA HIS F 124 34.78 58.92 1.67
C HIS F 124 34.45 59.01 0.19
N ILE F 125 35.20 59.85 -0.52
CA ILE F 125 35.08 60.02 -1.96
C ILE F 125 36.33 59.55 -2.69
N ALA F 126 37.50 60.01 -2.25
CA ALA F 126 38.74 59.61 -2.90
C ALA F 126 39.92 59.90 -1.98
N THR F 127 41.03 59.24 -2.27
CA THR F 127 42.31 59.47 -1.61
C THR F 127 43.21 60.16 -2.63
N LEU F 128 43.70 61.34 -2.26
CA LEU F 128 44.48 62.18 -3.15
C LEU F 128 45.96 61.94 -2.86
N ASN F 129 46.74 61.72 -3.91
CA ASN F 129 48.15 61.40 -3.78
C ASN F 129 48.98 62.67 -3.67
N ASP F 130 50.30 62.50 -3.58
CA ASP F 130 51.20 63.64 -3.49
C ASP F 130 51.10 64.47 -4.76
N LYS F 131 50.89 65.78 -4.59
CA LYS F 131 50.68 66.68 -5.72
C LYS F 131 49.43 66.32 -6.50
N GLY F 132 48.50 65.59 -5.88
CA GLY F 132 47.29 65.16 -6.54
C GLY F 132 46.20 66.20 -6.38
N LYS F 133 45.45 66.42 -7.46
CA LYS F 133 44.44 67.47 -7.49
C LYS F 133 43.17 66.92 -8.13
N LEU F 134 42.02 67.22 -7.51
CA LEU F 134 40.74 66.73 -8.00
C LEU F 134 39.74 67.87 -8.00
N GLU F 135 39.17 68.15 -9.18
CA GLU F 135 38.14 69.18 -9.36
C GLU F 135 36.97 68.56 -10.10
N VAL F 136 35.78 68.61 -9.50
CA VAL F 136 34.59 67.98 -10.07
C VAL F 136 33.38 68.87 -9.79
N GLU F 137 32.50 68.98 -10.78
CA GLU F 137 31.25 69.71 -10.66
C GLU F 137 30.09 68.73 -10.60
N LEU F 138 29.10 69.04 -9.77
CA LEU F 138 28.00 68.12 -9.47
C LEU F 138 26.66 68.81 -9.70
N VAL F 139 25.86 68.26 -10.61
CA VAL F 139 24.51 68.74 -10.85
C VAL F 139 23.56 67.97 -9.95
N VAL F 140 22.76 68.69 -9.15
CA VAL F 140 21.83 68.10 -8.19
C VAL F 140 20.41 68.47 -8.61
N GLU F 141 19.54 67.48 -8.70
CA GLU F 141 18.13 67.72 -9.03
C GLU F 141 17.23 67.09 -7.97
N ARG F 142 15.95 67.45 -8.05
CA ARG F 142 14.91 66.91 -7.19
C ARG F 142 14.08 65.92 -7.99
N GLY F 143 13.80 64.76 -7.42
CA GLY F 143 12.99 63.76 -8.07
C GLY F 143 12.49 62.70 -7.11
N ARG F 144 12.01 61.60 -7.67
CA ARG F 144 11.54 60.46 -6.90
C ARG F 144 11.92 59.17 -7.59
N GLY F 145 12.23 58.15 -6.78
CA GLY F 145 12.56 56.85 -7.32
C GLY F 145 13.99 56.79 -7.83
N TYR F 146 14.19 55.99 -8.86
CA TYR F 146 15.51 55.78 -9.47
C TYR F 146 15.35 55.87 -10.98
N VAL F 147 15.97 56.88 -11.58
CA VAL F 147 15.95 57.08 -13.03
C VAL F 147 17.36 56.84 -13.55
N PRO F 148 17.55 56.00 -14.55
CA PRO F 148 18.90 55.64 -15.00
C PRO F 148 19.64 56.82 -15.63
N ALA F 149 20.96 56.60 -15.77
CA ALA F 149 21.85 57.61 -16.34
C ALA F 149 21.66 57.78 -17.84
N VAL F 150 21.20 56.73 -18.53
CA VAL F 150 21.10 56.81 -19.99
C VAL F 150 20.11 57.88 -20.40
N GLN F 151 18.97 57.95 -19.73
CA GLN F 151 18.03 59.04 -19.99
C GLN F 151 18.64 60.38 -19.64
N ASN F 152 19.63 60.38 -18.77
CA ASN F 152 20.44 61.55 -18.43
C ASN F 152 21.53 61.82 -19.46
N ARG F 153 21.46 61.18 -20.62
CA ARG F 153 22.47 61.38 -21.67
C ARG F 153 22.55 62.84 -22.11
N ALA F 154 21.46 63.58 -21.99
CA ALA F 154 21.43 64.99 -22.36
C ALA F 154 21.96 65.91 -21.28
N SER F 155 21.99 65.45 -20.02
CA SER F 155 22.53 66.28 -18.94
C SER F 155 24.03 66.40 -19.01
N GLY F 156 24.72 65.46 -19.67
CA GLY F 156 26.14 65.60 -19.92
C GLY F 156 26.47 66.31 -21.21
N ALA F 157 27.02 67.52 -21.11
CA ALA F 157 27.44 68.27 -22.28
C ALA F 157 28.61 67.56 -22.96
N GLU F 158 28.73 67.77 -24.27
CA GLU F 158 29.80 67.13 -25.05
C GLU F 158 31.12 67.86 -24.79
N ILE F 159 31.54 67.79 -23.53
CA ILE F 159 32.68 68.55 -23.03
C ILE F 159 32.97 68.06 -21.62
N GLY F 160 33.17 66.74 -21.48
CA GLY F 160 33.52 66.16 -20.21
C GLY F 160 32.38 65.81 -19.28
N ARG F 161 31.15 66.25 -19.56
CA ARG F 161 30.07 66.03 -18.61
C ARG F 161 29.58 64.59 -18.71
N ILE F 162 29.48 63.93 -17.55
CA ILE F 162 29.16 62.52 -17.43
C ILE F 162 27.85 62.37 -16.65
N PRO F 163 26.79 61.85 -17.27
CA PRO F 163 25.58 61.57 -16.50
C PRO F 163 25.74 60.34 -15.63
N VAL F 164 24.98 60.31 -14.53
CA VAL F 164 25.03 59.23 -13.57
C VAL F 164 23.60 58.79 -13.28
N ASP F 165 23.47 57.55 -12.81
CA ASP F 165 22.16 57.08 -12.37
C ASP F 165 21.74 57.92 -11.18
N SER F 166 20.45 58.24 -11.14
CA SER F 166 19.91 59.15 -10.14
C SER F 166 19.10 58.35 -9.13
N ILE F 167 19.56 58.31 -7.89
CA ILE F 167 18.81 57.68 -6.83
C ILE F 167 18.03 58.76 -6.10
N TYR F 168 16.92 59.20 -6.69
CA TYR F 168 16.14 60.28 -6.10
C TYR F 168 15.44 59.82 -4.83
N SER F 169 15.04 58.56 -4.79
CA SER F 169 14.23 58.05 -3.70
C SER F 169 15.02 58.16 -2.39
N PRO F 170 14.46 58.70 -1.31
CA PRO F 170 15.21 58.75 -0.05
C PRO F 170 15.29 57.40 0.64
N VAL F 171 14.45 56.45 0.26
CA VAL F 171 14.49 55.09 0.79
C VAL F 171 15.37 54.26 -0.13
N LEU F 172 16.10 53.31 0.47
CA LEU F 172 17.06 52.50 -0.26
C LEU F 172 16.58 51.09 -0.55
N LYS F 173 16.10 50.37 0.46
CA LYS F 173 15.79 48.95 0.29
C LYS F 173 14.56 48.60 1.12
N VAL F 174 13.55 48.06 0.45
CA VAL F 174 12.30 47.67 1.10
C VAL F 174 12.01 46.23 0.72
N THR F 175 11.58 45.45 1.72
CA THR F 175 11.11 44.11 1.48
C THR F 175 9.86 43.92 2.33
N TYR F 176 9.13 42.85 2.07
CA TYR F 176 7.96 42.58 2.89
C TYR F 176 7.61 41.10 2.79
N LYS F 177 6.93 40.62 3.82
CA LYS F 177 6.43 39.26 3.87
C LYS F 177 5.12 39.24 4.65
N VAL F 178 4.28 38.26 4.34
CA VAL F 178 2.98 38.16 4.99
C VAL F 178 2.88 36.78 5.64
N ASP F 179 2.48 36.76 6.90
CA ASP F 179 2.19 35.54 7.64
C ASP F 179 0.71 35.47 7.96
N ALA F 180 0.28 34.31 8.45
CA ALA F 180 -1.11 34.14 8.88
C ALA F 180 -1.21 34.29 10.39
N THR F 181 -2.26 34.99 10.84
CA THR F 181 -2.55 35.18 12.26
C THR F 181 -4.02 34.92 12.50
N ARG F 182 -4.35 34.21 13.58
CA ARG F 182 -5.73 33.91 13.94
C ARG F 182 -6.13 34.80 15.11
N VAL F 183 -7.03 35.76 14.84
CA VAL F 183 -7.46 36.68 15.88
C VAL F 183 -8.35 35.96 16.89
N GLU F 184 -9.44 35.35 16.43
CA GLU F 184 -10.40 34.72 17.32
C GLU F 184 -10.39 33.21 17.11
N GLN F 185 -11.09 32.74 16.08
CA GLN F 185 -11.14 31.31 15.77
C GLN F 185 -10.51 30.98 14.42
N ARG F 186 -10.77 31.75 13.38
CA ARG F 186 -10.22 31.44 12.07
C ARG F 186 -8.76 31.87 11.97
N THR F 187 -8.00 31.11 11.19
CA THR F 187 -6.59 31.36 10.94
C THR F 187 -6.41 31.81 9.49
N ASP F 188 -7.29 32.71 9.04
CA ASP F 188 -7.22 33.25 7.71
C ASP F 188 -6.61 34.64 7.68
N PHE F 189 -6.81 35.42 8.75
CA PHE F 189 -6.34 36.79 8.78
C PHE F 189 -4.86 36.86 8.41
N ASP F 190 -4.47 37.96 7.80
CA ASP F 190 -3.11 38.19 7.35
C ASP F 190 -2.40 39.17 8.27
N LYS F 191 -1.11 38.93 8.48
CA LYS F 191 -0.22 39.82 9.20
C LYS F 191 0.85 40.29 8.24
N LEU F 192 0.95 41.61 8.05
CA LEU F 192 1.87 42.19 7.08
C LEU F 192 3.13 42.65 7.79
N ILE F 193 4.29 42.34 7.21
CA ILE F 193 5.58 42.69 7.75
C ILE F 193 6.35 43.48 6.69
N LEU F 194 6.59 44.75 6.97
CA LEU F 194 7.40 45.62 6.13
C LEU F 194 8.78 45.78 6.73
N ASP F 195 9.81 45.75 5.89
CA ASP F 195 11.20 45.97 6.30
C ASP F 195 11.73 47.10 5.45
N VAL F 196 12.00 48.26 6.06
CA VAL F 196 12.37 49.46 5.32
C VAL F 196 13.71 49.95 5.83
N GLU F 197 14.66 50.07 4.91
CA GLU F 197 15.96 50.66 5.17
C GLU F 197 16.06 51.89 4.29
N THR F 198 16.25 53.04 4.93
CA THR F 198 16.28 54.35 4.29
C THR F 198 17.62 55.01 4.54
N LYS F 199 17.75 56.23 4.04
CA LYS F 199 18.93 57.04 4.25
C LYS F 199 18.68 57.96 5.43
N ASN F 200 19.75 58.55 5.94
CA ASN F 200 19.59 59.46 7.09
C ASN F 200 18.87 60.76 6.72
N SER F 201 18.37 60.91 5.49
CA SER F 201 17.60 62.10 5.15
C SER F 201 16.26 62.13 5.86
N ILE F 202 15.59 60.98 5.95
CA ILE F 202 14.36 60.87 6.74
C ILE F 202 14.35 59.54 7.49
N SER F 203 13.56 59.50 8.55
CA SER F 203 13.40 58.29 9.33
C SER F 203 12.36 57.36 8.69
N PRO F 204 12.39 56.07 9.03
CA PRO F 204 11.39 55.15 8.48
C PRO F 204 9.95 55.56 8.79
N ARG F 205 9.71 56.16 9.97
CA ARG F 205 8.34 56.52 10.33
C ARG F 205 7.77 57.56 9.38
N ASP F 206 8.53 58.64 9.13
CA ASP F 206 8.06 59.70 8.25
C ASP F 206 7.97 59.23 6.80
N ALA F 207 8.90 58.37 6.38
CA ALA F 207 8.83 57.81 5.02
C ALA F 207 7.56 57.00 4.83
N LEU F 208 7.26 56.12 5.79
CA LEU F 208 6.04 55.33 5.70
C LEU F 208 4.81 56.23 5.74
N ALA F 209 4.87 57.32 6.52
CA ALA F 209 3.75 58.26 6.57
C ALA F 209 3.56 58.94 5.21
N SER F 210 4.64 59.31 4.54
CA SER F 210 4.52 59.92 3.22
C SER F 210 3.90 58.96 2.22
N ALA F 211 4.35 57.69 2.22
CA ALA F 211 3.76 56.72 1.31
C ALA F 211 2.28 56.53 1.61
N GLY F 212 1.92 56.48 2.89
CA GLY F 212 0.53 56.34 3.25
C GLY F 212 -0.32 57.50 2.78
N LYS F 213 0.19 58.73 2.94
CA LYS F 213 -0.57 59.90 2.51
C LYS F 213 -0.79 59.88 1.00
N THR F 214 0.28 59.60 0.23
CA THR F 214 0.11 59.54 -1.21
C THR F 214 -0.92 58.49 -1.60
N LEU F 215 -0.87 57.31 -0.97
CA LEU F 215 -1.81 56.26 -1.33
C LEU F 215 -3.24 56.61 -0.92
N VAL F 216 -3.40 57.31 0.20
CA VAL F 216 -4.73 57.73 0.63
C VAL F 216 -5.34 58.66 -0.40
N GLU F 217 -4.56 59.67 -0.84
CA GLU F 217 -5.07 60.55 -1.90
C GLU F 217 -5.40 59.75 -3.16
N LEU F 218 -4.53 58.80 -3.50
CA LEU F 218 -4.72 58.04 -4.72
C LEU F 218 -6.06 57.31 -4.70
N PHE F 219 -6.31 56.53 -3.64
CA PHE F 219 -7.57 55.81 -3.55
C PHE F 219 -8.75 56.74 -3.24
N GLY F 220 -8.49 57.92 -2.67
CA GLY F 220 -9.54 58.90 -2.54
C GLY F 220 -10.08 59.34 -3.88
N LEU F 221 -9.25 59.22 -4.93
CA LEU F 221 -9.80 59.50 -6.25
C LEU F 221 -10.93 58.54 -6.59
N ALA F 222 -10.84 57.29 -6.13
CA ALA F 222 -11.92 56.33 -6.35
C ALA F 222 -13.04 56.54 -5.34
N ARG F 223 -12.72 57.01 -4.14
CA ARG F 223 -13.76 57.22 -3.14
C ARG F 223 -14.67 58.38 -3.51
N GLU F 224 -14.14 59.37 -4.23
CA GLU F 224 -14.92 60.56 -4.56
C GLU F 224 -15.98 60.33 -5.62
N LEU F 225 -16.17 59.10 -6.11
CA LEU F 225 -17.16 58.87 -7.16
C LEU F 225 -18.58 58.89 -6.59
N ASN F 226 -18.87 58.03 -5.61
CA ASN F 226 -20.21 57.96 -5.07
C ASN F 226 -20.26 58.09 -3.54
N VAL F 227 -19.40 57.36 -2.84
CA VAL F 227 -19.38 57.28 -1.39
C VAL F 227 -20.46 56.32 -0.91
N GLU F 228 -20.16 55.01 -0.90
CA GLU F 228 -21.08 54.04 -0.31
C GLU F 228 -20.50 53.45 0.98
N ALA F 229 -20.22 52.14 1.00
CA ALA F 229 -20.11 51.39 2.25
C ALA F 229 -18.79 50.66 2.38
N GLU F 230 -18.19 50.77 3.57
CA GLU F 230 -17.14 49.85 4.02
C GLU F 230 -16.68 50.21 5.44
N GLY F 231 -16.33 49.20 6.22
CA GLY F 231 -16.08 49.36 7.63
C GLY F 231 -14.82 50.16 7.92
N ILE F 232 -14.52 50.22 9.22
CA ILE F 232 -13.52 51.13 9.78
C ILE F 232 -12.38 50.36 10.45
N SER G 28 -19.86 13.71 -37.94
CA SER G 28 -20.69 13.62 -36.74
C SER G 28 -20.37 12.33 -35.97
N ASN G 29 -20.50 12.40 -34.65
CA ASN G 29 -20.19 11.28 -33.78
C ASN G 29 -21.46 10.78 -33.09
N ASN G 30 -21.68 9.47 -33.17
CA ASN G 30 -22.78 8.81 -32.46
C ASN G 30 -24.13 9.35 -32.90
N SER G 31 -24.40 9.20 -34.19
CA SER G 31 -25.66 9.66 -34.77
C SER G 31 -26.64 8.50 -34.85
N VAL G 32 -27.06 8.03 -33.67
CA VAL G 32 -27.96 6.88 -33.60
C VAL G 32 -29.10 7.09 -32.59
N PRO G 33 -28.90 7.69 -31.39
CA PRO G 33 -30.02 7.73 -30.44
C PRO G 33 -30.82 9.02 -30.45
N GLY G 34 -30.15 10.15 -30.67
CA GLY G 34 -30.76 11.46 -30.48
C GLY G 34 -29.93 12.29 -29.52
N ALA G 35 -28.61 12.11 -29.59
CA ALA G 35 -27.67 12.62 -28.61
C ALA G 35 -27.09 13.95 -29.07
N PRO G 36 -26.36 14.66 -28.21
CA PRO G 36 -25.75 15.92 -28.62
C PRO G 36 -24.70 15.71 -29.71
N ASN G 37 -24.71 16.60 -30.70
CA ASN G 37 -23.81 16.49 -31.83
C ASN G 37 -22.37 16.78 -31.41
N ARG G 38 -21.64 15.74 -31.02
CA ARG G 38 -20.22 15.86 -30.75
C ARG G 38 -19.46 15.56 -32.03
N VAL G 39 -18.63 16.51 -32.47
CA VAL G 39 -17.95 16.42 -33.75
C VAL G 39 -16.61 15.74 -33.55
N SER G 40 -16.27 14.82 -34.44
CA SER G 40 -15.10 13.96 -34.27
C SER G 40 -14.04 14.29 -35.30
N PHE G 41 -12.78 14.21 -34.86
CA PHE G 41 -11.63 14.34 -35.75
C PHE G 41 -11.37 13.03 -36.47
N ALA G 42 -12.41 12.23 -36.66
CA ALA G 42 -12.23 10.87 -37.17
C ALA G 42 -11.82 10.90 -38.63
N LYS G 43 -10.74 10.19 -38.95
CA LYS G 43 -10.36 9.96 -40.33
C LYS G 43 -10.88 8.65 -40.89
N LEU G 44 -11.05 7.64 -40.04
CA LEU G 44 -11.52 6.33 -40.46
C LEU G 44 -13.00 6.17 -40.13
N ARG G 45 -13.71 5.44 -40.99
CA ARG G 45 -15.14 5.23 -40.82
C ARG G 45 -15.40 3.99 -39.97
N GLU G 46 -16.50 4.03 -39.22
CA GLU G 46 -16.89 2.92 -38.38
C GLU G 46 -17.79 1.96 -39.15
N PRO G 47 -17.28 0.80 -39.58
CA PRO G 47 -18.14 -0.13 -40.31
C PRO G 47 -19.13 -0.87 -39.42
N LEU G 48 -18.85 -0.97 -38.12
CA LEU G 48 -19.76 -1.59 -37.17
C LEU G 48 -19.83 -0.73 -35.92
N GLU G 49 -21.03 -0.43 -35.48
CA GLU G 49 -21.21 0.34 -34.25
C GLU G 49 -21.09 -0.57 -33.03
N VAL G 50 -20.64 0.01 -31.93
CA VAL G 50 -20.32 -0.72 -30.71
C VAL G 50 -21.49 -1.63 -30.33
N PRO G 51 -21.24 -2.87 -29.93
CA PRO G 51 -22.35 -3.73 -29.48
C PRO G 51 -22.85 -3.33 -28.10
N GLY G 52 -23.85 -4.05 -27.60
CA GLY G 52 -24.35 -3.79 -26.27
C GLY G 52 -23.30 -4.12 -25.23
N LEU G 53 -22.72 -3.09 -24.61
CA LEU G 53 -21.62 -3.30 -23.69
C LEU G 53 -21.98 -4.21 -22.52
N LEU G 54 -23.28 -4.45 -22.30
CA LEU G 54 -23.75 -5.32 -21.23
C LEU G 54 -24.16 -6.70 -21.73
N ASP G 55 -23.80 -7.05 -22.97
CA ASP G 55 -24.23 -8.34 -23.52
C ASP G 55 -23.57 -9.52 -22.82
N VAL G 56 -22.39 -9.31 -22.23
CA VAL G 56 -21.69 -10.41 -21.59
C VAL G 56 -22.58 -11.05 -20.53
N GLN G 57 -23.12 -10.23 -19.63
CA GLN G 57 -24.01 -10.75 -18.60
C GLN G 57 -25.36 -11.17 -19.19
N THR G 58 -25.91 -10.32 -20.06
CA THR G 58 -27.26 -10.52 -20.55
C THR G 58 -27.39 -11.83 -21.32
N ASP G 59 -26.61 -11.99 -22.39
CA ASP G 59 -26.69 -13.19 -23.22
C ASP G 59 -26.43 -14.44 -22.38
N SER G 60 -25.49 -14.37 -21.44
CA SER G 60 -25.20 -15.52 -20.60
C SER G 60 -26.44 -15.93 -19.80
N PHE G 61 -27.07 -14.98 -19.12
CA PHE G 61 -28.23 -15.33 -18.32
C PHE G 61 -29.39 -15.80 -19.19
N GLU G 62 -29.59 -15.14 -20.34
CA GLU G 62 -30.68 -15.53 -21.22
C GLU G 62 -30.47 -16.95 -21.76
N TRP G 63 -29.21 -17.32 -21.99
CA TRP G 63 -28.91 -18.71 -22.34
C TRP G 63 -29.20 -19.62 -21.16
N LEU G 64 -28.93 -19.16 -19.94
CA LEU G 64 -29.18 -20.00 -18.77
C LEU G 64 -30.66 -20.34 -18.68
N ILE G 65 -31.53 -19.34 -18.79
CA ILE G 65 -32.97 -19.56 -18.63
C ILE G 65 -33.69 -19.74 -19.97
N GLY G 66 -32.96 -19.77 -21.08
CA GLY G 66 -33.56 -20.02 -22.38
C GLY G 66 -34.67 -19.06 -22.75
N SER G 67 -34.42 -17.76 -22.62
CA SER G 67 -35.42 -16.77 -22.96
C SER G 67 -35.69 -16.79 -24.46
N PRO G 68 -36.85 -16.30 -24.89
CA PRO G 68 -37.11 -16.24 -26.33
C PRO G 68 -36.08 -15.44 -27.10
N ARG G 69 -35.59 -14.34 -26.52
CA ARG G 69 -34.57 -13.54 -27.21
C ARG G 69 -33.35 -14.39 -27.52
N TRP G 70 -32.87 -15.16 -26.53
CA TRP G 70 -31.69 -15.98 -26.77
C TRP G 70 -31.96 -17.07 -27.81
N ARG G 71 -33.13 -17.70 -27.73
CA ARG G 71 -33.42 -18.77 -28.69
C ARG G 71 -33.49 -18.22 -30.10
N GLU G 72 -34.02 -17.00 -30.26
CA GLU G 72 -34.04 -16.38 -31.58
C GLU G 72 -32.63 -16.03 -32.03
N SER G 73 -31.81 -15.51 -31.12
CA SER G 73 -30.42 -15.20 -31.47
C SER G 73 -29.68 -16.44 -31.94
N ALA G 74 -29.92 -17.57 -31.29
CA ALA G 74 -29.26 -18.81 -31.69
C ALA G 74 -29.89 -19.40 -32.96
N ALA G 75 -31.18 -19.15 -33.18
CA ALA G 75 -31.83 -19.65 -34.39
C ALA G 75 -31.32 -18.92 -35.62
N GLU G 76 -31.11 -17.60 -35.52
CA GLU G 76 -30.56 -16.85 -36.64
C GLU G 76 -29.06 -17.05 -36.81
N ARG G 77 -28.36 -17.40 -35.73
CA ARG G 77 -26.92 -17.66 -35.80
C ARG G 77 -26.60 -18.99 -36.46
N GLY G 78 -27.61 -19.73 -36.93
CA GLY G 78 -27.38 -21.01 -37.57
C GLY G 78 -27.30 -22.20 -36.64
N ASP G 79 -27.45 -21.98 -35.32
CA ASP G 79 -27.32 -23.08 -34.39
C ASP G 79 -28.37 -24.15 -34.66
N VAL G 80 -27.98 -25.41 -34.43
CA VAL G 80 -28.85 -26.56 -34.59
C VAL G 80 -29.00 -27.22 -33.24
N ASN G 81 -30.24 -27.39 -32.79
CA ASN G 81 -30.55 -27.90 -31.47
C ASN G 81 -29.80 -27.11 -30.40
N PRO G 82 -30.13 -25.83 -30.21
CA PRO G 82 -29.60 -25.10 -29.05
C PRO G 82 -30.31 -25.51 -27.78
N VAL G 83 -29.60 -25.38 -26.66
CA VAL G 83 -30.07 -25.87 -25.38
C VAL G 83 -29.91 -24.77 -24.34
N GLY G 84 -30.97 -24.50 -23.59
CA GLY G 84 -30.86 -23.60 -22.46
C GLY G 84 -30.16 -24.27 -21.29
N GLY G 85 -29.47 -23.46 -20.49
CA GLY G 85 -28.70 -24.00 -19.38
C GLY G 85 -29.49 -24.96 -18.53
N LEU G 86 -30.66 -24.52 -18.05
CA LEU G 86 -31.50 -25.41 -17.26
C LEU G 86 -31.87 -26.66 -18.04
N GLU G 87 -32.20 -26.50 -19.32
CA GLU G 87 -32.52 -27.66 -20.15
C GLU G 87 -31.34 -28.62 -20.22
N GLU G 88 -30.12 -28.08 -20.34
CA GLU G 88 -28.93 -28.93 -20.36
C GLU G 88 -28.81 -29.73 -19.08
N VAL G 89 -28.94 -29.06 -17.92
CA VAL G 89 -28.83 -29.78 -16.65
C VAL G 89 -29.89 -30.86 -16.56
N LEU G 90 -31.13 -30.53 -16.92
CA LEU G 90 -32.22 -31.49 -16.76
C LEU G 90 -32.10 -32.65 -17.74
N TYR G 91 -31.47 -32.44 -18.90
CA TYR G 91 -31.28 -33.56 -19.82
C TYR G 91 -30.14 -34.45 -19.39
N GLU G 92 -29.03 -33.86 -18.91
CA GLU G 92 -27.96 -34.69 -18.38
C GLU G 92 -28.44 -35.51 -17.18
N LEU G 93 -29.28 -34.91 -16.33
CA LEU G 93 -29.80 -35.64 -15.18
C LEU G 93 -30.78 -36.71 -15.61
N SER G 94 -31.72 -36.37 -16.49
CA SER G 94 -32.76 -37.31 -16.87
C SER G 94 -32.17 -38.48 -17.65
N PRO G 95 -32.62 -39.72 -17.41
CA PRO G 95 -33.56 -40.15 -16.35
C PRO G 95 -32.84 -40.63 -15.10
N ILE G 96 -33.59 -40.89 -14.04
CA ILE G 96 -33.03 -41.35 -12.77
C ILE G 96 -33.58 -42.74 -12.49
N GLU G 97 -32.69 -43.73 -12.38
CA GLU G 97 -33.07 -45.11 -12.18
C GLU G 97 -32.27 -45.68 -11.02
N ASP G 98 -32.87 -46.65 -10.32
CA ASP G 98 -32.16 -47.39 -9.28
C ASP G 98 -31.27 -48.43 -9.94
N PHE G 99 -30.71 -49.34 -9.15
CA PHE G 99 -29.80 -50.34 -9.70
C PHE G 99 -30.53 -51.35 -10.58
N SER G 100 -31.81 -51.60 -10.30
CA SER G 100 -32.56 -52.58 -11.08
C SER G 100 -33.10 -51.98 -12.36
N GLY G 101 -33.54 -50.72 -12.32
CA GLY G 101 -34.19 -50.10 -13.45
C GLY G 101 -35.70 -50.19 -13.44
N SER G 102 -36.31 -50.60 -12.32
CA SER G 102 -37.75 -50.74 -12.25
C SER G 102 -38.46 -49.40 -12.11
N MET G 103 -37.78 -48.39 -11.57
CA MET G 103 -38.35 -47.06 -11.40
C MET G 103 -37.54 -46.05 -12.18
N SER G 104 -38.22 -45.00 -12.64
CA SER G 104 -37.57 -43.94 -13.39
C SER G 104 -38.24 -42.62 -13.06
N LEU G 105 -37.46 -41.54 -13.09
CA LEU G 105 -37.98 -40.19 -12.91
C LEU G 105 -37.30 -39.28 -13.91
N SER G 106 -38.09 -38.41 -14.55
CA SER G 106 -37.52 -37.54 -15.58
C SER G 106 -38.06 -36.13 -15.46
N PHE G 107 -37.20 -35.15 -15.76
CA PHE G 107 -37.51 -33.73 -15.69
C PHE G 107 -37.45 -33.10 -17.07
N SER G 108 -38.29 -32.09 -17.28
CA SER G 108 -38.25 -31.32 -18.53
C SER G 108 -39.00 -30.01 -18.36
N ASP G 109 -38.93 -29.18 -19.39
CA ASP G 109 -39.67 -27.92 -19.50
C ASP G 109 -39.61 -27.08 -18.23
N PRO G 110 -38.50 -26.40 -17.97
CA PRO G 110 -38.45 -25.47 -16.83
C PRO G 110 -39.04 -24.12 -17.21
N ARG G 111 -39.91 -23.60 -16.34
CA ARG G 111 -40.56 -22.32 -16.56
C ARG G 111 -40.51 -21.49 -15.28
N PHE G 112 -40.87 -20.21 -15.40
CA PHE G 112 -40.79 -19.27 -14.30
C PHE G 112 -42.12 -18.53 -14.14
N ASP G 113 -42.65 -18.49 -12.92
CA ASP G 113 -43.77 -17.62 -12.63
C ASP G 113 -43.26 -16.18 -12.52
N ASP G 114 -44.18 -15.24 -12.29
CA ASP G 114 -43.77 -13.85 -12.16
C ASP G 114 -42.84 -13.68 -10.95
N VAL G 115 -42.10 -12.57 -10.96
CA VAL G 115 -41.11 -12.33 -9.91
C VAL G 115 -41.82 -12.10 -8.58
N LYS G 116 -41.17 -12.50 -7.49
CA LYS G 116 -41.80 -12.46 -6.18
C LYS G 116 -42.05 -11.02 -5.73
N ALA G 117 -41.03 -10.19 -5.78
CA ALA G 117 -41.14 -8.78 -5.39
C ALA G 117 -40.31 -7.93 -6.32
N PRO G 118 -40.69 -6.67 -6.53
CA PRO G 118 -39.89 -5.80 -7.42
C PRO G 118 -38.52 -5.47 -6.82
N VAL G 119 -37.63 -5.04 -7.71
CA VAL G 119 -36.22 -4.88 -7.39
C VAL G 119 -36.04 -3.93 -6.21
N ASP G 120 -36.57 -2.72 -6.33
CA ASP G 120 -36.37 -1.71 -5.29
C ASP G 120 -36.94 -2.17 -3.96
N GLU G 121 -38.09 -2.86 -3.99
CA GLU G 121 -38.66 -3.38 -2.75
C GLU G 121 -37.73 -4.39 -2.10
N CYS G 122 -37.08 -5.24 -2.90
CA CYS G 122 -36.09 -6.17 -2.35
C CYS G 122 -34.96 -5.41 -1.68
N LYS G 123 -34.42 -4.40 -2.38
CA LYS G 123 -33.37 -3.60 -1.76
C LYS G 123 -33.83 -3.04 -0.41
N ASP G 124 -35.08 -2.58 -0.34
CA ASP G 124 -35.58 -1.97 0.89
C ASP G 124 -35.69 -3.01 2.01
N LYS G 125 -36.34 -4.13 1.74
CA LYS G 125 -36.70 -5.09 2.78
C LYS G 125 -35.65 -6.17 2.99
N ASP G 126 -34.47 -6.04 2.37
CA ASP G 126 -33.33 -6.92 2.62
C ASP G 126 -33.60 -8.37 2.21
N MET G 127 -34.45 -8.57 1.20
CA MET G 127 -34.71 -9.90 0.66
C MET G 127 -33.96 -10.06 -0.66
N THR G 128 -34.11 -11.23 -1.28
CA THR G 128 -33.36 -11.60 -2.47
C THR G 128 -34.28 -11.61 -3.68
N TYR G 129 -33.81 -10.99 -4.77
CA TYR G 129 -34.58 -10.92 -6.02
C TYR G 129 -34.59 -12.27 -6.70
N ALA G 130 -35.77 -12.84 -6.90
CA ALA G 130 -35.87 -14.18 -7.46
C ALA G 130 -37.26 -14.38 -8.06
N ALA G 131 -37.40 -15.49 -8.79
CA ALA G 131 -38.67 -15.93 -9.35
C ALA G 131 -38.80 -17.43 -9.11
N PRO G 132 -40.00 -17.94 -8.86
CA PRO G 132 -40.15 -19.38 -8.61
C PRO G 132 -39.89 -20.18 -9.89
N LEU G 133 -39.12 -21.25 -9.78
CA LEU G 133 -38.77 -22.10 -10.91
C LEU G 133 -39.61 -23.37 -10.88
N PHE G 134 -40.43 -23.57 -11.91
CA PHE G 134 -41.21 -24.78 -12.07
C PHE G 134 -40.59 -25.66 -13.14
N VAL G 135 -40.67 -26.98 -12.94
CA VAL G 135 -40.30 -27.97 -13.94
C VAL G 135 -41.47 -28.94 -14.08
N THR G 136 -41.33 -29.90 -15.00
CA THR G 136 -42.31 -30.94 -15.22
C THR G 136 -41.60 -32.27 -15.01
N ALA G 137 -41.91 -32.94 -13.91
CA ALA G 137 -41.30 -34.21 -13.55
C ALA G 137 -42.34 -35.33 -13.65
N GLU G 138 -41.91 -36.50 -14.10
CA GLU G 138 -42.82 -37.63 -14.20
C GLU G 138 -42.14 -38.92 -13.76
N PHE G 139 -42.91 -39.74 -13.04
CA PHE G 139 -42.45 -40.99 -12.45
C PHE G 139 -42.96 -42.16 -13.28
N ILE G 140 -42.03 -42.92 -13.85
CA ILE G 140 -42.33 -44.06 -14.71
C ILE G 140 -42.07 -45.33 -13.91
N ASN G 141 -43.08 -46.20 -13.84
CA ASN G 141 -43.00 -47.44 -13.09
C ASN G 141 -42.96 -48.60 -14.07
N ASN G 142 -41.87 -49.36 -14.04
CA ASN G 142 -41.71 -50.46 -14.99
C ASN G 142 -42.47 -51.71 -14.56
N ASN G 143 -42.60 -51.94 -13.26
CA ASN G 143 -43.31 -53.12 -12.75
C ASN G 143 -44.82 -52.96 -12.77
N THR G 144 -45.34 -51.78 -13.13
CA THR G 144 -46.77 -51.56 -13.25
C THR G 144 -47.20 -50.94 -14.57
N GLY G 145 -46.28 -50.37 -15.35
CA GLY G 145 -46.63 -49.77 -16.61
C GLY G 145 -47.61 -48.63 -16.49
N GLU G 146 -47.28 -47.64 -15.67
CA GLU G 146 -48.12 -46.46 -15.51
C GLU G 146 -47.27 -45.33 -14.95
N ILE G 147 -47.54 -44.11 -15.42
CA ILE G 147 -46.69 -42.96 -15.17
C ILE G 147 -47.52 -41.82 -14.62
N LYS G 148 -46.97 -41.12 -13.63
CA LYS G 148 -47.61 -39.93 -13.06
C LYS G 148 -46.69 -38.74 -13.28
N SER G 149 -47.16 -37.78 -14.09
CA SER G 149 -46.39 -36.60 -14.48
C SER G 149 -47.06 -35.37 -13.92
N GLN G 150 -46.32 -34.57 -13.15
CA GLN G 150 -46.86 -33.36 -12.56
C GLN G 150 -45.81 -32.27 -12.52
N THR G 151 -46.26 -31.06 -12.22
CA THR G 151 -45.39 -29.90 -12.06
C THR G 151 -44.84 -29.88 -10.64
N VAL G 152 -43.54 -29.59 -10.53
CA VAL G 152 -42.87 -29.53 -9.23
C VAL G 152 -42.18 -28.19 -9.10
N PHE G 153 -42.42 -27.52 -7.98
CA PHE G 153 -41.71 -26.29 -7.65
C PHE G 153 -40.29 -26.65 -7.19
N MET G 154 -39.29 -26.13 -7.90
CA MET G 154 -37.90 -26.48 -7.62
C MET G 154 -37.24 -25.53 -6.63
N GLY G 155 -37.50 -24.23 -6.74
CA GLY G 155 -36.95 -23.29 -5.79
C GLY G 155 -37.09 -21.87 -6.27
N ASP G 156 -36.76 -20.95 -5.37
CA ASP G 156 -36.63 -19.55 -5.73
C ASP G 156 -35.33 -19.34 -6.50
N PHE G 157 -35.46 -18.96 -7.77
CA PHE G 157 -34.34 -18.84 -8.68
C PHE G 157 -33.93 -17.38 -8.76
N PRO G 158 -32.74 -16.99 -8.33
CA PRO G 158 -32.34 -15.58 -8.40
C PRO G 158 -32.33 -15.10 -9.84
N MET G 159 -32.88 -13.90 -10.05
CA MET G 159 -33.05 -13.33 -11.37
C MET G 159 -32.11 -12.15 -11.56
N MET G 160 -31.66 -11.96 -12.80
CA MET G 160 -30.75 -10.88 -13.15
C MET G 160 -31.57 -9.65 -13.53
N THR G 161 -31.22 -8.51 -12.93
CA THR G 161 -31.84 -7.23 -13.25
C THR G 161 -31.65 -6.89 -14.72
N GLU G 162 -32.23 -5.78 -15.17
CA GLU G 162 -31.97 -5.34 -16.53
C GLU G 162 -30.57 -4.75 -16.68
N LYS G 163 -29.95 -4.34 -15.57
CA LYS G 163 -28.59 -3.81 -15.58
C LYS G 163 -27.55 -4.88 -15.34
N GLY G 164 -27.91 -6.15 -15.49
CA GLY G 164 -26.96 -7.23 -15.35
C GLY G 164 -26.53 -7.54 -13.94
N THR G 165 -27.23 -7.02 -12.94
CA THR G 165 -26.90 -7.26 -11.55
C THR G 165 -27.89 -8.25 -10.93
N PHE G 166 -27.43 -8.91 -9.88
CA PHE G 166 -28.28 -9.69 -8.99
C PHE G 166 -28.50 -8.90 -7.71
N ILE G 167 -29.47 -9.35 -6.91
CA ILE G 167 -29.78 -8.70 -5.64
C ILE G 167 -29.89 -9.79 -4.59
N ILE G 168 -28.92 -9.82 -3.68
CA ILE G 168 -28.87 -10.80 -2.61
C ILE G 168 -29.08 -10.05 -1.30
N ASN G 169 -30.13 -10.40 -0.58
CA ASN G 169 -30.41 -9.82 0.73
C ASN G 169 -30.29 -8.30 0.69
N GLY G 170 -30.81 -7.71 -0.37
CA GLY G 170 -30.91 -6.27 -0.47
C GLY G 170 -29.67 -5.56 -1.00
N THR G 171 -28.62 -6.28 -1.38
CA THR G 171 -27.43 -5.68 -1.94
C THR G 171 -27.29 -6.08 -3.41
N GLU G 172 -27.00 -5.10 -4.26
CA GLU G 172 -26.70 -5.37 -5.66
C GLU G 172 -25.32 -5.99 -5.78
N ARG G 173 -25.26 -7.18 -6.39
CA ARG G 173 -24.03 -7.89 -6.64
C ARG G 173 -23.88 -8.11 -8.14
N VAL G 174 -22.65 -8.40 -8.55
CA VAL G 174 -22.34 -8.73 -9.94
C VAL G 174 -21.54 -10.02 -9.93
N VAL G 175 -21.85 -10.90 -10.88
CA VAL G 175 -21.14 -12.16 -11.04
C VAL G 175 -20.15 -11.98 -12.19
N VAL G 176 -18.87 -12.04 -11.85
CA VAL G 176 -17.81 -11.69 -12.78
C VAL G 176 -17.48 -12.90 -13.65
N SER G 177 -17.26 -12.65 -14.94
CA SER G 177 -16.83 -13.70 -15.84
C SER G 177 -15.49 -14.26 -15.38
N GLN G 178 -15.30 -15.56 -15.52
CA GLN G 178 -14.12 -16.23 -15.00
C GLN G 178 -13.27 -16.79 -16.14
N LEU G 179 -11.97 -16.50 -16.10
CA LEU G 179 -11.00 -17.06 -17.03
C LEU G 179 -10.50 -18.38 -16.47
N VAL G 180 -10.91 -19.49 -17.10
CA VAL G 180 -10.50 -20.83 -16.69
C VAL G 180 -9.80 -21.50 -17.85
N ARG G 181 -8.93 -22.45 -17.52
CA ARG G 181 -8.29 -23.26 -18.55
C ARG G 181 -9.33 -24.08 -19.29
N SER G 182 -9.32 -24.01 -20.61
CA SER G 182 -10.30 -24.73 -21.40
C SER G 182 -10.08 -26.23 -21.29
N PRO G 183 -11.14 -27.03 -21.41
CA PRO G 183 -10.95 -28.48 -21.48
C PRO G 183 -10.31 -28.90 -22.78
N GLY G 184 -9.58 -30.01 -22.73
CA GLY G 184 -8.94 -30.55 -23.93
C GLY G 184 -7.62 -31.19 -23.57
N VAL G 185 -6.83 -31.45 -24.62
CA VAL G 185 -5.52 -32.09 -24.50
C VAL G 185 -4.45 -31.03 -24.71
N TYR G 186 -3.47 -31.00 -23.81
CA TYR G 186 -2.41 -30.01 -23.85
C TYR G 186 -1.06 -30.69 -23.68
N PHE G 187 -0.06 -30.21 -24.42
CA PHE G 187 1.30 -30.72 -24.36
C PHE G 187 2.25 -29.64 -23.90
N ASP G 188 3.24 -30.04 -23.11
CA ASP G 188 4.18 -29.12 -22.48
C ASP G 188 5.60 -29.66 -22.66
N GLU G 189 6.55 -28.75 -22.91
CA GLU G 189 7.95 -29.10 -23.04
C GLU G 189 8.71 -28.43 -21.90
N THR G 190 9.08 -29.22 -20.89
CA THR G 190 9.81 -28.73 -19.74
C THR G 190 11.29 -29.09 -19.88
N ILE G 191 12.12 -28.39 -19.11
CA ILE G 191 13.57 -28.56 -19.16
C ILE G 191 14.04 -29.00 -17.78
N ASP G 192 14.74 -30.13 -17.74
CA ASP G 192 15.24 -30.65 -16.47
C ASP G 192 16.31 -29.73 -15.89
N LYS G 193 16.34 -29.67 -14.56
CA LYS G 193 17.30 -28.81 -13.88
C LYS G 193 18.68 -29.45 -13.78
N SER G 194 18.73 -30.76 -13.53
CA SER G 194 19.97 -31.47 -13.25
C SER G 194 20.56 -32.15 -14.48
N THR G 195 19.75 -32.89 -15.23
CA THR G 195 20.24 -33.57 -16.43
C THR G 195 20.16 -32.71 -17.68
N ASP G 196 19.59 -31.52 -17.60
CA ASP G 196 19.59 -30.55 -18.69
C ASP G 196 19.08 -31.18 -20.00
N LYS G 197 18.07 -32.02 -19.89
CA LYS G 197 17.45 -32.64 -21.05
C LYS G 197 16.00 -32.21 -21.16
N THR G 198 15.50 -32.19 -22.39
CA THR G 198 14.15 -31.72 -22.68
C THR G 198 13.16 -32.85 -22.42
N LEU G 199 12.30 -32.67 -21.40
CA LEU G 199 11.23 -33.60 -21.10
C LEU G 199 9.91 -33.05 -21.62
N HIS G 200 8.94 -33.94 -21.78
CA HIS G 200 7.63 -33.55 -22.30
C HIS G 200 6.51 -34.21 -21.50
N SER G 201 5.43 -33.46 -21.31
CA SER G 201 4.28 -33.92 -20.56
C SER G 201 3.00 -33.59 -21.32
N VAL G 202 1.91 -34.23 -20.91
CA VAL G 202 0.59 -34.06 -21.53
C VAL G 202 -0.45 -34.10 -20.42
N LYS G 203 -1.47 -33.25 -20.56
CA LYS G 203 -2.59 -33.21 -19.63
C LYS G 203 -3.87 -33.26 -20.42
N VAL G 204 -4.77 -34.18 -20.06
CA VAL G 204 -6.10 -34.25 -20.67
C VAL G 204 -7.08 -33.75 -19.63
N ILE G 205 -7.43 -32.47 -19.70
CA ILE G 205 -8.24 -31.82 -18.70
C ILE G 205 -9.72 -31.92 -19.15
N PRO G 206 -10.56 -32.64 -18.43
CA PRO G 206 -11.99 -32.67 -18.78
C PRO G 206 -12.77 -31.56 -18.07
N SER G 207 -13.98 -31.33 -18.61
CA SER G 207 -14.90 -30.40 -17.96
C SER G 207 -15.34 -30.91 -16.60
N ARG G 208 -15.18 -32.20 -16.33
CA ARG G 208 -15.55 -32.79 -15.05
C ARG G 208 -15.08 -34.24 -15.06
N GLY G 209 -14.59 -34.69 -13.91
CA GLY G 209 -14.11 -36.05 -13.77
C GLY G 209 -12.67 -36.13 -13.30
N ALA G 210 -12.06 -37.30 -13.45
CA ALA G 210 -10.68 -37.49 -13.02
C ALA G 210 -9.70 -36.99 -14.07
N TRP G 211 -8.54 -36.54 -13.60
CA TRP G 211 -7.50 -36.03 -14.49
C TRP G 211 -6.55 -37.14 -14.90
N LEU G 212 -5.88 -36.92 -16.03
CA LEU G 212 -4.96 -37.92 -16.59
C LEU G 212 -3.81 -37.18 -17.24
N GLU G 213 -2.59 -37.41 -16.74
CA GLU G 213 -1.42 -36.72 -17.28
C GLU G 213 -0.31 -37.71 -17.59
N PHE G 214 0.17 -37.69 -18.82
CA PHE G 214 1.30 -38.49 -19.24
C PHE G 214 2.58 -37.65 -19.19
N ASP G 215 3.71 -38.33 -19.12
CA ASP G 215 4.97 -37.61 -19.09
C ASP G 215 6.13 -38.53 -19.47
N VAL G 216 7.24 -37.91 -19.83
CA VAL G 216 8.49 -38.62 -20.13
C VAL G 216 9.52 -38.15 -19.12
N ASP G 217 9.84 -39.00 -18.14
CA ASP G 217 10.85 -38.67 -17.15
C ASP G 217 12.21 -38.55 -17.84
N LYS G 218 13.26 -38.39 -17.05
CA LYS G 218 14.61 -38.24 -17.59
C LYS G 218 15.30 -39.58 -17.85
N ARG G 219 14.61 -40.69 -17.67
CA ARG G 219 15.13 -42.01 -18.02
C ARG G 219 14.56 -42.52 -19.32
N ASP G 220 14.02 -41.64 -20.17
CA ASP G 220 13.51 -42.02 -21.47
C ASP G 220 12.44 -43.12 -21.35
N THR G 221 11.54 -42.94 -20.39
CA THR G 221 10.40 -43.83 -20.22
C THR G 221 9.13 -42.99 -20.08
N VAL G 222 8.02 -43.56 -20.55
CA VAL G 222 6.74 -42.86 -20.58
C VAL G 222 5.86 -43.37 -19.45
N GLY G 223 5.20 -42.45 -18.73
CA GLY G 223 4.35 -42.82 -17.63
C GLY G 223 3.06 -42.01 -17.64
N VAL G 224 2.10 -42.47 -16.83
CA VAL G 224 0.78 -41.88 -16.74
C VAL G 224 0.42 -41.78 -15.27
N ARG G 225 -0.01 -40.60 -14.84
CA ARG G 225 -0.57 -40.38 -13.52
C ARG G 225 -2.08 -40.21 -13.65
N ILE G 226 -2.82 -41.03 -12.89
CA ILE G 226 -4.26 -41.15 -12.98
C ILE G 226 -4.84 -40.51 -11.72
N ASP G 227 -5.47 -39.34 -11.87
CA ASP G 227 -6.11 -38.66 -10.75
C ASP G 227 -5.11 -38.36 -9.64
N ARG G 228 -3.99 -37.74 -10.03
CA ARG G 228 -2.96 -37.29 -9.09
C ARG G 228 -2.20 -38.49 -8.49
N LYS G 229 -2.66 -39.70 -8.74
CA LYS G 229 -2.10 -40.87 -8.07
C LYS G 229 -0.70 -41.18 -8.60
N ARG G 230 -0.13 -42.28 -8.11
CA ARG G 230 1.24 -42.65 -8.43
C ARG G 230 1.43 -42.74 -9.95
N ARG G 231 2.66 -42.45 -10.38
CA ARG G 231 3.01 -42.49 -11.80
C ARG G 231 3.21 -43.94 -12.21
N GLN G 232 2.20 -44.49 -12.90
CA GLN G 232 2.28 -45.84 -13.43
C GLN G 232 2.99 -45.82 -14.78
N PRO G 233 3.62 -46.91 -15.18
CA PRO G 233 4.13 -46.98 -16.56
C PRO G 233 2.98 -46.87 -17.56
N VAL G 234 3.27 -46.21 -18.69
CA VAL G 234 2.22 -45.93 -19.67
C VAL G 234 1.65 -47.19 -20.30
N THR G 235 2.31 -48.33 -20.13
CA THR G 235 1.81 -49.59 -20.67
C THR G 235 0.86 -50.31 -19.72
N VAL G 236 0.87 -49.96 -18.43
CA VAL G 236 -0.11 -50.50 -17.49
C VAL G 236 -1.52 -50.19 -17.99
N LEU G 237 -1.73 -48.95 -18.44
CA LEU G 237 -3.04 -48.56 -18.95
C LEU G 237 -3.43 -49.38 -20.16
N LEU G 238 -2.51 -49.56 -21.09
CA LEU G 238 -2.81 -50.35 -22.29
C LEU G 238 -3.13 -51.80 -21.94
N LYS G 239 -2.42 -52.36 -20.95
CA LYS G 239 -2.70 -53.72 -20.53
C LYS G 239 -4.07 -53.83 -19.87
N ALA G 240 -4.44 -52.84 -19.06
CA ALA G 240 -5.75 -52.86 -18.44
C ALA G 240 -6.88 -52.87 -19.47
N LEU G 241 -6.64 -52.26 -20.64
CA LEU G 241 -7.67 -52.12 -21.65
C LEU G 241 -7.81 -53.34 -22.55
N GLY G 242 -7.01 -54.38 -22.35
CA GLY G 242 -7.09 -55.56 -23.17
C GLY G 242 -6.17 -55.59 -24.37
N TRP G 243 -5.18 -54.72 -24.42
CA TRP G 243 -4.22 -54.70 -25.52
C TRP G 243 -3.04 -55.62 -25.20
N THR G 244 -2.69 -56.47 -26.16
CA THR G 244 -1.57 -57.38 -25.99
C THR G 244 -0.25 -56.63 -26.04
N SER G 245 0.74 -57.13 -25.29
CA SER G 245 2.05 -56.50 -25.28
C SER G 245 2.63 -56.43 -26.69
N GLU G 246 2.37 -57.44 -27.51
CA GLU G 246 2.92 -57.44 -28.86
C GLU G 246 2.28 -56.34 -29.71
N GLN G 247 0.97 -56.13 -29.58
CA GLN G 247 0.33 -55.03 -30.29
C GLN G 247 0.84 -53.69 -29.80
N ILE G 248 1.16 -53.59 -28.50
CA ILE G 248 1.74 -52.36 -27.98
C ILE G 248 3.09 -52.08 -28.63
N VAL G 249 3.95 -53.11 -28.68
CA VAL G 249 5.22 -52.95 -29.40
C VAL G 249 4.96 -52.63 -30.86
N GLU G 250 3.84 -53.10 -31.41
CA GLU G 250 3.50 -52.83 -32.80
C GLU G 250 3.24 -51.34 -33.02
N ARG G 251 2.56 -50.70 -32.08
CA ARG G 251 2.18 -49.30 -32.31
C ARG G 251 3.33 -48.34 -32.01
N PHE G 252 3.97 -48.47 -30.85
CA PHE G 252 4.96 -47.50 -30.37
C PHE G 252 6.39 -47.97 -30.58
N GLY G 253 6.64 -48.82 -31.58
CA GLY G 253 7.96 -49.40 -31.73
C GLY G 253 9.00 -48.42 -32.24
N PHE G 254 8.57 -47.40 -32.97
CA PHE G 254 9.48 -46.43 -33.56
C PHE G 254 10.23 -45.61 -32.51
N SER G 255 9.90 -45.75 -31.23
CA SER G 255 10.56 -45.02 -30.15
C SER G 255 11.24 -46.00 -29.22
N GLU G 256 12.53 -45.78 -28.93
CA GLU G 256 13.23 -46.62 -27.97
C GLU G 256 12.69 -46.43 -26.57
N ILE G 257 12.11 -45.27 -26.29
CA ILE G 257 11.67 -44.96 -24.92
C ILE G 257 10.47 -45.82 -24.55
N MET G 258 9.59 -46.10 -25.51
CA MET G 258 8.42 -46.94 -25.23
C MET G 258 8.81 -48.41 -25.11
N ARG G 259 9.73 -48.87 -25.97
CA ARG G 259 10.27 -50.22 -25.81
C ARG G 259 10.87 -50.38 -24.42
N SER G 260 11.65 -49.39 -23.98
CA SER G 260 12.26 -49.45 -22.66
C SER G 260 11.21 -49.43 -21.56
N THR G 261 10.10 -48.71 -21.78
CA THR G 261 9.02 -48.74 -20.79
C THR G 261 8.42 -50.14 -20.68
N LEU G 262 8.07 -50.75 -21.81
CA LEU G 262 7.49 -52.09 -21.74
C LEU G 262 8.48 -53.10 -21.17
N GLU G 263 9.78 -52.86 -21.34
CA GLU G 263 10.77 -53.78 -20.78
C GLU G 263 10.91 -53.60 -19.28
N LYS G 264 11.16 -52.37 -18.81
CA LYS G 264 11.30 -52.08 -17.40
C LYS G 264 9.99 -52.26 -16.65
N ASP G 265 8.92 -52.63 -17.36
CA ASP G 265 7.65 -52.89 -16.70
C ASP G 265 7.80 -53.97 -15.64
N ASN G 266 6.95 -53.91 -14.63
CA ASN G 266 7.00 -54.87 -13.52
C ASN G 266 6.12 -56.08 -13.79
N THR G 267 4.81 -55.87 -13.95
CA THR G 267 3.85 -56.95 -14.14
C THR G 267 3.29 -56.89 -15.56
N VAL G 268 3.01 -58.08 -16.11
CA VAL G 268 2.45 -58.20 -17.45
C VAL G 268 1.21 -59.09 -17.38
N GLY G 269 0.21 -58.76 -18.19
CA GLY G 269 -1.07 -59.46 -18.17
C GLY G 269 -2.22 -58.49 -18.10
N THR G 270 -3.32 -58.81 -18.78
CA THR G 270 -4.47 -57.89 -18.82
C THR G 270 -5.14 -57.79 -17.45
N ASP G 271 -5.19 -58.89 -16.72
CA ASP G 271 -5.83 -58.93 -15.40
C ASP G 271 -4.85 -58.61 -14.27
N GLU G 272 -3.59 -58.30 -14.59
CA GLU G 272 -2.58 -57.99 -13.59
C GLU G 272 -2.42 -56.48 -13.40
N ALA G 273 -2.09 -55.77 -14.48
CA ALA G 273 -1.99 -54.32 -14.41
C ALA G 273 -3.31 -53.69 -14.02
N LEU G 274 -4.42 -54.36 -14.33
CA LEU G 274 -5.73 -53.89 -13.91
C LEU G 274 -5.81 -53.76 -12.39
N LEU G 275 -5.47 -54.84 -11.68
CA LEU G 275 -5.46 -54.80 -10.22
C LEU G 275 -4.36 -53.87 -9.71
N ASP G 276 -3.24 -53.76 -10.43
CA ASP G 276 -2.20 -52.83 -10.03
C ASP G 276 -2.71 -51.40 -10.03
N ILE G 277 -3.57 -51.06 -11.01
CA ILE G 277 -4.19 -49.74 -11.01
C ILE G 277 -5.21 -49.64 -9.89
N TYR G 278 -6.01 -50.70 -9.68
CA TYR G 278 -7.06 -50.62 -8.68
C TYR G 278 -6.48 -50.34 -7.29
N ARG G 279 -5.39 -51.01 -6.92
CA ARG G 279 -4.88 -50.85 -5.56
C ARG G 279 -4.11 -49.54 -5.37
N LYS G 280 -3.77 -48.84 -6.45
CA LYS G 280 -3.19 -47.50 -6.33
C LYS G 280 -4.25 -46.41 -6.37
N LEU G 281 -5.38 -46.65 -7.02
CA LEU G 281 -6.41 -45.63 -7.15
C LEU G 281 -7.32 -45.60 -5.92
N ARG G 282 -7.79 -46.77 -5.48
CA ARG G 282 -8.67 -46.89 -4.33
C ARG G 282 -8.06 -47.90 -3.36
N PRO G 283 -7.07 -47.48 -2.58
CA PRO G 283 -6.38 -48.44 -1.71
C PRO G 283 -7.26 -48.90 -0.57
N GLY G 284 -6.91 -50.07 -0.03
CA GLY G 284 -7.57 -50.60 1.14
C GLY G 284 -8.79 -51.45 0.88
N GLU G 285 -9.11 -51.75 -0.38
CA GLU G 285 -10.29 -52.50 -0.74
C GLU G 285 -9.92 -53.81 -1.43
N PRO G 286 -10.72 -54.86 -1.27
CA PRO G 286 -10.46 -56.10 -2.00
C PRO G 286 -10.53 -55.87 -3.50
N PRO G 287 -9.55 -56.35 -4.27
CA PRO G 287 -9.57 -56.08 -5.71
C PRO G 287 -10.24 -57.16 -6.53
N THR G 288 -11.46 -56.89 -6.99
CA THR G 288 -12.15 -57.78 -7.91
C THR G 288 -11.84 -57.37 -9.34
N LYS G 289 -11.77 -58.35 -10.23
CA LYS G 289 -11.52 -58.06 -11.64
C LYS G 289 -12.62 -57.19 -12.21
N GLU G 290 -13.87 -57.50 -11.89
CA GLU G 290 -14.99 -56.70 -12.39
C GLU G 290 -15.15 -55.39 -11.63
N SER G 291 -14.84 -55.35 -10.33
CA SER G 291 -14.97 -54.10 -9.60
C SER G 291 -14.00 -53.05 -10.12
N ALA G 292 -12.86 -53.47 -10.67
CA ALA G 292 -11.93 -52.56 -11.32
C ALA G 292 -12.30 -52.31 -12.78
N GLN G 293 -12.72 -53.37 -13.48
CA GLN G 293 -13.18 -53.23 -14.85
C GLN G 293 -14.34 -52.24 -14.95
N THR G 294 -15.10 -52.09 -13.87
CA THR G 294 -16.25 -51.19 -13.90
C THR G 294 -15.81 -49.73 -13.77
N LEU G 295 -14.97 -49.43 -12.80
CA LEU G 295 -14.61 -48.03 -12.57
C LEU G 295 -13.62 -47.53 -13.61
N LEU G 296 -12.69 -48.38 -14.07
CA LEU G 296 -11.77 -47.93 -15.11
C LEU G 296 -12.49 -47.57 -16.40
N GLU G 297 -13.69 -48.11 -16.61
CA GLU G 297 -14.52 -47.69 -17.73
C GLU G 297 -15.45 -46.55 -17.37
N ASN G 298 -15.84 -46.43 -16.10
CA ASN G 298 -16.74 -45.36 -15.69
C ASN G 298 -16.02 -44.02 -15.54
N LEU G 299 -14.77 -44.04 -15.08
CA LEU G 299 -14.05 -42.80 -14.81
C LEU G 299 -13.58 -42.09 -16.07
N PHE G 300 -13.65 -42.73 -17.24
CA PHE G 300 -13.16 -42.12 -18.47
C PHE G 300 -14.01 -42.38 -19.69
N PHE G 301 -14.97 -43.31 -19.66
CA PHE G 301 -15.75 -43.64 -20.85
C PHE G 301 -17.26 -43.68 -20.61
N LYS G 302 -17.71 -43.59 -19.37
CA LYS G 302 -19.13 -43.45 -19.07
C LYS G 302 -19.43 -42.00 -18.70
N GLU G 303 -20.54 -41.48 -19.22
CA GLU G 303 -20.90 -40.09 -19.00
C GLU G 303 -21.28 -39.79 -17.56
N LYS G 304 -21.30 -40.79 -16.68
CA LYS G 304 -21.65 -40.56 -15.29
C LYS G 304 -20.62 -39.66 -14.61
N ARG G 305 -19.40 -40.16 -14.44
CA ARG G 305 -18.37 -39.46 -13.68
C ARG G 305 -17.27 -38.90 -14.57
N TYR G 306 -17.60 -38.59 -15.82
CA TYR G 306 -16.63 -38.00 -16.73
C TYR G 306 -17.39 -37.42 -17.92
N ASP G 307 -17.02 -36.21 -18.31
CA ASP G 307 -17.73 -35.54 -19.39
C ASP G 307 -16.96 -34.35 -19.92
N LEU G 308 -16.62 -34.37 -21.20
CA LEU G 308 -16.11 -33.20 -21.90
C LEU G 308 -17.30 -32.48 -22.53
N ALA G 309 -17.50 -31.21 -22.17
CA ALA G 309 -18.54 -30.42 -22.80
C ALA G 309 -18.35 -30.47 -24.31
N ARG G 310 -19.37 -30.07 -25.07
CA ARG G 310 -19.24 -30.03 -26.52
C ARG G 310 -17.96 -29.34 -26.93
N VAL G 311 -17.61 -28.25 -26.24
CA VAL G 311 -16.38 -27.51 -26.52
C VAL G 311 -15.16 -28.40 -26.28
N GLY G 312 -15.17 -29.17 -25.19
CA GLY G 312 -14.04 -30.04 -24.92
C GLY G 312 -13.83 -31.08 -26.01
N ARG G 313 -14.92 -31.75 -26.41
CA ARG G 313 -14.84 -32.72 -27.48
C ARG G 313 -14.29 -32.09 -28.75
N TYR G 314 -14.78 -30.89 -29.09
CA TYR G 314 -14.32 -30.22 -30.31
C TYR G 314 -12.82 -29.90 -30.24
N LYS G 315 -12.39 -29.34 -29.11
CA LYS G 315 -10.98 -28.99 -28.95
C LYS G 315 -10.10 -30.22 -29.11
N VAL G 316 -10.47 -31.32 -28.46
CA VAL G 316 -9.67 -32.55 -28.58
C VAL G 316 -9.70 -33.05 -30.02
N ASN G 317 -10.88 -33.00 -30.67
CA ASN G 317 -10.98 -33.53 -32.03
C ASN G 317 -10.09 -32.75 -32.98
N LYS G 318 -9.85 -31.46 -32.72
CA LYS G 318 -8.89 -30.75 -33.54
C LYS G 318 -7.46 -31.11 -33.18
N LYS G 319 -7.10 -31.07 -31.89
CA LYS G 319 -5.69 -31.23 -31.53
C LYS G 319 -5.14 -32.56 -32.02
N LEU G 320 -5.96 -33.62 -31.99
CA LEU G 320 -5.53 -34.92 -32.48
C LEU G 320 -5.89 -35.14 -33.94
N GLY G 321 -6.82 -34.36 -34.49
CA GLY G 321 -7.18 -34.50 -35.89
C GLY G 321 -8.04 -35.71 -36.20
N LEU G 322 -8.99 -36.03 -35.33
CA LEU G 322 -9.90 -37.14 -35.53
C LEU G 322 -11.32 -36.66 -35.37
N HIS G 323 -12.25 -37.37 -36.01
CA HIS G 323 -13.67 -37.02 -35.99
C HIS G 323 -13.89 -35.59 -36.48
N VAL G 324 -12.98 -35.08 -37.30
CA VAL G 324 -13.06 -33.70 -37.77
C VAL G 324 -14.32 -33.44 -38.60
N GLY G 325 -15.03 -34.48 -39.00
CA GLY G 325 -16.27 -34.32 -39.73
C GLY G 325 -17.49 -34.64 -38.88
N GLU G 326 -17.28 -35.37 -37.80
CA GLU G 326 -18.41 -35.84 -37.00
C GLU G 326 -19.08 -34.66 -36.28
N PRO G 327 -20.41 -34.68 -36.14
CA PRO G 327 -21.06 -33.68 -35.30
C PRO G 327 -20.76 -33.94 -33.83
N ILE G 328 -20.65 -32.86 -33.06
CA ILE G 328 -20.26 -32.95 -31.66
C ILE G 328 -21.36 -33.64 -30.87
N THR G 329 -21.34 -34.97 -30.82
CA THR G 329 -22.31 -35.75 -30.07
C THR G 329 -21.69 -36.57 -28.95
N SER G 330 -20.45 -37.02 -29.08
CA SER G 330 -19.79 -37.80 -28.05
C SER G 330 -19.24 -36.86 -26.98
N SER G 331 -19.91 -36.84 -25.82
CA SER G 331 -19.49 -36.01 -24.71
C SER G 331 -18.48 -36.70 -23.81
N THR G 332 -17.79 -37.72 -24.32
CA THR G 332 -16.94 -38.56 -23.48
C THR G 332 -15.64 -38.86 -24.21
N LEU G 333 -14.64 -39.26 -23.43
CA LEU G 333 -13.36 -39.70 -23.95
C LEU G 333 -13.46 -41.13 -24.47
N THR G 334 -12.68 -41.43 -25.51
CA THR G 334 -12.66 -42.75 -26.12
C THR G 334 -11.25 -43.32 -26.09
N GLU G 335 -11.15 -44.66 -26.14
CA GLU G 335 -9.84 -45.30 -26.17
C GLU G 335 -9.02 -44.80 -27.37
N GLU G 336 -9.67 -44.66 -28.53
CA GLU G 336 -9.02 -44.09 -29.69
C GLU G 336 -8.30 -42.79 -29.35
N ASP G 337 -8.97 -41.93 -28.57
CA ASP G 337 -8.36 -40.67 -28.18
C ASP G 337 -7.09 -40.89 -27.37
N VAL G 338 -7.12 -41.83 -26.44
CA VAL G 338 -5.95 -42.06 -25.59
C VAL G 338 -4.79 -42.60 -26.42
N VAL G 339 -5.07 -43.52 -27.34
CA VAL G 339 -4.00 -44.08 -28.17
C VAL G 339 -3.39 -42.98 -29.04
N ALA G 340 -4.23 -42.20 -29.73
CA ALA G 340 -3.71 -41.12 -30.55
C ALA G 340 -2.97 -40.09 -29.71
N THR G 341 -3.39 -39.89 -28.46
CA THR G 341 -2.73 -38.92 -27.59
C THR G 341 -1.33 -39.39 -27.21
N ILE G 342 -1.19 -40.67 -26.85
CA ILE G 342 0.13 -41.19 -26.51
C ILE G 342 1.02 -41.16 -27.74
N GLU G 343 0.45 -41.43 -28.92
CA GLU G 343 1.23 -41.28 -30.16
C GLU G 343 1.74 -39.86 -30.32
N TYR G 344 0.83 -38.89 -30.21
CA TYR G 344 1.20 -37.47 -30.28
C TYR G 344 2.36 -37.17 -29.34
N LEU G 345 2.21 -37.56 -28.07
CA LEU G 345 3.24 -37.28 -27.08
C LEU G 345 4.59 -37.88 -27.49
N VAL G 346 4.61 -39.20 -27.72
CA VAL G 346 5.87 -39.87 -27.97
C VAL G 346 6.54 -39.28 -29.20
N ARG G 347 5.75 -38.92 -30.22
CA ARG G 347 6.35 -38.29 -31.40
C ARG G 347 6.91 -36.91 -31.07
N LEU G 348 6.20 -36.14 -30.26
CA LEU G 348 6.72 -34.81 -29.90
C LEU G 348 8.03 -34.92 -29.15
N HIS G 349 8.17 -35.94 -28.29
CA HIS G 349 9.38 -36.03 -27.48
C HIS G 349 10.62 -36.18 -28.35
N GLU G 350 10.54 -36.98 -29.41
CA GLU G 350 11.70 -37.26 -30.27
C GLU G 350 11.69 -36.39 -31.53
N GLY G 351 11.31 -35.12 -31.40
CA GLY G 351 11.55 -34.14 -32.43
C GLY G 351 10.60 -34.16 -33.61
N GLN G 352 9.65 -35.09 -33.66
CA GLN G 352 8.73 -35.12 -34.79
C GLN G 352 7.87 -33.86 -34.81
N THR G 353 7.47 -33.45 -36.01
CA THR G 353 6.74 -32.20 -36.21
C THR G 353 5.43 -32.39 -36.97
N THR G 354 5.02 -33.62 -37.24
CA THR G 354 3.80 -33.89 -38.00
C THR G 354 3.29 -35.26 -37.61
N MET G 355 1.96 -35.41 -37.51
CA MET G 355 1.41 -36.71 -37.18
C MET G 355 0.02 -36.85 -37.76
N THR G 356 -0.32 -38.07 -38.18
CA THR G 356 -1.66 -38.41 -38.64
C THR G 356 -2.13 -39.63 -37.85
N VAL G 357 -3.23 -39.48 -37.12
CA VAL G 357 -3.76 -40.60 -36.36
C VAL G 357 -4.26 -41.66 -37.32
N PRO G 358 -4.10 -42.97 -37.02
CA PRO G 358 -4.69 -43.99 -37.88
C PRO G 358 -6.15 -43.73 -38.19
N GLY G 359 -6.42 -43.23 -39.39
CA GLY G 359 -7.76 -42.85 -39.78
C GLY G 359 -8.11 -41.41 -39.49
N GLY G 360 -7.12 -40.52 -39.44
CA GLY G 360 -7.36 -39.13 -39.12
C GLY G 360 -6.56 -38.20 -40.02
N VAL G 361 -6.92 -36.92 -39.95
CA VAL G 361 -6.26 -35.92 -40.79
C VAL G 361 -4.87 -35.62 -40.25
N GLU G 362 -4.01 -35.11 -41.13
CA GLU G 362 -2.67 -34.69 -40.74
C GLU G 362 -2.77 -33.48 -39.83
N VAL G 363 -1.90 -33.42 -38.83
CA VAL G 363 -1.96 -32.38 -37.82
C VAL G 363 -0.55 -32.04 -37.35
N PRO G 364 -0.26 -30.76 -37.09
CA PRO G 364 1.07 -30.40 -36.57
C PRO G 364 1.24 -30.85 -35.13
N VAL G 365 2.50 -31.10 -34.77
CA VAL G 365 2.86 -31.59 -33.45
C VAL G 365 3.55 -30.45 -32.71
N GLU G 366 2.86 -29.88 -31.72
CA GLU G 366 3.36 -28.72 -31.01
C GLU G 366 2.81 -28.70 -29.60
N THR G 367 3.44 -27.89 -28.75
CA THR G 367 2.94 -27.63 -27.41
C THR G 367 1.97 -26.46 -27.43
N ASP G 368 1.15 -26.38 -26.39
CA ASP G 368 0.07 -25.39 -26.32
C ASP G 368 0.38 -24.35 -25.24
N ASP G 369 -0.18 -23.16 -25.43
CA ASP G 369 0.25 -22.02 -24.63
C ASP G 369 -0.44 -21.96 -23.28
N ILE G 370 -1.70 -22.37 -23.20
CA ILE G 370 -2.55 -22.28 -22.00
C ILE G 370 -2.71 -20.85 -21.51
N ASP G 371 -1.99 -19.90 -22.12
CA ASP G 371 -2.26 -18.48 -21.96
C ASP G 371 -2.96 -17.90 -23.19
N HIS G 372 -2.90 -18.62 -24.32
CA HIS G 372 -3.56 -18.20 -25.54
C HIS G 372 -5.07 -18.26 -25.36
N PHE G 373 -5.77 -17.22 -25.80
CA PHE G 373 -7.21 -17.14 -25.56
C PHE G 373 -8.01 -18.13 -26.41
N GLY G 374 -7.35 -19.09 -27.06
CA GLY G 374 -8.03 -20.21 -27.67
C GLY G 374 -7.97 -21.42 -26.77
N ASN G 375 -7.01 -21.42 -25.84
CA ASN G 375 -6.93 -22.41 -24.78
C ASN G 375 -7.34 -21.87 -23.42
N ARG G 376 -7.39 -20.56 -23.25
CA ARG G 376 -7.91 -19.95 -22.04
C ARG G 376 -9.37 -19.57 -22.32
N ARG G 377 -10.27 -20.30 -21.70
CA ARG G 377 -11.71 -20.11 -21.89
C ARG G 377 -12.25 -19.11 -20.87
N LEU G 378 -13.40 -18.54 -21.21
CA LEU G 378 -14.10 -17.61 -20.34
C LEU G 378 -15.50 -18.15 -20.10
N ARG G 379 -15.82 -18.47 -18.85
CA ARG G 379 -17.15 -18.91 -18.48
C ARG G 379 -17.85 -17.78 -17.74
N THR G 380 -19.02 -17.40 -18.23
CA THR G 380 -19.73 -16.20 -17.77
C THR G 380 -20.72 -16.60 -16.67
N VAL G 381 -21.67 -15.71 -16.37
CA VAL G 381 -22.65 -15.96 -15.32
C VAL G 381 -23.33 -17.29 -15.59
N GLY G 382 -24.09 -17.37 -16.68
CA GLY G 382 -24.83 -18.57 -17.05
C GLY G 382 -24.14 -19.86 -16.67
N GLU G 383 -22.88 -20.01 -17.08
CA GLU G 383 -22.16 -21.26 -16.84
C GLU G 383 -21.79 -21.42 -15.37
N LEU G 384 -21.30 -20.34 -14.75
CA LEU G 384 -20.95 -20.38 -13.34
C LEU G 384 -22.17 -20.81 -12.50
N ILE G 385 -23.36 -20.37 -12.90
CA ILE G 385 -24.58 -20.73 -12.19
C ILE G 385 -25.00 -22.16 -12.54
N GLN G 386 -24.83 -22.56 -13.80
CA GLN G 386 -25.19 -23.91 -14.21
C GLN G 386 -24.39 -24.93 -13.41
N ASN G 387 -23.14 -24.62 -13.10
CA ASN G 387 -22.33 -25.59 -12.35
C ASN G 387 -22.88 -25.78 -10.94
N GLN G 388 -23.25 -24.69 -10.26
CA GLN G 388 -23.82 -24.80 -8.93
C GLN G 388 -25.17 -25.52 -8.96
N ILE G 389 -25.99 -25.20 -9.97
CA ILE G 389 -27.26 -25.90 -10.12
C ILE G 389 -27.01 -27.39 -10.33
N ARG G 390 -25.96 -27.72 -11.08
CA ARG G 390 -25.62 -29.12 -11.32
C ARG G 390 -25.26 -29.83 -10.03
N VAL G 391 -24.47 -29.16 -9.17
CA VAL G 391 -24.13 -29.76 -7.89
C VAL G 391 -25.39 -30.00 -7.07
N GLY G 392 -26.22 -28.96 -6.92
CA GLY G 392 -27.47 -29.13 -6.21
C GLY G 392 -28.30 -30.28 -6.75
N MET G 393 -28.34 -30.41 -8.08
CA MET G 393 -29.18 -31.43 -8.70
C MET G 393 -28.64 -32.82 -8.45
N SER G 394 -27.32 -33.00 -8.47
CA SER G 394 -26.77 -34.32 -8.15
C SER G 394 -27.00 -34.67 -6.68
N ARG G 395 -26.84 -33.68 -5.80
CA ARG G 395 -27.13 -33.90 -4.39
C ARG G 395 -28.58 -34.32 -4.20
N MET G 396 -29.49 -33.74 -4.97
CA MET G 396 -30.89 -34.18 -4.90
C MET G 396 -31.07 -35.55 -5.53
N GLU G 397 -30.34 -35.84 -6.61
CA GLU G 397 -30.48 -37.11 -7.30
C GLU G 397 -30.18 -38.28 -6.36
N ARG G 398 -29.13 -38.13 -5.56
CA ARG G 398 -28.80 -39.19 -4.62
C ARG G 398 -29.93 -39.42 -3.62
N VAL G 399 -30.45 -38.32 -3.05
CA VAL G 399 -31.56 -38.42 -2.11
C VAL G 399 -32.77 -39.06 -2.77
N VAL G 400 -32.97 -38.78 -4.06
CA VAL G 400 -34.10 -39.36 -4.78
C VAL G 400 -33.92 -40.86 -4.91
N ARG G 401 -32.72 -41.29 -5.32
CA ARG G 401 -32.47 -42.73 -5.45
C ARG G 401 -32.66 -43.44 -4.12
N GLU G 402 -32.32 -42.78 -3.01
CA GLU G 402 -32.54 -43.41 -1.71
C GLU G 402 -34.03 -43.44 -1.35
N ARG G 403 -34.72 -42.32 -1.56
CA ARG G 403 -36.15 -42.26 -1.23
C ARG G 403 -36.99 -43.15 -2.11
N MET G 404 -36.48 -43.58 -3.26
CA MET G 404 -37.25 -44.45 -4.13
C MET G 404 -37.36 -45.86 -3.54
N THR G 405 -36.22 -46.44 -3.16
CA THR G 405 -36.21 -47.78 -2.57
C THR G 405 -36.72 -47.80 -1.13
N THR G 406 -37.25 -46.70 -0.63
CA THR G 406 -37.82 -46.63 0.72
C THR G 406 -39.33 -46.64 0.69
N GLN G 407 -39.95 -45.65 0.04
CA GLN G 407 -41.40 -45.56 -0.01
C GLN G 407 -41.96 -46.67 -0.89
N ASP G 408 -43.28 -46.87 -0.80
CA ASP G 408 -43.94 -47.90 -1.59
C ASP G 408 -43.92 -47.54 -3.07
N VAL G 409 -44.18 -48.55 -3.91
CA VAL G 409 -44.03 -48.38 -5.35
C VAL G 409 -45.38 -48.08 -6.00
N GLU G 410 -46.30 -47.49 -5.24
CA GLU G 410 -47.59 -47.08 -5.78
C GLU G 410 -48.11 -45.76 -5.24
N ALA G 411 -47.63 -45.26 -4.11
CA ALA G 411 -47.99 -43.95 -3.59
C ALA G 411 -46.84 -42.95 -3.72
N ILE G 412 -45.87 -43.25 -4.58
CA ILE G 412 -44.75 -42.36 -4.84
C ILE G 412 -45.16 -41.37 -5.93
N THR G 413 -45.07 -40.08 -5.63
CA THR G 413 -45.25 -39.02 -6.59
C THR G 413 -43.94 -38.23 -6.70
N PRO G 414 -43.74 -37.50 -7.79
CA PRO G 414 -42.60 -36.59 -7.85
C PRO G 414 -42.45 -35.74 -6.60
N GLN G 415 -43.56 -35.41 -5.94
CA GLN G 415 -43.52 -34.58 -4.74
C GLN G 415 -42.86 -35.29 -3.57
N THR G 416 -43.01 -36.62 -3.48
CA THR G 416 -42.37 -37.37 -2.41
C THR G 416 -40.91 -37.68 -2.70
N LEU G 417 -40.52 -37.69 -3.97
CA LEU G 417 -39.15 -38.03 -4.33
C LEU G 417 -38.23 -36.82 -4.27
N ILE G 418 -38.75 -35.64 -4.52
CA ILE G 418 -37.93 -34.45 -4.75
C ILE G 418 -37.72 -33.72 -3.44
N ASN G 419 -36.45 -33.49 -3.10
CA ASN G 419 -36.05 -32.71 -1.93
C ASN G 419 -35.22 -31.54 -2.45
N ILE G 420 -35.83 -30.36 -2.50
CA ILE G 420 -35.24 -29.20 -3.15
C ILE G 420 -34.32 -28.44 -2.20
N ARG G 421 -34.10 -29.00 -1.01
CA ARG G 421 -33.25 -28.31 -0.05
C ARG G 421 -31.84 -28.10 -0.57
N PRO G 422 -31.14 -29.13 -1.08
CA PRO G 422 -29.76 -28.89 -1.56
C PRO G 422 -29.68 -27.93 -2.73
N VAL G 423 -30.72 -27.79 -3.54
CA VAL G 423 -30.65 -26.92 -4.71
C VAL G 423 -30.68 -25.45 -4.28
N VAL G 424 -31.68 -25.08 -3.48
CA VAL G 424 -31.74 -23.72 -2.96
C VAL G 424 -30.51 -23.44 -2.12
N ALA G 425 -30.04 -24.44 -1.36
CA ALA G 425 -28.82 -24.26 -0.60
C ALA G 425 -27.62 -24.02 -1.51
N ALA G 426 -27.59 -24.66 -2.67
CA ALA G 426 -26.48 -24.50 -3.60
C ALA G 426 -26.45 -23.10 -4.18
N ILE G 427 -27.60 -22.61 -4.67
CA ILE G 427 -27.61 -21.28 -5.25
C ILE G 427 -27.34 -20.23 -4.17
N LYS G 428 -27.85 -20.44 -2.95
CA LYS G 428 -27.55 -19.52 -1.86
C LYS G 428 -26.05 -19.53 -1.54
N GLU G 429 -25.45 -20.72 -1.47
CA GLU G 429 -24.03 -20.83 -1.17
C GLU G 429 -23.19 -20.16 -2.24
N PHE G 430 -23.63 -20.24 -3.50
CA PHE G 430 -22.90 -19.54 -4.56
C PHE G 430 -23.00 -18.03 -4.38
N PHE G 431 -24.22 -17.50 -4.46
CA PHE G 431 -24.37 -16.04 -4.46
C PHE G 431 -23.81 -15.43 -3.19
N GLY G 432 -24.13 -16.01 -2.04
CA GLY G 432 -23.67 -15.45 -0.78
C GLY G 432 -22.16 -15.55 -0.61
N THR G 433 -21.60 -16.72 -0.90
CA THR G 433 -20.19 -17.00 -0.66
C THR G 433 -19.55 -17.49 -1.96
N SER G 434 -18.86 -16.60 -2.65
CA SER G 434 -18.09 -16.96 -3.83
C SER G 434 -17.18 -15.81 -4.20
N GLN G 435 -15.98 -16.15 -4.68
CA GLN G 435 -15.08 -15.12 -5.18
C GLN G 435 -15.67 -14.37 -6.36
N LEU G 436 -16.65 -14.96 -7.05
CA LEU G 436 -17.20 -14.37 -8.25
C LEU G 436 -18.43 -13.51 -7.98
N SER G 437 -19.19 -13.82 -6.94
CA SER G 437 -20.32 -12.98 -6.51
C SER G 437 -19.74 -11.79 -5.77
N GLN G 438 -19.51 -10.70 -6.48
CA GLN G 438 -18.81 -9.55 -5.93
C GLN G 438 -19.78 -8.41 -5.65
N PHE G 439 -19.55 -7.73 -4.53
CA PHE G 439 -20.29 -6.53 -4.19
C PHE G 439 -20.07 -5.47 -5.25
N MET G 440 -21.14 -5.04 -5.91
CA MET G 440 -21.00 -4.20 -7.09
C MET G 440 -20.29 -2.89 -6.77
N ASP G 441 -19.29 -2.56 -7.61
CA ASP G 441 -18.69 -1.23 -7.62
C ASP G 441 -19.70 -0.22 -8.14
N GLN G 442 -20.08 0.72 -7.29
CA GLN G 442 -21.12 1.69 -7.61
C GLN G 442 -20.70 3.10 -7.25
N ASN G 443 -19.44 3.46 -7.53
CA ASN G 443 -19.03 4.85 -7.34
C ASN G 443 -19.68 5.74 -8.39
N ASN G 444 -19.62 5.32 -9.66
CA ASN G 444 -20.21 6.05 -10.77
C ASN G 444 -20.54 5.05 -11.85
N PRO G 445 -21.45 5.40 -12.77
CA PRO G 445 -21.92 4.40 -13.74
C PRO G 445 -20.82 3.66 -14.47
N LEU G 446 -19.71 4.33 -14.80
CA LEU G 446 -18.64 3.65 -15.52
C LEU G 446 -18.03 2.54 -14.66
N SER G 447 -17.88 2.79 -13.36
CA SER G 447 -17.37 1.76 -12.47
C SER G 447 -18.25 0.51 -12.54
N GLY G 448 -19.57 0.69 -12.46
CA GLY G 448 -20.47 -0.44 -12.55
C GLY G 448 -20.35 -1.17 -13.88
N LEU G 449 -20.31 -0.42 -14.98
CA LEU G 449 -20.20 -1.04 -16.29
C LEU G 449 -18.94 -1.90 -16.37
N THR G 450 -17.79 -1.29 -16.08
CA THR G 450 -16.55 -2.04 -16.11
C THR G 450 -16.63 -3.28 -15.23
N HIS G 451 -17.16 -3.12 -14.01
CA HIS G 451 -17.28 -4.27 -13.11
C HIS G 451 -18.06 -5.40 -13.75
N LYS G 452 -19.14 -5.06 -14.46
CA LYS G 452 -19.91 -6.10 -15.13
C LYS G 452 -19.16 -6.69 -16.32
N ARG G 453 -18.20 -5.97 -16.89
CA ARG G 453 -17.39 -6.49 -17.99
C ARG G 453 -16.00 -6.93 -17.54
N ARG G 454 -15.87 -7.48 -16.34
CA ARG G 454 -14.56 -7.90 -15.86
C ARG G 454 -14.29 -9.36 -16.22
N LEU G 455 -13.01 -9.68 -16.35
CA LEU G 455 -12.53 -11.02 -16.65
C LEU G 455 -11.53 -11.38 -15.57
N SER G 456 -11.93 -12.26 -14.66
CA SER G 456 -11.12 -12.63 -13.51
C SER G 456 -10.46 -13.98 -13.75
N ALA G 457 -9.19 -14.08 -13.35
CA ALA G 457 -8.47 -15.34 -13.40
C ALA G 457 -8.56 -16.11 -12.09
N LEU G 458 -8.81 -15.42 -10.99
CA LEU G 458 -8.90 -16.06 -9.68
C LEU G 458 -10.24 -16.75 -9.51
N GLY G 459 -10.27 -17.71 -8.59
CA GLY G 459 -11.50 -18.39 -8.23
C GLY G 459 -11.40 -19.90 -8.32
N PRO G 460 -12.48 -20.58 -7.97
CA PRO G 460 -12.48 -22.04 -8.04
C PRO G 460 -12.38 -22.54 -9.47
N GLY G 461 -11.56 -23.58 -9.66
CA GLY G 461 -11.29 -24.10 -10.97
C GLY G 461 -10.25 -23.33 -11.77
N GLY G 462 -10.02 -22.06 -11.42
CA GLY G 462 -8.99 -21.27 -12.09
C GLY G 462 -7.62 -21.47 -11.47
N LEU G 463 -7.26 -20.64 -10.49
CA LEU G 463 -5.99 -20.78 -9.81
C LEU G 463 -6.01 -19.91 -8.55
N SER G 464 -5.02 -20.13 -7.69
CA SER G 464 -4.80 -19.33 -6.51
C SER G 464 -3.88 -18.16 -6.84
N ARG G 465 -3.98 -17.09 -6.03
CA ARG G 465 -3.10 -15.95 -6.25
C ARG G 465 -1.65 -16.33 -6.03
N GLU G 466 -1.39 -17.18 -5.04
CA GLU G 466 -0.03 -17.68 -4.80
C GLU G 466 0.47 -18.56 -5.94
N ARG G 467 -0.37 -18.85 -6.92
CA ARG G 467 0.00 -19.73 -8.02
C ARG G 467 -0.18 -18.99 -9.34
N ALA G 468 0.40 -17.79 -9.45
CA ALA G 468 0.24 -16.95 -10.64
C ALA G 468 1.57 -16.24 -10.87
N GLY G 469 2.34 -16.73 -11.84
CA GLY G 469 3.64 -16.19 -12.12
C GLY G 469 3.58 -14.91 -12.93
N LEU G 470 4.76 -14.36 -13.19
CA LEU G 470 4.88 -13.16 -14.02
C LEU G 470 4.38 -13.38 -15.45
N GLU G 471 4.04 -14.62 -15.81
CA GLU G 471 3.64 -14.98 -17.16
C GLU G 471 2.13 -14.98 -17.37
N VAL G 472 1.36 -15.41 -16.37
CA VAL G 472 -0.09 -15.38 -16.50
C VAL G 472 -0.57 -13.94 -16.61
N ARG G 473 0.18 -13.00 -16.04
CA ARG G 473 -0.30 -11.64 -15.81
C ARG G 473 0.03 -10.70 -16.95
N ASP G 474 1.15 -10.90 -17.64
CA ASP G 474 1.54 -9.98 -18.69
C ASP G 474 0.68 -10.18 -19.94
N VAL G 475 0.68 -9.16 -20.80
CA VAL G 475 -0.19 -9.16 -21.97
C VAL G 475 0.21 -10.29 -22.90
N HIS G 476 -0.79 -10.89 -23.55
CA HIS G 476 -0.57 -11.94 -24.53
C HIS G 476 -0.98 -11.46 -25.92
N PRO G 477 -0.26 -11.85 -26.98
CA PRO G 477 -0.64 -11.38 -28.32
C PRO G 477 -2.05 -11.75 -28.75
N SER G 478 -2.69 -12.71 -28.07
CA SER G 478 -4.04 -13.14 -28.44
C SER G 478 -5.12 -12.28 -27.79
N HIS G 479 -4.76 -11.42 -26.84
CA HIS G 479 -5.74 -10.52 -26.24
C HIS G 479 -6.20 -9.43 -27.20
N TYR G 480 -5.60 -9.33 -28.38
CA TYR G 480 -5.96 -8.27 -29.31
C TYR G 480 -7.43 -8.34 -29.66
N GLY G 481 -8.15 -7.25 -29.43
CA GLY G 481 -9.57 -7.18 -29.71
C GLY G 481 -10.45 -7.96 -28.77
N ARG G 482 -9.87 -8.66 -27.78
CA ARG G 482 -10.62 -9.51 -26.85
C ARG G 482 -10.54 -8.99 -25.43
N MET G 483 -9.35 -8.97 -24.84
CA MET G 483 -9.15 -8.37 -23.54
C MET G 483 -8.26 -7.15 -23.66
N CYS G 484 -8.51 -6.16 -22.81
CA CYS G 484 -7.76 -4.92 -22.86
C CYS G 484 -6.41 -5.10 -22.17
N PRO G 485 -5.31 -4.66 -22.78
CA PRO G 485 -4.01 -4.73 -22.12
C PRO G 485 -3.71 -3.54 -21.22
N ILE G 486 -4.64 -2.61 -21.08
CA ILE G 486 -4.43 -1.42 -20.27
C ILE G 486 -5.13 -1.58 -18.94
N GLU G 487 -6.45 -1.71 -18.98
CA GLU G 487 -7.24 -1.70 -17.75
C GLU G 487 -6.98 -2.96 -16.95
N THR G 488 -6.23 -2.81 -15.85
CA THR G 488 -5.91 -3.90 -14.94
C THR G 488 -5.40 -3.28 -13.66
N PRO G 489 -5.74 -3.81 -12.49
CA PRO G 489 -5.23 -3.24 -11.25
C PRO G 489 -3.71 -3.23 -11.23
N GLU G 490 -3.15 -2.30 -10.47
CA GLU G 490 -1.71 -2.23 -10.26
C GLU G 490 -1.29 -2.81 -8.91
N GLY G 491 -2.24 -3.21 -8.07
CA GLY G 491 -1.92 -3.85 -6.82
C GLY G 491 -1.47 -5.28 -7.01
N PRO G 492 -1.74 -6.14 -6.03
CA PRO G 492 -1.33 -7.55 -6.16
C PRO G 492 -2.16 -8.34 -7.16
N ASN G 493 -3.21 -7.75 -7.73
CA ASN G 493 -4.08 -8.45 -8.68
C ASN G 493 -3.78 -8.04 -10.12
N ILE G 494 -2.61 -7.47 -10.38
CA ILE G 494 -2.30 -6.98 -11.72
C ILE G 494 -2.21 -8.16 -12.68
N GLY G 495 -2.84 -8.00 -13.87
CA GLY G 495 -2.87 -9.03 -14.87
C GLY G 495 -3.88 -10.13 -14.63
N LEU G 496 -4.28 -10.36 -13.38
CA LEU G 496 -5.26 -11.38 -13.06
C LEU G 496 -6.69 -10.92 -13.37
N ILE G 497 -6.91 -9.62 -13.52
CA ILE G 497 -8.23 -9.06 -13.73
C ILE G 497 -8.13 -8.11 -14.92
N GLY G 498 -8.71 -8.51 -16.05
CA GLY G 498 -8.78 -7.66 -17.22
C GLY G 498 -10.20 -7.15 -17.42
N SER G 499 -10.33 -6.25 -18.39
CA SER G 499 -11.64 -5.80 -18.84
C SER G 499 -11.85 -6.26 -20.27
N LEU G 500 -13.09 -6.57 -20.60
CA LEU G 500 -13.41 -7.04 -21.94
C LEU G 500 -13.25 -5.91 -22.96
N SER G 501 -12.63 -6.24 -24.09
CA SER G 501 -12.49 -5.26 -25.16
C SER G 501 -13.87 -4.79 -25.62
N VAL G 502 -13.87 -3.68 -26.36
CA VAL G 502 -15.13 -3.01 -26.69
C VAL G 502 -15.99 -3.89 -27.58
N TYR G 503 -15.45 -4.33 -28.71
CA TYR G 503 -16.21 -5.10 -29.68
C TYR G 503 -16.19 -6.60 -29.39
N ALA G 504 -15.60 -7.02 -28.27
CA ALA G 504 -15.52 -8.44 -27.96
C ALA G 504 -16.88 -8.99 -27.56
N ARG G 505 -17.12 -10.25 -27.94
CA ARG G 505 -18.30 -11.00 -27.51
C ARG G 505 -17.84 -12.40 -27.13
N VAL G 506 -18.74 -13.15 -26.51
CA VAL G 506 -18.48 -14.51 -26.08
C VAL G 506 -19.29 -15.45 -26.97
N ASN G 507 -18.65 -16.53 -27.43
CA ASN G 507 -19.34 -17.56 -28.17
C ASN G 507 -19.88 -18.63 -27.23
N PRO G 508 -20.82 -19.46 -27.70
CA PRO G 508 -21.41 -20.46 -26.80
C PRO G 508 -20.41 -21.45 -26.23
N PHE G 509 -19.24 -21.59 -26.85
CA PHE G 509 -18.22 -22.48 -26.29
C PHE G 509 -17.45 -21.83 -25.15
N GLY G 510 -17.43 -20.50 -25.07
CA GLY G 510 -16.77 -19.79 -23.99
C GLY G 510 -15.60 -18.92 -24.42
N PHE G 511 -15.10 -19.07 -25.64
CA PHE G 511 -14.00 -18.23 -26.10
C PHE G 511 -14.52 -16.87 -26.56
N ILE G 512 -13.62 -15.90 -26.56
CA ILE G 512 -13.97 -14.51 -26.80
C ILE G 512 -13.71 -14.21 -28.28
N GLU G 513 -14.79 -13.96 -29.02
CA GLU G 513 -14.69 -13.64 -30.43
C GLU G 513 -14.58 -12.14 -30.62
N THR G 514 -13.89 -11.73 -31.68
CA THR G 514 -13.79 -10.33 -32.04
C THR G 514 -14.06 -10.17 -33.53
N PRO G 515 -14.59 -9.02 -33.95
CA PRO G 515 -14.97 -8.86 -35.36
C PRO G 515 -13.80 -8.42 -36.23
N TYR G 516 -13.85 -8.85 -37.48
CA TYR G 516 -12.87 -8.44 -38.48
C TYR G 516 -13.57 -8.29 -39.83
N ARG G 517 -13.06 -7.35 -40.63
CA ARG G 517 -13.58 -7.12 -41.97
C ARG G 517 -12.85 -8.00 -42.96
N LYS G 518 -13.60 -8.74 -43.77
CA LYS G 518 -13.02 -9.67 -44.73
C LYS G 518 -12.48 -8.92 -45.94
N VAL G 519 -11.23 -9.19 -46.30
CA VAL G 519 -10.60 -8.61 -47.47
C VAL G 519 -10.57 -9.67 -48.57
N VAL G 520 -11.27 -9.41 -49.67
CA VAL G 520 -11.42 -10.38 -50.74
C VAL G 520 -10.14 -10.45 -51.57
N ASP G 521 -9.93 -9.44 -52.43
CA ASP G 521 -8.79 -9.42 -53.34
C ASP G 521 -8.10 -8.06 -53.21
N GLY G 522 -7.42 -7.85 -52.09
CA GLY G 522 -6.90 -6.53 -51.80
C GLY G 522 -7.97 -5.47 -51.68
N VAL G 523 -9.21 -5.89 -51.45
CA VAL G 523 -10.36 -4.99 -51.38
C VAL G 523 -11.01 -5.16 -50.02
N VAL G 524 -11.19 -4.05 -49.30
CA VAL G 524 -11.82 -4.08 -47.99
C VAL G 524 -13.32 -4.25 -48.18
N SER G 525 -13.90 -5.19 -47.45
CA SER G 525 -15.33 -5.48 -47.53
C SER G 525 -16.02 -5.04 -46.24
N ASP G 526 -17.30 -4.70 -46.37
CA ASP G 526 -18.14 -4.44 -45.20
C ASP G 526 -18.62 -5.73 -44.54
N GLU G 527 -18.29 -6.90 -45.12
CA GLU G 527 -18.60 -8.17 -44.48
C GLU G 527 -17.77 -8.31 -43.21
N ILE G 528 -18.44 -8.54 -42.08
CA ILE G 528 -17.79 -8.62 -40.79
C ILE G 528 -18.00 -10.03 -40.24
N VAL G 529 -16.91 -10.71 -39.93
CA VAL G 529 -16.97 -12.05 -39.36
C VAL G 529 -16.26 -12.03 -38.01
N TYR G 530 -16.82 -12.76 -37.06
CA TYR G 530 -16.23 -12.87 -35.72
C TYR G 530 -15.31 -14.06 -35.68
N LEU G 531 -14.11 -13.86 -35.15
CA LEU G 531 -13.12 -14.92 -35.06
C LEU G 531 -12.68 -15.12 -33.62
N THR G 532 -12.35 -16.37 -33.30
CA THR G 532 -11.78 -16.71 -32.01
C THR G 532 -10.27 -16.44 -32.06
N ALA G 533 -9.52 -16.89 -31.06
CA ALA G 533 -8.08 -16.68 -31.05
C ALA G 533 -7.40 -17.62 -32.05
N ASP G 534 -7.63 -18.93 -31.91
CA ASP G 534 -7.00 -19.88 -32.82
C ASP G 534 -7.50 -19.72 -34.25
N GLU G 535 -8.76 -19.31 -34.43
CA GLU G 535 -9.26 -19.01 -35.76
C GLU G 535 -8.53 -17.81 -36.35
N GLU G 536 -8.30 -16.79 -35.55
CA GLU G 536 -7.60 -15.60 -36.03
C GLU G 536 -6.17 -15.93 -36.42
N ASP G 537 -5.49 -16.79 -35.65
CA ASP G 537 -4.10 -17.11 -35.96
C ASP G 537 -3.95 -17.79 -37.31
N ARG G 538 -5.00 -18.42 -37.83
CA ARG G 538 -4.92 -19.10 -39.12
C ARG G 538 -5.03 -18.15 -40.31
N HIS G 539 -5.08 -16.84 -40.07
CA HIS G 539 -5.08 -15.85 -41.15
C HIS G 539 -4.13 -14.74 -40.75
N VAL G 540 -4.11 -13.68 -41.57
CA VAL G 540 -3.32 -12.47 -41.30
C VAL G 540 -4.25 -11.27 -41.41
N VAL G 541 -4.18 -10.37 -40.43
CA VAL G 541 -5.07 -9.22 -40.37
C VAL G 541 -4.24 -7.94 -40.37
N ALA G 542 -4.82 -6.90 -40.96
CA ALA G 542 -4.16 -5.61 -41.10
C ALA G 542 -4.60 -4.67 -39.99
N GLN G 543 -3.69 -3.78 -39.59
CA GLN G 543 -4.01 -2.80 -38.58
C GLN G 543 -5.12 -1.87 -39.07
N ALA G 544 -5.96 -1.43 -38.14
CA ALA G 544 -7.13 -0.64 -38.49
C ALA G 544 -6.76 0.56 -39.36
N ASN G 545 -5.74 1.30 -38.93
CA ASN G 545 -5.39 2.55 -39.61
C ASN G 545 -4.48 2.28 -40.81
N SER G 546 -4.95 1.43 -41.73
CA SER G 546 -4.26 1.27 -43.00
C SER G 546 -4.90 2.17 -44.06
N PRO G 547 -4.13 2.82 -44.92
CA PRO G 547 -4.76 3.67 -45.96
C PRO G 547 -5.55 2.82 -46.95
N ILE G 548 -6.81 3.18 -47.14
CA ILE G 548 -7.74 2.41 -47.96
C ILE G 548 -8.32 3.31 -49.03
N ASP G 549 -8.55 2.75 -50.21
CA ASP G 549 -9.21 3.47 -51.29
C ASP G 549 -10.69 3.65 -50.98
N ALA G 550 -11.28 4.68 -51.60
CA ALA G 550 -12.72 4.88 -51.46
C ALA G 550 -13.52 3.71 -52.01
N ASP G 551 -12.93 2.91 -52.88
CA ASP G 551 -13.55 1.67 -53.34
C ASP G 551 -13.26 0.50 -52.41
N GLY G 552 -12.02 0.40 -51.93
CA GLY G 552 -11.65 -0.66 -51.00
C GLY G 552 -10.22 -1.13 -51.14
N ARG G 553 -9.56 -0.74 -52.22
CA ARG G 553 -8.20 -1.21 -52.47
C ARG G 553 -7.20 -0.46 -51.59
N PHE G 554 -6.17 -1.19 -51.14
CA PHE G 554 -5.14 -0.59 -50.31
C PHE G 554 -4.24 0.32 -51.14
N VAL G 555 -3.94 1.49 -50.58
CA VAL G 555 -3.08 2.44 -51.28
C VAL G 555 -1.65 1.90 -51.35
N GLU G 556 -1.07 1.57 -50.19
CA GLU G 556 0.31 1.10 -50.23
C GLU G 556 0.36 -0.42 -50.42
N PRO G 557 1.28 -0.92 -51.24
CA PRO G 557 1.42 -2.38 -51.36
C PRO G 557 1.75 -3.05 -50.03
N ARG G 558 2.73 -2.52 -49.29
CA ARG G 558 3.05 -3.07 -47.99
C ARG G 558 2.09 -2.52 -46.95
N VAL G 559 1.59 -3.40 -46.08
CA VAL G 559 0.75 -2.96 -44.97
C VAL G 559 1.20 -3.69 -43.71
N LEU G 560 1.04 -2.99 -42.58
CA LEU G 560 1.28 -3.60 -41.28
C LEU G 560 0.29 -4.75 -41.08
N VAL G 561 0.78 -5.86 -40.53
CA VAL G 561 -0.03 -7.06 -40.41
C VAL G 561 0.42 -7.84 -39.18
N ARG G 562 -0.57 -8.35 -38.47
CA ARG G 562 -0.36 -9.27 -37.37
C ARG G 562 -0.50 -10.70 -37.89
N ARG G 563 0.38 -11.57 -37.40
CA ARG G 563 0.56 -12.91 -37.91
C ARG G 563 0.67 -13.85 -36.73
N LYS G 564 0.38 -15.12 -36.97
CA LYS G 564 0.39 -16.16 -35.95
C LYS G 564 1.52 -15.98 -34.95
N ALA G 565 1.29 -16.42 -33.71
CA ALA G 565 2.28 -16.35 -32.63
C ALA G 565 2.62 -14.91 -32.25
N GLY G 566 1.72 -13.97 -32.56
CA GLY G 566 1.96 -12.59 -32.21
C GLY G 566 3.17 -11.99 -32.90
N GLU G 567 3.25 -12.15 -34.21
CA GLU G 567 4.35 -11.61 -35.01
C GLU G 567 3.83 -10.43 -35.83
N VAL G 568 4.47 -9.27 -35.71
CA VAL G 568 4.06 -8.08 -36.44
C VAL G 568 5.07 -7.82 -37.53
N GLU G 569 4.60 -7.64 -38.76
CA GLU G 569 5.50 -7.30 -39.85
C GLU G 569 4.69 -6.76 -41.02
N TYR G 570 5.41 -6.16 -41.98
CA TYR G 570 4.77 -5.70 -43.20
C TYR G 570 4.58 -6.88 -44.15
N VAL G 571 3.57 -6.76 -45.00
CA VAL G 571 3.25 -7.84 -45.94
C VAL G 571 2.58 -7.22 -47.16
N PRO G 572 2.68 -7.84 -48.35
CA PRO G 572 2.02 -7.26 -49.52
C PRO G 572 0.51 -7.14 -49.35
N SER G 573 -0.06 -6.19 -50.09
CA SER G 573 -1.50 -5.95 -50.04
C SER G 573 -2.28 -7.17 -50.49
N SER G 574 -1.72 -7.98 -51.39
CA SER G 574 -2.40 -9.17 -51.87
C SER G 574 -2.38 -10.31 -50.86
N GLU G 575 -1.82 -10.10 -49.68
CA GLU G 575 -1.73 -11.14 -48.65
C GLU G 575 -2.76 -10.95 -47.54
N VAL G 576 -3.35 -9.76 -47.42
CA VAL G 576 -4.24 -9.46 -46.31
C VAL G 576 -5.54 -10.26 -46.47
N ASP G 577 -5.89 -11.04 -45.45
CA ASP G 577 -7.14 -11.78 -45.44
C ASP G 577 -8.27 -10.96 -44.82
N TYR G 578 -8.06 -10.46 -43.60
CA TYR G 578 -9.01 -9.59 -42.92
C TYR G 578 -8.28 -8.34 -42.42
N MET G 579 -9.04 -7.42 -41.84
CA MET G 579 -8.45 -6.25 -41.19
C MET G 579 -9.32 -5.86 -40.01
N ASP G 580 -8.76 -5.03 -39.14
CA ASP G 580 -9.44 -4.63 -37.93
C ASP G 580 -10.70 -3.84 -38.25
N VAL G 581 -11.65 -3.90 -37.33
CA VAL G 581 -12.91 -3.17 -37.50
C VAL G 581 -12.68 -1.68 -37.23
N SER G 582 -12.27 -1.35 -36.01
CA SER G 582 -12.04 0.02 -35.61
C SER G 582 -10.66 0.13 -34.96
N PRO G 583 -10.06 1.32 -34.99
CA PRO G 583 -8.77 1.48 -34.29
C PRO G 583 -8.86 1.14 -32.81
N ARG G 584 -9.96 1.51 -32.16
CA ARG G 584 -10.12 1.30 -30.74
C ARG G 584 -10.61 -0.10 -30.42
N GLN G 585 -10.26 -1.07 -31.27
CA GLN G 585 -10.78 -2.43 -31.10
C GLN G 585 -10.15 -3.16 -29.94
N MET G 586 -8.93 -2.80 -29.56
CA MET G 586 -8.19 -3.53 -28.55
C MET G 586 -8.40 -3.04 -27.14
N VAL G 587 -8.99 -1.86 -26.96
CA VAL G 587 -9.02 -1.19 -25.67
C VAL G 587 -10.33 -1.51 -24.96
N SER G 588 -10.40 -1.13 -23.68
CA SER G 588 -11.61 -1.30 -22.88
C SER G 588 -12.52 -0.10 -23.03
N VAL G 589 -13.73 -0.22 -22.48
CA VAL G 589 -14.66 0.91 -22.46
C VAL G 589 -14.00 2.11 -21.83
N ALA G 590 -13.52 1.94 -20.59
CA ALA G 590 -12.83 3.03 -19.89
C ALA G 590 -11.67 3.56 -20.70
N THR G 591 -10.79 2.66 -21.16
CA THR G 591 -9.60 3.08 -21.90
C THR G 591 -9.98 3.94 -23.10
N ALA G 592 -11.02 3.53 -23.84
CA ALA G 592 -11.44 4.30 -25.01
C ALA G 592 -11.97 5.67 -24.64
N MET G 593 -12.12 5.99 -23.36
CA MET G 593 -12.59 7.29 -22.92
C MET G 593 -11.46 8.25 -22.59
N ILE G 594 -10.23 7.93 -22.99
CA ILE G 594 -9.05 8.76 -22.74
C ILE G 594 -8.74 9.51 -24.03
N PRO G 595 -8.93 10.82 -24.09
CA PRO G 595 -8.56 11.55 -25.31
C PRO G 595 -7.05 11.59 -25.48
N PHE G 596 -6.61 11.61 -26.74
CA PHE G 596 -5.19 11.55 -27.06
C PHE G 596 -4.52 10.39 -26.32
N LEU G 597 -5.21 9.26 -26.23
CA LEU G 597 -4.63 8.10 -25.57
C LEU G 597 -3.33 7.68 -26.24
N GLU G 598 -3.24 7.84 -27.55
CA GLU G 598 -2.08 7.38 -28.31
C GLU G 598 -0.81 8.13 -27.92
N HIS G 599 -0.92 9.13 -27.04
CA HIS G 599 0.23 9.90 -26.61
C HIS G 599 0.59 9.69 -25.15
N ASP G 600 -0.09 8.80 -24.46
CA ASP G 600 0.16 8.52 -23.05
C ASP G 600 0.86 7.18 -22.90
N ASP G 601 1.71 7.07 -21.88
CA ASP G 601 2.40 5.81 -21.62
C ASP G 601 1.49 4.86 -20.87
N ALA G 602 1.69 3.56 -21.13
CA ALA G 602 0.78 2.55 -20.61
C ALA G 602 0.57 2.67 -19.10
N ASN G 603 1.58 3.13 -18.37
CA ASN G 603 1.46 3.24 -16.91
C ASN G 603 0.47 4.33 -16.53
N ARG G 604 0.68 5.55 -17.03
CA ARG G 604 -0.26 6.63 -16.73
C ARG G 604 -1.61 6.37 -17.37
N ALA G 605 -1.65 5.67 -18.50
CA ALA G 605 -2.94 5.34 -19.12
C ALA G 605 -3.71 4.35 -18.26
N LEU G 606 -3.02 3.32 -17.75
CA LEU G 606 -3.66 2.42 -16.80
C LEU G 606 -4.19 3.19 -15.61
N MET G 607 -3.38 4.08 -15.03
CA MET G 607 -3.84 4.84 -13.89
C MET G 607 -5.07 5.66 -14.26
N GLY G 608 -5.10 6.24 -15.46
CA GLY G 608 -6.26 7.04 -15.85
C GLY G 608 -7.51 6.22 -16.00
N ALA G 609 -7.39 5.07 -16.67
CA ALA G 609 -8.55 4.20 -16.86
C ALA G 609 -9.04 3.64 -15.53
N ASN G 610 -8.13 3.45 -14.57
CA ASN G 610 -8.53 2.92 -13.27
C ASN G 610 -9.13 3.99 -12.38
N MET G 611 -8.69 5.24 -12.53
CA MET G 611 -9.21 6.33 -11.71
C MET G 611 -10.50 6.92 -12.24
N GLN G 612 -10.76 6.80 -13.55
CA GLN G 612 -12.08 7.15 -14.05
C GLN G 612 -13.17 6.40 -13.31
N ARG G 613 -12.88 5.16 -12.88
CA ARG G 613 -13.83 4.37 -12.12
C ARG G 613 -13.93 4.79 -10.66
N GLN G 614 -13.08 5.71 -10.22
CA GLN G 614 -13.15 6.27 -8.88
C GLN G 614 -13.72 7.68 -8.86
N ALA G 615 -14.20 8.17 -10.00
CA ALA G 615 -14.85 9.47 -10.04
C ALA G 615 -16.05 9.47 -9.10
N VAL G 616 -16.28 10.60 -8.45
CA VAL G 616 -17.39 10.78 -7.52
C VAL G 616 -18.48 11.57 -8.23
N PRO G 617 -19.72 11.11 -8.24
CA PRO G 617 -20.78 11.89 -8.89
C PRO G 617 -20.95 13.24 -8.21
N LEU G 618 -20.88 14.29 -9.01
CA LEU G 618 -20.98 15.64 -8.51
C LEU G 618 -22.44 16.05 -8.40
N VAL G 619 -22.68 17.12 -7.62
CA VAL G 619 -24.04 17.65 -7.51
C VAL G 619 -24.64 17.85 -8.89
N ARG G 620 -24.01 18.70 -9.69
CA ARG G 620 -24.38 18.91 -11.07
C ARG G 620 -23.23 18.44 -11.96
N SER G 621 -23.57 17.82 -13.08
CA SER G 621 -22.59 17.15 -13.93
C SER G 621 -22.45 17.89 -15.25
N GLU G 622 -21.21 18.12 -15.66
CA GLU G 622 -20.89 18.74 -16.93
C GLU G 622 -20.16 17.74 -17.81
N ALA G 623 -20.67 17.52 -19.02
CA ALA G 623 -19.95 16.70 -19.98
C ALA G 623 -18.65 17.39 -20.37
N PRO G 624 -17.63 16.62 -20.74
CA PRO G 624 -16.34 17.23 -21.10
C PRO G 624 -16.36 17.89 -22.45
N LEU G 625 -15.62 18.99 -22.57
CA LEU G 625 -15.41 19.62 -23.87
C LEU G 625 -14.69 18.68 -24.82
N VAL G 626 -13.60 18.08 -24.36
CA VAL G 626 -12.80 17.17 -25.16
C VAL G 626 -13.22 15.75 -24.80
N GLY G 627 -13.88 15.07 -25.73
CA GLY G 627 -14.31 13.70 -25.51
C GLY G 627 -13.68 12.73 -26.49
N THR G 628 -14.17 11.49 -26.49
CA THR G 628 -13.64 10.46 -27.38
C THR G 628 -14.72 9.71 -28.14
N GLY G 629 -16.00 10.03 -27.92
CA GLY G 629 -17.11 9.35 -28.54
C GLY G 629 -17.70 8.25 -27.69
N MET G 630 -16.90 7.65 -26.81
CA MET G 630 -17.37 6.54 -25.98
C MET G 630 -18.27 6.97 -24.83
N GLU G 631 -18.29 8.27 -24.51
CA GLU G 631 -19.05 8.73 -23.35
C GLU G 631 -20.52 8.41 -23.49
N LEU G 632 -21.08 8.66 -24.68
CA LEU G 632 -22.50 8.43 -24.91
C LEU G 632 -22.88 6.99 -24.60
N ARG G 633 -22.31 6.04 -25.33
CA ARG G 633 -22.71 4.65 -25.18
C ARG G 633 -22.30 4.08 -23.83
N ALA G 634 -21.18 4.54 -23.27
CA ALA G 634 -20.84 4.17 -21.91
C ALA G 634 -21.98 4.53 -20.96
N ALA G 635 -22.40 5.79 -20.98
CA ALA G 635 -23.48 6.22 -20.10
C ALA G 635 -24.74 5.40 -20.33
N ILE G 636 -25.18 5.30 -21.59
CA ILE G 636 -26.45 4.65 -21.87
C ILE G 636 -26.40 3.18 -21.45
N ASP G 637 -25.42 2.43 -21.98
CA ASP G 637 -25.31 1.01 -21.66
C ASP G 637 -25.09 0.76 -20.18
N ALA G 638 -24.54 1.74 -19.45
CA ALA G 638 -24.32 1.55 -18.01
C ALA G 638 -25.63 1.33 -17.28
N GLY G 639 -26.73 1.88 -17.80
CA GLY G 639 -28.04 1.60 -17.26
C GLY G 639 -28.50 2.53 -16.16
N ASP G 640 -27.64 3.45 -15.69
CA ASP G 640 -28.01 4.40 -14.67
C ASP G 640 -28.66 5.65 -15.24
N VAL G 641 -29.05 5.64 -16.52
CA VAL G 641 -29.84 6.70 -17.10
C VAL G 641 -31.20 6.13 -17.44
N VAL G 642 -32.09 6.96 -17.99
CA VAL G 642 -33.46 6.54 -18.31
C VAL G 642 -33.66 6.77 -19.79
N VAL G 643 -33.81 5.68 -20.55
CA VAL G 643 -34.03 5.73 -21.98
C VAL G 643 -35.47 5.31 -22.26
N ALA G 644 -36.04 5.90 -23.31
CA ALA G 644 -37.41 5.60 -23.69
C ALA G 644 -37.46 4.28 -24.46
N GLU G 645 -38.29 3.35 -23.98
CA GLU G 645 -38.42 2.05 -24.65
C GLU G 645 -39.10 2.20 -26.00
N GLU G 646 -40.16 3.00 -26.07
CA GLU G 646 -40.94 3.17 -27.28
C GLU G 646 -41.15 4.66 -27.54
N SER G 647 -41.25 5.01 -28.82
CA SER G 647 -41.38 6.41 -29.20
C SER G 647 -42.77 6.94 -28.81
N GLY G 648 -42.84 8.25 -28.63
CA GLY G 648 -44.09 8.89 -28.28
C GLY G 648 -43.88 10.36 -27.97
N VAL G 649 -44.71 10.87 -27.05
CA VAL G 649 -44.59 12.22 -26.56
C VAL G 649 -44.71 12.18 -25.04
N ILE G 650 -44.22 13.24 -24.40
CA ILE G 650 -44.20 13.34 -22.94
C ILE G 650 -45.54 13.92 -22.49
N GLU G 651 -46.36 13.09 -21.84
CA GLU G 651 -47.66 13.55 -21.36
C GLU G 651 -47.50 14.46 -20.15
N GLU G 652 -46.81 13.97 -19.10
CA GLU G 652 -46.65 14.73 -17.88
C GLU G 652 -45.28 14.42 -17.28
N VAL G 653 -44.52 15.46 -16.98
CA VAL G 653 -43.17 15.33 -16.47
C VAL G 653 -43.08 16.03 -15.11
N SER G 654 -42.56 15.32 -14.12
CA SER G 654 -42.31 15.86 -12.80
C SER G 654 -40.91 15.46 -12.36
N ALA G 655 -40.41 16.13 -11.32
CA ALA G 655 -39.16 15.72 -10.71
C ALA G 655 -39.24 14.30 -10.17
N ASP G 656 -40.45 13.80 -9.95
CA ASP G 656 -40.66 12.45 -9.42
C ASP G 656 -40.70 11.40 -10.54
N TYR G 657 -41.47 11.65 -11.60
CA TYR G 657 -41.63 10.67 -12.66
C TYR G 657 -41.82 11.37 -13.99
N ILE G 658 -41.74 10.58 -15.07
CA ILE G 658 -41.94 11.04 -16.44
C ILE G 658 -42.87 10.06 -17.12
N THR G 659 -44.01 10.53 -17.62
CA THR G 659 -44.96 9.69 -18.32
C THR G 659 -44.87 9.96 -19.82
N VAL G 660 -44.81 8.88 -20.60
CA VAL G 660 -44.69 8.95 -22.05
C VAL G 660 -45.95 8.36 -22.64
N MET G 661 -46.65 9.15 -23.46
CA MET G 661 -47.83 8.71 -24.19
C MET G 661 -47.38 8.25 -25.57
N HIS G 662 -47.36 6.93 -25.77
CA HIS G 662 -46.89 6.38 -27.03
C HIS G 662 -47.81 6.81 -28.18
N ASP G 663 -47.38 6.48 -29.40
CA ASP G 663 -48.18 6.83 -30.57
C ASP G 663 -49.41 5.94 -30.69
N ASN G 664 -49.27 4.65 -30.34
CA ASN G 664 -50.39 3.72 -30.45
C ASN G 664 -51.49 4.03 -29.43
N GLY G 665 -51.12 4.54 -28.27
CA GLY G 665 -52.10 4.91 -27.27
C GLY G 665 -51.74 4.51 -25.86
N THR G 666 -50.75 3.63 -25.71
CA THR G 666 -50.34 3.20 -24.38
C THR G 666 -49.47 4.26 -23.72
N ARG G 667 -49.39 4.17 -22.40
CA ARG G 667 -48.56 5.06 -21.59
C ARG G 667 -47.56 4.24 -20.78
N ARG G 668 -46.32 4.70 -20.72
CA ARG G 668 -45.34 4.13 -19.82
C ARG G 668 -44.75 5.24 -18.96
N THR G 669 -44.65 4.99 -17.66
CA THR G 669 -44.13 5.97 -16.71
C THR G 669 -42.81 5.46 -16.16
N TYR G 670 -41.76 6.27 -16.33
CA TYR G 670 -40.44 6.01 -15.76
C TYR G 670 -40.31 6.83 -14.49
N ARG G 671 -40.05 6.16 -13.36
CA ARG G 671 -39.84 6.85 -12.10
C ARG G 671 -38.35 7.15 -11.93
N MET G 672 -38.05 8.38 -11.51
CA MET G 672 -36.67 8.78 -11.28
C MET G 672 -36.21 8.27 -9.93
N ARG G 673 -34.95 7.85 -9.86
CA ARG G 673 -34.31 7.47 -8.61
C ARG G 673 -33.64 8.70 -8.02
N LYS G 674 -34.17 9.20 -6.91
CA LYS G 674 -33.80 10.50 -6.37
C LYS G 674 -33.09 10.34 -5.04
N PHE G 675 -31.82 10.78 -5.00
CA PHE G 675 -31.04 10.81 -3.77
C PHE G 675 -30.95 9.42 -3.14
N ALA G 676 -30.62 8.44 -3.97
CA ALA G 676 -30.46 7.06 -3.51
C ALA G 676 -29.01 6.81 -3.11
N ARG G 677 -28.82 6.00 -2.07
CA ARG G 677 -27.48 5.70 -1.58
C ARG G 677 -26.86 4.61 -2.45
N SER G 678 -25.73 4.93 -3.08
CA SER G 678 -25.00 3.94 -3.83
C SER G 678 -24.30 2.96 -2.88
N ASN G 679 -23.81 1.86 -3.45
CA ASN G 679 -23.08 0.90 -2.65
C ASN G 679 -21.90 1.56 -1.94
N HIS G 680 -21.35 2.63 -2.52
CA HIS G 680 -20.15 3.27 -2.00
C HIS G 680 -20.43 4.69 -1.55
N GLY G 681 -21.61 4.94 -1.01
CA GLY G 681 -21.93 6.23 -0.43
C GLY G 681 -21.97 7.39 -1.41
N THR G 682 -21.80 7.14 -2.70
CA THR G 682 -22.02 8.19 -3.69
C THR G 682 -23.51 8.34 -3.96
N CYS G 683 -23.90 9.49 -4.47
CA CYS G 683 -25.30 9.84 -4.63
C CYS G 683 -25.75 9.56 -6.06
N ALA G 684 -26.68 8.62 -6.21
CA ALA G 684 -27.33 8.36 -7.48
C ALA G 684 -28.63 9.15 -7.55
N ASN G 685 -28.71 10.07 -8.49
CA ASN G 685 -29.85 10.99 -8.58
C ASN G 685 -30.12 11.28 -10.04
N GLN G 686 -31.26 10.82 -10.56
CA GLN G 686 -31.65 11.01 -11.94
C GLN G 686 -32.56 12.23 -12.05
N CYS G 687 -32.37 13.02 -13.11
CA CYS G 687 -33.19 14.18 -13.37
C CYS G 687 -33.76 14.11 -14.79
N PRO G 688 -35.02 14.49 -14.97
CA PRO G 688 -35.58 14.56 -16.32
C PRO G 688 -34.80 15.53 -17.20
N ILE G 689 -34.73 15.20 -18.48
CA ILE G 689 -34.12 16.05 -19.50
C ILE G 689 -35.18 16.70 -20.37
N VAL G 690 -36.11 15.91 -20.87
CA VAL G 690 -37.19 16.40 -21.73
C VAL G 690 -38.17 17.21 -20.88
N ASP G 691 -39.05 17.95 -21.55
CA ASP G 691 -40.07 18.77 -20.90
C ASP G 691 -41.44 18.27 -21.32
N ALA G 692 -42.47 18.91 -20.79
CA ALA G 692 -43.84 18.50 -21.08
C ALA G 692 -44.15 18.71 -22.56
N GLY G 693 -44.78 17.72 -23.17
CA GLY G 693 -45.18 17.83 -24.56
C GLY G 693 -44.04 17.82 -25.55
N ASP G 694 -42.99 17.06 -25.27
CA ASP G 694 -41.84 16.94 -26.17
C ASP G 694 -41.91 15.62 -26.92
N ARG G 695 -41.73 15.69 -28.24
CA ARG G 695 -41.62 14.49 -29.04
C ARG G 695 -40.27 13.84 -28.80
N VAL G 696 -40.28 12.54 -28.51
CA VAL G 696 -39.07 11.79 -28.23
C VAL G 696 -39.12 10.47 -28.99
N GLU G 697 -37.99 10.10 -29.60
CA GLU G 697 -37.90 8.87 -30.35
C GLU G 697 -37.51 7.70 -29.45
N ALA G 698 -37.65 6.49 -29.99
CA ALA G 698 -37.34 5.28 -29.23
C ALA G 698 -35.84 5.18 -28.99
N GLY G 699 -35.46 4.89 -27.76
CA GLY G 699 -34.06 4.74 -27.40
C GLY G 699 -33.37 6.02 -26.99
N GLN G 700 -34.06 7.16 -27.02
CA GLN G 700 -33.46 8.42 -26.62
C GLN G 700 -33.43 8.54 -25.10
N VAL G 701 -32.42 9.23 -24.61
CA VAL G 701 -32.27 9.47 -23.17
C VAL G 701 -33.25 10.58 -22.77
N ILE G 702 -34.21 10.23 -21.91
CA ILE G 702 -35.18 11.19 -21.40
C ILE G 702 -34.83 11.68 -20.01
N ALA G 703 -33.81 11.10 -19.38
CA ALA G 703 -33.39 11.51 -18.04
C ALA G 703 -32.08 10.82 -17.71
N ASP G 704 -31.06 11.57 -17.35
CA ASP G 704 -29.74 11.03 -17.07
C ASP G 704 -29.45 11.10 -15.58
N GLY G 705 -28.51 10.25 -15.15
CA GLY G 705 -28.23 10.07 -13.75
C GLY G 705 -26.91 10.66 -13.34
N PRO G 706 -26.27 10.07 -12.33
CA PRO G 706 -25.00 10.62 -11.85
C PRO G 706 -23.90 10.51 -12.89
N CYS G 707 -23.06 11.54 -12.94
CA CYS G 707 -21.96 11.58 -13.90
C CYS G 707 -22.47 11.46 -15.33
N THR G 708 -23.56 12.17 -15.63
CA THR G 708 -24.14 12.15 -16.96
C THR G 708 -24.67 13.52 -17.32
N ASP G 709 -24.58 13.85 -18.61
CA ASP G 709 -25.07 15.13 -19.12
C ASP G 709 -25.59 14.90 -20.52
N ASP G 710 -26.91 15.03 -20.69
CA ASP G 710 -27.56 14.77 -21.97
C ASP G 710 -27.16 13.41 -22.53
N GLY G 711 -26.88 12.46 -21.63
CA GLY G 711 -26.62 11.09 -22.04
C GLY G 711 -25.16 10.74 -22.23
N GLU G 712 -24.23 11.61 -21.82
CA GLU G 712 -22.81 11.35 -21.95
C GLU G 712 -22.16 11.30 -20.58
N MET G 713 -21.14 10.46 -20.44
CA MET G 713 -20.45 10.28 -19.16
C MET G 713 -19.75 11.58 -18.77
N ALA G 714 -20.20 12.19 -17.68
CA ALA G 714 -19.64 13.45 -17.17
C ALA G 714 -18.99 13.16 -15.82
N LEU G 715 -17.82 12.53 -15.86
CA LEU G 715 -17.13 12.10 -14.65
C LEU G 715 -16.49 13.25 -13.90
N GLY G 716 -16.40 14.43 -14.49
CA GLY G 716 -15.73 15.55 -13.85
C GLY G 716 -16.22 16.88 -14.39
N LYS G 717 -15.34 17.88 -14.32
CA LYS G 717 -15.65 19.24 -14.72
C LYS G 717 -14.53 19.79 -15.62
N ASN G 718 -14.90 20.73 -16.47
CA ASN G 718 -13.96 21.43 -17.33
C ASN G 718 -13.38 22.61 -16.57
N LEU G 719 -12.09 22.55 -16.24
CA LEU G 719 -11.45 23.56 -15.42
C LEU G 719 -10.41 24.32 -16.24
N LEU G 720 -10.32 25.62 -15.98
CA LEU G 720 -9.30 26.47 -16.60
C LEU G 720 -7.98 26.22 -15.89
N VAL G 721 -7.01 25.66 -16.62
CA VAL G 721 -5.75 25.18 -16.07
C VAL G 721 -4.62 26.07 -16.55
N ALA G 722 -3.71 26.37 -15.62
CA ALA G 722 -2.45 27.06 -15.90
C ALA G 722 -1.31 26.17 -15.42
N ILE G 723 -0.37 25.89 -16.32
CA ILE G 723 0.72 24.96 -16.05
C ILE G 723 1.92 25.80 -15.64
N MET G 724 2.06 26.04 -14.34
CA MET G 724 3.20 26.82 -13.85
C MET G 724 3.42 26.48 -12.38
N PRO G 725 4.65 26.57 -11.89
CA PRO G 725 4.88 26.51 -10.45
C PRO G 725 4.34 27.76 -9.77
N TRP G 726 3.82 27.59 -8.55
CA TRP G 726 3.22 28.70 -7.82
C TRP G 726 3.58 28.59 -6.35
N GLU G 727 4.63 29.31 -5.94
CA GLU G 727 5.02 29.47 -4.55
C GLU G 727 5.03 28.15 -3.78
N GLY G 728 5.35 27.05 -4.47
CA GLY G 728 5.57 25.78 -3.82
C GLY G 728 4.35 25.06 -3.29
N HIS G 729 3.16 25.66 -3.41
CA HIS G 729 1.96 24.99 -2.92
C HIS G 729 1.56 23.80 -3.78
N ASN G 730 2.02 23.75 -5.03
CA ASN G 730 1.77 22.61 -5.92
C ASN G 730 3.02 21.76 -6.11
N TYR G 731 3.86 21.65 -5.07
CA TYR G 731 5.15 21.01 -5.19
C TYR G 731 4.98 19.51 -5.40
N GLU G 732 5.64 18.99 -6.44
CA GLU G 732 5.47 17.64 -6.96
C GLU G 732 4.09 17.05 -6.68
N ASP G 733 3.17 17.25 -7.63
CA ASP G 733 1.89 16.56 -7.78
C ASP G 733 0.80 17.09 -6.84
N ALA G 734 1.09 18.04 -5.96
CA ALA G 734 0.02 18.74 -5.27
C ALA G 734 -0.69 19.68 -6.23
N ILE G 735 -1.87 20.14 -5.83
CA ILE G 735 -2.76 20.89 -6.72
C ILE G 735 -3.29 22.13 -6.00
N ILE G 736 -3.42 23.22 -6.73
CA ILE G 736 -3.91 24.49 -6.21
C ILE G 736 -5.21 24.83 -6.94
N LEU G 737 -6.25 25.16 -6.17
CA LEU G 737 -7.58 25.40 -6.73
C LEU G 737 -8.09 26.78 -6.36
N SER G 738 -8.94 27.32 -7.23
CA SER G 738 -9.60 28.59 -7.00
C SER G 738 -10.84 28.37 -6.16
N ASN G 739 -10.99 29.16 -5.09
CA ASN G 739 -12.15 29.03 -4.22
C ASN G 739 -13.46 29.22 -4.95
N ARG G 740 -13.43 29.67 -6.22
CA ARG G 740 -14.64 29.62 -7.04
C ARG G 740 -15.26 28.24 -7.00
N LEU G 741 -14.44 27.21 -7.16
CA LEU G 741 -14.93 25.83 -7.14
C LEU G 741 -15.60 25.50 -5.82
N VAL G 742 -15.27 26.21 -4.74
CA VAL G 742 -15.98 26.05 -3.49
C VAL G 742 -17.25 26.90 -3.50
N GLU G 743 -17.15 28.13 -4.00
CA GLU G 743 -18.27 29.07 -3.90
C GLU G 743 -19.43 28.64 -4.79
N GLU G 744 -19.13 28.18 -6.00
CA GLU G 744 -20.15 27.82 -6.98
C GLU G 744 -20.44 26.32 -7.00
N ASP G 745 -20.01 25.60 -5.97
CA ASP G 745 -20.26 24.15 -5.87
C ASP G 745 -19.89 23.45 -7.18
N VAL G 746 -18.67 23.69 -7.65
CA VAL G 746 -18.23 23.11 -8.91
C VAL G 746 -17.70 21.70 -8.69
N LEU G 747 -17.04 21.44 -7.57
CA LEU G 747 -16.56 20.11 -7.22
C LEU G 747 -17.22 19.62 -5.93
N THR G 748 -18.43 20.09 -5.65
CA THR G 748 -19.21 19.59 -4.53
C THR G 748 -19.87 18.28 -4.92
N SER G 749 -19.92 17.33 -3.98
CA SER G 749 -20.54 16.04 -4.23
C SER G 749 -21.30 15.60 -2.99
N ILE G 750 -22.31 14.76 -3.19
CA ILE G 750 -23.17 14.29 -2.12
C ILE G 750 -22.72 12.89 -1.70
N HIS G 751 -22.77 12.62 -0.40
CA HIS G 751 -22.45 11.30 0.12
C HIS G 751 -23.48 10.91 1.17
N ILE G 752 -23.92 9.66 1.12
CA ILE G 752 -25.02 9.19 1.96
C ILE G 752 -24.55 7.99 2.76
N GLU G 753 -24.65 8.09 4.08
CA GLU G 753 -24.29 7.00 4.97
C GLU G 753 -25.54 6.39 5.59
N GLU G 754 -25.49 5.06 5.75
CA GLU G 754 -26.56 4.29 6.36
C GLU G 754 -26.14 3.91 7.77
N HIS G 755 -26.99 4.21 8.75
CA HIS G 755 -26.77 3.82 10.13
C HIS G 755 -27.91 2.91 10.57
N GLU G 756 -27.59 1.98 11.45
CA GLU G 756 -28.50 0.87 11.72
C GLU G 756 -28.39 0.47 13.19
N ILE G 757 -29.53 0.23 13.82
CA ILE G 757 -29.55 -0.30 15.18
C ILE G 757 -30.76 -1.20 15.35
N ASP G 758 -30.65 -2.16 16.26
CA ASP G 758 -31.72 -3.10 16.54
C ASP G 758 -31.96 -3.16 18.05
N ALA G 759 -33.14 -3.67 18.38
CA ALA G 759 -33.58 -3.90 19.75
C ALA G 759 -33.93 -5.37 19.86
N ARG G 760 -33.10 -6.12 20.59
CA ARG G 760 -33.16 -7.56 20.75
C ARG G 760 -33.73 -7.93 22.12
N ASP G 761 -33.90 -9.23 22.33
CA ASP G 761 -34.24 -9.76 23.64
C ASP G 761 -32.94 -10.12 24.38
N THR G 762 -32.81 -9.63 25.60
CA THR G 762 -31.63 -9.93 26.41
C THR G 762 -31.98 -10.94 27.49
N LYS G 763 -30.96 -11.35 28.25
CA LYS G 763 -31.16 -12.35 29.29
C LYS G 763 -31.99 -11.80 30.45
N LEU G 764 -31.84 -10.51 30.76
CA LEU G 764 -32.52 -9.90 31.89
C LEU G 764 -33.77 -9.13 31.46
N GLY G 765 -34.18 -9.26 30.21
CA GLY G 765 -35.32 -8.51 29.70
C GLY G 765 -35.24 -8.31 28.18
N ALA G 766 -35.59 -7.12 27.73
CA ALA G 766 -35.52 -6.81 26.30
C ALA G 766 -35.13 -5.35 26.13
N GLU G 767 -34.17 -5.10 25.25
CA GLU G 767 -33.77 -3.73 24.96
C GLU G 767 -34.94 -2.96 24.37
N GLU G 768 -35.21 -1.78 24.91
CA GLU G 768 -36.28 -0.92 24.43
C GLU G 768 -35.68 0.36 23.86
N ILE G 769 -36.14 0.74 22.67
CA ILE G 769 -35.75 1.99 22.04
C ILE G 769 -36.67 3.08 22.61
N THR G 770 -36.11 4.01 23.37
CA THR G 770 -36.91 5.00 24.06
C THR G 770 -36.23 6.36 24.09
N ARG G 771 -37.04 7.41 23.96
CA ARG G 771 -36.55 8.77 24.14
C ARG G 771 -36.08 9.02 25.57
N ASP G 772 -36.70 8.37 26.54
CA ASP G 772 -36.34 8.50 27.95
C ASP G 772 -35.04 7.74 28.19
N ILE G 773 -33.93 8.45 28.27
CA ILE G 773 -32.62 7.85 28.50
C ILE G 773 -32.09 8.29 29.86
N PRO G 774 -31.45 7.41 30.62
CA PRO G 774 -31.00 7.81 31.96
C PRO G 774 -29.86 8.82 31.91
N ASN G 775 -29.99 9.88 32.71
CA ASN G 775 -28.93 10.87 32.91
C ASN G 775 -28.54 11.54 31.59
N ILE G 776 -29.54 11.89 30.78
CA ILE G 776 -29.34 12.61 29.54
C ILE G 776 -30.21 13.85 29.57
N SER G 777 -29.60 15.01 29.32
CA SER G 777 -30.34 16.27 29.36
C SER G 777 -31.45 16.29 28.31
N ASP G 778 -32.39 17.21 28.51
CA ASP G 778 -33.45 17.43 27.53
C ASP G 778 -32.96 18.21 26.32
N GLU G 779 -31.71 18.65 26.32
CA GLU G 779 -31.15 19.45 25.22
C GLU G 779 -30.60 18.56 24.11
N VAL G 780 -29.95 17.45 24.47
CA VAL G 780 -29.48 16.51 23.47
C VAL G 780 -30.66 15.73 22.89
N LEU G 781 -31.67 15.45 23.70
CA LEU G 781 -32.88 14.78 23.27
C LEU G 781 -33.86 15.72 22.59
N ALA G 782 -33.46 16.97 22.35
CA ALA G 782 -34.38 17.95 21.77
C ALA G 782 -34.75 17.60 20.35
N ASP G 783 -33.85 16.97 19.60
CA ASP G 783 -34.07 16.69 18.19
C ASP G 783 -34.76 15.35 17.95
N LEU G 784 -35.12 14.61 19.00
CA LEU G 784 -35.73 13.30 18.85
C LEU G 784 -37.25 13.41 18.89
N ASP G 785 -37.90 12.48 18.20
CA ASP G 785 -39.36 12.35 18.28
C ASP G 785 -39.70 11.59 19.56
N GLU G 786 -40.98 11.23 19.72
CA GLU G 786 -41.40 10.53 20.93
C GLU G 786 -40.74 9.16 21.05
N ARG G 787 -40.33 8.58 19.93
CA ARG G 787 -39.78 7.22 19.92
C ARG G 787 -38.31 7.17 20.27
N GLY G 788 -37.64 8.32 20.37
CA GLY G 788 -36.19 8.34 20.46
C GLY G 788 -35.49 8.34 19.12
N ILE G 789 -36.23 8.46 18.03
CA ILE G 789 -35.66 8.53 16.68
C ILE G 789 -35.47 10.00 16.32
N VAL G 790 -34.34 10.31 15.69
CA VAL G 790 -34.14 11.66 15.19
C VAL G 790 -35.19 11.96 14.14
N ARG G 791 -35.52 13.24 13.99
CA ARG G 791 -36.54 13.66 13.03
C ARG G 791 -35.89 14.02 11.69
N ILE G 792 -36.69 13.93 10.63
CA ILE G 792 -36.19 14.22 9.30
C ILE G 792 -35.85 15.70 9.18
N GLY G 793 -34.70 15.99 8.59
CA GLY G 793 -34.26 17.35 8.37
C GLY G 793 -33.32 17.89 9.44
N ALA G 794 -33.08 17.13 10.51
CA ALA G 794 -32.22 17.59 11.59
C ALA G 794 -30.76 17.42 11.22
N GLU G 795 -29.96 18.46 11.43
CA GLU G 795 -28.52 18.37 11.25
C GLU G 795 -27.91 17.73 12.50
N VAL G 796 -27.00 16.79 12.27
CA VAL G 796 -26.42 15.99 13.36
C VAL G 796 -24.91 15.99 13.21
N ARG G 797 -24.22 16.32 14.29
CA ARG G 797 -22.77 16.21 14.36
C ARG G 797 -22.38 14.85 14.91
N ASP G 798 -21.08 14.56 14.86
CA ASP G 798 -20.58 13.31 15.39
C ASP G 798 -20.79 13.25 16.89
N GLY G 799 -21.37 12.14 17.36
CA GLY G 799 -21.64 11.92 18.76
C GLY G 799 -23.09 12.14 19.16
N ASP G 800 -23.84 12.94 18.39
CA ASP G 800 -25.24 13.16 18.71
C ASP G 800 -26.01 11.85 18.72
N ILE G 801 -27.15 11.86 19.40
CA ILE G 801 -28.01 10.68 19.46
C ILE G 801 -28.85 10.61 18.20
N LEU G 802 -28.98 9.41 17.64
CA LEU G 802 -29.86 9.14 16.51
C LEU G 802 -31.02 8.23 16.88
N VAL G 803 -30.76 7.16 17.63
CA VAL G 803 -31.80 6.26 18.11
C VAL G 803 -31.51 5.95 19.56
N GLY G 804 -32.45 6.26 20.44
CA GLY G 804 -32.26 6.05 21.86
C GLY G 804 -32.64 4.66 22.33
N LYS G 805 -31.63 3.82 22.56
CA LYS G 805 -31.82 2.45 23.00
C LYS G 805 -31.10 2.25 24.33
N VAL G 806 -31.84 1.79 25.33
CA VAL G 806 -31.29 1.46 26.64
C VAL G 806 -31.43 -0.03 26.86
N THR G 807 -30.40 -0.64 27.43
CA THR G 807 -30.39 -2.08 27.67
C THR G 807 -30.25 -2.36 29.16
N PRO G 808 -31.06 -3.25 29.72
CA PRO G 808 -31.02 -3.46 31.17
C PRO G 808 -29.78 -4.25 31.59
N LYS G 809 -29.02 -3.69 32.52
CA LYS G 809 -27.81 -4.33 33.03
C LYS G 809 -28.07 -4.90 34.42
N GLY G 810 -27.49 -6.08 34.68
CA GLY G 810 -27.70 -6.74 35.95
C GLY G 810 -26.87 -6.14 37.06
N GLU G 811 -27.30 -6.43 38.29
CA GLU G 811 -26.64 -5.87 39.47
C GLU G 811 -25.27 -6.49 39.70
N THR G 812 -25.12 -7.78 39.41
CA THR G 812 -23.86 -8.47 39.62
C THR G 812 -22.77 -8.04 38.64
N GLU G 813 -23.05 -7.08 37.75
CA GLU G 813 -22.10 -6.63 36.75
C GLU G 813 -21.62 -5.21 37.02
N LEU G 814 -21.78 -4.72 38.25
CA LEU G 814 -21.49 -3.34 38.59
C LEU G 814 -20.16 -3.23 39.32
N THR G 815 -19.39 -2.19 39.00
CA THR G 815 -18.13 -1.91 39.66
C THR G 815 -18.39 -1.54 41.13
N PRO G 816 -17.45 -1.88 42.03
CA PRO G 816 -17.61 -1.41 43.42
C PRO G 816 -17.73 0.10 43.50
N GLU G 817 -16.95 0.85 42.71
CA GLU G 817 -17.15 2.29 42.64
C GLU G 817 -18.47 2.62 41.94
N GLU G 818 -18.85 1.82 40.95
CA GLU G 818 -20.15 2.03 40.30
C GLU G 818 -21.29 1.74 41.27
N ARG G 819 -21.18 0.66 42.04
CA ARG G 819 -22.23 0.35 43.01
C ARG G 819 -22.29 1.39 44.13
N LEU G 820 -21.13 1.90 44.56
CA LEU G 820 -21.13 2.96 45.55
C LEU G 820 -21.77 4.23 44.97
N LEU G 821 -21.31 4.66 43.80
CA LEU G 821 -21.90 5.84 43.16
C LEU G 821 -23.40 5.66 42.96
N ARG G 822 -23.86 4.42 42.82
CA ARG G 822 -25.30 4.17 42.76
C ARG G 822 -25.94 4.29 44.13
N ALA G 823 -25.22 3.89 45.19
CA ALA G 823 -25.75 4.01 46.54
C ALA G 823 -25.66 5.43 47.08
N ILE G 824 -24.65 6.20 46.68
CA ILE G 824 -24.45 7.55 47.19
C ILE G 824 -25.27 8.54 46.37
N PHE G 825 -26.09 8.03 45.46
CA PHE G 825 -26.97 8.89 44.66
C PHE G 825 -28.40 8.39 44.74
N GLU G 831 -31.61 0.43 36.35
CA GLU G 831 -30.85 -0.79 36.09
C GLU G 831 -30.46 -0.88 34.61
N VAL G 832 -30.76 0.17 33.85
CA VAL G 832 -30.54 0.19 32.41
C VAL G 832 -29.34 1.07 32.10
N ARG G 833 -28.53 0.63 31.15
CA ARG G 833 -27.39 1.39 30.65
C ARG G 833 -27.69 1.89 29.25
N ASP G 834 -26.94 2.93 28.85
CA ASP G 834 -27.17 3.62 27.59
C ASP G 834 -26.53 2.83 26.45
N THR G 835 -27.32 2.49 25.45
CA THR G 835 -26.85 1.85 24.23
C THR G 835 -27.45 2.54 23.02
N SER G 836 -27.55 3.86 23.08
CA SER G 836 -28.15 4.64 21.99
C SER G 836 -27.26 4.62 20.76
N LEU G 837 -27.89 4.76 19.60
CA LEU G 837 -27.16 4.85 18.34
C LEU G 837 -26.65 6.29 18.18
N LYS G 838 -25.36 6.49 18.36
CA LYS G 838 -24.75 7.79 18.21
C LYS G 838 -24.09 7.90 16.83
N VAL G 839 -23.84 9.14 16.42
CA VAL G 839 -23.20 9.37 15.12
C VAL G 839 -21.71 9.11 15.27
N PRO G 840 -21.10 8.31 14.39
CA PRO G 840 -19.66 8.05 14.50
C PRO G 840 -18.85 9.32 14.27
N HIS G 841 -17.62 9.29 14.77
CA HIS G 841 -16.72 10.41 14.59
C HIS G 841 -16.44 10.65 13.12
N GLY G 842 -16.49 11.93 12.72
CA GLY G 842 -16.20 12.32 11.36
C GLY G 842 -17.39 12.32 10.43
N GLU G 843 -18.57 11.92 10.91
CA GLU G 843 -19.78 11.96 10.11
C GLU G 843 -20.62 13.17 10.52
N SER G 844 -21.39 13.69 9.57
CA SER G 844 -22.27 14.83 9.81
C SER G 844 -23.11 15.11 8.58
N GLY G 845 -24.38 15.44 8.77
CA GLY G 845 -25.24 15.72 7.63
C GLY G 845 -26.67 15.87 8.06
N LYS G 846 -27.53 16.07 7.06
CA LYS G 846 -28.96 16.12 7.29
C LYS G 846 -29.55 14.72 7.27
N VAL G 847 -30.46 14.45 8.19
CA VAL G 847 -31.18 13.19 8.23
C VAL G 847 -32.28 13.26 7.18
N ILE G 848 -32.17 12.44 6.13
CA ILE G 848 -33.09 12.52 5.00
C ILE G 848 -34.14 11.41 5.00
N GLY G 849 -33.87 10.28 5.65
CA GLY G 849 -34.81 9.18 5.63
C GLY G 849 -34.68 8.29 6.85
N ILE G 850 -35.81 7.72 7.25
CA ILE G 850 -35.87 6.77 8.37
C ILE G 850 -36.66 5.56 7.91
N ARG G 851 -36.28 4.39 8.42
CA ARG G 851 -36.99 3.15 8.13
C ARG G 851 -37.06 2.34 9.41
N VAL G 852 -38.27 1.95 9.81
CA VAL G 852 -38.50 1.27 11.08
C VAL G 852 -39.25 -0.02 10.82
N PHE G 853 -38.72 -1.13 11.33
CA PHE G 853 -39.31 -2.45 11.23
C PHE G 853 -39.55 -2.99 12.63
N SER G 854 -40.79 -3.37 12.94
CA SER G 854 -41.13 -3.85 14.27
C SER G 854 -41.73 -5.24 14.18
N ARG G 855 -41.17 -6.18 14.96
CA ARG G 855 -41.79 -7.50 15.06
C ARG G 855 -43.24 -7.39 15.50
N GLU G 856 -43.55 -6.38 16.34
CA GLU G 856 -44.94 -6.13 16.70
C GLU G 856 -45.78 -5.80 15.48
N ASP G 857 -45.18 -5.11 14.50
CA ASP G 857 -45.92 -4.69 13.32
C ASP G 857 -45.56 -5.53 12.10
N GLU G 858 -45.77 -6.84 12.19
CA GLU G 858 -45.69 -7.79 11.08
C GLU G 858 -44.29 -7.93 10.48
N ASP G 859 -43.40 -6.98 10.74
CA ASP G 859 -42.10 -6.96 10.09
C ASP G 859 -41.28 -8.16 10.53
N GLU G 860 -40.94 -9.03 9.59
CA GLU G 860 -40.21 -10.26 9.89
C GLU G 860 -38.75 -9.92 10.13
N LEU G 861 -38.31 -10.06 11.38
CA LEU G 861 -36.94 -9.83 11.79
C LEU G 861 -36.29 -11.15 12.22
N PRO G 862 -34.96 -11.20 12.28
CA PRO G 862 -34.31 -12.40 12.81
C PRO G 862 -34.80 -12.71 14.22
N ALA G 863 -34.81 -14.01 14.53
CA ALA G 863 -35.32 -14.45 15.83
C ALA G 863 -34.57 -13.76 16.96
N GLY G 864 -35.32 -13.25 17.94
CA GLY G 864 -34.74 -12.54 19.05
C GLY G 864 -34.62 -11.04 18.85
N VAL G 865 -35.12 -10.50 17.75
CA VAL G 865 -35.09 -9.06 17.46
C VAL G 865 -36.52 -8.56 17.49
N ASN G 866 -36.74 -7.46 18.23
CA ASN G 866 -38.06 -6.87 18.33
C ASN G 866 -38.22 -5.59 17.53
N GLU G 867 -37.17 -4.80 17.37
CA GLU G 867 -37.29 -3.61 16.53
C GLU G 867 -35.98 -3.36 15.79
N LEU G 868 -36.08 -2.65 14.66
CA LEU G 868 -34.93 -2.31 13.85
C LEU G 868 -35.15 -0.94 13.24
N VAL G 869 -34.15 -0.07 13.33
CA VAL G 869 -34.24 1.27 12.77
C VAL G 869 -33.00 1.54 11.91
N ARG G 870 -33.23 2.07 10.72
CA ARG G 870 -32.19 2.52 9.83
C ARG G 870 -32.37 4.00 9.57
N VAL G 871 -31.31 4.78 9.77
CA VAL G 871 -31.30 6.22 9.61
C VAL G 871 -30.33 6.58 8.50
N TYR G 872 -30.78 7.40 7.56
CA TYR G 872 -29.97 7.78 6.40
C TYR G 872 -29.53 9.23 6.55
N VAL G 873 -28.21 9.45 6.54
CA VAL G 873 -27.65 10.79 6.72
C VAL G 873 -26.90 11.18 5.47
N ALA G 874 -27.22 12.35 4.93
CA ALA G 874 -26.61 12.85 3.71
C ALA G 874 -25.74 14.07 4.02
N GLN G 875 -24.51 14.06 3.51
CA GLN G 875 -23.57 15.15 3.67
C GLN G 875 -23.23 15.73 2.30
N LYS G 876 -23.15 17.05 2.24
CA LYS G 876 -22.89 17.80 1.02
C LYS G 876 -21.44 18.29 1.08
N ARG G 877 -20.53 17.47 0.58
CA ARG G 877 -19.10 17.71 0.74
C ARG G 877 -18.61 18.63 -0.37
N LYS G 878 -18.26 19.86 0.01
CA LYS G 878 -17.49 20.73 -0.85
C LYS G 878 -16.07 20.19 -0.98
N ILE G 879 -15.34 20.72 -1.97
CA ILE G 879 -13.96 20.30 -2.16
C ILE G 879 -13.11 20.89 -1.04
N SER G 880 -12.29 20.05 -0.43
CA SER G 880 -11.52 20.42 0.75
C SER G 880 -10.03 20.28 0.48
N ASP G 881 -9.23 20.91 1.36
CA ASP G 881 -7.79 20.68 1.34
C ASP G 881 -7.51 19.21 1.58
N GLY G 882 -6.76 18.60 0.66
CA GLY G 882 -6.38 17.21 0.77
C GLY G 882 -7.25 16.25 -0.01
N ASP G 883 -8.44 16.67 -0.44
CA ASP G 883 -9.21 15.84 -1.35
C ASP G 883 -8.43 15.58 -2.62
N LYS G 884 -8.64 14.42 -3.23
CA LYS G 884 -7.80 13.94 -4.32
C LYS G 884 -8.50 14.14 -5.65
N LEU G 885 -7.87 14.91 -6.54
CA LEU G 885 -8.33 15.10 -7.90
C LEU G 885 -7.42 14.37 -8.87
N ALA G 886 -7.91 14.20 -10.10
CA ALA G 886 -7.17 13.48 -11.12
C ALA G 886 -7.78 13.77 -12.48
N GLY G 887 -6.96 13.67 -13.51
CA GLY G 887 -7.40 13.71 -14.88
C GLY G 887 -7.54 12.32 -15.47
N ARG G 888 -7.63 12.27 -16.80
CA ARG G 888 -7.83 11.01 -17.50
C ARG G 888 -6.53 10.36 -17.95
N HIS G 889 -5.38 10.99 -17.67
CA HIS G 889 -4.08 10.45 -18.08
C HIS G 889 -3.24 10.03 -16.88
N GLY G 890 -3.86 9.52 -15.83
CA GLY G 890 -3.13 9.10 -14.65
C GLY G 890 -2.44 10.27 -13.97
N ASN G 891 -2.82 11.49 -14.32
CA ASN G 891 -2.30 12.69 -13.66
C ASN G 891 -3.16 12.93 -12.44
N LYS G 892 -2.65 12.55 -11.26
CA LYS G 892 -3.38 12.60 -10.01
C LYS G 892 -2.68 13.55 -9.05
N GLY G 893 -3.42 13.96 -8.02
CA GLY G 893 -2.85 14.82 -6.99
C GLY G 893 -3.89 15.11 -5.94
N VAL G 894 -3.43 15.75 -4.86
CA VAL G 894 -4.31 16.18 -3.79
C VAL G 894 -4.30 17.71 -3.73
N ILE G 895 -5.34 18.25 -3.12
CA ILE G 895 -5.50 19.70 -3.01
C ILE G 895 -4.63 20.19 -1.86
N GLY G 896 -3.58 20.92 -2.19
CA GLY G 896 -2.67 21.45 -1.18
C GLY G 896 -3.00 22.87 -0.74
N LYS G 897 -3.73 23.61 -1.58
CA LYS G 897 -4.14 24.95 -1.22
C LYS G 897 -5.31 25.38 -2.10
N ILE G 898 -6.31 25.98 -1.48
CA ILE G 898 -7.43 26.60 -2.18
C ILE G 898 -7.32 28.10 -1.94
N LEU G 899 -6.88 28.83 -2.97
CA LEU G 899 -6.66 30.26 -2.84
C LEU G 899 -7.94 31.05 -3.12
N PRO G 900 -8.01 32.30 -2.67
CA PRO G 900 -9.15 33.14 -3.04
C PRO G 900 -9.11 33.49 -4.52
N VAL G 901 -10.29 33.79 -5.06
CA VAL G 901 -10.43 34.02 -6.49
C VAL G 901 -9.55 35.17 -6.96
N GLU G 902 -9.20 36.10 -6.06
CA GLU G 902 -8.36 37.23 -6.46
C GLU G 902 -6.87 36.89 -6.45
N ASP G 903 -6.46 35.88 -5.68
CA ASP G 903 -5.05 35.49 -5.65
C ASP G 903 -4.65 34.73 -6.90
N MET G 904 -5.59 34.05 -7.53
CA MET G 904 -5.26 33.18 -8.65
C MET G 904 -4.62 33.98 -9.77
N PRO G 905 -3.58 33.45 -10.41
CA PRO G 905 -3.08 34.08 -11.64
C PRO G 905 -4.19 34.17 -12.67
N PHE G 906 -4.49 35.38 -13.12
CA PHE G 906 -5.62 35.63 -13.99
C PHE G 906 -5.17 36.03 -15.38
N LEU G 907 -6.03 35.76 -16.35
CA LEU G 907 -5.72 35.99 -17.75
C LEU G 907 -5.78 37.48 -18.08
N ALA G 908 -5.59 37.79 -19.36
CA ALA G 908 -5.53 39.19 -19.79
C ALA G 908 -6.82 39.92 -19.47
N ASP G 909 -7.96 39.29 -19.74
CA ASP G 909 -9.25 39.93 -19.56
C ASP G 909 -9.79 39.84 -18.13
N GLY G 910 -8.94 39.46 -17.17
CA GLY G 910 -9.33 39.45 -15.78
C GLY G 910 -9.92 38.15 -15.28
N THR G 911 -10.18 37.18 -16.15
CA THR G 911 -10.77 35.92 -15.71
C THR G 911 -9.71 35.09 -15.01
N PRO G 912 -9.82 34.85 -13.70
CA PRO G 912 -8.78 34.07 -13.02
C PRO G 912 -8.90 32.59 -13.33
N VAL G 913 -7.76 31.92 -13.34
CA VAL G 913 -7.71 30.49 -13.59
C VAL G 913 -8.38 29.77 -12.43
N ASP G 914 -8.57 28.46 -12.57
CA ASP G 914 -9.21 27.66 -11.54
C ASP G 914 -8.25 26.70 -10.84
N ILE G 915 -7.25 26.20 -11.54
CA ILE G 915 -6.39 25.13 -11.03
C ILE G 915 -4.99 25.33 -11.61
N ILE G 916 -3.99 25.07 -10.76
CA ILE G 916 -2.60 25.32 -11.10
C ILE G 916 -1.84 24.00 -10.94
N LEU G 917 -1.36 23.45 -12.05
CA LEU G 917 -0.61 22.21 -12.05
C LEU G 917 0.89 22.50 -12.13
N ASN G 918 1.66 21.88 -11.25
CA ASN G 918 3.10 22.01 -11.31
C ASN G 918 3.63 21.43 -12.63
N THR G 919 4.64 22.09 -13.18
CA THR G 919 5.21 21.66 -14.45
C THR G 919 6.11 20.46 -14.29
N HIS G 920 6.86 20.39 -13.19
CA HIS G 920 7.90 19.39 -13.04
C HIS G 920 7.33 17.97 -13.12
N GLY G 921 6.12 17.76 -12.62
CA GLY G 921 5.52 16.44 -12.65
C GLY G 921 4.77 16.14 -13.93
N VAL G 922 5.25 16.67 -15.04
CA VAL G 922 4.57 16.52 -16.33
C VAL G 922 5.45 15.79 -17.34
N PRO G 923 6.65 16.30 -17.68
CA PRO G 923 7.44 15.64 -18.72
C PRO G 923 8.14 14.38 -18.25
N ARG G 924 8.21 14.14 -16.94
CA ARG G 924 8.76 12.89 -16.44
C ARG G 924 7.80 11.73 -16.71
N ARG G 925 6.51 11.95 -16.44
CA ARG G 925 5.55 10.86 -16.49
C ARG G 925 5.23 10.41 -17.91
N MET G 926 5.52 11.25 -18.91
CA MET G 926 5.24 10.92 -20.31
C MET G 926 3.74 10.86 -20.59
N ASN G 927 2.97 11.73 -19.93
CA ASN G 927 1.54 11.87 -20.20
C ASN G 927 1.27 13.14 -21.02
N ILE G 928 1.85 13.16 -22.23
CA ILE G 928 1.66 14.30 -23.13
C ILE G 928 0.20 14.54 -23.44
N GLY G 929 -0.65 13.51 -23.27
CA GLY G 929 -2.07 13.66 -23.47
C GLY G 929 -2.59 14.96 -22.92
N GLN G 930 -2.45 15.17 -21.60
CA GLN G 930 -3.00 16.38 -20.99
C GLN G 930 -2.57 17.62 -21.76
N ILE G 931 -1.28 17.72 -22.08
CA ILE G 931 -0.81 18.85 -22.88
C ILE G 931 -1.72 19.05 -24.09
N LEU G 932 -1.74 18.05 -24.99
CA LEU G 932 -2.66 18.09 -26.11
C LEU G 932 -4.08 18.38 -25.62
N GLU G 933 -4.57 17.58 -24.67
CA GLU G 933 -5.91 17.79 -24.13
C GLU G 933 -6.10 19.24 -23.73
N THR G 934 -5.10 19.82 -23.05
CA THR G 934 -5.20 21.21 -22.63
C THR G 934 -5.43 22.12 -23.83
N HIS G 935 -4.56 22.02 -24.83
CA HIS G 935 -4.64 22.91 -25.99
C HIS G 935 -6.01 22.80 -26.65
N LEU G 936 -6.37 21.60 -27.12
CA LEU G 936 -7.69 21.41 -27.68
C LEU G 936 -8.76 21.94 -26.74
N GLY G 937 -8.59 21.71 -25.44
CA GLY G 937 -9.51 22.24 -24.45
C GLY G 937 -9.79 23.70 -24.72
N TRP G 938 -8.75 24.52 -24.71
CA TRP G 938 -8.93 25.94 -25.00
C TRP G 938 -9.65 26.14 -26.32
N CYS G 939 -9.20 25.44 -27.36
CA CYS G 939 -9.81 25.60 -28.67
C CYS G 939 -11.31 25.35 -28.59
N ALA G 940 -11.73 24.39 -27.77
CA ALA G 940 -13.16 24.10 -27.68
C ALA G 940 -13.90 25.19 -26.90
N HIS G 941 -13.24 25.83 -25.93
CA HIS G 941 -13.91 26.86 -25.15
C HIS G 941 -14.12 28.12 -25.97
N SER G 942 -13.12 28.52 -26.75
CA SER G 942 -13.21 29.74 -27.55
C SER G 942 -13.78 29.50 -28.93
N GLY G 943 -13.63 28.29 -29.47
CA GLY G 943 -13.97 28.03 -30.85
C GLY G 943 -12.83 28.38 -31.78
N TRP G 944 -13.06 28.18 -33.07
CA TRP G 944 -12.09 28.62 -34.07
C TRP G 944 -12.81 28.87 -35.39
N LYS G 945 -12.07 29.51 -36.30
CA LYS G 945 -12.53 29.75 -37.67
C LYS G 945 -11.32 29.64 -38.57
N VAL G 946 -11.25 28.58 -39.37
CA VAL G 946 -10.12 28.40 -40.27
C VAL G 946 -10.30 29.32 -41.48
N ASP G 947 -9.19 29.85 -41.99
CA ASP G 947 -9.23 30.74 -43.15
C ASP G 947 -9.64 29.94 -44.37
N ALA G 948 -10.92 30.02 -44.76
CA ALA G 948 -11.39 29.30 -45.92
C ALA G 948 -10.97 29.97 -47.21
N ALA G 949 -10.90 31.30 -47.23
CA ALA G 949 -10.50 32.02 -48.42
C ALA G 949 -9.15 31.50 -48.93
N LYS G 950 -8.95 31.60 -50.24
CA LYS G 950 -7.72 31.13 -50.88
C LYS G 950 -7.54 29.64 -50.62
N GLY G 951 -8.64 28.89 -50.66
CA GLY G 951 -8.59 27.45 -50.50
C GLY G 951 -8.53 27.01 -49.05
N VAL G 952 -8.59 25.70 -48.87
CA VAL G 952 -8.46 25.07 -47.56
C VAL G 952 -6.97 25.01 -47.23
N PRO G 953 -6.51 25.57 -46.11
CA PRO G 953 -5.09 25.44 -45.75
C PRO G 953 -4.61 24.00 -45.85
N ASP G 954 -3.30 23.81 -45.92
CA ASP G 954 -2.75 22.49 -46.20
C ASP G 954 -2.77 21.56 -44.99
N TRP G 955 -2.84 22.11 -43.77
CA TRP G 955 -2.89 21.25 -42.59
C TRP G 955 -4.28 20.69 -42.37
N ALA G 956 -5.32 21.50 -42.60
CA ALA G 956 -6.70 21.11 -42.36
C ALA G 956 -7.31 20.38 -43.55
N ALA G 957 -6.50 19.96 -44.52
CA ALA G 957 -7.04 19.25 -45.67
C ALA G 957 -7.72 17.96 -45.25
N ARG G 958 -7.20 17.31 -44.21
CA ARG G 958 -7.74 16.04 -43.74
C ARG G 958 -8.86 16.20 -42.72
N LEU G 959 -9.11 17.42 -42.25
CA LEU G 959 -10.19 17.62 -41.29
C LEU G 959 -11.54 17.57 -42.01
N PRO G 960 -12.57 17.05 -41.37
CA PRO G 960 -13.92 17.15 -41.94
C PRO G 960 -14.39 18.59 -41.96
N ASP G 961 -15.22 18.91 -42.96
CA ASP G 961 -15.68 20.28 -43.14
C ASP G 961 -16.40 20.82 -41.91
N GLU G 962 -16.88 19.95 -41.03
CA GLU G 962 -17.60 20.38 -39.85
C GLU G 962 -16.69 21.00 -38.80
N LEU G 963 -15.37 20.86 -38.94
CA LEU G 963 -14.42 21.31 -37.94
C LEU G 963 -13.74 22.62 -38.30
N LEU G 964 -13.96 23.16 -39.50
CA LEU G 964 -13.28 24.38 -39.89
C LEU G 964 -13.85 25.61 -39.22
N GLU G 965 -15.02 25.49 -38.60
CA GLU G 965 -15.64 26.57 -37.86
C GLU G 965 -16.33 25.99 -36.62
N ALA G 966 -16.13 26.65 -35.48
CA ALA G 966 -16.64 26.15 -34.21
C ALA G 966 -16.98 27.32 -33.30
N GLN G 967 -18.15 27.24 -32.66
CA GLN G 967 -18.55 28.24 -31.69
C GLN G 967 -17.93 27.93 -30.33
N PRO G 968 -17.77 28.94 -29.48
CA PRO G 968 -17.21 28.69 -28.14
C PRO G 968 -18.02 27.65 -27.37
N ASN G 969 -17.32 26.91 -26.51
CA ASN G 969 -17.92 25.83 -25.73
C ASN G 969 -18.46 24.73 -26.64
N ALA G 970 -17.70 24.40 -27.69
CA ALA G 970 -18.09 23.35 -28.62
C ALA G 970 -17.61 22.00 -28.14
N ILE G 971 -18.37 20.97 -28.49
CA ILE G 971 -18.07 19.59 -28.12
C ILE G 971 -17.37 18.92 -29.28
N VAL G 972 -16.32 18.15 -28.98
CA VAL G 972 -15.50 17.48 -29.99
C VAL G 972 -15.13 16.09 -29.49
N SER G 973 -14.56 15.30 -30.38
CA SER G 973 -14.14 13.94 -30.08
C SER G 973 -12.74 13.70 -30.62
N THR G 974 -11.88 13.14 -29.79
CA THR G 974 -10.59 12.61 -30.24
C THR G 974 -10.63 11.09 -30.12
N PRO G 975 -11.21 10.38 -31.09
CA PRO G 975 -11.22 8.92 -31.02
C PRO G 975 -9.82 8.38 -30.80
N VAL G 976 -9.73 7.30 -30.02
CA VAL G 976 -8.43 6.74 -29.66
C VAL G 976 -7.76 6.22 -30.92
N PHE G 977 -6.47 6.50 -31.05
CA PHE G 977 -5.64 6.05 -32.17
C PHE G 977 -6.12 6.63 -33.49
N ASP G 978 -7.13 7.49 -33.44
CA ASP G 978 -7.52 8.30 -34.59
C ASP G 978 -7.47 9.76 -34.15
N GLY G 979 -8.44 10.56 -34.54
CA GLY G 979 -8.61 11.86 -33.92
C GLY G 979 -7.51 12.87 -34.23
N ALA G 980 -7.56 13.95 -33.47
CA ALA G 980 -6.72 15.11 -33.73
C ALA G 980 -5.25 14.74 -33.82
N GLN G 981 -4.64 15.08 -34.94
CA GLN G 981 -3.20 15.00 -35.10
C GLN G 981 -2.57 16.32 -34.65
N GLU G 982 -1.30 16.25 -34.26
CA GLU G 982 -0.63 17.42 -33.70
C GLU G 982 -0.63 18.59 -34.68
N ALA G 983 -0.51 18.29 -35.98
CA ALA G 983 -0.51 19.36 -36.98
C ALA G 983 -1.83 20.12 -36.99
N GLU G 984 -2.94 19.38 -37.04
CA GLU G 984 -4.25 20.01 -37.03
C GLU G 984 -4.46 20.82 -35.77
N LEU G 985 -3.93 20.34 -34.63
CA LEU G 985 -4.07 21.08 -33.38
C LEU G 985 -3.27 22.38 -33.42
N GLN G 986 -2.04 22.32 -33.95
CA GLN G 986 -1.27 23.53 -34.19
C GLN G 986 -2.08 24.56 -34.96
N GLY G 987 -2.63 24.13 -36.10
CA GLY G 987 -3.44 25.04 -36.90
C GLY G 987 -4.59 25.63 -36.10
N LEU G 988 -5.33 24.78 -35.39
CA LEU G 988 -6.48 25.27 -34.62
C LEU G 988 -6.05 26.30 -33.59
N LEU G 989 -4.90 26.09 -32.95
CA LEU G 989 -4.37 27.13 -32.07
C LEU G 989 -4.08 28.40 -32.83
N SER G 990 -3.70 28.28 -34.11
CA SER G 990 -3.48 29.48 -34.91
C SER G 990 -4.77 30.23 -35.20
N CYS G 991 -5.91 29.53 -35.33
CA CYS G 991 -7.17 30.19 -35.65
C CYS G 991 -8.17 30.19 -34.50
N THR G 992 -7.72 30.44 -33.27
CA THR G 992 -8.63 30.49 -32.13
C THR G 992 -9.47 31.77 -32.16
N LEU G 993 -10.73 31.65 -31.76
CA LEU G 993 -11.63 32.80 -31.75
C LEU G 993 -11.18 33.83 -30.70
N PRO G 994 -11.42 35.10 -30.96
CA PRO G 994 -11.20 36.13 -29.93
C PRO G 994 -12.34 36.16 -28.93
N ASN G 995 -12.09 36.82 -27.81
CA ASN G 995 -13.06 36.91 -26.73
C ASN G 995 -14.13 37.93 -27.11
N ARG G 996 -14.95 38.33 -26.12
CA ARG G 996 -16.03 39.27 -26.39
C ARG G 996 -15.49 40.66 -26.71
N ASP G 997 -14.31 41.00 -26.21
CA ASP G 997 -13.69 42.30 -26.46
C ASP G 997 -12.88 42.31 -27.74
N GLY G 998 -12.78 41.18 -28.44
CA GLY G 998 -12.04 41.11 -29.69
C GLY G 998 -10.57 40.78 -29.55
N ASP G 999 -10.15 40.23 -28.41
CA ASP G 999 -8.75 39.94 -28.13
C ASP G 999 -8.52 38.44 -28.07
N VAL G 1000 -7.39 38.00 -28.62
CA VAL G 1000 -6.98 36.61 -28.61
C VAL G 1000 -6.01 36.43 -27.46
N LEU G 1001 -6.40 35.66 -26.44
CA LEU G 1001 -5.64 35.61 -25.20
C LEU G 1001 -4.51 34.58 -25.22
N VAL G 1002 -4.65 33.50 -25.98
CA VAL G 1002 -3.63 32.45 -26.04
C VAL G 1002 -2.89 32.56 -27.36
N ASP G 1003 -1.58 32.29 -27.32
CA ASP G 1003 -0.74 32.34 -28.50
C ASP G 1003 -0.89 31.06 -29.33
N ALA G 1004 -0.35 31.11 -30.55
CA ALA G 1004 -0.38 29.93 -31.41
C ALA G 1004 0.42 28.78 -30.80
N ASP G 1005 1.36 29.08 -29.91
CA ASP G 1005 2.02 28.02 -29.15
C ASP G 1005 1.08 27.40 -28.13
N GLY G 1006 -0.01 28.08 -27.78
CA GLY G 1006 -0.93 27.62 -26.77
C GLY G 1006 -0.79 28.29 -25.43
N LYS G 1007 0.16 29.20 -25.27
CA LYS G 1007 0.41 29.89 -24.02
C LYS G 1007 -0.17 31.28 -24.05
N ALA G 1008 -0.55 31.78 -22.87
CA ALA G 1008 -1.13 33.10 -22.70
C ALA G 1008 -0.38 33.83 -21.59
N MET G 1009 -0.63 35.13 -21.50
CA MET G 1009 0.03 35.98 -20.51
C MET G 1009 -0.85 36.12 -19.28
N LEU G 1010 -0.28 35.84 -18.11
CA LEU G 1010 -1.02 35.84 -16.86
C LEU G 1010 -0.45 36.88 -15.91
N PHE G 1011 -1.30 37.33 -14.99
CA PHE G 1011 -0.97 38.36 -14.02
C PHE G 1011 -1.05 37.77 -12.62
N ASP G 1012 0.00 37.99 -11.83
CA ASP G 1012 0.01 37.52 -10.44
C ASP G 1012 -1.04 38.27 -9.65
N GLY G 1013 -2.11 37.58 -9.26
CA GLY G 1013 -3.17 38.22 -8.49
C GLY G 1013 -2.71 38.75 -7.15
N ARG G 1014 -1.55 38.31 -6.66
CA ARG G 1014 -1.09 38.69 -5.33
C ARG G 1014 -0.25 39.97 -5.36
N SER G 1015 0.56 40.16 -6.39
CA SER G 1015 1.38 41.36 -6.51
C SER G 1015 0.94 42.29 -7.62
N GLY G 1016 0.23 41.78 -8.63
CA GLY G 1016 -0.22 42.55 -9.75
C GLY G 1016 0.71 42.49 -10.95
N GLU G 1017 2.01 42.38 -10.71
CA GLU G 1017 2.94 42.34 -11.81
C GLU G 1017 2.64 41.14 -12.70
N PRO G 1018 2.71 41.29 -14.02
CA PRO G 1018 2.51 40.12 -14.89
C PRO G 1018 3.68 39.16 -14.80
N PHE G 1019 3.39 37.88 -15.02
CA PHE G 1019 4.44 36.87 -14.89
C PHE G 1019 5.41 36.97 -16.05
N PRO G 1020 6.72 36.83 -15.79
CA PRO G 1020 7.71 37.22 -16.81
C PRO G 1020 7.55 36.52 -18.15
N TYR G 1021 7.00 35.31 -18.19
CA TYR G 1021 6.96 34.53 -19.40
C TYR G 1021 5.55 34.05 -19.70
N PRO G 1022 5.27 33.67 -20.94
CA PRO G 1022 3.95 33.12 -21.27
C PRO G 1022 3.78 31.72 -20.71
N VAL G 1023 2.56 31.41 -20.27
CA VAL G 1023 2.25 30.16 -19.60
C VAL G 1023 1.22 29.41 -20.41
N THR G 1024 1.35 28.09 -20.45
CA THR G 1024 0.35 27.23 -21.09
C THR G 1024 -0.96 27.32 -20.33
N VAL G 1025 -1.98 27.86 -20.97
CA VAL G 1025 -3.31 27.99 -20.40
C VAL G 1025 -4.27 27.20 -21.27
N GLY G 1026 -5.18 26.47 -20.64
CA GLY G 1026 -6.17 25.76 -21.40
C GLY G 1026 -7.30 25.29 -20.52
N TYR G 1027 -8.08 24.35 -21.05
CA TYR G 1027 -9.15 23.72 -20.29
C TYR G 1027 -8.89 22.23 -20.23
N MET G 1028 -8.96 21.67 -19.02
CA MET G 1028 -8.74 20.26 -18.82
C MET G 1028 -9.90 19.67 -18.01
N TYR G 1029 -10.24 18.42 -18.32
CA TYR G 1029 -11.30 17.71 -17.62
C TYR G 1029 -10.71 17.05 -16.39
N ILE G 1030 -11.15 17.48 -15.21
CA ILE G 1030 -10.66 16.99 -13.94
C ILE G 1030 -11.79 16.30 -13.21
N MET G 1031 -11.50 15.15 -12.60
CA MET G 1031 -12.48 14.35 -11.90
C MET G 1031 -12.19 14.36 -10.40
N LYS G 1032 -13.24 14.37 -9.59
CA LYS G 1032 -13.10 14.29 -8.14
C LYS G 1032 -13.09 12.82 -7.74
N LEU G 1033 -11.91 12.31 -7.38
CA LEU G 1033 -11.78 10.91 -7.02
C LEU G 1033 -12.30 10.68 -5.61
N HIS G 1034 -12.66 9.42 -5.34
CA HIS G 1034 -13.28 9.05 -4.07
C HIS G 1034 -12.22 8.71 -3.03
N HIS G 1035 -11.41 9.72 -2.69
CA HIS G 1035 -10.39 9.62 -1.64
C HIS G 1035 -10.32 10.98 -0.96
N LEU G 1036 -11.32 11.24 -0.13
CA LEU G 1036 -11.53 12.55 0.48
C LEU G 1036 -11.07 12.54 1.94
N VAL G 1037 -10.47 13.64 2.37
CA VAL G 1037 -9.96 13.70 3.73
C VAL G 1037 -11.08 13.52 4.73
N ASP G 1038 -12.29 13.97 4.39
CA ASP G 1038 -13.42 13.82 5.29
C ASP G 1038 -13.60 12.36 5.72
N ASP G 1039 -13.19 11.42 4.86
CA ASP G 1039 -13.24 10.00 5.16
C ASP G 1039 -11.92 9.46 5.70
N LYS G 1040 -10.80 9.97 5.21
CA LYS G 1040 -9.50 9.37 5.47
C LYS G 1040 -8.78 9.96 6.68
N ILE G 1041 -9.37 10.94 7.36
CA ILE G 1041 -8.77 11.47 8.58
C ILE G 1041 -9.17 10.58 9.75
N HIS G 1042 -8.26 10.42 10.71
CA HIS G 1042 -8.57 9.63 11.89
C HIS G 1042 -7.54 9.91 12.99
N ALA G 1043 -7.98 9.73 14.23
CA ALA G 1043 -7.12 9.94 15.39
C ALA G 1043 -7.77 9.28 16.60
N ARG G 1044 -6.93 8.84 17.54
CA ARG G 1044 -7.39 8.10 18.70
C ARG G 1044 -6.51 8.42 19.88
N SER G 1045 -7.14 8.77 21.02
CA SER G 1045 -6.43 8.77 22.29
C SER G 1045 -6.49 7.36 22.90
N THR G 1046 -7.69 6.89 23.23
CA THR G 1046 -7.91 5.55 23.72
C THR G 1046 -9.13 4.96 23.02
N GLY G 1047 -9.43 3.71 23.31
CA GLY G 1047 -10.58 3.05 22.72
C GLY G 1047 -10.56 1.56 22.91
N PRO G 1048 -11.28 0.83 22.05
CA PRO G 1048 -11.39 -0.62 22.25
C PRO G 1048 -10.04 -1.32 22.16
N TYR G 1049 -9.97 -2.48 22.80
CA TYR G 1049 -8.80 -3.34 22.77
C TYR G 1049 -9.26 -4.76 22.48
N SER G 1050 -8.57 -5.43 21.54
CA SER G 1050 -8.86 -6.83 21.29
C SER G 1050 -8.76 -7.64 22.58
N MET G 1051 -9.72 -8.53 22.79
CA MET G 1051 -9.77 -9.27 24.06
C MET G 1051 -8.55 -10.16 24.22
N ILE G 1052 -8.19 -10.91 23.17
CA ILE G 1052 -7.16 -11.93 23.32
C ILE G 1052 -5.79 -11.27 23.50
N THR G 1053 -5.45 -10.34 22.62
CA THR G 1053 -4.14 -9.71 22.63
C THR G 1053 -4.07 -8.44 23.47
N GLN G 1054 -5.22 -7.86 23.81
CA GLN G 1054 -5.31 -6.64 24.61
C GLN G 1054 -4.65 -5.45 23.90
N GLN G 1055 -4.43 -5.56 22.61
CA GLN G 1055 -3.89 -4.44 21.84
C GLN G 1055 -5.03 -3.66 21.20
N PRO G 1056 -4.86 -2.36 21.03
CA PRO G 1056 -5.93 -1.53 20.45
C PRO G 1056 -6.45 -2.12 19.14
N LEU G 1057 -7.71 -1.82 18.84
CA LEU G 1057 -8.33 -2.30 17.63
C LEU G 1057 -7.70 -1.66 16.40
N GLY G 1058 -8.10 -2.14 15.23
CA GLY G 1058 -7.63 -1.60 13.97
C GLY G 1058 -8.79 -1.05 13.17
N GLY G 1059 -8.48 -0.07 12.32
CA GLY G 1059 -9.49 0.53 11.46
C GLY G 1059 -10.11 1.78 12.03
N LYS G 1060 -10.38 2.75 11.17
CA LYS G 1060 -11.08 3.95 11.61
C LYS G 1060 -12.48 3.61 12.10
N ALA G 1061 -13.16 2.68 11.43
CA ALA G 1061 -14.56 2.39 11.75
C ALA G 1061 -14.71 1.82 13.16
N GLN G 1062 -13.69 1.15 13.68
CA GLN G 1062 -13.69 0.65 15.04
C GLN G 1062 -12.97 1.59 16.00
N PHE G 1063 -12.61 2.80 15.55
CA PHE G 1063 -11.93 3.79 16.39
C PHE G 1063 -10.57 3.27 16.85
N GLY G 1064 -9.85 2.61 15.94
CA GLY G 1064 -8.61 1.95 16.30
C GLY G 1064 -7.41 2.87 16.22
N GLY G 1065 -6.26 2.33 16.64
CA GLY G 1065 -5.01 3.03 16.56
C GLY G 1065 -4.17 2.55 15.38
N GLN G 1066 -3.15 3.32 15.06
CA GLN G 1066 -2.25 2.96 13.98
C GLN G 1066 -1.27 1.90 14.46
N ARG G 1067 -0.79 1.10 13.51
CA ARG G 1067 0.09 -0.04 13.81
C ARG G 1067 1.54 0.41 13.74
N PHE G 1068 2.28 0.19 14.83
CA PHE G 1068 3.71 0.46 14.87
C PHE G 1068 4.42 -0.83 14.52
N GLY G 1069 4.67 -1.01 13.23
CA GLY G 1069 5.14 -2.28 12.72
C GLY G 1069 6.59 -2.58 13.05
N GLU G 1070 7.04 -3.72 12.52
CA GLU G 1070 8.41 -4.16 12.75
C GLU G 1070 9.42 -3.16 12.19
N MET G 1071 9.17 -2.68 10.95
CA MET G 1071 10.08 -1.73 10.33
C MET G 1071 10.16 -0.43 11.13
N GLU G 1072 9.03 0.05 11.62
CA GLU G 1072 9.02 1.27 12.42
C GLU G 1072 9.77 1.05 13.73
N CYS G 1073 9.70 -0.16 14.27
CA CYS G 1073 10.49 -0.49 15.45
C CYS G 1073 11.98 -0.46 15.13
N TRP G 1074 12.35 -0.92 13.94
CA TRP G 1074 13.75 -0.79 13.53
C TRP G 1074 14.15 0.68 13.43
N ALA G 1075 13.26 1.52 12.93
CA ALA G 1075 13.54 2.95 12.86
C ALA G 1075 13.82 3.50 14.26
N MET G 1076 12.95 3.17 15.22
CA MET G 1076 13.18 3.59 16.60
C MET G 1076 14.55 3.13 17.10
N GLN G 1077 14.80 1.82 17.03
CA GLN G 1077 16.08 1.29 17.49
C GLN G 1077 17.24 2.00 16.81
N ALA G 1078 17.08 2.32 15.52
CA ALA G 1078 18.11 3.05 14.80
C ALA G 1078 18.41 4.38 15.46
N TYR G 1079 17.37 5.19 15.70
CA TYR G 1079 17.59 6.46 16.38
C TYR G 1079 18.13 6.27 17.79
N GLY G 1080 17.91 5.11 18.40
CA GLY G 1080 18.27 4.92 19.79
C GLY G 1080 17.28 5.51 20.76
N ALA G 1081 16.03 5.68 20.34
CA ALA G 1081 14.98 6.20 21.21
C ALA G 1081 14.40 5.03 21.99
N ALA G 1082 15.15 4.60 23.01
CA ALA G 1082 14.76 3.41 23.76
C ALA G 1082 13.45 3.66 24.52
N TYR G 1083 13.36 4.79 25.21
CA TYR G 1083 12.18 5.06 26.03
C TYR G 1083 10.94 5.21 25.16
N THR G 1084 11.06 5.83 23.98
CA THR G 1084 9.92 5.93 23.09
C THR G 1084 9.47 4.56 22.62
N LEU G 1085 10.42 3.69 22.26
CA LEU G 1085 10.05 2.33 21.85
C LEU G 1085 9.31 1.60 22.96
N GLN G 1086 9.89 1.59 24.16
CA GLN G 1086 9.23 0.93 25.29
C GLN G 1086 7.83 1.50 25.51
N GLU G 1087 7.73 2.83 25.56
CA GLU G 1087 6.43 3.46 25.77
C GLU G 1087 5.43 3.08 24.69
N LEU G 1088 5.90 2.92 23.45
CA LEU G 1088 5.01 2.50 22.37
C LEU G 1088 4.52 1.08 22.58
N LEU G 1089 5.41 0.17 23.00
CA LEU G 1089 5.10 -1.25 23.10
C LEU G 1089 4.61 -1.66 24.48
N THR G 1090 4.34 -0.71 25.37
CA THR G 1090 3.88 -1.04 26.72
C THR G 1090 2.70 -0.18 27.13
N ILE G 1091 2.98 0.98 27.75
CA ILE G 1091 1.91 1.81 28.31
C ILE G 1091 0.96 2.30 27.21
N LYS G 1092 1.46 2.50 26.00
CA LYS G 1092 0.61 2.97 24.92
C LYS G 1092 -0.14 1.85 24.19
N SER G 1093 0.07 0.59 24.61
CA SER G 1093 -0.59 -0.52 23.93
C SER G 1093 -1.27 -1.48 24.91
N ASP G 1094 -0.59 -2.55 25.29
CA ASP G 1094 -1.22 -3.68 25.98
C ASP G 1094 -0.69 -3.88 27.39
N ASP G 1095 -0.21 -2.82 28.03
CA ASP G 1095 0.12 -2.87 29.46
C ASP G 1095 -1.18 -2.60 30.21
N THR G 1096 -1.85 -3.66 30.65
CA THR G 1096 -3.20 -3.52 31.20
C THR G 1096 -3.24 -2.49 32.32
N VAL G 1097 -2.26 -2.53 33.23
CA VAL G 1097 -2.24 -1.58 34.34
C VAL G 1097 -1.50 -0.30 33.97
N GLY G 1098 -0.51 -0.39 33.06
CA GLY G 1098 0.28 0.78 32.73
C GLY G 1098 -0.49 1.84 31.97
N ARG G 1099 -1.33 1.42 31.02
CA ARG G 1099 -2.09 2.40 30.25
C ARG G 1099 -3.09 3.14 31.14
N VAL G 1100 -3.71 2.43 32.09
CA VAL G 1100 -4.63 3.08 33.02
C VAL G 1100 -3.89 4.11 33.86
N LYS G 1101 -2.73 3.72 34.40
CA LYS G 1101 -1.97 4.65 35.23
C LYS G 1101 -1.45 5.82 34.41
N VAL G 1102 -1.22 5.62 33.10
CA VAL G 1102 -0.83 6.74 32.25
C VAL G 1102 -1.99 7.72 32.08
N TYR G 1103 -3.18 7.20 31.80
CA TYR G 1103 -4.35 8.07 31.71
C TYR G 1103 -4.56 8.84 33.01
N GLU G 1104 -4.47 8.14 34.14
CA GLU G 1104 -4.61 8.78 35.43
C GLU G 1104 -3.54 9.84 35.65
N ALA G 1105 -2.30 9.55 35.26
CA ALA G 1105 -1.21 10.49 35.47
C ALA G 1105 -1.30 11.69 34.55
N ILE G 1106 -1.94 11.54 33.39
CA ILE G 1106 -2.15 12.69 32.52
C ILE G 1106 -3.23 13.59 33.10
N VAL G 1107 -4.36 13.00 33.52
CA VAL G 1107 -5.43 13.84 34.07
C VAL G 1107 -5.01 14.44 35.41
N LYS G 1108 -4.09 13.80 36.12
CA LYS G 1108 -3.61 14.33 37.39
C LYS G 1108 -2.50 15.38 37.20
N GLY G 1109 -1.86 15.39 36.03
CA GLY G 1109 -0.70 16.23 35.84
C GLY G 1109 0.60 15.64 36.37
N GLU G 1110 0.54 14.46 36.98
CA GLU G 1110 1.75 13.81 37.47
C GLU G 1110 2.59 13.30 36.29
N ASN G 1111 3.71 12.70 36.61
CA ASN G 1111 4.62 12.17 35.61
C ASN G 1111 4.12 10.82 35.09
N ILE G 1112 4.62 10.43 33.93
CA ILE G 1112 4.24 9.13 33.36
C ILE G 1112 4.87 8.03 34.20
N PRO G 1113 4.11 6.99 34.58
CA PRO G 1113 4.68 5.95 35.45
C PRO G 1113 5.60 5.01 34.69
N GLU G 1114 6.06 3.95 35.37
CA GLU G 1114 7.00 3.01 34.78
C GLU G 1114 6.24 1.90 34.06
N PRO G 1115 6.51 1.65 32.78
CA PRO G 1115 5.73 0.64 32.05
C PRO G 1115 5.82 -0.74 32.69
N GLY G 1116 4.71 -1.46 32.64
CA GLY G 1116 4.64 -2.83 33.09
C GLY G 1116 4.95 -3.82 31.99
N ILE G 1117 4.43 -5.03 32.13
CA ILE G 1117 4.69 -6.10 31.16
C ILE G 1117 3.53 -6.16 30.18
N PRO G 1118 3.80 -6.40 28.88
CA PRO G 1118 2.69 -6.52 27.92
C PRO G 1118 1.91 -7.82 28.13
N GLU G 1119 0.58 -7.70 28.18
CA GLU G 1119 -0.26 -8.88 28.31
C GLU G 1119 -0.05 -9.84 27.15
N SER G 1120 0.28 -9.31 25.96
CA SER G 1120 0.52 -10.16 24.81
C SER G 1120 1.65 -11.16 25.07
N PHE G 1121 2.65 -10.76 25.86
CA PHE G 1121 3.74 -11.68 26.15
C PHE G 1121 3.29 -12.78 27.11
N LYS G 1122 2.45 -12.44 28.09
CA LYS G 1122 1.81 -13.47 28.89
C LYS G 1122 1.09 -14.47 28.01
N VAL G 1123 0.38 -13.96 26.99
CA VAL G 1123 -0.31 -14.85 26.05
C VAL G 1123 0.69 -15.77 25.34
N LEU G 1124 1.80 -15.20 24.88
CA LEU G 1124 2.84 -16.01 24.25
C LEU G 1124 3.27 -17.15 25.17
N LEU G 1125 3.50 -16.83 26.44
CA LEU G 1125 3.95 -17.86 27.38
C LEU G 1125 2.91 -18.96 27.52
N LYS G 1126 1.65 -18.57 27.69
CA LYS G 1126 0.60 -19.59 27.85
C LYS G 1126 0.47 -20.46 26.62
N GLU G 1127 0.70 -19.88 25.43
CA GLU G 1127 0.64 -20.68 24.21
C GLU G 1127 1.80 -21.66 24.13
N LEU G 1128 3.02 -21.17 24.37
CA LEU G 1128 4.17 -22.07 24.39
C LEU G 1128 3.96 -23.20 25.39
N GLN G 1129 3.23 -22.94 26.48
CA GLN G 1129 2.89 -24.03 27.40
C GLN G 1129 1.87 -24.97 26.76
N SER G 1130 0.86 -24.43 26.08
CA SER G 1130 -0.12 -25.28 25.41
C SER G 1130 0.53 -26.22 24.41
N LEU G 1131 1.76 -25.93 23.97
CA LEU G 1131 2.50 -26.86 23.11
C LEU G 1131 3.50 -27.71 23.89
N CYS G 1132 3.23 -28.00 25.16
CA CYS G 1132 4.08 -28.88 25.97
C CYS G 1132 5.52 -28.37 26.03
N LEU G 1133 5.70 -27.06 26.07
CA LEU G 1133 7.00 -26.44 26.26
C LEU G 1133 7.00 -25.72 27.59
N ASN G 1134 7.89 -26.14 28.49
CA ASN G 1134 7.92 -25.61 29.85
C ASN G 1134 8.78 -24.36 29.90
N VAL G 1135 8.16 -23.21 29.67
CA VAL G 1135 8.84 -21.93 29.70
C VAL G 1135 8.73 -21.35 31.11
N GLU G 1136 9.85 -20.83 31.61
CA GLU G 1136 9.91 -20.29 32.97
C GLU G 1136 10.78 -19.03 32.95
N VAL G 1137 10.37 -18.02 33.70
CA VAL G 1137 11.14 -16.80 33.87
C VAL G 1137 11.93 -16.92 35.16
N LEU G 1138 13.25 -16.79 35.07
CA LEU G 1138 14.14 -16.90 36.22
C LEU G 1138 14.63 -15.53 36.62
N SER G 1139 14.77 -15.32 37.92
CA SER G 1139 15.37 -14.10 38.45
C SER G 1139 16.89 -14.25 38.50
N SER G 1140 17.57 -13.15 38.83
CA SER G 1140 19.03 -13.17 38.86
C SER G 1140 19.57 -14.23 39.81
N ASP G 1141 18.78 -14.68 40.79
CA ASP G 1141 19.24 -15.70 41.70
C ASP G 1141 19.05 -17.10 41.13
N GLY G 1142 18.08 -17.29 40.25
CA GLY G 1142 17.80 -18.60 39.66
C GLY G 1142 16.45 -19.17 40.00
N ALA G 1143 15.66 -18.54 40.87
CA ALA G 1143 14.35 -19.05 41.24
C ALA G 1143 13.32 -18.62 40.21
N ALA G 1144 12.49 -19.57 39.78
CA ALA G 1144 11.42 -19.25 38.85
C ALA G 1144 10.41 -18.32 39.53
N ILE G 1145 10.02 -17.27 38.81
CA ILE G 1145 9.09 -16.27 39.32
C ILE G 1145 7.79 -16.37 38.54
N GLU G 1146 6.68 -16.11 39.23
CA GLU G 1146 5.35 -16.25 38.64
C GLU G 1146 4.74 -14.90 38.31
N PHE H 6 11.85 -6.67 36.41
CA PHE H 6 13.22 -7.13 36.21
C PHE H 6 13.37 -8.62 36.55
N PHE H 7 13.61 -9.42 35.50
CA PHE H 7 13.90 -10.83 35.67
C PHE H 7 14.93 -11.22 34.61
N ASP H 8 15.99 -11.90 35.05
CA ASP H 8 17.18 -12.05 34.23
C ASP H 8 16.95 -12.96 33.03
N GLU H 9 16.73 -14.25 33.26
CA GLU H 9 16.73 -15.24 32.20
C GLU H 9 15.31 -15.70 31.88
N LEU H 10 15.19 -16.31 30.69
CA LEU H 10 13.96 -17.00 30.27
C LEU H 10 14.35 -18.43 29.89
N ARG H 11 13.94 -19.39 30.71
CA ARG H 11 14.26 -20.80 30.50
C ARG H 11 13.13 -21.48 29.76
N ILE H 12 13.49 -22.42 28.88
CA ILE H 12 12.51 -23.26 28.18
C ILE H 12 13.06 -24.68 28.15
N GLY H 13 12.15 -25.65 28.27
CA GLY H 13 12.55 -27.04 28.25
C GLY H 13 11.33 -27.92 28.01
N LEU H 14 11.59 -29.22 27.97
CA LEU H 14 10.51 -30.18 27.77
C LEU H 14 9.60 -30.23 28.99
N ALA H 15 8.30 -30.34 28.74
CA ALA H 15 7.31 -30.42 29.80
C ALA H 15 7.08 -31.87 30.19
N THR H 16 7.41 -32.21 31.43
CA THR H 16 7.11 -33.54 31.93
C THR H 16 5.61 -33.71 32.11
N ALA H 17 5.15 -34.94 31.97
CA ALA H 17 3.75 -35.24 32.29
C ALA H 17 3.38 -34.67 33.66
N GLU H 18 4.30 -34.79 34.62
CA GLU H 18 4.04 -34.24 35.95
C GLU H 18 3.87 -32.73 35.90
N ASP H 19 4.67 -32.04 35.09
CA ASP H 19 4.50 -30.60 34.94
C ASP H 19 3.15 -30.28 34.33
N ILE H 20 2.74 -31.04 33.31
CA ILE H 20 1.45 -30.79 32.68
C ILE H 20 0.33 -30.93 33.70
N ARG H 21 0.40 -31.96 34.55
CA ARG H 21 -0.63 -32.13 35.57
C ARG H 21 -0.55 -31.06 36.65
N GLN H 22 0.67 -30.62 36.98
CA GLN H 22 0.82 -29.59 38.01
C GLN H 22 0.25 -28.25 37.55
N TRP H 23 0.35 -27.95 36.26
CA TRP H 23 -0.28 -26.73 35.74
C TRP H 23 -1.79 -26.80 35.84
N SER H 24 -2.38 -27.90 35.38
CA SER H 24 -3.82 -27.97 35.19
C SER H 24 -4.55 -27.83 36.51
N TYR H 25 -5.66 -27.10 36.48
CA TYR H 25 -6.58 -26.99 37.60
C TYR H 25 -7.67 -28.06 37.57
N GLY H 26 -7.47 -29.11 36.80
CA GLY H 26 -8.43 -30.20 36.69
C GLY H 26 -8.44 -30.77 35.30
N GLU H 27 -8.97 -31.99 35.20
CA GLU H 27 -9.03 -32.70 33.93
C GLU H 27 -10.31 -32.33 33.17
N VAL H 28 -10.20 -32.29 31.84
CA VAL H 28 -11.35 -32.07 30.97
C VAL H 28 -11.87 -33.45 30.58
N LYS H 29 -12.86 -33.93 31.34
CA LYS H 29 -13.43 -35.25 31.06
C LYS H 29 -14.44 -35.21 29.94
N LYS H 30 -15.47 -34.37 30.08
CA LYS H 30 -16.54 -34.33 29.10
C LYS H 30 -16.12 -33.50 27.88
N PRO H 31 -16.58 -33.88 26.68
CA PRO H 31 -16.25 -33.12 25.48
C PRO H 31 -17.16 -31.93 25.20
N GLU H 32 -18.22 -31.75 25.99
CA GLU H 32 -19.16 -30.67 25.74
C GLU H 32 -18.48 -29.32 25.91
N THR H 33 -19.06 -28.30 25.24
CA THR H 33 -18.58 -26.94 25.36
C THR H 33 -19.45 -26.16 26.34
N ILE H 34 -20.58 -25.65 25.87
CA ILE H 34 -21.52 -24.89 26.69
C ILE H 34 -22.93 -25.44 26.45
N ASN H 35 -23.90 -24.80 27.09
CA ASN H 35 -25.30 -24.99 26.77
C ASN H 35 -25.74 -23.85 25.85
N TYR H 36 -26.44 -24.19 24.77
CA TYR H 36 -26.83 -23.21 23.78
C TYR H 36 -28.10 -22.45 24.15
N ARG H 37 -28.69 -22.74 25.31
CA ARG H 37 -29.83 -22.00 25.83
C ARG H 37 -29.45 -21.12 27.01
N THR H 38 -28.83 -21.70 28.04
CA THR H 38 -28.48 -20.99 29.25
C THR H 38 -27.15 -20.26 29.18
N LEU H 39 -26.39 -20.44 28.10
CA LEU H 39 -25.06 -19.85 27.93
C LEU H 39 -24.11 -20.22 29.06
N LYS H 40 -24.46 -21.22 29.87
CA LYS H 40 -23.62 -21.64 30.96
C LYS H 40 -22.65 -22.71 30.49
N PRO H 41 -21.41 -22.71 30.96
CA PRO H 41 -20.46 -23.76 30.56
C PRO H 41 -20.77 -25.07 31.27
N GLU H 42 -20.78 -26.15 30.50
CA GLU H 42 -21.05 -27.47 31.07
C GLU H 42 -19.94 -27.87 32.03
N LYS H 43 -20.33 -28.56 33.11
CA LYS H 43 -19.37 -29.01 34.10
C LYS H 43 -18.43 -30.04 33.47
N ASP H 44 -17.15 -29.95 33.83
CA ASP H 44 -16.10 -30.83 33.35
C ASP H 44 -15.93 -30.78 31.82
N GLY H 45 -16.49 -29.76 31.17
CA GLY H 45 -16.30 -29.56 29.76
C GLY H 45 -15.10 -28.67 29.48
N LEU H 46 -14.99 -28.26 28.21
CA LEU H 46 -13.87 -27.41 27.82
C LEU H 46 -13.92 -26.04 28.48
N PHE H 47 -15.02 -25.68 29.14
CA PHE H 47 -15.15 -24.39 29.80
C PHE H 47 -15.52 -24.53 31.27
N CYS H 48 -15.25 -25.69 31.87
CA CYS H 48 -15.68 -25.94 33.24
C CYS H 48 -15.19 -24.85 34.18
N GLU H 49 -16.12 -24.29 34.95
CA GLU H 49 -15.77 -23.19 35.85
C GLU H 49 -14.99 -23.68 37.06
N LYS H 50 -15.20 -24.93 37.47
CA LYS H 50 -14.34 -25.51 38.50
C LYS H 50 -12.89 -25.51 38.06
N ILE H 51 -12.63 -25.67 36.76
CA ILE H 51 -11.27 -25.81 36.24
C ILE H 51 -10.69 -24.44 35.90
N PHE H 52 -11.26 -23.80 34.88
CA PHE H 52 -10.66 -22.60 34.30
C PHE H 52 -11.07 -21.33 35.04
N GLY H 53 -12.33 -21.22 35.44
CA GLY H 53 -12.76 -20.09 36.23
C GLY H 53 -14.20 -19.69 35.99
N PRO H 54 -14.68 -18.72 36.76
CA PRO H 54 -16.08 -18.29 36.62
C PRO H 54 -16.27 -17.36 35.43
N THR H 55 -17.41 -17.51 34.76
CA THR H 55 -17.72 -16.65 33.62
C THR H 55 -17.69 -15.18 34.04
N ARG H 56 -18.39 -14.85 35.11
CA ARG H 56 -18.46 -13.50 35.64
C ARG H 56 -17.71 -13.42 36.96
N ASP H 57 -17.42 -12.19 37.38
CA ASP H 57 -16.59 -11.97 38.56
C ASP H 57 -17.35 -12.38 39.82
N TRP H 58 -16.75 -13.29 40.60
CA TRP H 58 -17.29 -13.73 41.89
C TRP H 58 -18.64 -14.42 41.75
N GLU H 59 -18.97 -14.91 40.55
CA GLU H 59 -20.22 -15.62 40.31
C GLU H 59 -19.91 -17.08 40.03
N CYS H 60 -20.39 -17.96 40.89
CA CYS H 60 -20.20 -19.40 40.69
C CYS H 60 -21.32 -19.96 39.81
N TYR H 61 -21.16 -21.23 39.43
CA TYR H 61 -22.10 -21.85 38.49
C TYR H 61 -23.48 -22.03 39.11
N CYS H 62 -23.54 -22.64 40.31
CA CYS H 62 -24.82 -22.95 40.91
C CYS H 62 -25.58 -21.71 41.36
N GLY H 63 -24.90 -20.58 41.52
CA GLY H 63 -25.55 -19.35 41.92
C GLY H 63 -25.64 -19.11 43.40
N LYS H 64 -24.95 -19.91 44.23
CA LYS H 64 -25.02 -19.71 45.67
C LYS H 64 -24.20 -18.50 46.11
N TYR H 65 -23.04 -18.30 45.51
CA TYR H 65 -22.15 -17.19 45.86
C TYR H 65 -22.07 -16.25 44.67
N LYS H 66 -22.78 -15.12 44.76
CA LYS H 66 -22.80 -14.11 43.70
C LYS H 66 -22.26 -12.77 44.18
N ARG H 67 -21.70 -12.72 45.38
CA ARG H 67 -21.29 -11.47 46.01
C ARG H 67 -19.78 -11.46 46.24
N VAL H 68 -19.24 -10.26 46.42
CA VAL H 68 -17.80 -10.12 46.62
C VAL H 68 -17.37 -10.52 48.02
N ARG H 69 -18.31 -10.60 48.97
CA ARG H 69 -17.94 -10.95 50.34
C ARG H 69 -17.24 -12.30 50.38
N PHE H 70 -17.67 -13.25 49.54
CA PHE H 70 -17.09 -14.58 49.51
C PHE H 70 -15.86 -14.52 48.60
N LYS H 71 -14.76 -14.07 49.18
CA LYS H 71 -13.47 -13.98 48.47
C LYS H 71 -12.64 -15.20 48.85
N GLY H 72 -12.51 -16.14 47.93
CA GLY H 72 -11.72 -17.34 48.16
C GLY H 72 -12.48 -18.55 48.63
N ILE H 73 -13.80 -18.55 48.53
CA ILE H 73 -14.62 -19.68 48.97
C ILE H 73 -14.77 -20.64 47.80
N ILE H 74 -14.49 -21.92 48.04
CA ILE H 74 -14.74 -22.98 47.08
C ILE H 74 -16.19 -23.44 47.28
N CYS H 75 -17.08 -23.04 46.38
CA CYS H 75 -18.48 -23.44 46.48
C CYS H 75 -18.58 -24.95 46.60
N GLU H 76 -19.46 -25.41 47.50
CA GLU H 76 -19.62 -26.84 47.75
C GLU H 76 -20.64 -27.49 46.84
N ARG H 77 -21.51 -26.70 46.18
CA ARG H 77 -22.53 -27.27 45.31
C ARG H 77 -22.16 -27.23 43.83
N CYS H 78 -21.23 -26.38 43.42
CA CYS H 78 -20.73 -26.38 42.05
C CYS H 78 -19.22 -26.51 41.94
N GLY H 79 -18.46 -26.21 42.99
CA GLY H 79 -17.03 -26.40 42.95
C GLY H 79 -16.25 -25.30 42.25
N VAL H 80 -16.86 -24.14 42.05
CA VAL H 80 -16.20 -23.02 41.37
C VAL H 80 -15.58 -22.11 42.42
N GLU H 81 -14.40 -21.58 42.11
CA GLU H 81 -13.77 -20.58 42.96
C GLU H 81 -14.31 -19.20 42.61
N VAL H 82 -14.12 -18.25 43.53
CA VAL H 82 -14.69 -16.91 43.38
C VAL H 82 -13.58 -15.87 43.34
N THR H 83 -13.02 -15.67 42.15
CA THR H 83 -12.09 -14.57 41.90
C THR H 83 -12.51 -13.89 40.60
N ARG H 84 -11.66 -13.01 40.07
CA ARG H 84 -12.02 -12.30 38.84
C ARG H 84 -11.94 -13.24 37.64
N ALA H 85 -12.75 -12.93 36.62
CA ALA H 85 -12.74 -13.71 35.39
C ALA H 85 -11.39 -13.66 34.67
N LYS H 86 -10.49 -12.76 35.07
CA LYS H 86 -9.16 -12.71 34.48
C LYS H 86 -8.46 -14.05 34.53
N VAL H 87 -8.79 -14.89 35.52
CA VAL H 87 -8.12 -16.18 35.65
C VAL H 87 -8.46 -17.11 34.49
N ARG H 88 -9.59 -16.90 33.82
CA ARG H 88 -9.87 -17.66 32.61
C ARG H 88 -8.91 -17.32 31.48
N ARG H 89 -7.91 -16.47 31.73
CA ARG H 89 -6.87 -16.16 30.77
C ARG H 89 -5.52 -16.78 31.13
N GLU H 90 -5.44 -17.51 32.25
CA GLU H 90 -4.16 -18.06 32.69
C GLU H 90 -4.26 -19.45 33.30
N ARG H 91 -5.44 -19.92 33.70
CA ARG H 91 -5.56 -21.25 34.28
C ARG H 91 -5.56 -22.29 33.18
N MET H 92 -4.67 -23.28 33.30
CA MET H 92 -4.56 -24.35 32.33
C MET H 92 -5.45 -25.51 32.73
N GLY H 93 -5.97 -26.21 31.71
CA GLY H 93 -6.59 -27.50 31.90
C GLY H 93 -5.71 -28.62 31.38
N HIS H 94 -6.28 -29.82 31.34
CA HIS H 94 -5.53 -30.92 30.75
C HIS H 94 -6.44 -32.11 30.51
N ILE H 95 -6.05 -32.91 29.53
CA ILE H 95 -6.67 -34.19 29.23
C ILE H 95 -5.67 -35.29 29.60
N GLU H 96 -6.12 -36.23 30.43
CA GLU H 96 -5.31 -37.39 30.78
C GLU H 96 -5.57 -38.49 29.75
N LEU H 97 -4.52 -38.88 29.04
CA LEU H 97 -4.66 -39.78 27.91
C LEU H 97 -4.64 -41.23 28.40
N ALA H 98 -5.56 -42.03 27.87
CA ALA H 98 -5.61 -43.45 28.18
C ALA H 98 -4.55 -44.26 27.44
N ALA H 99 -3.78 -43.61 26.56
CA ALA H 99 -2.72 -44.28 25.83
C ALA H 99 -1.66 -43.24 25.47
N PRO H 100 -0.38 -43.52 25.67
CA PRO H 100 0.65 -42.53 25.34
C PRO H 100 0.61 -42.14 23.87
N VAL H 101 1.11 -40.93 23.60
CA VAL H 101 1.07 -40.34 22.27
C VAL H 101 2.35 -39.51 22.09
N THR H 102 2.81 -39.43 20.84
CA THR H 102 4.05 -38.74 20.53
C THR H 102 3.77 -37.31 20.06
N HIS H 103 4.68 -36.42 20.42
CA HIS H 103 4.58 -34.99 20.11
C HIS H 103 5.10 -34.77 18.68
N ILE H 104 4.18 -34.49 17.75
CA ILE H 104 4.54 -34.52 16.33
C ILE H 104 5.78 -33.70 16.05
N TRP H 105 5.97 -32.60 16.78
CA TRP H 105 7.11 -31.74 16.53
C TRP H 105 8.42 -32.52 16.53
N TYR H 106 8.57 -33.46 17.46
CA TYR H 106 9.80 -34.23 17.57
C TYR H 106 9.83 -35.44 16.66
N PHE H 107 8.68 -35.89 16.18
CA PHE H 107 8.65 -36.99 15.22
C PHE H 107 8.82 -36.48 13.79
N LYS H 108 7.87 -35.67 13.32
CA LYS H 108 7.85 -35.33 11.90
C LYS H 108 8.78 -34.16 11.58
N GLY H 109 8.94 -33.22 12.50
CA GLY H 109 9.87 -32.13 12.29
C GLY H 109 11.21 -32.65 11.80
N VAL H 110 11.76 -32.05 10.76
CA VAL H 110 12.99 -32.51 10.13
C VAL H 110 14.16 -31.74 10.72
N PRO H 111 15.20 -32.41 11.23
CA PRO H 111 15.35 -33.87 11.29
C PRO H 111 14.53 -34.50 12.41
N SER H 112 13.93 -35.66 12.13
CA SER H 112 13.16 -36.38 13.13
C SER H 112 14.00 -36.57 14.40
N ARG H 113 13.62 -35.86 15.46
CA ARG H 113 14.42 -35.90 16.69
C ARG H 113 14.43 -37.29 17.30
N LEU H 114 13.26 -37.94 17.36
CA LEU H 114 13.20 -39.31 17.88
C LEU H 114 14.06 -40.24 17.03
N GLY H 115 13.93 -40.16 15.71
CA GLY H 115 14.76 -40.97 14.84
C GLY H 115 16.24 -40.80 15.11
N TYR H 116 16.65 -39.59 15.47
CA TYR H 116 18.05 -39.37 15.81
C TYR H 116 18.38 -39.92 17.20
N LEU H 117 17.41 -39.94 18.11
CA LEU H 117 17.69 -40.43 19.46
C LEU H 117 17.78 -41.95 19.49
N LEU H 118 16.88 -42.63 18.77
CA LEU H 118 16.84 -44.09 18.77
C LEU H 118 17.48 -44.71 17.54
N ASP H 119 18.08 -43.89 16.66
CA ASP H 119 18.69 -44.36 15.42
C ASP H 119 17.67 -44.99 14.48
N LEU H 120 16.39 -44.70 14.69
CA LEU H 120 15.31 -45.28 13.90
C LEU H 120 15.01 -44.39 12.70
N ALA H 121 14.89 -45.02 11.53
CA ALA H 121 14.57 -44.27 10.32
C ALA H 121 13.25 -43.53 10.49
N PRO H 122 13.11 -42.34 9.87
CA PRO H 122 11.82 -41.64 9.98
C PRO H 122 10.66 -42.45 9.45
N LYS H 123 10.84 -43.21 8.37
CA LYS H 123 9.74 -43.99 7.84
C LYS H 123 9.39 -45.16 8.75
N ASP H 124 10.41 -45.85 9.27
CA ASP H 124 10.17 -46.90 10.26
C ASP H 124 9.42 -46.35 11.46
N LEU H 125 9.85 -45.18 11.95
CA LEU H 125 9.19 -44.57 13.09
C LEU H 125 7.75 -44.21 12.75
N GLU H 126 7.51 -43.74 11.51
CA GLU H 126 6.16 -43.42 11.09
C GLU H 126 5.28 -44.66 11.13
N LYS H 127 5.78 -45.77 10.59
CA LYS H 127 5.03 -47.03 10.64
C LYS H 127 4.75 -47.43 12.08
N ILE H 128 5.73 -47.26 12.97
CA ILE H 128 5.54 -47.64 14.37
C ILE H 128 4.43 -46.80 15.00
N ILE H 129 4.54 -45.48 14.91
CA ILE H 129 3.66 -44.61 15.68
C ILE H 129 2.21 -44.77 15.23
N TYR H 130 1.98 -44.94 13.94
CA TYR H 130 0.64 -44.99 13.38
C TYR H 130 0.17 -46.41 13.12
N PHE H 131 0.72 -47.37 13.88
CA PHE H 131 0.22 -48.75 13.91
C PHE H 131 0.22 -49.37 12.52
N ALA H 132 1.36 -49.26 11.84
CA ALA H 132 1.60 -49.96 10.59
C ALA H 132 2.57 -51.12 10.72
N ALA H 133 3.34 -51.17 11.82
CA ALA H 133 4.28 -52.26 12.06
C ALA H 133 4.50 -52.39 13.56
N TYR H 134 4.69 -53.62 14.01
CA TYR H 134 5.12 -53.85 15.39
C TYR H 134 6.63 -53.57 15.52
N VAL H 135 7.08 -53.47 16.76
CA VAL H 135 8.49 -53.23 17.05
C VAL H 135 8.87 -54.03 18.30
N ILE H 136 10.08 -54.57 18.28
CA ILE H 136 10.57 -55.43 19.35
C ILE H 136 11.16 -54.53 20.44
N THR H 137 10.56 -54.59 21.64
CA THR H 137 11.05 -53.78 22.75
C THR H 137 12.16 -54.50 23.50
N SER H 138 12.05 -55.81 23.70
CA SER H 138 13.04 -56.57 24.45
C SER H 138 13.03 -58.01 23.98
N VAL H 139 14.19 -58.67 24.11
CA VAL H 139 14.32 -60.07 23.73
C VAL H 139 15.26 -60.77 24.72
N ASP H 140 14.79 -61.85 25.32
CA ASP H 140 15.59 -62.61 26.28
C ASP H 140 16.56 -63.49 25.50
N GLU H 141 17.70 -62.89 25.13
CA GLU H 141 18.65 -63.58 24.26
C GLU H 141 19.28 -64.78 24.95
N GLU H 142 19.42 -64.74 26.28
CA GLU H 142 20.06 -65.85 26.98
C GLU H 142 19.14 -67.08 27.00
N MET H 143 17.86 -66.88 27.30
CA MET H 143 16.92 -68.00 27.26
C MET H 143 16.86 -68.60 25.86
N ARG H 144 16.83 -67.74 24.84
CA ARG H 144 16.85 -68.22 23.47
C ARG H 144 18.10 -69.04 23.19
N HIS H 145 19.25 -68.59 23.68
CA HIS H 145 20.48 -69.36 23.49
C HIS H 145 20.37 -70.72 24.18
N ASN H 146 19.77 -70.75 25.37
CA ASN H 146 19.67 -72.00 26.12
C ASN H 146 18.61 -72.94 25.56
N GLU H 147 17.74 -72.48 24.66
CA GLU H 147 16.73 -73.34 24.06
C GLU H 147 16.87 -73.48 22.53
N LEU H 148 17.94 -72.92 21.96
CA LEU H 148 18.06 -72.89 20.50
C LEU H 148 18.08 -74.29 19.89
N SER H 149 18.84 -75.22 20.48
CA SER H 149 18.93 -76.56 19.89
C SER H 149 17.56 -77.19 19.77
N THR H 150 16.78 -77.16 20.85
CA THR H 150 15.46 -77.76 20.85
C THR H 150 14.55 -77.08 19.84
N LEU H 151 14.56 -75.75 19.81
CA LEU H 151 13.66 -75.05 18.90
C LEU H 151 14.04 -75.31 17.45
N GLU H 152 15.33 -75.39 17.15
CA GLU H 152 15.78 -75.75 15.81
C GLU H 152 15.26 -77.13 15.43
N ALA H 153 15.42 -78.11 16.34
CA ALA H 153 14.96 -79.46 16.04
C ALA H 153 13.47 -79.48 15.73
N GLU H 154 12.68 -78.75 16.51
CA GLU H 154 11.22 -78.77 16.29
C GLU H 154 10.85 -78.08 14.99
N MET H 155 11.49 -76.93 14.70
CA MET H 155 11.25 -76.27 13.42
C MET H 155 11.56 -77.20 12.26
N ALA H 156 12.67 -77.95 12.37
CA ALA H 156 13.03 -78.87 11.29
C ALA H 156 12.02 -79.99 11.14
N VAL H 157 11.52 -80.52 12.25
CA VAL H 157 10.50 -81.56 12.18
C VAL H 157 9.26 -81.01 11.48
N GLU H 158 8.91 -79.75 11.75
CA GLU H 158 7.73 -79.16 11.12
C GLU H 158 7.94 -79.03 9.60
N ARG H 159 9.10 -78.52 9.19
CA ARG H 159 9.38 -78.44 7.75
C ARG H 159 9.31 -79.81 7.09
N LYS H 160 9.87 -80.84 7.76
CA LYS H 160 9.83 -82.18 7.18
C LYS H 160 8.39 -82.69 7.09
N ALA H 161 7.56 -82.37 8.08
CA ALA H 161 6.15 -82.75 8.02
C ALA H 161 5.49 -82.16 6.77
N VAL H 162 5.72 -80.86 6.55
CA VAL H 162 5.19 -80.22 5.35
C VAL H 162 5.63 -80.99 4.11
N GLU H 163 6.93 -81.28 4.02
CA GLU H 163 7.45 -81.90 2.81
C GLU H 163 6.87 -83.29 2.60
N ASP H 164 6.78 -84.10 3.66
CA ASP H 164 6.25 -85.45 3.53
C ASP H 164 4.79 -85.43 3.09
N GLN H 165 3.98 -84.58 3.73
CA GLN H 165 2.59 -84.48 3.33
C GLN H 165 2.47 -84.05 1.87
N ARG H 166 3.32 -83.10 1.45
CA ARG H 166 3.30 -82.66 0.06
C ARG H 166 3.58 -83.82 -0.88
N ASP H 167 4.63 -84.59 -0.59
CA ASP H 167 4.99 -85.70 -1.48
C ASP H 167 3.85 -86.72 -1.57
N GLY H 168 3.21 -87.02 -0.44
CA GLY H 168 2.09 -87.95 -0.48
C GLY H 168 0.94 -87.44 -1.32
N GLU H 169 0.57 -86.17 -1.12
CA GLU H 169 -0.50 -85.55 -1.90
C GLU H 169 -0.19 -85.63 -3.39
N LEU H 170 1.04 -85.25 -3.76
CA LEU H 170 1.43 -85.26 -5.16
C LEU H 170 1.38 -86.67 -5.74
N GLU H 171 1.79 -87.67 -4.95
CA GLU H 171 1.73 -89.05 -5.43
C GLU H 171 0.29 -89.45 -5.71
N ALA H 172 -0.62 -89.14 -4.78
CA ALA H 172 -2.02 -89.44 -5.01
C ALA H 172 -2.50 -88.84 -6.32
N ARG H 173 -2.20 -87.55 -6.53
CA ARG H 173 -2.71 -86.90 -7.74
C ARG H 173 -2.08 -87.48 -9.00
N ALA H 174 -0.78 -87.78 -8.98
CA ALA H 174 -0.13 -88.31 -10.17
C ALA H 174 -0.65 -89.69 -10.53
N GLN H 175 -0.90 -90.53 -9.52
CA GLN H 175 -1.45 -91.85 -9.81
C GLN H 175 -2.87 -91.74 -10.33
N LYS H 176 -3.67 -90.84 -9.76
CA LYS H 176 -5.00 -90.61 -10.33
C LYS H 176 -4.88 -90.14 -11.76
N LEU H 177 -3.88 -89.31 -12.07
CA LEU H 177 -3.70 -88.84 -13.44
C LEU H 177 -3.43 -89.99 -14.39
N GLU H 178 -2.46 -90.84 -14.04
CA GLU H 178 -2.15 -91.98 -14.91
C GLU H 178 -3.36 -92.88 -15.10
N ALA H 179 -4.05 -93.19 -14.01
CA ALA H 179 -5.22 -94.07 -14.10
C ALA H 179 -6.32 -93.42 -14.95
N ASP H 180 -6.53 -92.12 -14.78
CA ASP H 180 -7.57 -91.44 -15.55
C ASP H 180 -7.23 -91.39 -17.03
N LEU H 181 -5.95 -91.20 -17.37
CA LEU H 181 -5.58 -91.21 -18.77
C LEU H 181 -5.77 -92.61 -19.37
N ALA H 182 -5.40 -93.65 -18.62
CA ALA H 182 -5.68 -95.00 -19.10
C ALA H 182 -7.18 -95.23 -19.28
N GLU H 183 -7.99 -94.67 -18.38
CA GLU H 183 -9.43 -94.88 -18.45
C GLU H 183 -10.04 -94.14 -19.65
N LEU H 184 -9.65 -92.88 -19.85
CA LEU H 184 -10.10 -92.13 -21.01
C LEU H 184 -9.55 -92.70 -22.31
N GLU H 185 -8.47 -93.46 -22.24
CA GLU H 185 -8.00 -94.20 -23.41
C GLU H 185 -8.85 -95.44 -23.66
N ALA H 186 -9.33 -96.09 -22.59
CA ALA H 186 -10.27 -97.18 -22.76
C ALA H 186 -11.59 -96.68 -23.33
N GLU H 187 -11.99 -95.46 -22.99
CA GLU H 187 -13.17 -94.85 -23.59
C GLU H 187 -12.92 -94.38 -25.02
N GLY H 188 -11.66 -94.35 -25.47
CA GLY H 188 -11.34 -94.02 -26.84
C GLY H 188 -11.30 -92.56 -27.17
N ALA H 189 -11.29 -91.69 -26.16
CA ALA H 189 -11.27 -90.25 -26.42
C ALA H 189 -10.06 -89.87 -27.27
N LYS H 190 -10.23 -88.82 -28.07
CA LYS H 190 -9.14 -88.33 -28.90
C LYS H 190 -7.98 -87.88 -28.04
N ALA H 191 -6.76 -88.02 -28.58
CA ALA H 191 -5.56 -87.66 -27.83
C ALA H 191 -5.56 -86.20 -27.38
N ASP H 192 -6.32 -85.34 -28.06
CA ASP H 192 -6.40 -83.94 -27.66
C ASP H 192 -7.08 -83.81 -26.30
N ALA H 193 -8.18 -84.54 -26.10
CA ALA H 193 -8.83 -84.54 -24.78
C ALA H 193 -7.87 -85.01 -23.71
N ARG H 194 -7.09 -86.06 -24.01
CA ARG H 194 -6.13 -86.55 -23.02
C ARG H 194 -5.05 -85.51 -22.73
N ARG H 195 -4.65 -84.73 -23.74
CA ARG H 195 -3.70 -83.66 -23.49
C ARG H 195 -4.29 -82.61 -22.57
N LYS H 196 -5.57 -82.30 -22.76
CA LYS H 196 -6.24 -81.37 -21.85
C LYS H 196 -6.20 -81.90 -20.42
N VAL H 197 -6.55 -83.17 -20.23
CA VAL H 197 -6.56 -83.74 -18.88
C VAL H 197 -5.15 -83.75 -18.30
N ARG H 198 -4.15 -84.06 -19.13
CA ARG H 198 -2.77 -84.07 -18.68
C ARG H 198 -2.35 -82.70 -18.16
N ASP H 199 -2.61 -81.66 -18.95
CA ASP H 199 -2.24 -80.31 -18.53
C ASP H 199 -3.02 -79.90 -17.28
N GLY H 200 -4.27 -80.32 -17.17
CA GLY H 200 -5.02 -80.01 -15.96
C GLY H 200 -4.41 -80.66 -14.72
N GLY H 201 -3.99 -81.92 -14.84
CA GLY H 201 -3.34 -82.57 -13.73
C GLY H 201 -2.04 -81.89 -13.33
N GLU H 202 -1.23 -81.53 -14.33
CA GLU H 202 0.01 -80.81 -14.05
C GLU H 202 -0.28 -79.48 -13.35
N ARG H 203 -1.36 -78.80 -13.77
CA ARG H 203 -1.79 -77.57 -13.11
C ARG H 203 -2.10 -77.81 -11.64
N GLU H 204 -2.94 -78.81 -11.36
CA GLU H 204 -3.30 -79.09 -9.97
C GLU H 204 -2.08 -79.44 -9.13
N MET H 205 -1.18 -80.25 -9.69
CA MET H 205 0.01 -80.65 -8.94
C MET H 205 0.88 -79.43 -8.63
N ARG H 206 1.03 -78.52 -9.59
CA ARG H 206 1.77 -77.29 -9.33
C ARG H 206 1.10 -76.49 -8.22
N GLN H 207 -0.23 -76.42 -8.22
CA GLN H 207 -0.93 -75.70 -7.16
C GLN H 207 -0.62 -76.31 -5.79
N ILE H 208 -0.66 -77.63 -5.70
CA ILE H 208 -0.38 -78.29 -4.43
C ILE H 208 1.04 -77.99 -3.99
N ARG H 209 2.01 -78.16 -4.90
CA ARG H 209 3.40 -77.90 -4.56
C ARG H 209 3.60 -76.45 -4.16
N ASP H 210 2.81 -75.52 -4.72
CA ASP H 210 2.99 -74.12 -4.39
C ASP H 210 2.38 -73.78 -3.03
N ARG H 211 1.25 -74.40 -2.67
CA ARG H 211 0.79 -74.31 -1.30
C ARG H 211 1.90 -74.77 -0.34
N ALA H 212 2.49 -75.94 -0.65
CA ALA H 212 3.54 -76.47 0.21
C ALA H 212 4.74 -75.52 0.27
N GLN H 213 5.09 -74.91 -0.86
CA GLN H 213 6.27 -74.05 -0.90
C GLN H 213 6.01 -72.73 -0.17
N ARG H 214 4.82 -72.17 -0.30
CA ARG H 214 4.45 -71.01 0.51
C ARG H 214 4.57 -71.34 1.99
N GLU H 215 4.07 -72.51 2.40
CA GLU H 215 4.17 -72.91 3.79
C GLU H 215 5.63 -73.04 4.23
N LEU H 216 6.45 -73.71 3.42
CA LEU H 216 7.85 -73.91 3.76
C LEU H 216 8.59 -72.59 3.86
N ASP H 217 8.32 -71.66 2.93
CA ASP H 217 9.00 -70.37 2.97
C ASP H 217 8.53 -69.53 4.15
N ARG H 218 7.26 -69.65 4.53
CA ARG H 218 6.82 -69.00 5.77
C ARG H 218 7.60 -69.55 6.96
N LEU H 219 7.77 -70.87 7.03
CA LEU H 219 8.52 -71.44 8.14
C LEU H 219 9.97 -70.96 8.13
N GLU H 220 10.58 -70.89 6.95
CA GLU H 220 11.94 -70.38 6.84
C GLU H 220 12.03 -68.95 7.33
N ASP H 221 11.09 -68.10 6.92
CA ASP H 221 11.09 -66.71 7.36
C ASP H 221 10.90 -66.60 8.87
N ILE H 222 9.98 -67.38 9.43
CA ILE H 222 9.74 -67.33 10.87
C ILE H 222 11.01 -67.69 11.62
N TRP H 223 11.61 -68.84 11.28
CA TRP H 223 12.82 -69.27 11.99
C TRP H 223 13.95 -68.26 11.81
N SER H 224 14.09 -67.72 10.60
CA SER H 224 15.14 -66.73 10.35
C SER H 224 14.94 -65.51 11.24
N THR H 225 13.73 -64.98 11.28
CA THR H 225 13.48 -63.77 12.05
C THR H 225 13.67 -64.01 13.53
N PHE H 226 13.29 -65.19 14.03
CA PHE H 226 13.46 -65.45 15.46
C PHE H 226 14.93 -65.64 15.81
N THR H 227 15.70 -66.33 14.96
CA THR H 227 17.12 -66.49 15.22
C THR H 227 17.82 -65.14 15.30
N LYS H 228 17.59 -64.29 14.31
CA LYS H 228 18.26 -62.99 14.22
C LYS H 228 17.33 -61.88 14.68
N LEU H 229 16.82 -62.04 15.90
CA LEU H 229 15.85 -61.12 16.48
C LEU H 229 16.59 -60.21 17.47
N ALA H 230 16.36 -58.91 17.34
CA ALA H 230 17.00 -57.89 18.16
C ALA H 230 15.99 -56.79 18.44
N PRO H 231 16.21 -56.01 19.48
CA PRO H 231 15.36 -54.83 19.69
C PRO H 231 15.46 -53.87 18.52
N LYS H 232 14.51 -52.94 18.45
CA LYS H 232 14.40 -51.93 17.41
C LYS H 232 14.11 -52.52 16.04
N GLN H 233 13.85 -53.82 15.94
CA GLN H 233 13.50 -54.42 14.66
C GLN H 233 12.03 -54.20 14.36
N LEU H 234 11.72 -54.05 13.08
CA LEU H 234 10.36 -53.81 12.62
C LEU H 234 9.82 -55.06 11.94
N ILE H 235 8.53 -55.33 12.17
CA ILE H 235 7.84 -56.48 11.58
C ILE H 235 6.59 -55.92 10.91
N VAL H 236 6.66 -55.72 9.59
CA VAL H 236 5.52 -55.14 8.88
C VAL H 236 4.42 -56.16 8.67
N ASP H 237 4.77 -57.43 8.48
CA ASP H 237 3.77 -58.46 8.26
C ASP H 237 3.07 -58.79 9.57
N GLU H 238 1.75 -58.56 9.63
CA GLU H 238 1.01 -58.81 10.85
C GLU H 238 0.86 -60.30 11.13
N ASN H 239 0.69 -61.10 10.07
CA ASN H 239 0.60 -62.54 10.26
C ASN H 239 1.92 -63.11 10.78
N LEU H 240 3.05 -62.61 10.28
CA LEU H 240 4.34 -63.04 10.78
C LEU H 240 4.47 -62.76 12.28
N TYR H 241 4.07 -61.56 12.71
CA TYR H 241 4.20 -61.22 14.12
C TYR H 241 3.24 -62.04 14.97
N ARG H 242 2.03 -62.29 14.47
CA ARG H 242 1.13 -63.16 15.20
C ARG H 242 1.73 -64.55 15.36
N GLU H 243 2.38 -65.06 14.31
CA GLU H 243 3.06 -66.35 14.41
C GLU H 243 4.19 -66.29 15.41
N LEU H 244 4.95 -65.19 15.42
CA LEU H 244 6.07 -65.08 16.35
C LEU H 244 5.58 -65.11 17.79
N VAL H 245 4.48 -64.41 18.08
CA VAL H 245 3.95 -64.44 19.44
C VAL H 245 3.35 -65.80 19.75
N ASP H 246 2.71 -66.42 18.77
CA ASP H 246 2.08 -67.72 18.99
C ASP H 246 3.11 -68.81 19.26
N ARG H 247 4.31 -68.67 18.68
CA ARG H 247 5.34 -69.69 18.80
C ARG H 247 6.34 -69.36 19.90
N TYR H 248 7.11 -68.29 19.70
CA TYR H 248 8.22 -67.94 20.57
C TYR H 248 7.94 -66.68 21.38
N GLY H 249 6.71 -66.54 21.88
CA GLY H 249 6.36 -65.37 22.67
C GLY H 249 7.02 -65.31 24.02
N GLU H 250 7.46 -66.45 24.56
CA GLU H 250 8.10 -66.47 25.87
C GLU H 250 9.51 -65.90 25.86
N TYR H 251 10.08 -65.65 24.68
CA TYR H 251 11.48 -65.25 24.58
C TYR H 251 11.68 -63.77 24.31
N PHE H 252 10.67 -63.08 23.75
CA PHE H 252 10.79 -61.66 23.43
C PHE H 252 9.52 -60.95 23.86
N THR H 253 9.55 -59.63 23.73
CA THR H 253 8.38 -58.79 23.97
C THR H 253 8.33 -57.71 22.89
N GLY H 254 7.16 -57.56 22.26
CA GLY H 254 6.98 -56.58 21.23
C GLY H 254 5.71 -55.77 21.48
N ALA H 255 5.64 -54.62 20.82
CA ALA H 255 4.52 -53.72 21.01
C ALA H 255 4.41 -52.81 19.80
N MET H 256 3.40 -51.94 19.81
CA MET H 256 3.07 -51.12 18.66
C MET H 256 2.63 -49.74 19.13
N GLY H 257 2.68 -48.78 18.21
CA GLY H 257 2.18 -47.45 18.50
C GLY H 257 3.20 -46.56 19.17
N ALA H 258 2.68 -45.62 19.98
CA ALA H 258 3.53 -44.68 20.70
C ALA H 258 3.98 -45.22 22.05
N GLU H 259 3.16 -46.05 22.69
CA GLU H 259 3.58 -46.68 23.93
C GLU H 259 4.85 -47.50 23.74
N SER H 260 5.00 -48.11 22.57
CA SER H 260 6.21 -48.89 22.29
C SER H 260 7.44 -48.00 22.26
N ILE H 261 7.35 -46.84 21.60
CA ILE H 261 8.48 -45.92 21.58
C ILE H 261 8.75 -45.38 22.97
N GLN H 262 7.70 -45.17 23.77
CA GLN H 262 7.90 -44.82 25.18
C GLN H 262 8.79 -45.87 25.85
N LYS H 263 8.46 -47.14 25.64
CA LYS H 263 9.27 -48.22 26.22
C LYS H 263 10.70 -48.18 25.69
N LEU H 264 10.87 -47.96 24.39
CA LEU H 264 12.21 -47.90 23.80
C LEU H 264 13.04 -46.81 24.47
N ILE H 265 12.44 -45.62 24.65
CA ILE H 265 13.16 -44.54 25.33
C ILE H 265 13.49 -44.95 26.76
N GLU H 266 12.58 -45.69 27.41
CA GLU H 266 12.86 -46.14 28.78
C GLU H 266 14.09 -47.05 28.82
N ASN H 267 14.10 -48.09 27.99
CA ASN H 267 15.22 -49.05 27.95
C ASN H 267 16.35 -48.53 27.07
N PHE H 268 16.79 -47.31 27.33
CA PHE H 268 17.79 -46.63 26.52
C PHE H 268 18.84 -46.01 27.45
N ASP H 269 20.11 -46.33 27.21
CA ASP H 269 21.21 -45.79 27.99
C ASP H 269 21.75 -44.58 27.24
N ILE H 270 21.41 -43.39 27.72
CA ILE H 270 21.78 -42.15 27.02
C ILE H 270 23.29 -42.00 26.98
N ASP H 271 23.94 -42.10 28.16
CA ASP H 271 25.38 -41.90 28.24
C ASP H 271 26.13 -42.90 27.36
N ALA H 272 25.70 -44.15 27.36
CA ALA H 272 26.39 -45.18 26.59
C ALA H 272 26.34 -44.87 25.10
N GLU H 273 25.17 -44.52 24.60
CA GLU H 273 25.04 -44.18 23.18
C GLU H 273 25.83 -42.93 22.85
N ALA H 274 25.85 -41.95 23.77
CA ALA H 274 26.66 -40.75 23.55
C ALA H 274 28.13 -41.10 23.38
N GLU H 275 28.64 -42.01 24.22
CA GLU H 275 30.05 -42.38 24.11
C GLU H 275 30.31 -43.22 22.87
N SER H 276 29.36 -44.08 22.47
CA SER H 276 29.50 -44.77 21.19
C SER H 276 29.63 -43.76 20.05
N LEU H 277 28.80 -42.73 20.06
CA LEU H 277 28.86 -41.71 19.01
C LEU H 277 30.20 -40.96 19.05
N ARG H 278 30.67 -40.60 20.23
CA ARG H 278 31.95 -39.91 20.32
C ARG H 278 33.08 -40.79 19.79
N ASP H 279 33.03 -42.09 20.08
CA ASP H 279 34.04 -43.00 19.55
C ASP H 279 33.99 -43.04 18.03
N VAL H 280 32.78 -43.09 17.45
CA VAL H 280 32.66 -43.01 16.00
C VAL H 280 33.24 -41.70 15.50
N ILE H 281 33.10 -40.63 16.28
CA ILE H 281 33.50 -39.30 15.81
C ILE H 281 35.03 -39.19 15.77
N ARG H 282 35.71 -39.62 16.84
CA ARG H 282 37.15 -39.42 16.92
C ARG H 282 37.86 -39.95 15.69
N ASN H 283 37.38 -41.08 15.15
CA ASN H 283 38.03 -41.74 14.03
C ASN H 283 36.94 -42.35 13.15
N GLY H 284 36.67 -41.71 12.02
CA GLY H 284 35.60 -42.19 11.15
C GLY H 284 35.63 -41.50 9.81
N LYS H 285 34.95 -42.13 8.86
CA LYS H 285 34.79 -41.59 7.51
C LYS H 285 33.74 -40.47 7.54
N GLY H 286 34.03 -39.38 6.83
CA GLY H 286 33.07 -38.28 6.77
C GLY H 286 31.68 -38.73 6.41
N GLN H 287 31.57 -39.60 5.40
CA GLN H 287 30.28 -40.14 4.97
C GLN H 287 29.48 -40.63 6.17
N LYS H 288 30.08 -41.50 6.99
CA LYS H 288 29.43 -42.06 8.16
C LYS H 288 29.74 -41.29 9.43
N LYS H 289 30.47 -40.17 9.33
CA LYS H 289 30.76 -39.34 10.49
C LYS H 289 29.79 -38.17 10.64
N LEU H 290 29.31 -37.59 9.53
CA LEU H 290 28.36 -36.49 9.66
C LEU H 290 27.07 -36.95 10.35
N ARG H 291 26.57 -38.13 9.96
CA ARG H 291 25.36 -38.68 10.59
C ARG H 291 25.54 -38.81 12.09
N ALA H 292 26.69 -39.35 12.51
CA ALA H 292 26.95 -39.55 13.93
C ALA H 292 27.12 -38.22 14.66
N LEU H 293 27.79 -37.24 14.02
CA LEU H 293 27.89 -35.91 14.61
C LEU H 293 26.52 -35.34 14.90
N LYS H 294 25.64 -35.36 13.90
CA LYS H 294 24.32 -34.76 14.08
C LYS H 294 23.50 -35.52 15.10
N ARG H 295 23.68 -36.84 15.19
CA ARG H 295 22.99 -37.60 16.22
C ARG H 295 23.49 -37.21 17.61
N LEU H 296 24.81 -37.07 17.77
CA LEU H 296 25.34 -36.63 19.06
C LEU H 296 24.78 -35.27 19.45
N LYS H 297 24.68 -34.36 18.48
CA LYS H 297 24.12 -33.04 18.79
C LYS H 297 22.79 -33.18 19.52
N VAL H 298 22.03 -34.22 19.21
CA VAL H 298 20.73 -34.43 19.87
C VAL H 298 20.91 -35.16 21.20
N VAL H 299 21.72 -36.21 21.22
CA VAL H 299 21.79 -37.07 22.40
C VAL H 299 22.48 -36.35 23.56
N ALA H 300 23.61 -35.69 23.27
CA ALA H 300 24.33 -35.00 24.32
C ALA H 300 23.47 -33.96 25.02
N ALA H 301 22.49 -33.40 24.31
CA ALA H 301 21.56 -32.46 24.94
C ALA H 301 20.85 -33.14 26.12
N PHE H 302 20.16 -34.24 25.85
CA PHE H 302 19.48 -34.98 26.90
C PHE H 302 20.47 -35.45 27.96
N GLN H 303 21.70 -35.76 27.56
CA GLN H 303 22.69 -36.25 28.51
C GLN H 303 23.04 -35.17 29.52
N GLN H 304 23.49 -34.00 29.05
CA GLN H 304 23.93 -32.94 29.95
C GLN H 304 22.75 -32.32 30.68
N SER H 305 21.79 -31.76 29.94
CA SER H 305 20.78 -30.91 30.57
C SER H 305 20.03 -31.62 31.69
N GLY H 306 20.06 -32.94 31.74
CA GLY H 306 19.37 -33.64 32.81
C GLY H 306 17.87 -33.69 32.68
N ASN H 307 17.34 -33.46 31.47
CA ASN H 307 15.93 -33.69 31.19
C ASN H 307 15.80 -35.00 30.42
N SER H 308 14.77 -35.77 30.74
CA SER H 308 14.63 -37.11 30.18
C SER H 308 14.04 -37.05 28.77
N PRO H 309 14.52 -37.89 27.86
CA PRO H 309 13.87 -37.97 26.54
C PRO H 309 12.43 -38.45 26.63
N MET H 310 12.03 -39.08 27.74
CA MET H 310 10.65 -39.50 27.90
C MET H 310 9.68 -38.35 27.66
N GLY H 311 10.13 -37.12 27.83
CA GLY H 311 9.26 -35.98 27.61
C GLY H 311 8.66 -35.93 26.22
N MET H 312 9.35 -36.52 25.24
CA MET H 312 8.85 -36.46 23.86
C MET H 312 7.61 -37.31 23.65
N VAL H 313 7.25 -38.18 24.60
CA VAL H 313 6.02 -38.95 24.55
C VAL H 313 5.11 -38.46 25.68
N LEU H 314 3.88 -38.09 25.33
CA LEU H 314 2.98 -37.43 26.26
C LEU H 314 1.99 -38.42 26.87
N ASP H 315 1.80 -38.33 28.18
CA ASP H 315 0.71 -39.01 28.86
C ASP H 315 -0.49 -38.10 29.10
N ALA H 316 -0.27 -36.79 29.13
CA ALA H 316 -1.33 -35.81 29.33
C ALA H 316 -1.07 -34.60 28.44
N VAL H 317 -2.14 -34.04 27.89
CA VAL H 317 -2.02 -32.87 27.02
C VAL H 317 -2.64 -31.67 27.72
N PRO H 318 -2.05 -30.49 27.63
CA PRO H 318 -2.63 -29.33 28.31
C PRO H 318 -3.74 -28.69 27.49
N VAL H 319 -4.66 -28.04 28.20
CA VAL H 319 -5.79 -27.33 27.61
C VAL H 319 -5.55 -25.85 27.82
N ILE H 320 -5.52 -25.11 26.73
CA ILE H 320 -5.20 -23.67 26.76
C ILE H 320 -6.37 -22.92 27.40
N PRO H 321 -6.11 -21.89 28.21
CA PRO H 321 -7.21 -21.21 28.91
C PRO H 321 -8.30 -20.77 27.95
N PRO H 322 -9.55 -20.66 28.43
CA PRO H 322 -10.66 -20.43 27.50
C PRO H 322 -10.59 -19.10 26.77
N GLU H 323 -10.11 -18.04 27.41
CA GLU H 323 -10.12 -16.73 26.78
C GLU H 323 -9.23 -16.68 25.54
N LEU H 324 -8.27 -17.59 25.41
CA LEU H 324 -7.42 -17.66 24.24
C LEU H 324 -7.98 -18.58 23.16
N ARG H 325 -9.10 -19.25 23.44
CA ARG H 325 -9.88 -19.98 22.43
C ARG H 325 -11.33 -19.54 22.57
N PRO H 326 -11.61 -18.25 22.38
CA PRO H 326 -12.91 -17.72 22.78
C PRO H 326 -14.02 -18.18 21.86
N MET H 327 -15.24 -18.12 22.39
CA MET H 327 -16.46 -18.47 21.67
C MET H 327 -17.35 -17.24 21.65
N VAL H 328 -17.55 -16.66 20.46
CA VAL H 328 -18.29 -15.43 20.33
C VAL H 328 -19.68 -15.75 19.77
N GLN H 329 -20.61 -14.83 20.00
CA GLN H 329 -21.97 -14.95 19.51
C GLN H 329 -22.17 -14.04 18.30
N LEU H 330 -22.99 -14.50 17.36
CA LEU H 330 -23.25 -13.76 16.14
C LEU H 330 -24.56 -12.98 16.27
N ASP H 331 -24.68 -11.93 15.45
CA ASP H 331 -25.86 -11.08 15.49
C ASP H 331 -27.12 -11.80 15.02
N GLY H 332 -27.01 -13.01 14.48
CA GLY H 332 -28.15 -13.78 14.05
C GLY H 332 -28.63 -14.80 15.06
N GLY H 333 -28.11 -14.78 16.29
CA GLY H 333 -28.46 -15.76 17.30
C GLY H 333 -27.59 -17.00 17.29
N ARG H 334 -26.84 -17.23 16.22
CA ARG H 334 -25.96 -18.40 16.11
C ARG H 334 -24.60 -18.07 16.74
N PHE H 335 -23.71 -19.08 16.78
CA PHE H 335 -22.45 -18.97 17.49
C PHE H 335 -21.27 -19.22 16.55
N ALA H 336 -20.13 -18.60 16.87
CA ALA H 336 -18.87 -18.85 16.20
C ALA H 336 -17.82 -19.19 17.26
N THR H 337 -16.90 -20.08 16.92
CA THR H 337 -15.96 -20.62 17.90
C THR H 337 -14.57 -20.74 17.32
N SER H 338 -13.57 -20.62 18.18
CA SER H 338 -12.18 -20.79 17.76
C SER H 338 -11.95 -22.22 17.27
N ASP H 339 -11.04 -22.36 16.30
CA ASP H 339 -10.74 -23.68 15.74
C ASP H 339 -10.14 -24.60 16.79
N LEU H 340 -9.37 -24.04 17.73
CA LEU H 340 -8.79 -24.86 18.79
C LEU H 340 -9.87 -25.62 19.55
N ASN H 341 -11.07 -25.05 19.66
CA ASN H 341 -12.14 -25.75 20.35
C ASN H 341 -12.55 -27.00 19.57
N ASP H 342 -12.69 -26.90 18.25
CA ASP H 342 -12.99 -28.08 17.46
C ASP H 342 -11.90 -29.14 17.59
N LEU H 343 -10.64 -28.71 17.56
CA LEU H 343 -9.55 -29.67 17.64
C LEU H 343 -9.52 -30.37 19.00
N TYR H 344 -9.51 -29.58 20.08
CA TYR H 344 -9.58 -30.15 21.42
C TYR H 344 -10.80 -31.06 21.57
N ARG H 345 -11.92 -30.69 20.97
CA ARG H 345 -13.14 -31.47 21.12
C ARG H 345 -13.00 -32.82 20.43
N ARG H 346 -12.47 -32.84 19.20
CA ARG H 346 -12.25 -34.09 18.51
C ARG H 346 -11.29 -34.99 19.31
N VAL H 347 -10.23 -34.40 19.87
CA VAL H 347 -9.29 -35.18 20.66
C VAL H 347 -9.98 -35.77 21.89
N ILE H 348 -10.79 -34.96 22.58
CA ILE H 348 -11.49 -35.45 23.76
C ILE H 348 -12.43 -36.59 23.39
N ASN H 349 -13.14 -36.45 22.28
CA ASN H 349 -14.04 -37.50 21.83
C ASN H 349 -13.29 -38.81 21.62
N ARG H 350 -12.18 -38.76 20.89
CA ARG H 350 -11.43 -39.99 20.63
C ARG H 350 -10.82 -40.56 21.91
N ASN H 351 -10.42 -39.70 22.86
CA ASN H 351 -9.86 -40.21 24.11
C ASN H 351 -10.92 -40.93 24.94
N ASN H 352 -12.11 -40.33 25.06
CA ASN H 352 -13.18 -40.98 25.82
C ASN H 352 -13.60 -42.27 25.14
N ARG H 353 -13.59 -42.29 23.80
CA ARG H 353 -13.88 -43.54 23.11
C ARG H 353 -12.82 -44.59 23.39
N LEU H 354 -11.56 -44.17 23.51
CA LEU H 354 -10.51 -45.13 23.89
C LEU H 354 -10.77 -45.69 25.28
N LYS H 355 -11.19 -44.84 26.21
CA LYS H 355 -11.55 -45.34 27.55
C LYS H 355 -12.66 -46.38 27.44
N ARG H 356 -13.71 -46.07 26.68
CA ARG H 356 -14.80 -47.02 26.49
C ARG H 356 -14.28 -48.35 25.94
N LEU H 357 -13.47 -48.29 24.87
CA LEU H 357 -12.98 -49.51 24.26
C LEU H 357 -12.13 -50.33 25.21
N ILE H 358 -11.28 -49.65 26.00
CA ILE H 358 -10.47 -50.37 26.97
C ILE H 358 -11.34 -51.07 27.99
N ASP H 359 -12.40 -50.41 28.45
CA ASP H 359 -13.27 -51.01 29.46
C ASP H 359 -14.07 -52.17 28.88
N LEU H 360 -14.56 -52.04 27.65
CA LEU H 360 -15.42 -53.04 27.03
C LEU H 360 -14.66 -54.21 26.43
N GLY H 361 -13.33 -54.17 26.44
CA GLY H 361 -12.55 -55.27 25.89
C GLY H 361 -12.77 -55.47 24.40
N ALA H 362 -12.95 -54.39 23.66
CA ALA H 362 -13.15 -54.47 22.23
C ALA H 362 -12.03 -55.27 21.58
N PRO H 363 -12.21 -55.76 20.35
CA PRO H 363 -11.11 -56.46 19.68
C PRO H 363 -9.86 -55.60 19.59
N GLU H 364 -8.71 -56.26 19.62
CA GLU H 364 -7.45 -55.53 19.57
C GLU H 364 -7.40 -54.60 18.36
N ILE H 365 -7.97 -55.02 17.24
CA ILE H 365 -7.93 -54.21 16.03
C ILE H 365 -8.57 -52.85 16.30
N ILE H 366 -9.71 -52.84 16.98
CA ILE H 366 -10.40 -51.57 17.19
C ILE H 366 -9.62 -50.69 18.15
N VAL H 367 -9.09 -51.28 19.23
CA VAL H 367 -8.34 -50.49 20.20
C VAL H 367 -7.13 -49.84 19.54
N ASN H 368 -6.40 -50.61 18.73
CA ASN H 368 -5.19 -50.07 18.11
C ASN H 368 -5.55 -49.03 17.05
N ASN H 369 -6.53 -49.34 16.19
CA ASN H 369 -6.95 -48.41 15.16
C ASN H 369 -7.58 -47.16 15.76
N GLU H 370 -7.98 -47.21 17.03
CA GLU H 370 -8.47 -46.02 17.73
C GLU H 370 -7.32 -45.21 18.32
N LYS H 371 -6.35 -45.90 18.91
CA LYS H 371 -5.16 -45.22 19.40
C LYS H 371 -4.49 -44.44 18.27
N ARG H 372 -4.45 -45.03 17.08
CA ARG H 372 -3.86 -44.32 15.94
C ARG H 372 -4.61 -43.02 15.68
N MET H 373 -5.94 -43.04 15.76
CA MET H 373 -6.71 -41.83 15.51
C MET H 373 -6.47 -40.80 16.60
N LEU H 374 -6.33 -41.25 17.85
CA LEU H 374 -5.97 -40.31 18.92
C LEU H 374 -4.62 -39.66 18.64
N GLN H 375 -3.66 -40.46 18.17
CA GLN H 375 -2.36 -39.92 17.79
C GLN H 375 -2.50 -38.84 16.73
N GLU H 376 -3.23 -39.16 15.66
CA GLU H 376 -3.42 -38.20 14.57
C GLU H 376 -4.11 -36.93 15.09
N SER H 377 -5.02 -37.08 16.05
CA SER H 377 -5.78 -35.93 16.53
C SER H 377 -4.91 -35.03 17.41
N VAL H 378 -4.07 -35.61 18.24
CA VAL H 378 -3.15 -34.78 19.03
C VAL H 378 -2.13 -34.11 18.12
N ASP H 379 -1.65 -34.84 17.10
CA ASP H 379 -0.81 -34.25 16.08
C ASP H 379 -1.47 -33.02 15.47
N ALA H 380 -2.77 -33.14 15.14
CA ALA H 380 -3.48 -32.02 14.56
C ALA H 380 -3.62 -30.88 15.55
N LEU H 381 -3.91 -31.19 16.82
CA LEU H 381 -4.01 -30.13 17.83
C LEU H 381 -2.73 -29.31 17.89
N PHE H 382 -1.57 -29.99 17.84
CA PHE H 382 -0.32 -29.26 18.03
C PHE H 382 0.16 -28.58 16.75
N ASP H 383 0.10 -29.27 15.61
CA ASP H 383 0.61 -28.73 14.35
C ASP H 383 -0.17 -29.39 13.20
N ASN H 384 -1.43 -28.98 13.07
CA ASN H 384 -2.31 -29.52 12.03
C ASN H 384 -1.67 -29.35 10.67
N GLY H 385 -1.79 -30.40 9.84
CA GLY H 385 -1.21 -30.42 8.52
C GLY H 385 0.26 -30.79 8.47
N ARG H 386 0.96 -30.77 9.59
CA ARG H 386 2.38 -31.13 9.59
C ARG H 386 2.60 -32.48 8.91
N ARG H 387 1.82 -33.47 9.30
CA ARG H 387 1.91 -34.80 8.71
C ARG H 387 0.72 -35.00 7.77
N GLY H 388 1.02 -35.27 6.50
CA GLY H 388 -0.03 -35.66 5.57
C GLY H 388 -1.01 -34.54 5.29
N ARG H 389 -2.28 -34.90 5.22
CA ARG H 389 -3.33 -33.97 4.84
C ARG H 389 -3.87 -33.25 6.08
N PRO H 390 -4.14 -31.95 6.02
CA PRO H 390 -4.65 -31.25 7.19
C PRO H 390 -6.09 -31.63 7.49
N VAL H 391 -6.51 -31.29 8.71
CA VAL H 391 -7.89 -31.52 9.13
C VAL H 391 -8.75 -30.42 8.52
N THR H 392 -9.58 -30.79 7.55
CA THR H 392 -10.44 -29.82 6.89
C THR H 392 -11.60 -29.44 7.80
N GLY H 393 -11.89 -28.14 7.88
CA GLY H 393 -13.08 -27.67 8.53
C GLY H 393 -14.22 -27.59 7.55
N PRO H 394 -15.23 -26.76 7.85
CA PRO H 394 -16.27 -26.50 6.85
C PRO H 394 -15.70 -25.74 5.66
N GLY H 395 -16.02 -26.21 4.46
CA GLY H 395 -15.50 -25.58 3.26
C GLY H 395 -14.13 -26.07 2.84
N ASN H 396 -13.71 -27.24 3.30
CA ASN H 396 -12.39 -27.78 2.98
C ASN H 396 -11.30 -26.77 3.31
N ARG H 397 -11.47 -26.08 4.45
CA ARG H 397 -10.52 -25.09 4.93
C ARG H 397 -9.67 -25.69 6.04
N PRO H 398 -8.34 -25.66 5.94
CA PRO H 398 -7.52 -26.21 7.02
C PRO H 398 -7.69 -25.41 8.30
N LEU H 399 -7.89 -26.12 9.41
CA LEU H 399 -8.07 -25.48 10.71
C LEU H 399 -6.73 -25.01 11.26
N LYS H 400 -6.76 -23.93 12.03
CA LYS H 400 -5.56 -23.38 12.63
C LYS H 400 -5.18 -24.18 13.88
N SER H 401 -3.91 -24.51 13.99
CA SER H 401 -3.39 -25.24 15.13
C SER H 401 -2.70 -24.28 16.10
N LEU H 402 -2.26 -24.83 17.23
CA LEU H 402 -1.53 -24.04 18.20
C LEU H 402 -0.25 -23.49 17.59
N SER H 403 0.52 -24.35 16.92
CA SER H 403 1.75 -23.89 16.27
C SER H 403 1.48 -22.97 15.09
N ASP H 404 0.24 -22.94 14.59
CA ASP H 404 -0.15 -21.94 13.60
C ASP H 404 -0.38 -20.57 14.23
N LEU H 405 -0.45 -20.50 15.55
CA LEU H 405 -0.63 -19.22 16.25
C LEU H 405 0.65 -18.41 16.31
N LEU H 406 1.78 -18.95 15.85
CA LEU H 406 3.08 -18.33 16.04
C LEU H 406 3.86 -18.07 14.77
N LYS H 407 3.56 -18.77 13.68
CA LYS H 407 4.37 -18.70 12.46
C LYS H 407 4.02 -17.47 11.62
N GLY H 408 5.04 -16.92 10.96
CA GLY H 408 4.82 -15.95 9.91
C GLY H 408 4.29 -14.60 10.38
N LYS H 409 3.79 -13.84 9.40
CA LYS H 409 3.37 -12.47 9.67
C LYS H 409 2.19 -12.43 10.64
N GLN H 410 1.27 -13.38 10.53
CA GLN H 410 0.10 -13.43 11.39
C GLN H 410 0.38 -14.11 12.73
N GLY H 411 1.59 -14.65 12.91
CA GLY H 411 1.91 -15.30 14.17
C GLY H 411 2.02 -14.32 15.32
N ARG H 412 1.98 -14.87 16.53
CA ARG H 412 2.07 -14.02 17.71
C ARG H 412 3.35 -13.20 17.70
N PHE H 413 4.47 -13.81 17.31
CA PHE H 413 5.76 -13.14 17.40
C PHE H 413 5.80 -11.88 16.55
N ARG H 414 5.57 -12.02 15.24
CA ARG H 414 5.72 -10.88 14.35
C ARG H 414 4.51 -9.96 14.38
N GLN H 415 3.31 -10.49 14.67
CA GLN H 415 2.10 -9.68 14.60
C GLN H 415 1.80 -8.94 15.90
N ASN H 416 2.08 -9.55 17.05
CA ASN H 416 1.64 -8.98 18.31
C ASN H 416 2.77 -8.72 19.30
N LEU H 417 4.03 -8.91 18.92
CA LEU H 417 5.14 -8.70 19.83
C LEU H 417 6.16 -7.75 19.23
N LEU H 418 6.69 -8.06 18.04
CA LEU H 418 7.63 -7.16 17.39
C LEU H 418 7.00 -5.86 16.98
N GLY H 419 5.67 -5.79 16.93
CA GLY H 419 4.97 -4.58 16.54
C GLY H 419 3.53 -4.57 16.98
N LYS H 420 3.18 -3.65 17.88
CA LYS H 420 1.84 -3.56 18.43
C LYS H 420 1.09 -2.41 17.77
N ARG H 421 -0.17 -2.24 18.15
CA ARG H 421 -0.94 -1.05 17.83
C ARG H 421 -0.99 -0.17 19.07
N VAL H 422 -0.95 1.14 18.87
CA VAL H 422 -0.64 2.07 19.95
C VAL H 422 -1.77 3.08 20.10
N ASP H 423 -2.06 3.40 21.36
CA ASP H 423 -2.91 4.54 21.68
C ASP H 423 -2.21 5.84 21.30
N TYR H 424 -2.95 6.93 21.39
CA TYR H 424 -2.42 8.27 21.12
C TYR H 424 -1.71 8.29 19.76
N SER H 425 -2.52 8.11 18.72
CA SER H 425 -2.02 8.05 17.37
C SER H 425 -3.15 8.34 16.40
N GLY H 426 -2.77 8.86 15.22
CA GLY H 426 -3.73 9.20 14.19
C GLY H 426 -3.11 9.08 12.84
N ARG H 427 -3.87 9.47 11.82
CA ARG H 427 -3.40 9.36 10.44
C ARG H 427 -4.28 10.23 9.56
N SER H 428 -3.69 10.73 8.48
CA SER H 428 -4.46 11.51 7.51
C SER H 428 -3.63 11.74 6.26
N VAL H 429 -4.28 12.37 5.27
CA VAL H 429 -3.62 12.73 4.02
C VAL H 429 -2.61 13.85 4.29
N ILE H 430 -1.52 13.83 3.53
CA ILE H 430 -0.47 14.84 3.69
C ILE H 430 -0.60 15.87 2.57
N VAL H 431 -0.26 17.11 2.91
CA VAL H 431 -0.28 18.23 1.99
C VAL H 431 0.98 19.05 2.21
N VAL H 432 1.48 19.66 1.15
CA VAL H 432 2.71 20.44 1.23
C VAL H 432 2.39 21.80 1.83
N GLY H 433 3.17 22.19 2.84
CA GLY H 433 3.04 23.48 3.47
C GLY H 433 4.31 24.29 3.33
N PRO H 434 4.42 25.06 2.24
CA PRO H 434 5.71 25.71 1.96
C PRO H 434 6.11 26.73 3.02
N GLN H 435 5.16 27.45 3.60
CA GLN H 435 5.46 28.44 4.62
C GLN H 435 5.99 27.83 5.91
N LEU H 436 5.90 26.51 6.06
CA LEU H 436 6.37 25.87 7.28
C LEU H 436 7.89 25.94 7.38
N LYS H 437 8.37 25.97 8.62
CA LYS H 437 9.79 25.80 8.89
C LYS H 437 10.12 24.32 8.97
N LEU H 438 11.41 24.01 8.84
CA LEU H 438 11.82 22.60 8.76
C LEU H 438 11.41 21.83 10.01
N HIS H 439 11.43 22.47 11.18
CA HIS H 439 11.10 21.80 12.42
C HIS H 439 9.61 21.77 12.71
N GLN H 440 8.78 22.25 11.80
CA GLN H 440 7.35 22.38 12.03
C GLN H 440 6.57 21.40 11.17
N CYS H 441 5.37 21.06 11.63
CA CYS H 441 4.42 20.35 10.80
C CYS H 441 3.02 20.76 11.23
N GLY H 442 2.07 20.77 10.27
CA GLY H 442 0.74 21.20 10.57
C GLY H 442 -0.22 20.02 10.66
N LEU H 443 -0.90 19.90 11.80
CA LEU H 443 -1.91 18.84 11.90
C LEU H 443 -3.30 19.45 12.09
N PRO H 444 -4.35 18.73 11.67
CA PRO H 444 -5.71 19.27 11.80
C PRO H 444 -6.11 19.44 13.26
N LYS H 445 -6.95 20.45 13.48
CA LYS H 445 -7.41 20.74 14.84
C LYS H 445 -8.06 19.51 15.47
N LEU H 446 -8.94 18.84 14.73
CA LEU H 446 -9.66 17.71 15.28
C LEU H 446 -8.71 16.60 15.69
N MET H 447 -7.70 16.34 14.86
CA MET H 447 -6.72 15.32 15.18
C MET H 447 -6.05 15.59 16.52
N ALA H 448 -5.53 16.81 16.69
CA ALA H 448 -4.84 17.15 17.94
C ALA H 448 -5.79 17.15 19.13
N LEU H 449 -7.04 17.57 18.93
CA LEU H 449 -7.98 17.54 20.04
C LEU H 449 -8.17 16.12 20.55
N GLU H 450 -8.34 15.16 19.63
CA GLU H 450 -8.46 13.78 20.10
C GLU H 450 -7.14 13.29 20.70
N LEU H 451 -6.01 13.61 20.06
CA LEU H 451 -4.72 13.12 20.53
C LEU H 451 -4.42 13.61 21.95
N PHE H 452 -4.63 14.91 22.20
CA PHE H 452 -4.33 15.51 23.49
C PHE H 452 -5.55 15.54 24.41
N LYS H 453 -6.54 14.69 24.16
CA LYS H 453 -7.81 14.70 24.88
C LYS H 453 -7.59 14.80 26.39
N PRO H 454 -6.84 13.89 27.01
CA PRO H 454 -6.68 13.99 28.46
C PRO H 454 -5.98 15.27 28.90
N PHE H 455 -5.02 15.75 28.12
CA PHE H 455 -4.37 17.02 28.43
C PHE H 455 -5.37 18.18 28.37
N VAL H 456 -6.25 18.17 27.36
CA VAL H 456 -7.27 19.21 27.24
C VAL H 456 -8.23 19.14 28.41
N MET H 457 -8.61 17.93 28.83
CA MET H 457 -9.50 17.82 29.99
C MET H 457 -8.83 18.39 31.23
N LYS H 458 -7.56 18.04 31.47
CA LYS H 458 -6.82 18.59 32.59
C LYS H 458 -6.86 20.12 32.58
N ARG H 459 -6.45 20.72 31.47
CA ARG H 459 -6.34 22.19 31.47
C ARG H 459 -7.72 22.84 31.56
N LEU H 460 -8.74 22.24 30.94
CA LEU H 460 -10.09 22.79 31.04
C LEU H 460 -10.58 22.80 32.48
N VAL H 461 -10.38 21.68 33.20
CA VAL H 461 -10.83 21.66 34.59
C VAL H 461 -9.98 22.59 35.44
N ASP H 462 -8.73 22.85 35.03
CA ASP H 462 -7.89 23.79 35.76
C ASP H 462 -8.43 25.20 35.67
N LEU H 463 -8.51 25.75 34.47
CA LEU H 463 -9.01 27.11 34.25
C LEU H 463 -10.52 27.25 34.54
N ASN H 464 -11.12 26.21 35.13
CA ASN H 464 -12.53 26.24 35.56
C ASN H 464 -13.46 26.46 34.37
N HIS H 465 -13.05 26.05 33.18
CA HIS H 465 -13.98 25.93 32.08
C HIS H 465 -14.96 24.78 32.28
N ALA H 466 -14.61 23.83 33.16
CA ALA H 466 -15.48 22.71 33.50
C ALA H 466 -15.45 22.51 35.01
N GLN H 467 -16.58 22.02 35.54
CA GLN H 467 -16.66 21.80 36.98
C GLN H 467 -15.70 20.70 37.42
N ASN H 468 -15.84 19.50 36.85
CA ASN H 468 -14.97 18.37 37.17
C ASN H 468 -14.37 17.83 35.89
N ILE H 469 -13.37 16.96 36.06
CA ILE H 469 -12.72 16.33 34.91
C ILE H 469 -13.75 15.52 34.11
N LYS H 470 -14.68 14.88 34.82
CA LYS H 470 -15.73 14.11 34.16
C LYS H 470 -16.51 14.97 33.18
N SER H 471 -16.79 16.22 33.56
CA SER H 471 -17.49 17.14 32.68
C SER H 471 -16.57 17.70 31.60
N ALA H 472 -15.28 17.83 31.90
CA ALA H 472 -14.33 18.24 30.87
C ALA H 472 -14.32 17.23 29.72
N LYS H 473 -14.44 15.94 30.03
CA LYS H 473 -14.50 14.94 28.97
C LYS H 473 -15.71 15.15 28.08
N ARG H 474 -16.89 15.39 28.68
CA ARG H 474 -18.08 15.65 27.88
C ARG H 474 -17.91 16.90 27.04
N MET H 475 -17.24 17.92 27.60
CA MET H 475 -16.98 19.13 26.82
C MET H 475 -16.16 18.79 25.57
N VAL H 476 -15.08 18.03 25.74
CA VAL H 476 -14.23 17.72 24.59
C VAL H 476 -15.01 16.88 23.58
N GLU H 477 -15.84 15.95 24.06
CA GLU H 477 -16.56 15.08 23.15
C GLU H 477 -17.67 15.81 22.41
N ARG H 478 -18.24 16.85 23.02
CA ARG H 478 -19.22 17.70 22.35
C ARG H 478 -18.56 18.85 21.60
N GLN H 479 -17.24 19.02 21.73
CA GLN H 479 -16.47 20.00 20.98
C GLN H 479 -16.98 21.42 21.24
N ARG H 480 -16.98 21.80 22.51
CA ARG H 480 -17.40 23.14 22.86
C ARG H 480 -16.30 24.14 22.53
N PRO H 481 -16.67 25.36 22.13
CA PRO H 481 -15.67 26.28 21.55
C PRO H 481 -14.53 26.66 22.49
N GLN H 482 -14.62 26.36 23.78
CA GLN H 482 -13.54 26.73 24.69
C GLN H 482 -12.25 26.01 24.33
N VAL H 483 -12.35 24.73 23.99
CA VAL H 483 -11.16 23.88 23.88
C VAL H 483 -10.16 24.45 22.88
N TRP H 484 -10.67 25.06 21.79
CA TRP H 484 -9.77 25.50 20.74
C TRP H 484 -8.82 26.59 21.22
N ASP H 485 -9.24 27.39 22.20
CA ASP H 485 -8.33 28.36 22.80
C ASP H 485 -7.45 27.71 23.87
N VAL H 486 -7.97 26.65 24.51
CA VAL H 486 -7.20 25.91 25.50
C VAL H 486 -6.23 24.96 24.83
N LEU H 487 -6.65 24.32 23.73
CA LEU H 487 -5.81 23.35 23.06
C LEU H 487 -4.47 23.94 22.67
N GLU H 488 -4.46 25.20 22.26
CA GLU H 488 -3.20 25.84 21.88
C GLU H 488 -2.20 25.78 23.04
N GLU H 489 -2.66 26.04 24.27
CA GLU H 489 -1.77 25.94 25.42
C GLU H 489 -1.22 24.52 25.57
N VAL H 490 -2.05 23.52 25.27
CA VAL H 490 -1.66 22.13 25.52
C VAL H 490 -0.60 21.69 24.53
N ILE H 491 -0.77 22.01 23.25
CA ILE H 491 0.15 21.54 22.22
C ILE H 491 1.43 22.35 22.15
N ALA H 492 1.57 23.38 22.96
CA ALA H 492 2.71 24.29 22.86
C ALA H 492 4.01 23.52 23.03
N GLU H 493 4.84 23.54 21.99
CA GLU H 493 6.18 22.95 22.04
C GLU H 493 6.16 21.48 22.44
N HIS H 494 5.03 20.80 22.20
CA HIS H 494 4.97 19.38 22.51
C HIS H 494 5.18 18.60 21.21
N PRO H 495 6.35 18.02 20.98
CA PRO H 495 6.64 17.45 19.66
C PRO H 495 5.81 16.20 19.39
N VAL H 496 5.61 15.93 18.10
CA VAL H 496 4.89 14.74 17.65
C VAL H 496 5.72 14.08 16.56
N LEU H 497 5.48 12.79 16.36
CA LEU H 497 6.25 11.98 15.42
C LEU H 497 5.41 11.70 14.19
N LEU H 498 5.99 11.91 13.02
CA LEU H 498 5.36 11.61 11.74
C LEU H 498 6.07 10.42 11.13
N ASN H 499 5.26 9.47 10.66
CA ASN H 499 5.72 8.23 10.04
C ASN H 499 4.98 8.06 8.73
N ARG H 500 5.71 7.62 7.71
CA ARG H 500 5.10 7.24 6.43
C ARG H 500 5.59 5.84 6.08
N ALA H 501 4.66 4.94 5.88
CA ALA H 501 5.03 3.60 5.43
C ALA H 501 5.20 3.58 3.92
N PRO H 502 6.16 2.80 3.40
CA PRO H 502 7.04 1.91 4.17
C PRO H 502 8.16 2.64 4.89
N THR H 503 8.43 2.23 6.12
CA THR H 503 9.48 2.82 6.94
C THR H 503 10.80 2.11 6.63
N LEU H 504 11.46 2.57 5.58
CA LEU H 504 12.67 1.90 5.09
C LEU H 504 13.87 2.19 5.97
N HIS H 505 14.22 3.46 6.14
CA HIS H 505 15.30 3.86 7.03
C HIS H 505 14.75 4.79 8.12
N ARG H 506 15.59 5.06 9.10
CA ARG H 506 15.14 5.76 10.31
C ARG H 506 14.61 7.16 9.99
N LEU H 507 15.09 7.79 8.91
CA LEU H 507 14.51 9.08 8.54
C LEU H 507 13.10 8.94 7.99
N GLY H 508 12.57 7.72 7.90
CA GLY H 508 11.15 7.51 7.63
C GLY H 508 10.26 7.86 8.80
N ILE H 509 10.84 8.15 9.96
CA ILE H 509 10.11 8.68 11.11
C ILE H 509 10.87 9.91 11.59
N GLN H 510 10.18 11.04 11.68
CA GLN H 510 10.82 12.26 12.15
C GLN H 510 9.91 13.01 13.10
N ALA H 511 10.51 13.85 13.93
CA ALA H 511 9.77 14.61 14.93
C ALA H 511 9.54 16.04 14.43
N PHE H 512 8.46 16.64 14.91
CA PHE H 512 8.07 17.97 14.48
C PHE H 512 7.39 18.70 15.63
N GLU H 513 7.46 20.02 15.59
CA GLU H 513 6.59 20.83 16.44
C GLU H 513 5.22 20.93 15.77
N PRO H 514 4.14 20.56 16.46
CA PRO H 514 2.82 20.58 15.82
C PRO H 514 2.21 21.98 15.80
N MET H 515 1.58 22.31 14.68
CA MET H 515 0.89 23.56 14.48
C MET H 515 -0.57 23.25 14.16
N LEU H 516 -1.49 23.80 14.94
CA LEU H 516 -2.90 23.63 14.66
C LEU H 516 -3.23 24.28 13.32
N VAL H 517 -3.85 23.51 12.43
CA VAL H 517 -4.33 24.06 11.16
C VAL H 517 -5.80 23.72 10.99
N GLU H 518 -6.52 24.62 10.34
CA GLU H 518 -7.86 24.30 9.87
C GLU H 518 -7.75 23.27 8.75
N GLY H 519 -8.88 22.65 8.44
CA GLY H 519 -8.88 21.55 7.49
C GLY H 519 -8.64 20.24 8.19
N LYS H 520 -8.45 19.20 7.38
CA LYS H 520 -8.38 17.83 7.88
C LYS H 520 -7.20 17.07 7.29
N ALA H 521 -6.23 17.77 6.71
CA ALA H 521 -5.03 17.15 6.17
C ALA H 521 -3.82 17.57 6.98
N ILE H 522 -2.76 16.80 6.85
CA ILE H 522 -1.50 17.07 7.54
C ILE H 522 -0.62 17.89 6.61
N GLN H 523 -0.05 18.97 7.14
CA GLN H 523 0.84 19.84 6.37
C GLN H 523 2.28 19.44 6.66
N LEU H 524 3.00 19.03 5.62
CA LEU H 524 4.37 18.55 5.74
C LEU H 524 5.32 19.52 5.05
N HIS H 525 6.53 19.62 5.62
CA HIS H 525 7.52 20.53 5.06
C HIS H 525 8.07 19.96 3.76
N PRO H 526 8.30 20.79 2.74
CA PRO H 526 8.66 20.24 1.41
C PRO H 526 10.04 19.62 1.34
N LEU H 527 10.94 19.93 2.28
CA LEU H 527 12.29 19.39 2.20
C LEU H 527 12.36 17.96 2.71
N VAL H 528 11.56 17.60 3.72
CA VAL H 528 11.62 16.24 4.26
C VAL H 528 10.99 15.21 3.34
N CYS H 529 10.25 15.63 2.32
CA CYS H 529 9.67 14.69 1.36
C CYS H 529 10.68 13.62 0.96
N GLU H 530 11.86 14.07 0.51
CA GLU H 530 12.91 13.15 0.08
C GLU H 530 13.13 12.04 1.10
N ALA H 531 13.33 12.41 2.37
CA ALA H 531 13.52 11.40 3.40
C ALA H 531 12.36 10.43 3.42
N PHE H 532 11.13 10.94 3.53
CA PHE H 532 9.96 10.07 3.56
C PHE H 532 9.64 9.47 2.22
N ASN H 533 10.36 9.85 1.16
CA ASN H 533 10.05 9.42 -0.20
C ASN H 533 8.55 9.60 -0.45
N ALA H 534 8.05 10.78 -0.09
CA ALA H 534 6.63 11.06 -0.06
C ALA H 534 6.29 12.09 -1.13
N ASP H 535 5.55 11.66 -2.14
CA ASP H 535 4.87 12.56 -3.05
C ASP H 535 3.54 13.00 -2.44
N PHE H 536 2.83 13.90 -3.14
CA PHE H 536 1.51 14.34 -2.69
C PHE H 536 0.43 13.96 -3.69
N ASP H 537 0.21 12.66 -3.90
CA ASP H 537 -0.83 12.19 -4.81
C ASP H 537 -1.75 11.22 -4.08
N GLY H 538 -2.01 11.48 -2.81
CA GLY H 538 -2.83 10.60 -1.97
C GLY H 538 -2.09 9.95 -0.84
N ASP H 539 -0.80 10.25 -0.67
CA ASP H 539 -0.02 9.66 0.40
C ASP H 539 -0.63 10.01 1.75
N GLN H 540 -0.57 9.06 2.67
CA GLN H 540 -1.07 9.24 4.03
C GLN H 540 0.08 9.07 5.02
N MET H 541 0.01 9.82 6.12
CA MET H 541 0.99 9.70 7.18
C MET H 541 0.29 9.50 8.52
N ALA H 542 1.03 8.86 9.43
CA ALA H 542 0.58 8.61 10.79
C ALA H 542 1.32 9.52 11.75
N VAL H 543 0.61 9.89 12.82
CA VAL H 543 1.12 10.78 13.85
C VAL H 543 1.08 10.04 15.18
N HIS H 544 2.15 10.16 15.95
CA HIS H 544 2.25 9.56 17.28
C HIS H 544 2.60 10.65 18.30
N LEU H 545 1.98 10.56 19.48
CA LEU H 545 2.18 11.57 20.50
C LEU H 545 3.09 11.04 21.59
N PRO H 546 4.36 11.47 21.66
CA PRO H 546 5.21 11.04 22.78
C PRO H 546 4.64 11.53 24.09
N LEU H 547 4.57 10.64 25.07
CA LEU H 547 3.93 10.97 26.34
C LEU H 547 4.96 11.28 27.42
N SER H 548 5.68 10.27 27.88
CA SER H 548 6.61 10.47 28.99
C SER H 548 7.60 11.59 28.68
N ALA H 549 8.06 12.25 29.73
CA ALA H 549 9.09 13.28 29.57
C ALA H 549 10.26 12.75 28.76
N GLU H 550 10.64 11.49 28.99
CA GLU H 550 11.76 10.91 28.24
C GLU H 550 11.43 10.78 26.76
N ALA H 551 10.19 10.39 26.44
CA ALA H 551 9.79 10.31 25.05
C ALA H 551 9.86 11.67 24.39
N GLN H 552 9.35 12.70 25.06
CA GLN H 552 9.44 14.06 24.54
C GLN H 552 10.89 14.45 24.30
N ALA H 553 11.78 14.11 25.23
CA ALA H 553 13.19 14.46 25.07
C ALA H 553 13.80 13.74 23.88
N GLU H 554 13.54 12.43 23.75
CA GLU H 554 14.06 11.67 22.62
C GLU H 554 13.60 12.27 21.29
N ALA H 555 12.31 12.59 21.20
CA ALA H 555 11.81 13.19 19.96
C ALA H 555 12.42 14.56 19.71
N ARG H 556 12.54 15.38 20.75
CA ARG H 556 13.01 16.74 20.59
C ARG H 556 14.49 16.79 20.18
N ILE H 557 15.30 15.88 20.70
CA ILE H 557 16.74 15.88 20.47
C ILE H 557 17.13 14.93 19.35
N LEU H 558 16.72 13.68 19.44
CA LEU H 558 17.24 12.65 18.54
C LEU H 558 16.52 12.63 17.19
N MET H 559 15.23 12.96 17.18
CA MET H 559 14.39 12.72 16.01
C MET H 559 13.86 13.98 15.36
N LEU H 560 14.19 15.16 15.89
CA LEU H 560 13.71 16.40 15.26
C LEU H 560 14.24 16.48 13.84
N SER H 561 13.36 16.93 12.92
CA SER H 561 13.73 16.96 11.51
C SER H 561 14.92 17.87 11.24
N SER H 562 15.07 18.93 12.04
CA SER H 562 16.19 19.84 11.84
C SER H 562 17.52 19.23 12.27
N ASN H 563 17.48 18.25 13.16
CA ASN H 563 18.69 17.55 13.59
C ASN H 563 19.00 16.34 12.73
N ASN H 564 18.21 16.10 11.66
CA ASN H 564 18.41 14.96 10.76
C ASN H 564 18.29 15.48 9.32
N ILE H 565 19.28 16.25 8.90
CA ILE H 565 19.32 16.75 7.52
C ILE H 565 20.07 15.77 6.61
N LEU H 566 21.10 15.11 7.15
CA LEU H 566 22.00 14.29 6.36
C LEU H 566 21.53 12.84 6.30
N SER H 567 21.97 12.15 5.25
CA SER H 567 21.60 10.76 5.05
C SER H 567 22.55 9.85 5.83
N PRO H 568 22.05 9.04 6.77
CA PRO H 568 22.96 8.16 7.52
C PRO H 568 23.67 7.13 6.65
N ALA H 569 23.19 6.89 5.43
CA ALA H 569 23.79 5.86 4.60
C ALA H 569 25.03 6.39 3.87
N SER H 570 25.00 7.66 3.46
CA SER H 570 26.02 8.23 2.61
C SER H 570 26.63 9.51 3.15
N GLY H 571 25.99 10.21 4.07
CA GLY H 571 26.49 11.47 4.57
C GLY H 571 26.14 12.67 3.72
N ARG H 572 25.55 12.47 2.54
CA ARG H 572 25.13 13.62 1.74
C ARG H 572 23.80 14.16 2.24
N PRO H 573 23.52 15.44 2.01
CA PRO H 573 22.30 16.03 2.57
C PRO H 573 21.06 15.54 1.85
N LEU H 574 19.94 15.55 2.59
CA LEU H 574 18.64 15.17 2.05
C LEU H 574 17.68 16.34 2.04
N ALA H 575 17.40 16.94 3.20
CA ALA H 575 16.53 18.11 3.26
C ALA H 575 17.28 19.29 2.63
N MET H 576 17.32 19.28 1.31
CA MET H 576 17.92 20.35 0.51
C MET H 576 16.98 20.69 -0.63
N PRO H 577 17.20 21.82 -1.30
CA PRO H 577 16.44 22.11 -2.51
C PRO H 577 16.50 20.94 -3.48
N ARG H 578 15.34 20.51 -3.97
CA ARG H 578 15.28 19.25 -4.69
C ARG H 578 14.62 19.36 -6.06
N LEU H 579 13.44 20.01 -6.16
CA LEU H 579 12.72 20.03 -7.43
C LEU H 579 12.49 21.50 -7.82
N ASP H 580 11.30 22.04 -7.61
CA ASP H 580 11.03 23.42 -8.01
C ASP H 580 12.08 24.38 -7.44
N MET H 581 12.53 24.10 -6.22
CA MET H 581 13.49 24.99 -5.56
C MET H 581 14.78 25.09 -6.36
N VAL H 582 15.37 23.94 -6.71
CA VAL H 582 16.61 23.96 -7.47
C VAL H 582 16.40 24.62 -8.82
N THR H 583 15.19 24.50 -9.38
CA THR H 583 14.92 25.15 -10.67
C THR H 583 14.94 26.67 -10.52
N GLY H 584 14.25 27.19 -9.50
CA GLY H 584 14.27 28.63 -9.29
C GLY H 584 15.67 29.16 -9.04
N LEU H 585 16.45 28.44 -8.24
CA LEU H 585 17.81 28.89 -7.96
C LEU H 585 18.67 28.84 -9.22
N TYR H 586 18.64 27.72 -9.94
CA TYR H 586 19.31 27.65 -11.23
C TYR H 586 18.90 28.80 -12.13
N TYR H 587 17.64 29.21 -12.04
CA TYR H 587 17.16 30.31 -12.88
C TYR H 587 17.87 31.61 -12.51
N LEU H 588 17.68 32.08 -11.27
CA LEU H 588 18.20 33.40 -10.96
C LEU H 588 19.73 33.44 -10.90
N THR H 589 20.39 32.29 -10.77
CA THR H 589 21.84 32.23 -10.74
C THR H 589 22.44 31.94 -12.10
N THR H 590 21.69 32.17 -13.18
CA THR H 590 22.20 31.97 -14.53
C THR H 590 22.76 33.28 -15.06
N GLU H 591 23.83 33.18 -15.86
CA GLU H 591 24.41 34.33 -16.52
C GLU H 591 23.90 34.39 -17.95
N VAL H 592 23.19 35.48 -18.27
CA VAL H 592 22.64 35.69 -19.61
C VAL H 592 23.53 36.70 -20.32
N PRO H 593 24.08 36.38 -21.50
CA PRO H 593 24.99 37.32 -22.16
C PRO H 593 24.30 38.61 -22.60
N GLY H 594 23.22 38.49 -23.37
CA GLY H 594 22.59 39.65 -23.97
C GLY H 594 21.51 40.31 -23.15
N ASP H 595 21.38 39.98 -21.87
CA ASP H 595 20.25 40.46 -21.10
C ASP H 595 20.31 41.97 -20.89
N THR H 596 19.17 42.54 -20.52
CA THR H 596 19.05 43.98 -20.38
C THR H 596 19.74 44.45 -19.10
N GLY H 597 20.30 45.66 -19.18
CA GLY H 597 21.05 46.21 -18.07
C GLY H 597 22.47 45.70 -17.96
N GLU H 598 22.93 44.93 -18.93
CA GLU H 598 24.26 44.33 -18.86
C GLU H 598 25.33 45.40 -18.70
N TYR H 599 26.42 45.00 -18.06
CA TYR H 599 27.57 45.88 -17.92
C TYR H 599 28.21 46.13 -19.28
N GLN H 600 28.50 47.40 -19.57
CA GLN H 600 29.21 47.77 -20.79
C GLN H 600 30.54 48.42 -20.43
N PRO H 601 31.59 48.18 -21.21
CA PRO H 601 32.86 48.87 -20.96
C PRO H 601 32.83 50.29 -21.50
N ALA H 602 33.62 51.15 -20.86
CA ALA H 602 33.65 52.56 -21.22
C ALA H 602 34.27 52.73 -22.61
N SER H 603 33.52 53.36 -23.51
CA SER H 603 33.96 53.56 -24.88
C SER H 603 33.30 54.79 -25.45
N GLY H 604 34.05 55.53 -26.26
CA GLY H 604 33.48 56.70 -26.93
C GLY H 604 33.11 57.78 -25.93
N ASP H 605 31.88 58.29 -26.06
CA ASP H 605 31.43 59.42 -25.26
C ASP H 605 30.86 59.01 -23.91
N HIS H 606 30.48 57.74 -23.72
CA HIS H 606 29.93 57.32 -22.44
C HIS H 606 30.94 56.47 -21.67
N PRO H 607 31.03 56.62 -20.33
CA PRO H 607 31.90 55.72 -19.56
C PRO H 607 31.31 54.32 -19.40
N GLU H 608 31.56 53.67 -18.27
CA GLU H 608 31.07 52.31 -18.06
C GLU H 608 29.59 52.32 -17.73
N THR H 609 28.79 51.72 -18.60
CA THR H 609 27.36 51.54 -18.36
C THR H 609 27.14 50.28 -17.54
N GLY H 610 26.15 50.33 -16.66
CA GLY H 610 25.80 49.15 -15.87
C GLY H 610 26.75 48.85 -14.74
N VAL H 611 27.19 49.86 -14.00
CA VAL H 611 28.06 49.70 -12.84
C VAL H 611 27.32 50.35 -11.67
N TYR H 612 26.89 49.54 -10.72
CA TYR H 612 25.97 49.97 -9.67
C TYR H 612 26.70 50.12 -8.35
N SER H 613 26.31 51.14 -7.58
CA SER H 613 26.99 51.47 -6.33
C SER H 613 26.60 50.54 -5.20
N SER H 614 25.38 50.01 -5.23
CA SER H 614 24.90 49.15 -4.15
C SER H 614 23.97 48.10 -4.76
N PRO H 615 23.87 46.92 -4.15
CA PRO H 615 22.83 45.98 -4.59
C PRO H 615 21.45 46.56 -4.51
N ALA H 616 21.21 47.49 -3.58
CA ALA H 616 19.94 48.19 -3.53
C ALA H 616 19.69 48.98 -4.81
N GLU H 617 20.74 49.60 -5.36
CA GLU H 617 20.58 50.34 -6.60
C GLU H 617 20.22 49.39 -7.75
N ALA H 618 20.89 48.25 -7.82
CA ALA H 618 20.54 47.26 -8.84
C ALA H 618 19.10 46.80 -8.67
N ILE H 619 18.63 46.67 -7.43
CA ILE H 619 17.25 46.28 -7.18
C ILE H 619 16.29 47.33 -7.71
N MET H 620 16.59 48.60 -7.45
CA MET H 620 15.73 49.67 -7.96
C MET H 620 15.73 49.68 -9.48
N ALA H 621 16.89 49.46 -10.09
CA ALA H 621 16.97 49.43 -11.55
C ALA H 621 16.16 48.27 -12.11
N ALA H 622 16.20 47.12 -11.45
CA ALA H 622 15.38 46.00 -11.90
C ALA H 622 13.90 46.29 -11.71
N ASP H 623 13.55 47.01 -10.63
CA ASP H 623 12.15 47.38 -10.41
C ASP H 623 11.63 48.25 -11.55
N ARG H 624 12.39 49.30 -11.91
CA ARG H 624 11.96 50.14 -13.03
C ARG H 624 11.92 49.35 -14.34
N GLY H 625 12.71 48.29 -14.45
CA GLY H 625 12.79 47.50 -15.65
C GLY H 625 13.99 47.77 -16.52
N VAL H 626 15.04 48.37 -15.98
CA VAL H 626 16.26 48.59 -16.77
C VAL H 626 17.21 47.40 -16.66
N LEU H 627 17.26 46.74 -15.51
CA LEU H 627 18.21 45.67 -15.25
C LEU H 627 17.50 44.34 -15.10
N SER H 628 18.05 43.31 -15.73
CA SER H 628 17.56 41.95 -15.59
C SER H 628 18.36 41.23 -14.51
N VAL H 629 17.67 40.39 -13.74
CA VAL H 629 18.30 39.77 -12.58
C VAL H 629 19.48 38.91 -13.00
N ARG H 630 19.46 38.39 -14.23
CA ARG H 630 20.44 37.43 -14.69
C ARG H 630 21.53 38.05 -15.54
N ALA H 631 21.60 39.38 -15.61
CA ALA H 631 22.61 40.05 -16.40
C ALA H 631 23.91 40.18 -15.61
N LYS H 632 25.03 40.06 -16.30
CA LYS H 632 26.33 40.24 -15.66
C LYS H 632 26.60 41.73 -15.48
N ILE H 633 26.99 42.11 -14.26
CA ILE H 633 27.18 43.51 -13.90
C ILE H 633 28.38 43.60 -12.95
N LYS H 634 28.66 44.81 -12.51
CA LYS H 634 29.66 45.08 -11.47
C LYS H 634 28.96 45.73 -10.29
N VAL H 635 29.08 45.12 -9.12
CA VAL H 635 28.38 45.60 -7.92
C VAL H 635 29.38 45.77 -6.79
N ARG H 636 29.21 46.84 -6.02
CA ARG H 636 29.95 47.07 -4.79
C ARG H 636 29.20 46.37 -3.66
N LEU H 637 29.80 45.33 -3.11
CA LEU H 637 29.25 44.60 -1.98
C LEU H 637 29.91 45.07 -0.69
N THR H 638 29.10 45.17 0.36
CA THR H 638 29.54 45.63 1.66
C THR H 638 29.11 44.70 2.78
N GLN H 639 28.49 43.55 2.46
CA GLN H 639 28.02 42.63 3.50
C GLN H 639 28.11 41.17 3.06
N LEU H 640 29.06 40.84 2.20
CA LEU H 640 29.27 39.46 1.76
C LEU H 640 30.77 39.20 1.66
N ARG H 641 31.26 38.16 2.31
CA ARG H 641 32.68 37.86 2.26
C ARG H 641 33.08 37.53 0.81
N PRO H 642 34.10 38.18 0.27
CA PRO H 642 34.57 37.82 -1.07
C PRO H 642 35.22 36.46 -1.08
N PRO H 643 35.40 35.85 -2.25
CA PRO H 643 36.05 34.54 -2.31
C PRO H 643 37.41 34.59 -1.63
N VAL H 644 37.79 33.46 -1.02
CA VAL H 644 39.10 33.36 -0.39
C VAL H 644 40.20 33.63 -1.40
N GLU H 645 39.89 33.48 -2.70
CA GLU H 645 40.86 33.83 -3.73
C GLU H 645 41.15 35.33 -3.71
N ILE H 646 40.10 36.15 -3.73
CA ILE H 646 40.25 37.59 -3.85
C ILE H 646 40.39 38.27 -2.50
N GLU H 647 39.81 37.70 -1.45
CA GLU H 647 39.94 38.29 -0.12
C GLU H 647 41.41 38.41 0.28
N ALA H 648 42.26 37.50 -0.20
CA ALA H 648 43.66 37.51 0.20
C ALA H 648 44.41 38.68 -0.42
N GLU H 649 44.24 38.88 -1.73
CA GLU H 649 44.96 39.95 -2.40
C GLU H 649 44.35 41.32 -2.13
N LEU H 650 43.05 41.38 -1.84
CA LEU H 650 42.43 42.67 -1.52
C LEU H 650 42.63 43.01 -0.05
N PHE H 651 42.33 42.07 0.84
CA PHE H 651 42.60 42.25 2.26
C PHE H 651 43.73 41.34 2.71
N GLY H 652 43.45 40.05 2.86
CA GLY H 652 44.47 39.08 3.21
C GLY H 652 45.08 39.32 4.58
N HIS H 653 45.81 40.43 4.73
CA HIS H 653 46.42 40.74 6.02
C HIS H 653 45.39 40.67 7.14
N SER H 654 44.18 41.14 6.87
CA SER H 654 43.05 41.04 7.79
C SER H 654 41.87 40.45 7.03
N GLY H 655 41.17 39.51 7.65
CA GLY H 655 40.00 38.93 7.04
C GLY H 655 39.01 40.00 6.62
N TRP H 656 38.22 39.72 5.58
CA TRP H 656 37.20 40.66 5.17
C TRP H 656 36.28 40.96 6.35
N GLN H 657 35.91 42.23 6.49
CA GLN H 657 35.10 42.65 7.62
C GLN H 657 33.72 43.12 7.15
N PRO H 658 32.65 42.75 7.86
CA PRO H 658 31.32 43.25 7.47
C PRO H 658 31.26 44.77 7.43
N GLY H 659 31.21 45.32 6.22
CA GLY H 659 31.28 46.75 6.02
C GLY H 659 32.32 47.09 4.98
N ASP H 660 33.36 46.28 4.89
CA ASP H 660 34.36 46.43 3.85
C ASP H 660 33.72 46.23 2.48
N ALA H 661 34.09 47.07 1.52
CA ALA H 661 33.49 47.06 0.20
C ALA H 661 34.40 46.33 -0.79
N TRP H 662 33.78 45.83 -1.85
CA TRP H 662 34.57 45.28 -2.95
C TRP H 662 33.71 45.10 -4.18
N MET H 663 34.34 45.15 -5.34
CA MET H 663 33.64 45.03 -6.62
C MET H 663 33.58 43.57 -7.05
N ALA H 664 32.41 43.17 -7.55
CA ALA H 664 32.20 41.82 -8.04
C ALA H 664 31.54 41.87 -9.41
N GLU H 665 31.88 40.87 -10.25
CA GLU H 665 31.35 40.77 -11.60
C GLU H 665 30.36 39.60 -11.68
N THR H 666 29.23 39.77 -10.99
CA THR H 666 28.21 38.73 -10.96
C THR H 666 26.90 39.25 -11.53
N THR H 667 25.80 38.61 -11.17
CA THR H 667 24.46 39.07 -11.51
C THR H 667 23.70 39.38 -10.23
N LEU H 668 22.75 40.31 -10.32
CA LEU H 668 21.94 40.62 -9.15
C LEU H 668 21.34 39.36 -8.54
N GLY H 669 21.01 38.37 -9.38
CA GLY H 669 20.43 37.15 -8.87
C GLY H 669 21.40 36.34 -8.03
N ARG H 670 22.66 36.22 -8.48
CA ARG H 670 23.66 35.53 -7.68
C ARG H 670 23.88 36.24 -6.35
N VAL H 671 23.72 37.57 -6.33
CA VAL H 671 23.84 38.30 -5.07
C VAL H 671 22.66 37.99 -4.16
N MET H 672 21.44 38.06 -4.69
CA MET H 672 20.27 37.64 -3.92
C MET H 672 20.47 36.24 -3.35
N PHE H 673 21.12 35.37 -4.11
CA PHE H 673 21.38 34.01 -3.65
C PHE H 673 22.37 33.99 -2.50
N ASN H 674 23.47 34.73 -2.62
CA ASN H 674 24.51 34.70 -1.59
C ASN H 674 24.04 35.33 -0.28
N GLU H 675 22.95 36.09 -0.30
CA GLU H 675 22.42 36.64 0.95
C GLU H 675 21.71 35.58 1.78
N LEU H 676 21.27 34.48 1.16
CA LEU H 676 20.54 33.46 1.86
C LEU H 676 21.46 32.61 2.73
N LEU H 677 22.55 32.12 2.14
CA LEU H 677 23.51 31.34 2.92
C LEU H 677 24.27 32.27 3.88
N PRO H 678 24.78 31.71 4.99
CA PRO H 678 25.13 32.57 6.14
C PRO H 678 26.14 33.63 5.79
N LEU H 679 26.16 34.69 6.60
CA LEU H 679 27.18 35.71 6.47
C LEU H 679 28.55 35.10 6.69
N GLY H 680 29.52 35.51 5.88
CA GLY H 680 30.87 35.01 6.00
C GLY H 680 31.17 33.81 5.14
N TYR H 681 30.17 33.20 4.54
CA TYR H 681 30.45 32.14 3.57
C TYR H 681 31.05 32.78 2.32
N PRO H 682 32.19 32.29 1.83
CA PRO H 682 32.79 32.90 0.63
C PRO H 682 31.79 32.97 -0.53
N PHE H 683 31.63 34.18 -1.06
CA PHE H 683 30.78 34.37 -2.23
C PHE H 683 31.09 33.34 -3.31
N VAL H 684 30.05 32.81 -3.92
CA VAL H 684 30.19 31.82 -4.99
C VAL H 684 29.55 32.41 -6.25
N ASN H 685 30.38 32.68 -7.26
CA ASN H 685 29.93 33.22 -8.53
C ASN H 685 29.57 32.13 -9.54
N LYS H 686 29.02 31.01 -9.08
CA LYS H 686 28.70 29.89 -9.94
C LYS H 686 27.24 29.93 -10.38
N GLN H 687 26.92 29.10 -11.38
CA GLN H 687 25.54 28.82 -11.75
C GLN H 687 25.05 27.67 -10.89
N MET H 688 23.97 27.88 -10.13
CA MET H 688 23.56 26.94 -9.10
C MET H 688 22.83 25.75 -9.74
N HIS H 689 23.61 24.81 -10.25
CA HIS H 689 23.09 23.49 -10.54
C HIS H 689 22.83 22.75 -9.22
N LYS H 690 22.09 21.65 -9.31
CA LYS H 690 21.81 20.88 -8.10
C LYS H 690 23.10 20.42 -7.43
N LYS H 691 24.05 19.91 -8.23
CA LYS H 691 25.31 19.46 -7.65
C LYS H 691 26.01 20.58 -6.89
N VAL H 692 25.99 21.79 -7.45
CA VAL H 692 26.58 22.94 -6.77
C VAL H 692 25.90 23.16 -5.43
N GLN H 693 24.57 23.09 -5.39
CA GLN H 693 23.84 23.36 -4.16
C GLN H 693 24.12 22.29 -3.11
N ALA H 694 24.12 21.02 -3.53
CA ALA H 694 24.46 19.95 -2.59
C ALA H 694 25.87 20.13 -2.06
N ALA H 695 26.81 20.56 -2.92
CA ALA H 695 28.17 20.81 -2.46
C ALA H 695 28.18 21.92 -1.41
N ILE H 696 27.47 23.01 -1.68
CA ILE H 696 27.45 24.13 -0.74
C ILE H 696 26.87 23.69 0.60
N ILE H 697 25.77 22.95 0.58
CA ILE H 697 25.14 22.54 1.82
C ILE H 697 25.99 21.52 2.55
N ASN H 698 26.71 20.68 1.82
CA ASN H 698 27.64 19.75 2.45
C ASN H 698 28.75 20.49 3.17
N ASP H 699 29.34 21.50 2.51
CA ASP H 699 30.38 22.30 3.16
C ASP H 699 29.81 23.02 4.37
N LEU H 700 28.57 23.51 4.28
CA LEU H 700 27.97 24.20 5.42
C LEU H 700 27.76 23.24 6.59
N ALA H 701 27.34 22.01 6.31
CA ALA H 701 27.15 21.04 7.37
C ALA H 701 28.47 20.65 8.01
N GLU H 702 29.52 20.50 7.19
CA GLU H 702 30.85 20.22 7.74
C GLU H 702 31.32 21.35 8.64
N ARG H 703 31.37 22.57 8.11
CA ARG H 703 31.94 23.69 8.85
C ARG H 703 30.96 24.24 9.88
N TYR H 704 29.83 24.76 9.42
CA TYR H 704 28.90 25.46 10.28
C TYR H 704 28.09 24.48 11.13
N PRO H 705 27.48 24.97 12.20
CA PRO H 705 26.70 24.07 13.08
C PRO H 705 25.40 23.60 12.43
N MET H 706 24.71 22.70 13.13
CA MET H 706 23.46 22.15 12.62
C MET H 706 22.44 23.23 12.33
N ILE H 707 22.11 24.02 13.37
CA ILE H 707 20.98 24.95 13.28
C ILE H 707 21.17 25.92 12.10
N VAL H 708 22.41 26.31 11.83
CA VAL H 708 22.67 27.23 10.72
C VAL H 708 22.23 26.59 9.41
N VAL H 709 22.61 25.33 9.19
CA VAL H 709 22.17 24.62 7.99
C VAL H 709 20.66 24.50 7.97
N ALA H 710 20.07 24.15 9.11
CA ALA H 710 18.62 24.00 9.18
C ALA H 710 17.91 25.26 8.68
N GLN H 711 18.42 26.44 9.07
CA GLN H 711 17.76 27.68 8.69
C GLN H 711 18.13 28.12 7.28
N THR H 712 19.38 27.90 6.88
CA THR H 712 19.82 28.29 5.55
C THR H 712 19.07 27.53 4.47
N VAL H 713 18.80 26.24 4.72
CA VAL H 713 18.10 25.46 3.71
C VAL H 713 16.64 25.90 3.60
N ASP H 714 16.03 26.34 4.71
CA ASP H 714 14.70 26.93 4.64
C ASP H 714 14.70 28.20 3.79
N LYS H 715 15.70 29.05 4.00
CA LYS H 715 15.83 30.25 3.17
C LYS H 715 15.96 29.88 1.70
N LEU H 716 16.78 28.87 1.40
CA LEU H 716 16.90 28.39 0.03
C LEU H 716 15.56 27.92 -0.52
N LYS H 717 14.78 27.20 0.29
CA LYS H 717 13.46 26.75 -0.13
C LYS H 717 12.58 27.93 -0.54
N ASP H 718 12.51 28.95 0.33
CA ASP H 718 11.68 30.11 0.03
C ASP H 718 12.13 30.77 -1.28
N ALA H 719 13.43 31.03 -1.41
CA ALA H 719 13.94 31.67 -2.62
C ALA H 719 13.62 30.83 -3.85
N GLY H 720 13.89 29.53 -3.78
CA GLY H 720 13.69 28.67 -4.93
C GLY H 720 12.24 28.62 -5.37
N PHE H 721 11.31 28.56 -4.42
CA PHE H 721 9.90 28.58 -4.82
C PHE H 721 9.54 29.92 -5.45
N TYR H 722 9.93 31.03 -4.81
CA TYR H 722 9.61 32.33 -5.36
C TYR H 722 10.05 32.45 -6.81
N TRP H 723 11.25 31.94 -7.13
CA TRP H 723 11.78 32.15 -8.47
C TRP H 723 11.38 31.06 -9.45
N ALA H 724 11.16 29.84 -8.98
CA ALA H 724 10.56 28.82 -9.84
C ALA H 724 9.20 29.29 -10.34
N THR H 725 8.45 29.99 -9.48
CA THR H 725 7.19 30.58 -9.94
C THR H 725 7.43 31.52 -11.11
N ARG H 726 8.56 32.21 -11.14
CA ARG H 726 8.82 33.27 -12.11
C ARG H 726 9.97 32.93 -13.05
N SER H 727 10.16 31.64 -13.33
CA SER H 727 11.21 31.17 -14.22
C SER H 727 10.70 30.85 -15.62
N GLY H 728 9.40 31.01 -15.87
CA GLY H 728 8.84 30.68 -17.17
C GLY H 728 8.77 29.21 -17.47
N VAL H 729 8.95 28.36 -16.46
CA VAL H 729 8.95 26.91 -16.62
C VAL H 729 7.52 26.48 -16.95
N THR H 730 7.29 26.05 -18.19
CA THR H 730 5.99 25.57 -18.60
C THR H 730 6.15 24.51 -19.67
N VAL H 731 5.17 23.62 -19.77
CA VAL H 731 5.15 22.58 -20.78
C VAL H 731 4.06 22.92 -21.80
N SER H 732 4.43 22.86 -23.08
CA SER H 732 3.49 23.03 -24.18
C SER H 732 3.90 22.11 -25.31
N MET H 733 2.91 21.71 -26.12
CA MET H 733 3.19 20.83 -27.25
C MET H 733 4.29 21.40 -28.13
N ALA H 734 4.37 22.72 -28.24
CA ALA H 734 5.39 23.33 -29.08
C ALA H 734 6.78 23.13 -28.49
N ASP H 735 6.90 23.18 -27.17
CA ASP H 735 8.20 23.06 -26.51
C ASP H 735 8.71 21.62 -26.46
N VAL H 736 7.96 20.66 -26.95
CA VAL H 736 8.48 19.31 -27.16
C VAL H 736 8.90 19.19 -28.62
N LEU H 737 10.10 19.65 -28.95
CA LEU H 737 10.55 19.70 -30.33
C LEU H 737 11.02 18.32 -30.79
N VAL H 738 10.46 17.85 -31.90
CA VAL H 738 10.84 16.58 -32.52
C VAL H 738 12.08 16.86 -33.36
N PRO H 739 13.00 15.91 -33.52
CA PRO H 739 14.16 16.16 -34.39
C PRO H 739 13.73 16.67 -35.75
N PRO H 740 14.43 17.66 -36.30
CA PRO H 740 14.01 18.20 -37.60
C PRO H 740 14.13 17.17 -38.70
N ARG H 741 15.20 16.38 -38.67
CA ARG H 741 15.45 15.29 -39.61
C ARG H 741 14.94 13.96 -39.08
N LYS H 742 13.79 13.95 -38.41
CA LYS H 742 13.35 12.75 -37.71
C LYS H 742 13.07 11.60 -38.68
N LYS H 743 12.25 11.84 -39.70
CA LYS H 743 12.09 10.83 -40.75
C LYS H 743 13.44 10.52 -41.39
N GLU H 744 14.20 11.59 -41.70
CA GLU H 744 15.54 11.46 -42.25
C GLU H 744 16.45 10.64 -41.34
N ILE H 745 16.09 10.46 -40.08
CA ILE H 745 16.91 9.68 -39.15
C ILE H 745 16.36 8.26 -39.03
N LEU H 746 15.04 8.10 -39.18
CA LEU H 746 14.42 6.82 -38.88
C LEU H 746 14.52 5.84 -40.05
N ASP H 747 14.35 6.33 -41.28
CA ASP H 747 14.47 5.38 -42.39
C ASP H 747 15.83 4.71 -42.39
N HIS H 748 16.87 5.36 -41.83
CA HIS H 748 18.22 4.78 -41.81
C HIS H 748 18.49 3.92 -40.59
N TYR H 749 17.43 3.34 -40.04
CA TYR H 749 17.54 2.11 -39.27
C TYR H 749 16.45 1.14 -39.64
N GLU H 750 15.34 1.61 -40.23
CA GLU H 750 14.46 0.69 -40.93
C GLU H 750 15.21 -0.01 -42.07
N GLU H 751 16.13 0.69 -42.74
CA GLU H 751 17.13 0.04 -43.57
C GLU H 751 17.68 -1.23 -42.96
N ARG H 752 18.52 -1.04 -41.96
CA ARG H 752 19.33 -2.13 -41.49
C ARG H 752 18.45 -3.21 -40.90
N ALA H 753 17.21 -2.85 -40.52
CA ALA H 753 16.22 -3.89 -40.24
C ALA H 753 15.88 -4.70 -41.49
N ASP H 754 15.76 -4.02 -42.64
CA ASP H 754 15.47 -4.73 -43.89
C ASP H 754 16.68 -5.47 -44.46
N LYS H 755 17.90 -5.04 -44.10
CA LYS H 755 19.10 -5.67 -44.63
C LYS H 755 19.12 -7.15 -44.30
N VAL H 756 18.92 -7.48 -43.02
CA VAL H 756 19.04 -8.85 -42.55
C VAL H 756 17.95 -9.75 -43.13
N GLU H 757 16.87 -9.19 -43.65
CA GLU H 757 15.76 -10.03 -44.07
C GLU H 757 16.13 -10.92 -45.25
N LYS H 758 17.01 -10.46 -46.15
CA LYS H 758 17.43 -11.32 -47.24
C LYS H 758 18.79 -11.96 -47.03
N GLN H 759 19.56 -11.53 -46.04
CA GLN H 759 20.61 -12.40 -45.54
C GLN H 759 20.03 -13.55 -44.74
N PHE H 760 18.73 -13.46 -44.40
CA PHE H 760 17.96 -14.56 -43.85
C PHE H 760 17.07 -15.25 -44.88
N GLN H 761 16.80 -14.59 -46.01
CA GLN H 761 15.98 -15.21 -47.06
C GLN H 761 16.80 -16.20 -47.88
N ARG H 762 18.06 -15.89 -48.16
CA ARG H 762 18.95 -16.84 -48.80
C ARG H 762 19.69 -17.72 -47.80
N GLY H 763 19.42 -17.55 -46.50
CA GLY H 763 19.97 -18.43 -45.49
C GLY H 763 21.33 -18.07 -44.97
N ALA H 764 21.79 -16.83 -45.19
CA ALA H 764 23.14 -16.46 -44.77
C ALA H 764 23.21 -16.03 -43.31
N LEU H 765 22.09 -15.62 -42.71
CA LEU H 765 22.03 -15.33 -41.28
C LEU H 765 20.99 -16.25 -40.64
N ASN H 766 21.36 -16.81 -39.49
CA ASN H 766 20.42 -17.63 -38.73
C ASN H 766 19.29 -16.76 -38.18
N HIS H 767 18.13 -17.38 -37.96
CA HIS H 767 16.99 -16.65 -37.45
C HIS H 767 17.25 -16.07 -36.06
N ASP H 768 18.18 -16.63 -35.30
CA ASP H 768 18.47 -16.16 -33.96
C ASP H 768 19.59 -15.12 -33.93
N GLU H 769 20.42 -15.06 -34.97
CA GLU H 769 21.44 -14.02 -35.06
C GLU H 769 20.87 -12.73 -35.64
N ARG H 770 19.84 -12.85 -36.49
CA ARG H 770 19.17 -11.68 -37.05
C ARG H 770 18.67 -10.76 -35.95
N ASN H 771 18.19 -11.33 -34.84
CA ASN H 771 17.62 -10.50 -33.78
C ASN H 771 18.68 -9.63 -33.15
N GLU H 772 19.84 -10.21 -32.81
CA GLU H 772 20.93 -9.42 -32.27
C GLU H 772 21.37 -8.36 -33.28
N ALA H 773 21.42 -8.72 -34.56
CA ALA H 773 21.81 -7.75 -35.59
C ALA H 773 20.87 -6.55 -35.58
N LEU H 774 19.56 -6.79 -35.63
CA LEU H 774 18.61 -5.69 -35.71
C LEU H 774 18.57 -4.88 -34.41
N VAL H 775 18.81 -5.54 -33.27
CA VAL H 775 18.91 -4.82 -32.01
C VAL H 775 20.07 -3.83 -32.06
N GLU H 776 21.25 -4.32 -32.49
CA GLU H 776 22.39 -3.43 -32.61
C GLU H 776 22.16 -2.36 -33.67
N ILE H 777 21.24 -2.61 -34.60
CA ILE H 777 20.90 -1.62 -35.61
C ILE H 777 20.15 -0.44 -34.99
N TRP H 778 19.07 -0.73 -34.27
CA TRP H 778 18.24 0.34 -33.72
C TRP H 778 18.85 0.99 -32.47
N LYS H 779 19.71 0.27 -31.75
CA LYS H 779 20.33 0.86 -30.57
C LYS H 779 21.27 2.01 -30.95
N GLU H 780 21.93 1.93 -32.10
CA GLU H 780 22.71 3.06 -32.58
C GLU H 780 21.81 4.18 -33.05
N ALA H 781 20.62 3.82 -33.57
CA ALA H 781 19.63 4.81 -33.92
C ALA H 781 19.34 5.73 -32.75
N THR H 782 19.02 5.15 -31.60
CA THR H 782 18.61 5.99 -30.47
C THR H 782 19.73 6.94 -30.04
N ASP H 783 20.98 6.51 -30.14
CA ASP H 783 22.09 7.39 -29.75
C ASP H 783 22.27 8.53 -30.76
N GLU H 784 22.27 8.20 -32.06
CA GLU H 784 22.37 9.26 -33.06
C GLU H 784 21.22 10.24 -32.94
N VAL H 785 20.04 9.75 -32.56
CA VAL H 785 18.90 10.64 -32.38
C VAL H 785 19.07 11.50 -31.14
N GLY H 786 19.66 10.95 -30.08
CA GLY H 786 19.97 11.77 -28.92
C GLY H 786 20.89 12.92 -29.28
N GLN H 787 21.91 12.63 -30.09
CA GLN H 787 22.80 13.71 -30.56
C GLN H 787 22.04 14.71 -31.41
N ALA H 788 21.16 14.24 -32.29
CA ALA H 788 20.35 15.14 -33.10
C ALA H 788 19.35 15.93 -32.27
N LEU H 789 19.05 15.48 -31.05
CA LEU H 789 18.12 16.15 -30.16
C LEU H 789 18.79 17.22 -29.31
N ARG H 790 19.98 16.92 -28.78
CA ARG H 790 20.62 17.89 -27.89
C ARG H 790 20.86 19.21 -28.59
N GLU H 791 21.25 19.19 -29.87
CA GLU H 791 21.55 20.42 -30.59
C GLU H 791 20.30 21.10 -31.11
N HIS H 792 19.25 20.33 -31.43
CA HIS H 792 18.03 20.94 -31.93
C HIS H 792 17.28 21.67 -30.82
N TYR H 793 17.26 21.10 -29.63
CA TYR H 793 16.61 21.74 -28.49
C TYR H 793 17.29 23.07 -28.17
N PRO H 794 16.60 24.21 -28.29
CA PRO H 794 17.21 25.46 -27.79
C PRO H 794 17.35 25.44 -26.28
N ASP H 795 17.95 26.48 -25.71
CA ASP H 795 18.07 26.59 -24.27
C ASP H 795 16.91 27.34 -23.63
N ASP H 796 16.08 28.01 -24.43
CA ASP H 796 14.84 28.59 -23.92
C ASP H 796 13.79 27.54 -23.61
N ASN H 797 13.99 26.31 -24.07
CA ASN H 797 13.00 25.25 -23.87
C ASN H 797 12.85 24.95 -22.38
N PRO H 798 11.62 24.90 -21.86
CA PRO H 798 11.47 24.64 -20.42
C PRO H 798 11.82 23.21 -20.01
N ILE H 799 11.65 22.21 -20.88
CA ILE H 799 12.07 20.87 -20.52
C ILE H 799 13.59 20.84 -20.32
N ILE H 800 14.33 21.59 -21.14
CA ILE H 800 15.77 21.65 -20.99
C ILE H 800 16.14 22.37 -19.70
N THR H 801 15.40 23.44 -19.35
CA THR H 801 15.66 24.11 -18.08
C THR H 801 15.29 23.23 -16.89
N ILE H 802 14.39 22.25 -17.08
CA ILE H 802 14.07 21.31 -16.02
C ILE H 802 15.17 20.27 -15.87
N VAL H 803 15.69 19.77 -16.98
CA VAL H 803 16.62 18.65 -16.92
C VAL H 803 18.04 19.13 -16.65
N ASP H 804 18.49 20.17 -17.36
CA ASP H 804 19.87 20.62 -17.22
C ASP H 804 20.14 21.30 -15.88
N SER H 805 19.11 21.73 -15.17
CA SER H 805 19.30 22.30 -13.84
C SER H 805 19.40 21.24 -12.75
N GLY H 806 19.43 19.96 -13.14
CA GLY H 806 19.47 18.88 -12.17
C GLY H 806 18.20 18.69 -11.39
N ALA H 807 17.11 19.35 -11.76
CA ALA H 807 15.85 19.23 -11.03
C ALA H 807 15.41 17.78 -10.97
N THR H 808 15.08 17.19 -12.12
CA THR H 808 14.66 15.81 -12.17
C THR H 808 14.56 15.37 -13.62
N GLY H 809 14.89 14.10 -13.86
CA GLY H 809 14.77 13.52 -15.18
C GLY H 809 16.10 13.46 -15.90
N ASN H 810 16.24 12.44 -16.73
CA ASN H 810 17.40 12.27 -17.59
C ASN H 810 17.09 12.83 -18.97
N PHE H 811 18.06 12.72 -19.88
CA PHE H 811 17.85 13.07 -21.27
C PHE H 811 17.31 11.90 -22.10
N THR H 812 17.37 10.68 -21.57
CA THR H 812 16.80 9.53 -22.27
C THR H 812 15.28 9.59 -22.25
N GLN H 813 14.70 10.02 -21.13
CA GLN H 813 13.27 10.27 -21.10
C GLN H 813 12.88 11.29 -22.15
N THR H 814 13.67 12.36 -22.28
CA THR H 814 13.38 13.35 -23.31
C THR H 814 13.57 12.77 -24.70
N ARG H 815 14.45 11.77 -24.86
CA ARG H 815 14.56 11.11 -26.16
C ARG H 815 13.26 10.39 -26.50
N THR H 816 12.72 9.63 -25.54
CA THR H 816 11.44 8.96 -25.80
C THR H 816 10.31 9.96 -25.97
N LEU H 817 10.40 11.11 -25.31
CA LEU H 817 9.33 12.10 -25.36
C LEU H 817 9.32 12.85 -26.68
N ALA H 818 10.49 13.25 -27.17
CA ALA H 818 10.61 14.09 -28.34
C ALA H 818 11.30 13.43 -29.52
N GLY H 819 12.03 12.33 -29.31
CA GLY H 819 12.78 11.66 -30.35
C GLY H 819 12.03 10.41 -30.80
N MET H 820 12.33 9.27 -30.21
CA MET H 820 11.67 8.02 -30.57
C MET H 820 11.73 7.07 -29.38
N LYS H 821 10.62 6.35 -29.15
CA LYS H 821 10.60 5.38 -28.06
C LYS H 821 11.67 4.31 -28.26
N GLY H 822 11.85 3.86 -29.50
CA GLY H 822 12.91 2.92 -29.81
C GLY H 822 12.48 1.48 -29.69
N LEU H 823 13.50 0.61 -29.56
CA LEU H 823 13.24 -0.82 -29.43
C LEU H 823 12.58 -1.12 -28.10
N VAL H 824 11.45 -1.81 -28.14
CA VAL H 824 10.74 -2.25 -26.95
C VAL H 824 10.93 -3.74 -26.80
N THR H 825 10.95 -4.21 -25.55
CA THR H 825 11.19 -5.60 -25.23
C THR H 825 9.87 -6.30 -24.94
N ASN H 826 9.79 -7.57 -25.33
CA ASN H 826 8.64 -8.41 -25.02
C ASN H 826 8.85 -9.13 -23.70
N PRO H 827 7.83 -9.82 -23.19
CA PRO H 827 7.94 -10.45 -21.86
C PRO H 827 8.96 -11.56 -21.82
N LYS H 828 9.54 -11.90 -22.97
CA LYS H 828 10.59 -12.90 -23.02
C LYS H 828 11.88 -12.36 -22.43
N GLY H 829 12.40 -11.27 -22.99
CA GLY H 829 13.61 -10.65 -22.49
C GLY H 829 14.43 -10.00 -23.57
N GLU H 830 14.49 -10.64 -24.73
CA GLU H 830 15.24 -10.10 -25.86
C GLU H 830 14.49 -8.93 -26.50
N PHE H 831 15.25 -8.01 -27.08
CA PHE H 831 14.64 -6.84 -27.73
C PHE H 831 13.93 -7.27 -29.02
N ILE H 832 12.79 -6.66 -29.28
CA ILE H 832 12.00 -6.99 -30.48
C ILE H 832 12.76 -6.56 -31.72
N PRO H 833 12.82 -7.39 -32.78
CA PRO H 833 13.49 -6.94 -34.02
C PRO H 833 12.78 -5.80 -34.71
N ARG H 834 11.63 -5.39 -34.17
CA ARG H 834 10.83 -4.29 -34.72
C ARG H 834 10.72 -3.19 -33.67
N PRO H 835 11.10 -1.95 -33.97
CA PRO H 835 11.09 -0.91 -32.95
C PRO H 835 9.75 -0.20 -32.85
N VAL H 836 9.66 0.68 -31.85
CA VAL H 836 8.59 1.66 -31.75
C VAL H 836 9.10 2.93 -32.41
N LYS H 837 8.77 3.12 -33.68
CA LYS H 837 9.30 4.25 -34.42
C LYS H 837 8.72 5.56 -33.92
N SER H 838 7.45 5.56 -33.53
CA SER H 838 6.75 6.78 -33.19
C SER H 838 7.17 7.28 -31.81
N SER H 839 7.12 8.60 -31.64
CA SER H 839 7.29 9.23 -30.35
C SER H 839 5.92 9.53 -29.75
N PHE H 840 5.90 9.81 -28.44
CA PHE H 840 4.65 10.16 -27.79
C PHE H 840 4.11 11.50 -28.28
N ARG H 841 4.94 12.31 -28.94
CA ARG H 841 4.45 13.54 -29.56
C ARG H 841 3.86 13.27 -30.94
N GLU H 842 4.35 12.25 -31.65
CA GLU H 842 3.80 11.93 -32.96
C GLU H 842 2.52 11.11 -32.85
N GLY H 843 2.48 10.16 -31.93
CA GLY H 843 1.32 9.31 -31.75
C GLY H 843 1.59 7.86 -32.11
N LEU H 844 1.63 7.00 -31.10
CA LEU H 844 1.87 5.58 -31.35
C LEU H 844 0.73 5.01 -32.19
N THR H 845 1.05 3.95 -32.94
CA THR H 845 0.03 3.21 -33.66
C THR H 845 -0.68 2.25 -32.71
N VAL H 846 -1.76 1.65 -33.20
CA VAL H 846 -2.48 0.65 -32.40
C VAL H 846 -1.52 -0.42 -31.92
N LEU H 847 -0.84 -1.07 -32.87
CA LEU H 847 0.07 -2.15 -32.53
C LEU H 847 1.27 -1.66 -31.73
N GLU H 848 1.69 -0.41 -31.93
CA GLU H 848 2.80 0.12 -31.15
C GLU H 848 2.43 0.21 -29.67
N TYR H 849 1.23 0.71 -29.36
CA TYR H 849 0.79 0.72 -27.97
C TYR H 849 0.66 -0.69 -27.42
N PHE H 850 0.05 -1.59 -28.19
CA PHE H 850 -0.11 -2.95 -27.69
C PHE H 850 1.23 -3.58 -27.37
N ILE H 851 2.23 -3.40 -28.24
CA ILE H 851 3.53 -4.01 -28.00
C ILE H 851 4.29 -3.29 -26.89
N ASN H 852 3.97 -2.01 -26.63
CA ASN H 852 4.53 -1.33 -25.47
C ASN H 852 3.99 -1.91 -24.18
N THR H 853 2.73 -2.35 -24.19
CA THR H 853 2.13 -2.80 -22.94
C THR H 853 2.77 -4.07 -22.38
N HIS H 854 3.27 -4.97 -23.24
CA HIS H 854 4.05 -6.09 -22.73
C HIS H 854 5.03 -5.61 -21.67
N GLY H 855 5.94 -4.75 -22.11
CA GLY H 855 6.99 -4.28 -21.24
C GLY H 855 6.48 -3.47 -20.07
N ALA H 856 5.50 -2.60 -20.31
CA ALA H 856 4.98 -1.78 -19.22
C ALA H 856 4.40 -2.65 -18.10
N ARG H 857 3.53 -3.59 -18.46
CA ARG H 857 2.90 -4.44 -17.46
C ARG H 857 3.92 -5.29 -16.74
N LYS H 858 4.85 -5.91 -17.48
CA LYS H 858 5.84 -6.73 -16.79
C LYS H 858 6.75 -5.86 -15.94
N GLY H 859 6.95 -4.60 -16.32
CA GLY H 859 7.67 -3.68 -15.45
C GLY H 859 6.98 -3.55 -14.10
N LEU H 860 5.69 -3.23 -14.11
CA LEU H 860 4.96 -3.12 -12.85
C LEU H 860 5.05 -4.42 -12.05
N ALA H 861 4.83 -5.56 -12.73
CA ALA H 861 4.81 -6.84 -12.03
C ALA H 861 6.15 -7.14 -11.37
N ASP H 862 7.22 -7.17 -12.17
CA ASP H 862 8.53 -7.49 -11.61
C ASP H 862 8.99 -6.42 -10.63
N THR H 863 8.45 -5.20 -10.69
CA THR H 863 8.81 -4.22 -9.67
C THR H 863 8.18 -4.59 -8.34
N ALA H 864 6.92 -5.03 -8.36
CA ALA H 864 6.33 -5.56 -7.13
C ALA H 864 7.18 -6.69 -6.56
N LEU H 865 7.57 -7.64 -7.43
CA LEU H 865 8.35 -8.78 -6.94
C LEU H 865 9.71 -8.32 -6.40
N ARG H 866 10.34 -7.36 -7.07
CA ARG H 866 11.63 -6.85 -6.63
C ARG H 866 11.52 -6.21 -5.25
N THR H 867 10.47 -5.41 -5.02
CA THR H 867 10.27 -4.83 -3.70
C THR H 867 10.09 -5.91 -2.65
N ALA H 868 9.34 -6.97 -2.97
CA ALA H 868 9.17 -8.06 -2.01
C ALA H 868 10.52 -8.64 -1.60
N ASP H 869 11.31 -9.07 -2.59
CA ASP H 869 12.59 -9.69 -2.28
C ASP H 869 13.50 -8.72 -1.51
N SER H 870 13.44 -7.43 -1.87
CA SER H 870 14.27 -6.44 -1.18
C SER H 870 13.90 -6.35 0.28
N GLY H 871 12.60 -6.25 0.58
CA GLY H 871 12.18 -6.17 1.97
C GLY H 871 12.60 -7.38 2.78
N TYR H 872 12.54 -8.56 2.15
CA TYR H 872 12.94 -9.76 2.89
C TYR H 872 14.44 -9.77 3.18
N LEU H 873 15.26 -9.46 2.16
CA LEU H 873 16.68 -9.30 2.41
C LEU H 873 16.92 -8.29 3.53
N THR H 874 16.12 -7.22 3.56
CA THR H 874 16.31 -6.19 4.58
C THR H 874 16.10 -6.77 5.97
N ARG H 875 14.99 -7.46 6.19
CA ARG H 875 14.74 -7.98 7.54
C ARG H 875 15.81 -9.00 7.93
N ARG H 876 16.30 -9.78 6.96
CA ARG H 876 17.42 -10.68 7.27
C ARG H 876 18.63 -9.89 7.77
N LEU H 877 19.03 -8.86 7.02
CA LEU H 877 20.17 -8.04 7.43
C LEU H 877 19.92 -7.43 8.80
N VAL H 878 18.70 -7.00 9.08
CA VAL H 878 18.40 -6.41 10.38
C VAL H 878 18.67 -7.41 11.48
N ASP H 879 18.13 -8.62 11.33
CA ASP H 879 18.25 -9.59 12.44
C ASP H 879 19.67 -10.07 12.61
N VAL H 880 20.46 -10.16 11.53
CA VAL H 880 21.82 -10.65 11.70
C VAL H 880 22.71 -9.62 12.41
N SER H 881 22.37 -8.34 12.34
CA SER H 881 23.20 -7.28 12.90
C SER H 881 22.45 -6.43 13.91
N GLN H 882 21.34 -6.92 14.44
CA GLN H 882 20.53 -6.11 15.33
C GLN H 882 21.32 -5.77 16.60
N ASP H 883 22.08 -6.72 17.13
CA ASP H 883 22.76 -6.56 18.41
C ASP H 883 24.16 -5.93 18.26
N VAL H 884 24.44 -5.28 17.14
CA VAL H 884 25.75 -4.67 16.89
C VAL H 884 25.66 -3.20 17.29
N ILE H 885 26.21 -2.86 18.45
CA ILE H 885 26.19 -1.50 18.98
C ILE H 885 27.62 -1.04 19.21
N VAL H 886 27.77 0.28 19.33
CA VAL H 886 29.06 0.91 19.61
C VAL H 886 29.22 0.94 21.13
N ARG H 887 30.02 0.01 21.66
CA ARG H 887 30.14 -0.16 23.10
C ARG H 887 31.44 0.39 23.68
N GLU H 888 32.45 0.64 22.86
CA GLU H 888 33.76 1.09 23.34
C GLU H 888 34.19 2.30 22.53
N HIS H 889 35.05 3.12 23.13
CA HIS H 889 35.52 4.33 22.44
C HIS H 889 36.69 4.02 21.50
N ASP H 890 37.65 3.21 21.95
CA ASP H 890 38.80 2.87 21.13
C ASP H 890 39.32 1.51 21.56
N CYS H 891 39.08 0.50 20.74
CA CYS H 891 39.65 -0.82 20.95
C CYS H 891 41.17 -0.82 20.77
N GLN H 892 41.70 0.16 20.05
CA GLN H 892 43.13 0.26 19.78
C GLN H 892 43.67 -1.06 19.21
N THR H 893 43.51 -1.25 17.90
CA THR H 893 43.91 -2.50 17.24
C THR H 893 44.56 -2.18 15.89
N GLU H 894 45.83 -2.58 15.74
CA GLU H 894 46.59 -2.28 14.52
C GLU H 894 45.80 -2.58 13.26
N ARG H 895 45.21 -3.76 13.20
CA ARG H 895 44.43 -4.16 12.05
C ARG H 895 43.57 -3.02 11.53
N GLY H 896 43.80 -2.64 10.28
CA GLY H 896 43.02 -1.62 9.58
C GLY H 896 42.69 -2.17 8.21
N ILE H 897 42.77 -1.32 7.18
CA ILE H 897 42.83 -1.84 5.81
C ILE H 897 43.36 -0.76 4.89
N VAL H 898 44.02 -1.19 3.83
CA VAL H 898 44.62 -0.27 2.86
C VAL H 898 43.55 0.19 1.88
N VAL H 899 43.35 1.51 1.82
CA VAL H 899 42.44 2.14 0.89
C VAL H 899 43.27 2.80 -0.20
N GLU H 900 43.01 2.39 -1.45
CA GLU H 900 43.52 3.03 -2.65
C GLU H 900 42.97 4.45 -2.76
N LEU H 901 43.68 5.41 -2.18
CA LEU H 901 43.22 6.79 -2.24
C LEU H 901 43.15 7.29 -3.68
N ALA H 902 44.23 7.09 -4.43
CA ALA H 902 44.28 7.51 -5.82
C ALA H 902 45.30 6.65 -6.55
N GLU H 903 45.22 6.68 -7.87
CA GLU H 903 46.16 6.00 -8.74
C GLU H 903 47.04 7.06 -9.38
N ARG H 904 48.23 6.68 -9.83
CA ARG H 904 49.14 7.61 -10.48
C ARG H 904 49.31 7.21 -11.95
N ALA H 905 49.06 8.17 -12.83
CA ALA H 905 49.20 7.93 -14.26
C ALA H 905 50.68 7.88 -14.64
N PRO H 906 51.00 7.25 -15.78
CA PRO H 906 52.41 7.12 -16.14
C PRO H 906 53.12 8.44 -16.36
N ASP H 907 52.38 9.51 -16.72
CA ASP H 907 53.02 10.79 -16.99
C ASP H 907 53.35 11.55 -15.72
N GLY H 908 52.61 11.32 -14.63
CA GLY H 908 52.86 11.99 -13.38
C GLY H 908 51.60 12.49 -12.70
N THR H 909 50.53 12.65 -13.47
CA THR H 909 49.27 13.09 -12.91
C THR H 909 48.63 11.99 -12.09
N LEU H 910 47.92 12.39 -11.05
CA LEU H 910 47.19 11.45 -10.19
C LEU H 910 45.73 11.43 -10.60
N ILE H 911 45.20 10.22 -10.80
CA ILE H 911 43.79 10.00 -11.06
C ILE H 911 43.10 9.69 -9.74
N ARG H 912 42.05 10.44 -9.44
CA ARG H 912 41.25 10.17 -8.25
C ARG H 912 40.56 8.81 -8.39
N ASP H 913 40.70 7.98 -7.38
CA ASP H 913 40.00 6.70 -7.39
C ASP H 913 38.51 6.94 -7.33
N PRO H 914 37.69 6.14 -8.04
CA PRO H 914 36.24 6.31 -7.94
C PRO H 914 35.67 5.92 -6.59
N TYR H 915 36.40 5.13 -5.80
CA TYR H 915 35.90 4.62 -4.53
C TYR H 915 36.29 5.49 -3.33
N ILE H 916 36.89 6.66 -3.57
CA ILE H 916 37.24 7.52 -2.45
C ILE H 916 36.01 7.84 -1.61
N GLU H 917 34.91 8.18 -2.27
CA GLU H 917 33.71 8.61 -1.54
C GLU H 917 33.22 7.53 -0.58
N THR H 918 33.26 6.26 -1.01
CA THR H 918 32.68 5.18 -0.22
C THR H 918 33.70 4.44 0.63
N SER H 919 35.01 4.65 0.42
CA SER H 919 36.04 3.91 1.14
C SER H 919 37.03 4.79 1.90
N ALA H 920 37.12 6.08 1.60
CA ALA H 920 38.05 6.98 2.27
C ALA H 920 37.37 7.96 3.20
N TYR H 921 36.25 8.56 2.80
CA TYR H 921 35.54 9.48 3.67
C TYR H 921 35.04 8.78 4.92
N ALA H 922 34.78 9.56 5.96
CA ALA H 922 34.22 9.09 7.22
C ALA H 922 35.05 7.99 7.86
N ARG H 923 36.27 7.76 7.38
CA ARG H 923 37.15 6.76 7.95
C ARG H 923 37.95 7.39 9.10
N THR H 924 38.89 6.62 9.65
CA THR H 924 39.85 7.12 10.62
C THR H 924 41.17 6.41 10.35
N LEU H 925 42.27 7.14 10.45
CA LEU H 925 43.52 6.63 9.92
C LEU H 925 44.04 5.44 10.73
N GLY H 926 44.77 4.57 10.03
CA GLY H 926 45.40 3.39 10.60
C GLY H 926 46.91 3.42 10.43
N THR H 927 47.40 4.47 9.75
CA THR H 927 48.82 4.64 9.49
C THR H 927 49.03 6.10 9.13
N ASP H 928 50.10 6.69 9.64
CA ASP H 928 50.36 8.10 9.38
C ASP H 928 50.56 8.35 7.89
N ALA H 929 50.03 9.47 7.40
CA ALA H 929 50.12 9.80 5.99
C ALA H 929 51.49 10.39 5.70
N VAL H 930 52.25 9.75 4.83
CA VAL H 930 53.61 10.15 4.52
C VAL H 930 53.71 10.44 3.03
N ASP H 931 54.19 11.64 2.69
CA ASP H 931 54.47 11.98 1.31
C ASP H 931 55.91 11.56 1.00
N GLU H 932 56.51 12.14 -0.05
CA GLU H 932 57.92 11.86 -0.32
C GLU H 932 58.81 12.47 0.77
N ALA H 933 58.43 13.64 1.28
CA ALA H 933 59.12 14.24 2.40
C ALA H 933 58.66 13.59 3.71
N GLY H 934 59.40 13.86 4.77
CA GLY H 934 59.04 13.31 6.07
C GLY H 934 57.84 13.93 6.73
N ASN H 935 57.24 14.95 6.11
CA ASN H 935 56.06 15.58 6.68
C ASN H 935 54.88 14.61 6.65
N VAL H 936 54.15 14.56 7.76
CA VAL H 936 52.91 13.80 7.82
C VAL H 936 51.77 14.71 7.41
N ILE H 937 50.93 14.22 6.50
CA ILE H 937 49.85 15.04 5.94
C ILE H 937 48.64 15.02 6.87
N VAL H 938 48.22 13.83 7.27
CA VAL H 938 47.17 13.64 8.27
C VAL H 938 47.73 12.75 9.36
N GLU H 939 47.45 13.11 10.60
CA GLU H 939 47.83 12.27 11.73
C GLU H 939 46.87 11.11 11.84
N ARG H 940 47.32 10.04 12.51
CA ARG H 940 46.48 8.87 12.63
C ARG H 940 45.39 9.11 13.67
N GLY H 941 44.16 8.76 13.32
CA GLY H 941 43.00 9.00 14.16
C GLY H 941 42.18 10.22 13.79
N GLN H 942 42.40 10.80 12.62
CA GLN H 942 41.70 12.00 12.19
C GLN H 942 40.66 11.61 11.14
N ASP H 943 39.45 12.11 11.32
CA ASP H 943 38.35 11.78 10.42
C ASP H 943 38.62 12.39 9.04
N LEU H 944 38.92 11.55 8.07
CA LEU H 944 39.17 12.00 6.71
C LEU H 944 37.97 12.75 6.14
N GLY H 945 37.93 14.07 6.39
CA GLY H 945 36.95 14.92 5.75
C GLY H 945 37.38 15.33 4.35
N ASP H 946 36.49 16.08 3.70
CA ASP H 946 36.74 16.62 2.36
C ASP H 946 38.09 17.33 2.29
N PRO H 947 38.30 18.38 3.10
CA PRO H 947 39.58 19.10 3.00
C PRO H 947 40.76 18.25 3.42
N GLU H 948 40.54 17.31 4.34
CA GLU H 948 41.60 16.46 4.84
C GLU H 948 41.94 15.36 3.83
N ILE H 949 41.02 15.05 2.92
CA ILE H 949 41.37 14.24 1.77
C ILE H 949 42.14 15.06 0.75
N ASP H 950 41.70 16.29 0.50
CA ASP H 950 42.44 17.16 -0.42
C ASP H 950 43.87 17.36 0.04
N ALA H 951 44.09 17.35 1.35
CA ALA H 951 45.45 17.42 1.88
C ALA H 951 46.30 16.26 1.36
N LEU H 952 45.86 15.02 1.63
CA LEU H 952 46.59 13.86 1.17
C LEU H 952 46.80 13.89 -0.34
N LEU H 953 45.74 14.22 -1.09
CA LEU H 953 45.83 14.17 -2.54
C LEU H 953 46.90 15.13 -3.07
N ALA H 954 46.94 16.34 -2.52
CA ALA H 954 47.92 17.34 -2.95
C ALA H 954 49.31 17.08 -2.41
N ALA H 955 49.50 16.04 -1.60
CA ALA H 955 50.80 15.73 -1.02
C ALA H 955 51.55 14.63 -1.76
N GLY H 956 50.91 13.98 -2.74
CA GLY H 956 51.54 12.91 -3.48
C GLY H 956 51.33 11.53 -2.89
N ILE H 957 50.74 11.43 -1.70
CA ILE H 957 50.45 10.14 -1.10
C ILE H 957 49.19 9.58 -1.74
N THR H 958 49.22 8.29 -2.09
CA THR H 958 48.16 7.65 -2.86
C THR H 958 47.54 6.46 -2.15
N GLN H 959 48.03 6.09 -0.97
CA GLN H 959 47.49 4.96 -0.22
C GLN H 959 47.34 5.38 1.24
N VAL H 960 46.26 4.93 1.88
CA VAL H 960 46.10 5.15 3.31
C VAL H 960 45.73 3.84 3.96
N LYS H 961 46.03 3.71 5.25
CA LYS H 961 45.55 2.59 6.04
C LYS H 961 44.55 3.16 7.05
N VAL H 962 43.31 2.71 6.94
CA VAL H 962 42.21 3.31 7.69
C VAL H 962 41.64 2.27 8.65
N ARG H 963 41.22 2.75 9.82
CA ARG H 963 40.56 1.89 10.79
C ARG H 963 39.22 1.43 10.24
N SER H 964 38.93 0.14 10.40
CA SER H 964 37.69 -0.44 9.91
C SER H 964 37.02 -1.22 11.02
N VAL H 965 35.69 -1.36 10.91
CA VAL H 965 34.96 -2.17 11.88
C VAL H 965 35.33 -3.64 11.74
N LEU H 966 35.77 -4.06 10.54
CA LEU H 966 36.26 -5.41 10.37
C LEU H 966 37.34 -5.73 11.37
N THR H 967 38.22 -4.78 11.61
CA THR H 967 39.43 -5.00 12.40
C THR H 967 39.21 -4.78 13.88
N CYS H 968 38.20 -4.02 14.26
CA CYS H 968 37.92 -3.72 15.65
C CYS H 968 37.88 -5.00 16.46
N ALA H 969 38.84 -5.17 17.37
CA ALA H 969 38.93 -6.36 18.21
C ALA H 969 38.33 -6.05 19.57
N THR H 970 36.99 -6.00 19.60
CA THR H 970 36.24 -5.81 20.83
C THR H 970 35.43 -7.07 21.10
N SER H 971 35.29 -7.41 22.39
CA SER H 971 34.67 -8.67 22.76
C SER H 971 33.27 -8.80 22.16
N THR H 972 32.44 -7.77 22.33
CA THR H 972 31.04 -7.84 21.92
C THR H 972 30.70 -6.78 20.89
N GLY H 973 30.77 -5.50 21.25
CA GLY H 973 30.43 -4.42 20.34
C GLY H 973 31.57 -4.07 19.41
N VAL H 974 31.59 -2.80 18.99
CA VAL H 974 32.65 -2.28 18.14
C VAL H 974 33.06 -0.92 18.69
N CYS H 975 34.33 -0.58 18.51
CA CYS H 975 34.83 0.70 18.98
C CYS H 975 34.45 1.81 18.02
N ALA H 976 34.32 3.02 18.56
CA ALA H 976 33.98 4.17 17.73
C ALA H 976 35.10 4.49 16.75
N THR H 977 36.36 4.42 17.21
CA THR H 977 37.48 4.76 16.36
C THR H 977 37.47 3.91 15.08
N CYS H 978 37.31 2.60 15.21
CA CYS H 978 37.24 1.74 14.03
C CYS H 978 36.04 2.11 13.17
N TYR H 979 34.90 2.42 13.80
CA TYR H 979 33.70 2.74 13.05
C TYR H 979 33.88 4.03 12.27
N GLY H 980 34.26 5.10 12.95
CA GLY H 980 34.49 6.38 12.30
C GLY H 980 33.38 7.38 12.51
N ARG H 981 33.17 8.24 11.52
CA ARG H 981 32.20 9.32 11.64
C ARG H 981 30.79 8.79 11.44
N SER H 982 29.88 9.17 12.35
CA SER H 982 28.47 8.91 12.15
C SER H 982 27.98 9.72 10.96
N MET H 983 27.52 9.03 9.91
CA MET H 983 27.23 9.71 8.65
C MET H 983 26.22 10.84 8.83
N ALA H 984 25.30 10.69 9.78
CA ALA H 984 24.29 11.73 10.00
C ALA H 984 24.82 12.85 10.89
N THR H 985 25.52 12.50 11.97
CA THR H 985 25.96 13.51 12.92
C THR H 985 27.11 14.34 12.36
N GLY H 986 27.90 13.77 11.45
CA GLY H 986 29.09 14.46 11.00
C GLY H 986 30.23 14.45 11.98
N LYS H 987 30.09 13.76 13.11
CA LYS H 987 31.14 13.65 14.12
C LYS H 987 31.30 12.18 14.51
N LEU H 988 32.30 11.91 15.34
CA LEU H 988 32.53 10.55 15.82
C LEU H 988 31.26 9.98 16.43
N VAL H 989 30.90 8.76 16.01
CA VAL H 989 29.68 8.14 16.50
C VAL H 989 29.67 8.09 18.02
N ASP H 990 28.52 8.36 18.61
CA ASP H 990 28.37 8.32 20.06
C ASP H 990 28.26 6.87 20.54
N ILE H 991 28.64 6.66 21.80
CA ILE H 991 28.59 5.33 22.38
C ILE H 991 27.12 4.95 22.61
N GLY H 992 26.70 3.84 22.01
CA GLY H 992 25.35 3.33 22.17
C GLY H 992 24.53 3.33 20.91
N GLU H 993 24.94 4.05 19.87
CA GLU H 993 24.19 4.10 18.63
C GLU H 993 24.16 2.71 17.98
N ALA H 994 22.95 2.27 17.59
CA ALA H 994 22.76 0.92 17.05
C ALA H 994 23.17 0.92 15.59
N VAL H 995 24.48 0.84 15.36
CA VAL H 995 25.01 0.94 14.01
C VAL H 995 24.65 -0.27 13.16
N GLY H 996 24.35 -1.42 13.78
CA GLY H 996 23.97 -2.59 13.00
C GLY H 996 22.68 -2.38 12.24
N ILE H 997 21.65 -1.88 12.93
CA ILE H 997 20.38 -1.61 12.26
C ILE H 997 20.55 -0.49 11.23
N VAL H 998 21.39 0.49 11.53
CA VAL H 998 21.62 1.57 10.58
C VAL H 998 22.24 1.03 9.31
N ALA H 999 23.21 0.12 9.44
CA ALA H 999 23.80 -0.52 8.27
C ALA H 999 22.77 -1.32 7.50
N ALA H 1000 22.01 -2.16 8.21
CA ALA H 1000 20.98 -2.95 7.55
C ALA H 1000 20.04 -2.07 6.74
N GLN H 1001 19.53 -1.01 7.38
CA GLN H 1001 18.58 -0.13 6.71
C GLN H 1001 19.23 0.60 5.52
N SER H 1002 20.47 1.07 5.70
CA SER H 1002 21.16 1.77 4.64
C SER H 1002 21.38 0.89 3.43
N ILE H 1003 21.59 -0.41 3.65
CA ILE H 1003 21.78 -1.31 2.53
C ILE H 1003 20.45 -1.72 1.92
N GLY H 1004 19.39 -1.84 2.74
CA GLY H 1004 18.13 -2.34 2.24
C GLY H 1004 17.24 -1.30 1.60
N GLU H 1005 17.46 -0.02 1.90
CA GLU H 1005 16.63 1.00 1.29
C GLU H 1005 16.80 1.08 -0.22
N PRO H 1006 18.02 1.05 -0.77
CA PRO H 1006 18.15 1.16 -2.23
C PRO H 1006 17.85 -0.13 -2.98
N GLY H 1007 17.68 -1.25 -2.29
CA GLY H 1007 17.42 -2.52 -2.96
C GLY H 1007 16.27 -2.44 -3.94
N THR H 1008 15.36 -1.49 -3.72
CA THR H 1008 14.20 -1.33 -4.58
C THR H 1008 14.55 -1.14 -6.05
N GLN H 1009 15.77 -0.69 -6.34
CA GLN H 1009 16.18 -0.36 -7.71
C GLN H 1009 17.40 -1.20 -8.07
N LEU H 1010 17.18 -2.30 -8.81
CA LEU H 1010 18.26 -3.19 -9.20
C LEU H 1010 17.87 -3.89 -10.50
N THR H 1011 18.64 -4.91 -10.87
CA THR H 1011 18.39 -5.68 -12.09
C THR H 1011 18.28 -7.16 -11.77
N GLY H 1026 25.15 -10.86 -12.22
CA GLY H 1026 25.00 -9.82 -11.21
C GLY H 1026 23.55 -9.57 -10.84
N GLY H 1027 23.28 -8.39 -10.27
CA GLY H 1027 21.95 -8.02 -9.85
C GLY H 1027 21.73 -8.25 -8.36
N LEU H 1028 20.49 -8.04 -7.94
CA LEU H 1028 20.13 -8.29 -6.55
C LEU H 1028 20.34 -9.75 -6.15
N PRO H 1029 20.01 -10.73 -6.98
CA PRO H 1029 20.37 -12.12 -6.64
C PRO H 1029 21.84 -12.30 -6.36
N ARG H 1030 22.71 -11.49 -6.95
CA ARG H 1030 24.13 -11.58 -6.61
C ARG H 1030 24.39 -11.10 -5.19
N VAL H 1031 23.70 -10.04 -4.78
CA VAL H 1031 23.80 -9.60 -3.38
C VAL H 1031 23.38 -10.72 -2.46
N GLN H 1032 22.28 -11.41 -2.79
CA GLN H 1032 21.85 -12.53 -1.97
C GLN H 1032 22.90 -13.64 -1.96
N GLU H 1033 23.43 -13.99 -3.13
CA GLU H 1033 24.49 -15.00 -3.21
C GLU H 1033 25.64 -14.65 -2.28
N LEU H 1034 25.98 -13.38 -2.20
CA LEU H 1034 27.13 -12.97 -1.39
C LEU H 1034 26.79 -13.03 0.10
N PHE H 1035 25.63 -12.52 0.48
CA PHE H 1035 25.30 -12.45 1.90
C PHE H 1035 24.92 -13.80 2.49
N GLU H 1036 24.50 -14.76 1.67
CA GLU H 1036 24.17 -16.09 2.16
C GLU H 1036 25.33 -17.07 2.02
N ALA H 1037 26.48 -16.62 1.53
CA ALA H 1037 27.68 -17.45 1.44
C ALA H 1037 27.41 -18.71 0.63
N ARG H 1038 26.65 -18.56 -0.45
CA ARG H 1038 26.35 -19.70 -1.31
C ARG H 1038 27.55 -20.02 -2.20
N VAL H 1039 27.51 -21.22 -2.79
CA VAL H 1039 28.47 -21.59 -3.82
C VAL H 1039 28.06 -20.87 -5.10
N PRO H 1040 28.79 -19.82 -5.51
CA PRO H 1040 28.23 -18.92 -6.54
C PRO H 1040 27.98 -19.59 -7.87
N ARG H 1041 27.39 -18.82 -8.79
CA ARG H 1041 27.20 -19.29 -10.15
C ARG H 1041 28.52 -19.30 -10.91
N GLY H 1042 29.25 -18.19 -10.89
CA GLY H 1042 30.51 -18.12 -11.59
C GLY H 1042 31.46 -19.24 -11.20
N LYS H 1043 31.51 -19.57 -9.91
CA LYS H 1043 32.34 -20.67 -9.40
C LYS H 1043 33.76 -20.58 -9.94
N ALA H 1044 34.29 -19.37 -9.99
CA ALA H 1044 35.63 -19.17 -10.51
C ALA H 1044 36.65 -19.84 -9.60
N PRO H 1045 37.66 -20.50 -10.16
CA PRO H 1045 38.72 -21.10 -9.32
C PRO H 1045 39.70 -20.03 -8.86
N ILE H 1046 40.62 -20.46 -7.99
CA ILE H 1046 41.63 -19.59 -7.43
C ILE H 1046 42.94 -20.35 -7.31
N ALA H 1047 44.04 -19.59 -7.26
CA ALA H 1047 45.38 -20.18 -7.14
C ALA H 1047 45.61 -20.54 -5.69
N ASP H 1048 45.68 -21.84 -5.39
CA ASP H 1048 45.92 -22.28 -4.03
C ASP H 1048 47.37 -22.06 -3.60
N VAL H 1049 48.29 -21.96 -4.54
CA VAL H 1049 49.70 -21.73 -4.25
C VAL H 1049 50.29 -20.82 -5.31
N THR H 1050 51.05 -19.81 -4.89
CA THR H 1050 51.68 -18.91 -5.83
C THR H 1050 52.74 -19.64 -6.63
N GLY H 1051 52.80 -19.34 -7.93
CA GLY H 1051 53.75 -20.00 -8.80
C GLY H 1051 53.67 -19.66 -10.26
N ARG H 1052 54.05 -20.62 -11.11
CA ARG H 1052 54.00 -20.45 -12.55
C ARG H 1052 52.71 -21.07 -13.08
N VAL H 1053 52.04 -20.33 -13.96
CA VAL H 1053 50.82 -20.78 -14.60
C VAL H 1053 51.14 -21.90 -15.59
N ARG H 1054 50.20 -22.82 -15.78
CA ARG H 1054 50.34 -23.91 -16.76
C ARG H 1054 49.09 -23.92 -17.64
N LEU H 1055 49.03 -22.98 -18.58
CA LEU H 1055 47.95 -22.96 -19.57
C LEU H 1055 48.00 -24.23 -20.42
N GLU H 1056 47.03 -25.12 -20.22
CA GLU H 1056 46.91 -26.31 -21.05
C GLU H 1056 45.55 -26.34 -21.72
N ASP H 1057 45.25 -25.32 -22.52
CA ASP H 1057 43.95 -25.17 -23.12
C ASP H 1057 43.80 -26.07 -24.33
N GLY H 1058 42.63 -26.67 -24.47
CA GLY H 1058 42.22 -27.37 -25.66
C GLY H 1058 40.85 -26.89 -26.11
N GLU H 1059 40.11 -27.81 -26.72
CA GLU H 1059 38.71 -27.57 -27.06
C GLU H 1059 37.77 -28.57 -26.40
N ARG H 1060 38.23 -29.79 -26.15
CA ARG H 1060 37.42 -30.78 -25.45
C ARG H 1060 37.08 -30.32 -24.04
N PHE H 1061 38.04 -29.71 -23.34
CA PHE H 1061 37.90 -29.38 -21.93
C PHE H 1061 38.98 -28.38 -21.57
N TYR H 1062 39.01 -27.98 -20.30
CA TYR H 1062 40.05 -27.10 -19.80
C TYR H 1062 40.66 -27.71 -18.54
N LYS H 1063 41.99 -27.79 -18.52
CA LYS H 1063 42.73 -28.23 -17.34
C LYS H 1063 43.90 -27.28 -17.15
N ILE H 1064 44.03 -26.74 -15.94
CA ILE H 1064 45.09 -25.79 -15.63
C ILE H 1064 45.77 -26.26 -14.34
N THR H 1065 47.09 -26.27 -14.37
CA THR H 1065 47.89 -26.58 -13.20
C THR H 1065 48.74 -25.37 -12.83
N ILE H 1066 49.19 -25.36 -11.59
CA ILE H 1066 50.14 -24.36 -11.11
C ILE H 1066 51.35 -25.08 -10.54
N VAL H 1067 52.54 -24.60 -10.91
CA VAL H 1067 53.81 -25.05 -10.35
C VAL H 1067 54.17 -24.08 -9.22
N PRO H 1068 54.17 -24.52 -7.96
CA PRO H 1068 54.41 -23.57 -6.86
C PRO H 1068 55.73 -22.82 -7.03
N ASP H 1069 55.67 -21.49 -6.86
CA ASP H 1069 56.86 -20.66 -6.98
C ASP H 1069 57.93 -21.06 -5.97
N ASP H 1070 57.55 -21.73 -4.88
CA ASP H 1070 58.51 -22.13 -3.86
C ASP H 1070 58.10 -23.50 -3.33
N GLY H 1071 58.92 -24.51 -3.63
CA GLY H 1071 58.63 -25.86 -3.16
C GLY H 1071 57.29 -26.35 -3.67
N GLY H 1072 56.49 -26.89 -2.76
CA GLY H 1072 55.14 -27.34 -3.08
C GLY H 1072 55.10 -28.38 -4.19
N GLU H 1073 53.87 -28.72 -4.60
CA GLU H 1073 53.65 -29.64 -5.72
C GLU H 1073 52.61 -29.03 -6.66
N GLU H 1074 52.56 -29.59 -7.88
CA GLU H 1074 51.61 -29.11 -8.86
C GLU H 1074 50.19 -29.19 -8.33
N VAL H 1075 49.39 -28.16 -8.62
CA VAL H 1075 47.98 -28.15 -8.24
C VAL H 1075 47.15 -28.15 -9.52
N VAL H 1076 46.27 -29.13 -9.66
CA VAL H 1076 45.54 -29.40 -10.90
C VAL H 1076 44.08 -29.00 -10.72
N TYR H 1077 43.50 -28.42 -11.78
CA TYR H 1077 42.09 -28.03 -11.79
C TYR H 1077 41.42 -28.58 -13.04
N ASP H 1078 40.09 -28.47 -13.07
CA ASP H 1078 39.30 -29.00 -14.18
C ASP H 1078 38.11 -28.06 -14.40
N LYS H 1079 38.11 -27.35 -15.52
CA LYS H 1079 37.08 -26.38 -15.83
C LYS H 1079 36.55 -26.59 -17.24
N ILE H 1080 35.32 -26.13 -17.45
CA ILE H 1080 34.69 -26.19 -18.77
C ILE H 1080 35.24 -25.07 -19.63
N SER H 1081 35.39 -25.34 -20.93
CA SER H 1081 35.88 -24.34 -21.87
C SER H 1081 34.89 -23.21 -22.12
N LYS H 1082 33.73 -23.23 -21.45
CA LYS H 1082 32.73 -22.19 -21.63
C LYS H 1082 32.99 -20.95 -20.78
N ARG H 1083 33.99 -20.99 -19.89
CA ARG H 1083 34.39 -19.82 -19.13
C ARG H 1083 35.52 -19.10 -19.87
N GLN H 1084 35.97 -17.98 -19.30
CA GLN H 1084 37.03 -17.18 -19.92
C GLN H 1084 37.98 -16.67 -18.85
N ARG H 1085 39.26 -16.59 -19.21
CA ARG H 1085 40.29 -16.18 -18.26
C ARG H 1085 40.22 -14.67 -18.02
N LEU H 1086 40.21 -14.27 -16.73
CA LEU H 1086 40.27 -12.85 -16.39
C LEU H 1086 41.66 -12.31 -16.73
N ARG H 1087 41.69 -11.14 -17.38
CA ARG H 1087 42.94 -10.45 -17.65
C ARG H 1087 43.57 -9.99 -16.35
N VAL H 1088 44.44 -10.82 -15.77
CA VAL H 1088 45.04 -10.52 -14.46
C VAL H 1088 46.19 -9.55 -14.66
N PHE H 1089 46.22 -8.52 -13.82
CA PHE H 1089 47.35 -7.58 -13.83
C PHE H 1089 48.65 -8.34 -13.60
N LYS H 1090 49.19 -8.92 -14.67
CA LYS H 1090 50.38 -9.73 -14.58
C LYS H 1090 51.57 -8.91 -14.09
N HIS H 1091 52.61 -9.61 -13.64
CA HIS H 1091 53.83 -8.97 -13.18
C HIS H 1091 54.42 -8.01 -14.20
N GLU H 1092 54.04 -8.13 -15.48
CA GLU H 1092 54.55 -7.24 -16.51
C GLU H 1092 54.05 -5.80 -16.38
N ASP H 1093 53.21 -5.50 -15.40
CA ASP H 1093 52.61 -4.19 -15.20
C ASP H 1093 51.52 -3.89 -16.22
N GLY H 1094 51.14 -4.87 -17.03
CA GLY H 1094 50.10 -4.70 -18.03
C GLY H 1094 48.80 -5.36 -17.62
N SER H 1095 47.78 -4.55 -17.33
CA SER H 1095 46.54 -5.08 -16.79
C SER H 1095 45.82 -5.99 -17.77
N GLU H 1096 46.11 -5.87 -19.07
CA GLU H 1096 45.43 -6.67 -20.09
C GLU H 1096 46.17 -7.97 -20.41
N ARG H 1097 46.81 -8.59 -19.42
CA ARG H 1097 47.56 -9.82 -19.63
C ARG H 1097 46.61 -11.01 -19.44
N VAL H 1098 46.01 -11.47 -20.54
CA VAL H 1098 45.20 -12.67 -20.49
C VAL H 1098 46.06 -13.82 -19.98
N LEU H 1099 45.52 -14.61 -19.07
CA LEU H 1099 46.30 -15.62 -18.37
C LEU H 1099 46.76 -16.70 -19.35
N SER H 1100 48.04 -16.69 -19.70
CA SER H 1100 48.68 -17.74 -20.48
C SER H 1100 49.75 -18.40 -19.62
N ASP H 1101 50.21 -19.57 -20.06
CA ASP H 1101 51.23 -20.27 -19.29
C ASP H 1101 52.48 -19.41 -19.17
N GLY H 1102 53.17 -19.56 -18.05
CA GLY H 1102 54.37 -18.81 -17.76
C GLY H 1102 54.16 -17.60 -16.88
N ASP H 1103 52.92 -17.14 -16.73
CA ASP H 1103 52.65 -16.01 -15.85
C ASP H 1103 52.94 -16.40 -14.41
N HIS H 1104 53.29 -15.40 -13.60
CA HIS H 1104 53.60 -15.60 -12.19
C HIS H 1104 52.41 -15.06 -11.38
N VAL H 1105 51.49 -15.95 -11.03
CA VAL H 1105 50.31 -15.60 -10.26
C VAL H 1105 50.58 -15.87 -8.79
N GLU H 1106 50.05 -15.00 -7.93
CA GLU H 1106 50.22 -15.17 -6.50
C GLU H 1106 49.14 -16.11 -5.96
N VAL H 1107 49.30 -16.49 -4.69
CA VAL H 1107 48.36 -17.41 -4.07
C VAL H 1107 47.01 -16.71 -3.91
N GLY H 1108 45.94 -17.44 -4.20
CA GLY H 1108 44.61 -16.87 -4.15
C GLY H 1108 44.33 -15.87 -5.24
N GLN H 1109 44.79 -16.14 -6.45
CA GLN H 1109 44.51 -15.29 -7.61
C GLN H 1109 43.40 -15.91 -8.43
N GLN H 1110 42.37 -15.11 -8.72
CA GLN H 1110 41.29 -15.59 -9.57
C GLN H 1110 41.84 -15.97 -10.94
N LEU H 1111 41.43 -17.15 -11.43
CA LEU H 1111 41.92 -17.66 -12.72
C LEU H 1111 41.01 -17.21 -13.85
N MET H 1112 39.83 -17.80 -13.93
CA MET H 1112 38.88 -17.48 -14.99
C MET H 1112 37.77 -16.57 -14.47
N GLU H 1113 37.20 -15.81 -15.40
CA GLU H 1113 36.18 -14.83 -15.05
C GLU H 1113 35.02 -15.49 -14.34
N GLY H 1114 34.24 -14.66 -13.64
CA GLY H 1114 33.10 -15.13 -12.89
C GLY H 1114 33.08 -14.57 -11.48
N SER H 1115 32.67 -15.40 -10.52
CA SER H 1115 32.57 -14.99 -9.12
C SER H 1115 33.19 -16.09 -8.26
N ALA H 1116 34.35 -15.80 -7.68
CA ALA H 1116 35.07 -16.80 -6.90
C ALA H 1116 34.25 -17.23 -5.69
N ASP H 1117 34.48 -18.46 -5.25
CA ASP H 1117 33.77 -19.05 -4.12
C ASP H 1117 34.34 -18.52 -2.80
N PRO H 1118 33.60 -17.67 -2.08
CA PRO H 1118 34.15 -17.09 -0.84
C PRO H 1118 34.60 -18.14 0.16
N HIS H 1119 33.96 -19.31 0.18
CA HIS H 1119 34.31 -20.34 1.16
C HIS H 1119 35.75 -20.79 0.97
N GLU H 1120 36.20 -20.96 -0.28
CA GLU H 1120 37.60 -21.30 -0.52
C GLU H 1120 38.51 -20.11 -0.26
N VAL H 1121 38.02 -18.89 -0.52
CA VAL H 1121 38.81 -17.71 -0.24
C VAL H 1121 39.18 -17.63 1.23
N LEU H 1122 38.23 -17.97 2.11
CA LEU H 1122 38.53 -17.98 3.53
C LEU H 1122 39.68 -18.93 3.85
N ARG H 1123 39.54 -20.20 3.44
CA ARG H 1123 40.55 -21.21 3.76
C ARG H 1123 41.81 -21.09 2.91
N VAL H 1124 41.89 -20.08 2.04
CA VAL H 1124 43.13 -19.79 1.32
C VAL H 1124 43.83 -18.56 1.91
N GLN H 1125 43.20 -17.38 1.82
CA GLN H 1125 43.88 -16.13 2.13
C GLN H 1125 43.64 -15.65 3.57
N GLY H 1126 42.59 -16.11 4.24
CA GLY H 1126 42.35 -15.75 5.61
C GLY H 1126 41.13 -14.84 5.77
N PRO H 1127 40.63 -14.73 7.01
CA PRO H 1127 39.39 -13.97 7.21
C PRO H 1127 39.43 -12.54 6.70
N ARG H 1128 40.55 -11.84 6.91
CA ARG H 1128 40.66 -10.46 6.45
C ARG H 1128 40.33 -10.35 4.96
N GLU H 1129 41.00 -11.19 4.16
CA GLU H 1129 40.86 -11.06 2.70
C GLU H 1129 39.46 -11.44 2.24
N VAL H 1130 38.86 -12.46 2.85
CA VAL H 1130 37.50 -12.82 2.43
C VAL H 1130 36.52 -11.71 2.81
N GLN H 1131 36.76 -11.02 3.92
CA GLN H 1131 35.90 -9.90 4.29
C GLN H 1131 36.03 -8.77 3.26
N ILE H 1132 37.26 -8.42 2.90
CA ILE H 1132 37.46 -7.39 1.88
C ILE H 1132 36.81 -7.80 0.56
N HIS H 1133 36.97 -9.07 0.20
CA HIS H 1133 36.35 -9.60 -1.02
C HIS H 1133 34.85 -9.41 -0.99
N LEU H 1134 34.20 -9.88 0.06
CA LEU H 1134 32.76 -9.71 0.17
C LEU H 1134 32.37 -8.24 0.04
N VAL H 1135 33.07 -7.36 0.75
CA VAL H 1135 32.70 -5.95 0.77
C VAL H 1135 32.71 -5.40 -0.65
N ARG H 1136 33.86 -5.48 -1.34
CA ARG H 1136 33.91 -4.82 -2.64
C ARG H 1136 33.18 -5.60 -3.73
N GLU H 1137 32.96 -6.90 -3.56
CA GLU H 1137 32.16 -7.65 -4.52
C GLU H 1137 30.70 -7.24 -4.44
N VAL H 1138 30.19 -7.00 -3.22
CA VAL H 1138 28.84 -6.46 -3.06
C VAL H 1138 28.78 -5.02 -3.55
N GLN H 1139 29.83 -4.25 -3.26
CA GLN H 1139 29.86 -2.85 -3.65
C GLN H 1139 29.89 -2.70 -5.16
N GLU H 1140 30.47 -3.67 -5.88
CA GLU H 1140 30.39 -3.62 -7.34
C GLU H 1140 28.94 -3.62 -7.80
N VAL H 1141 28.12 -4.51 -7.23
CA VAL H 1141 26.71 -4.57 -7.62
C VAL H 1141 26.03 -3.24 -7.32
N TYR H 1142 26.26 -2.69 -6.12
CA TYR H 1142 25.51 -1.48 -5.76
C TYR H 1142 26.03 -0.24 -6.49
N ARG H 1143 27.31 -0.21 -6.87
CA ARG H 1143 27.85 0.93 -7.59
C ARG H 1143 27.54 0.87 -9.08
N ALA H 1144 27.48 -0.33 -9.66
CA ALA H 1144 27.10 -0.52 -11.05
C ALA H 1144 25.64 -0.20 -11.30
N GLN H 1145 24.95 0.34 -10.31
CA GLN H 1145 23.56 0.75 -10.43
C GLN H 1145 23.33 2.18 -9.97
N GLY H 1146 24.40 2.92 -9.68
CA GLY H 1146 24.28 4.32 -9.30
C GLY H 1146 23.98 4.57 -7.85
N VAL H 1147 24.16 3.57 -6.98
CA VAL H 1147 23.86 3.70 -5.57
C VAL H 1147 25.17 3.76 -4.80
N SER H 1148 25.30 4.75 -3.92
CA SER H 1148 26.52 4.99 -3.15
C SER H 1148 26.26 4.64 -1.69
N ILE H 1149 26.62 3.42 -1.30
CA ILE H 1149 26.62 3.00 0.09
C ILE H 1149 28.05 3.02 0.59
N HIS H 1150 28.26 3.52 1.81
CA HIS H 1150 29.59 3.56 2.37
C HIS H 1150 30.02 2.16 2.82
N ASP H 1151 31.28 1.82 2.55
CA ASP H 1151 31.79 0.49 2.89
C ASP H 1151 31.57 0.16 4.35
N LYS H 1152 31.50 1.19 5.21
CA LYS H 1152 31.24 1.00 6.64
C LYS H 1152 30.07 0.06 6.87
N HIS H 1153 28.93 0.36 6.26
CA HIS H 1153 27.71 -0.39 6.53
C HIS H 1153 27.84 -1.84 6.11
N ILE H 1154 28.45 -2.10 4.95
CA ILE H 1154 28.63 -3.47 4.49
C ILE H 1154 29.55 -4.22 5.45
N GLU H 1155 30.66 -3.58 5.84
CA GLU H 1155 31.60 -4.19 6.77
C GLU H 1155 30.89 -4.59 8.06
N VAL H 1156 29.93 -3.79 8.51
CA VAL H 1156 29.23 -4.12 9.76
C VAL H 1156 28.58 -5.50 9.65
N ILE H 1157 28.04 -5.83 8.47
CA ILE H 1157 27.38 -7.12 8.28
C ILE H 1157 28.42 -8.23 8.12
N VAL H 1158 29.42 -7.97 7.28
CA VAL H 1158 30.43 -9.00 7.04
C VAL H 1158 31.10 -9.42 8.35
N ARG H 1159 31.32 -8.45 9.25
CA ARG H 1159 31.85 -8.76 10.57
C ARG H 1159 31.04 -9.85 11.26
N GLN H 1160 29.72 -9.73 11.22
CA GLN H 1160 28.88 -10.76 11.85
C GLN H 1160 28.97 -12.08 11.12
N MET H 1161 29.21 -12.05 9.81
CA MET H 1161 29.27 -13.32 9.07
C MET H 1161 30.38 -14.24 9.59
N LEU H 1162 31.50 -13.70 10.05
CA LEU H 1162 32.68 -14.50 10.40
C LEU H 1162 32.98 -14.51 11.89
N ARG H 1163 31.96 -14.35 12.73
CA ARG H 1163 32.21 -14.32 14.17
C ARG H 1163 32.43 -15.72 14.74
N ARG H 1164 31.95 -16.76 14.08
CA ARG H 1164 32.01 -18.11 14.61
C ARG H 1164 33.06 -18.94 13.87
N VAL H 1165 33.55 -19.97 14.57
CA VAL H 1165 34.49 -20.93 14.03
C VAL H 1165 33.99 -22.32 14.39
N THR H 1166 34.43 -23.31 13.63
CA THR H 1166 33.99 -24.68 13.86
C THR H 1166 35.01 -25.46 14.68
N ILE H 1167 34.56 -26.58 15.24
CA ILE H 1167 35.37 -27.41 16.13
C ILE H 1167 35.88 -28.59 15.32
N ILE H 1168 37.21 -28.69 15.19
CA ILE H 1168 37.81 -29.88 14.61
C ILE H 1168 37.96 -30.96 15.67
N ASP H 1169 38.55 -30.62 16.80
CA ASP H 1169 38.75 -31.53 17.92
C ASP H 1169 38.25 -30.83 19.18
N SER H 1170 37.41 -31.54 19.94
CA SER H 1170 36.92 -30.97 21.20
C SER H 1170 38.05 -30.84 22.22
N GLY H 1171 39.07 -31.68 22.13
CA GLY H 1171 40.13 -31.65 23.11
C GLY H 1171 39.57 -31.93 24.48
N SER H 1172 39.80 -31.00 25.40
CA SER H 1172 39.28 -31.11 26.76
C SER H 1172 38.03 -30.26 26.97
N THR H 1173 37.46 -29.70 25.90
CA THR H 1173 36.26 -28.90 25.99
C THR H 1173 35.03 -29.77 25.79
N GLU H 1174 33.90 -29.29 26.29
CA GLU H 1174 32.61 -29.92 26.05
C GLU H 1174 31.98 -29.45 24.74
N PHE H 1175 32.74 -28.75 23.90
CA PHE H 1175 32.22 -28.31 22.61
C PHE H 1175 32.05 -29.50 21.69
N LEU H 1176 30.82 -29.71 21.24
CA LEU H 1176 30.52 -30.83 20.35
C LEU H 1176 31.27 -30.64 19.04
N PRO H 1177 32.21 -31.51 18.68
CA PRO H 1177 32.98 -31.29 17.46
C PRO H 1177 32.07 -31.13 16.24
N GLY H 1178 32.43 -30.19 15.37
CA GLY H 1178 31.61 -29.84 14.24
C GLY H 1178 30.63 -28.72 14.50
N SER H 1179 30.40 -28.36 15.76
CA SER H 1179 29.50 -27.25 16.07
C SER H 1179 30.20 -25.91 15.81
N LEU H 1180 29.40 -24.91 15.45
CA LEU H 1180 29.89 -23.57 15.14
C LEU H 1180 29.71 -22.69 16.37
N ILE H 1181 30.83 -22.23 16.94
CA ILE H 1181 30.83 -21.50 18.21
C ILE H 1181 31.50 -20.15 18.00
N ASP H 1182 30.98 -19.13 18.69
CA ASP H 1182 31.54 -17.79 18.58
C ASP H 1182 33.00 -17.78 18.97
N ARG H 1183 33.81 -17.07 18.20
CA ARG H 1183 35.26 -17.07 18.41
C ARG H 1183 35.66 -16.38 19.72
N ALA H 1184 34.70 -15.83 20.47
CA ALA H 1184 35.02 -15.30 21.79
C ALA H 1184 34.97 -16.40 22.84
N GLU H 1185 33.86 -17.14 22.88
CA GLU H 1185 33.74 -18.24 23.83
C GLU H 1185 34.77 -19.33 23.54
N PHE H 1186 35.09 -19.57 22.28
CA PHE H 1186 36.11 -20.57 21.95
C PHE H 1186 37.44 -20.21 22.60
N GLU H 1187 37.90 -18.97 22.41
CA GLU H 1187 39.18 -18.57 22.98
C GLU H 1187 39.13 -18.49 24.49
N ALA H 1188 38.00 -18.08 25.07
CA ALA H 1188 37.90 -18.05 26.53
C ALA H 1188 37.94 -19.45 27.13
N GLU H 1189 37.23 -20.40 26.50
CA GLU H 1189 37.21 -21.76 27.02
C GLU H 1189 38.56 -22.43 26.85
N ASN H 1190 39.22 -22.25 25.70
CA ASN H 1190 40.58 -22.73 25.55
C ASN H 1190 41.55 -22.00 26.47
N ARG H 1191 41.20 -20.78 26.89
CA ARG H 1191 41.99 -20.07 27.89
C ARG H 1191 41.92 -20.77 29.23
N ARG H 1192 40.72 -21.19 29.63
CA ARG H 1192 40.59 -21.89 30.90
C ARG H 1192 41.22 -23.29 30.83
N VAL H 1193 41.08 -23.97 29.70
CA VAL H 1193 41.58 -25.34 29.61
C VAL H 1193 43.10 -25.35 29.47
N VAL H 1194 43.66 -24.45 28.65
CA VAL H 1194 45.12 -24.38 28.52
C VAL H 1194 45.76 -24.17 29.88
N ALA H 1195 45.12 -23.36 30.73
CA ALA H 1195 45.60 -23.14 32.09
C ALA H 1195 45.19 -24.26 33.05
N GLU H 1196 44.31 -25.17 32.62
CA GLU H 1196 43.91 -26.29 33.46
C GLU H 1196 44.76 -27.53 33.25
N GLY H 1197 45.51 -27.59 32.14
CA GLY H 1197 46.32 -28.74 31.81
C GLY H 1197 45.77 -29.59 30.69
N GLY H 1198 44.46 -29.53 30.45
CA GLY H 1198 43.87 -30.28 29.36
C GLY H 1198 44.17 -29.66 28.01
N GLU H 1199 43.77 -30.37 26.97
CA GLU H 1199 44.03 -29.91 25.61
C GLU H 1199 43.00 -28.85 25.22
N PRO H 1200 43.43 -27.71 24.68
CA PRO H 1200 42.46 -26.75 24.15
C PRO H 1200 41.78 -27.28 22.89
N ALA H 1201 40.52 -26.93 22.73
CA ALA H 1201 39.79 -27.33 21.53
C ALA H 1201 40.45 -26.72 20.29
N ALA H 1202 40.41 -27.46 19.20
CA ALA H 1202 40.93 -26.96 17.94
C ALA H 1202 39.93 -26.00 17.30
N GLY H 1203 40.44 -25.19 16.37
CA GLY H 1203 39.61 -24.21 15.70
C GLY H 1203 39.85 -24.25 14.20
N ARG H 1204 38.92 -23.62 13.48
CA ARG H 1204 39.03 -23.45 12.03
C ARG H 1204 38.01 -22.40 11.61
N PRO H 1205 38.43 -21.29 11.03
CA PRO H 1205 37.47 -20.22 10.71
C PRO H 1205 36.39 -20.72 9.76
N VAL H 1206 35.15 -20.30 10.01
CA VAL H 1206 34.00 -20.74 9.24
C VAL H 1206 33.18 -19.52 8.85
N LEU H 1207 32.80 -19.46 7.58
CA LEU H 1207 31.95 -18.40 7.06
C LEU H 1207 30.50 -18.86 7.08
N MET H 1208 29.62 -18.03 7.64
CA MET H 1208 28.19 -18.31 7.69
C MET H 1208 27.44 -17.23 6.92
N GLY H 1209 26.36 -17.63 6.25
CA GLY H 1209 25.44 -16.67 5.69
C GLY H 1209 24.61 -16.00 6.75
N ILE H 1210 24.09 -14.82 6.42
CA ILE H 1210 23.41 -14.00 7.41
C ILE H 1210 22.22 -14.73 8.01
N THR H 1211 21.47 -15.47 7.18
CA THR H 1211 20.32 -16.22 7.69
C THR H 1211 20.76 -17.26 8.71
N LYS H 1212 21.75 -18.08 8.33
CA LYS H 1212 22.21 -19.15 9.20
C LYS H 1212 22.84 -18.62 10.47
N ALA H 1213 23.53 -17.48 10.38
CA ALA H 1213 24.10 -16.86 11.58
C ALA H 1213 23.01 -16.27 12.46
N SER H 1214 21.95 -15.74 11.85
CA SER H 1214 20.84 -15.19 12.64
C SER H 1214 20.15 -16.28 13.45
N LEU H 1215 19.97 -17.46 12.84
CA LEU H 1215 19.37 -18.55 13.61
C LEU H 1215 20.33 -19.12 14.65
N ALA H 1216 21.62 -18.82 14.54
CA ALA H 1216 22.60 -19.34 15.48
C ALA H 1216 22.82 -18.42 16.68
N THR H 1217 22.02 -17.38 16.84
CA THR H 1217 22.21 -16.46 17.96
C THR H 1217 21.89 -17.16 19.28
N ASP H 1218 22.55 -16.69 20.34
CA ASP H 1218 22.43 -17.33 21.64
C ASP H 1218 21.03 -17.19 22.23
N SER H 1219 20.23 -16.23 21.75
CA SER H 1219 18.88 -16.01 22.26
C SER H 1219 17.90 -16.82 21.44
N TRP H 1220 17.34 -17.87 22.05
CA TRP H 1220 16.31 -18.64 21.35
C TRP H 1220 15.06 -17.80 21.09
N LEU H 1221 14.84 -16.75 21.89
CA LEU H 1221 13.72 -15.87 21.63
C LEU H 1221 13.97 -15.02 20.39
N SER H 1222 15.20 -14.53 20.23
CA SER H 1222 15.53 -13.74 19.06
C SER H 1222 15.48 -14.58 17.79
N ALA H 1223 15.80 -15.87 17.89
CA ALA H 1223 15.79 -16.73 16.72
C ALA H 1223 14.38 -17.22 16.39
N ALA H 1224 13.58 -17.53 17.41
CA ALA H 1224 12.23 -17.98 17.16
C ALA H 1224 11.38 -16.91 16.50
N SER H 1225 11.69 -15.64 16.76
CA SER H 1225 10.94 -14.54 16.17
C SER H 1225 11.42 -14.18 14.76
N PHE H 1226 12.44 -14.86 14.25
CA PHE H 1226 12.97 -14.55 12.93
C PHE H 1226 12.40 -15.47 11.86
N GLN H 1227 12.86 -16.73 11.84
CA GLN H 1227 12.36 -17.71 10.89
C GLN H 1227 12.27 -19.07 11.57
N GLU H 1228 11.56 -19.98 10.92
CA GLU H 1228 11.48 -21.37 11.34
C GLU H 1228 11.15 -21.49 12.82
N THR H 1229 10.03 -20.88 13.18
CA THR H 1229 9.64 -20.79 14.59
C THR H 1229 9.60 -22.16 15.25
N THR H 1230 8.88 -23.10 14.63
CA THR H 1230 8.78 -24.45 15.18
C THR H 1230 10.13 -25.13 15.24
N ARG H 1231 10.91 -25.03 14.15
CA ARG H 1231 12.21 -25.69 14.09
C ARG H 1231 13.19 -25.10 15.09
N VAL H 1232 12.97 -23.86 15.53
CA VAL H 1232 13.83 -23.28 16.56
C VAL H 1232 13.36 -23.70 17.94
N LEU H 1233 12.05 -23.70 18.17
CA LEU H 1233 11.54 -24.02 19.50
C LEU H 1233 11.80 -25.47 19.87
N THR H 1234 11.72 -26.39 18.89
CA THR H 1234 12.06 -27.78 19.18
C THR H 1234 13.50 -27.91 19.66
N ASP H 1235 14.44 -27.32 18.91
CA ASP H 1235 15.84 -27.35 19.31
C ASP H 1235 16.02 -26.74 20.68
N ALA H 1236 15.36 -25.61 20.94
CA ALA H 1236 15.51 -24.95 22.24
C ALA H 1236 15.06 -25.89 23.37
N ALA H 1237 13.86 -26.45 23.25
CA ALA H 1237 13.36 -27.33 24.30
C ALA H 1237 14.26 -28.54 24.49
N ILE H 1238 14.87 -29.04 23.41
CA ILE H 1238 15.79 -30.17 23.56
C ILE H 1238 17.04 -29.74 24.31
N ASN H 1239 17.75 -28.75 23.79
CA ASN H 1239 18.97 -28.27 24.44
C ASN H 1239 18.70 -27.58 25.77
N CYS H 1240 17.45 -27.42 26.17
CA CYS H 1240 17.10 -26.80 27.45
C CYS H 1240 17.79 -25.44 27.57
N ARG H 1241 17.64 -24.63 26.52
CA ARG H 1241 18.36 -23.37 26.43
C ARG H 1241 17.76 -22.31 27.35
N SER H 1242 18.64 -21.48 27.90
CA SER H 1242 18.24 -20.28 28.63
C SER H 1242 18.57 -19.06 27.79
N ASP H 1243 17.63 -18.12 27.74
CA ASP H 1243 17.82 -16.84 27.06
C ASP H 1243 18.20 -15.80 28.10
N LYS H 1244 19.44 -15.31 28.01
CA LYS H 1244 19.88 -14.17 28.81
C LYS H 1244 19.23 -12.93 28.22
N LEU H 1245 18.16 -12.46 28.84
CA LEU H 1245 17.41 -11.33 28.27
C LEU H 1245 18.33 -10.13 28.16
N ASN H 1246 19.17 -10.10 27.12
CA ASN H 1246 20.13 -9.03 26.88
C ASN H 1246 20.32 -8.91 25.36
N GLY H 1247 19.30 -8.40 24.69
CA GLY H 1247 19.34 -8.17 23.26
C GLY H 1247 18.20 -7.29 22.81
N LEU H 1248 18.41 -6.54 21.73
CA LEU H 1248 17.40 -5.57 21.30
C LEU H 1248 16.08 -6.25 21.00
N LYS H 1249 16.10 -7.24 20.10
CA LYS H 1249 14.86 -7.94 19.74
C LYS H 1249 14.15 -8.46 20.98
N GLU H 1250 14.89 -9.08 21.89
CA GLU H 1250 14.27 -9.72 23.06
C GLU H 1250 13.63 -8.68 23.98
N ASN H 1251 14.41 -7.67 24.39
CA ASN H 1251 13.84 -6.63 25.25
C ASN H 1251 12.66 -5.95 24.60
N VAL H 1252 12.69 -5.80 23.27
CA VAL H 1252 11.53 -5.27 22.57
C VAL H 1252 10.34 -6.18 22.75
N ILE H 1253 10.56 -7.50 22.66
CA ILE H 1253 9.46 -8.44 22.84
C ILE H 1253 8.85 -8.28 24.22
N ILE H 1254 9.68 -8.33 25.27
CA ILE H 1254 9.16 -8.32 26.64
C ILE H 1254 8.92 -6.92 27.20
N GLY H 1255 9.35 -5.88 26.51
CA GLY H 1255 9.06 -4.53 26.93
C GLY H 1255 10.07 -3.91 27.87
N LYS H 1256 11.29 -4.43 27.94
CA LYS H 1256 12.36 -3.78 28.67
C LYS H 1256 13.05 -2.76 27.78
N LEU H 1257 13.74 -1.81 28.42
CA LEU H 1257 14.49 -0.82 27.66
C LEU H 1257 15.59 -1.49 26.86
N ILE H 1258 15.72 -1.10 25.61
CA ILE H 1258 16.70 -1.75 24.73
C ILE H 1258 18.11 -1.39 25.18
N PRO H 1259 19.05 -2.33 25.21
CA PRO H 1259 20.42 -1.97 25.61
C PRO H 1259 21.16 -1.23 24.50
N ALA H 1260 20.63 -0.07 24.12
CA ALA H 1260 21.24 0.74 23.08
C ALA H 1260 20.69 2.15 23.21
N GLY H 1261 21.39 3.09 22.57
CA GLY H 1261 21.00 4.48 22.69
C GLY H 1261 20.87 4.90 24.14
N THR H 1262 19.70 5.44 24.49
CA THR H 1262 19.43 5.89 25.85
C THR H 1262 19.18 4.75 26.83
N GLY H 1263 19.36 3.48 26.45
CA GLY H 1263 19.06 2.38 27.35
C GLY H 1263 20.28 1.77 28.00
N ILE H 1264 21.47 2.06 27.46
CA ILE H 1264 22.69 1.49 28.02
C ILE H 1264 22.92 2.02 29.44
N ASN H 1265 23.72 1.26 30.20
CA ASN H 1265 23.89 1.58 31.62
C ASN H 1265 24.59 2.91 31.83
N ARG H 1266 25.46 3.31 30.92
CA ARG H 1266 26.18 4.57 31.11
C ARG H 1266 25.20 5.73 31.25
N TYR H 1267 24.22 5.81 30.34
CA TYR H 1267 23.26 6.91 30.33
C TYR H 1267 22.01 6.62 31.14
N ARG H 1268 21.72 5.34 31.45
CA ARG H 1268 20.43 4.99 32.01
C ARG H 1268 20.29 5.48 33.45
N ASN H 1269 21.20 5.05 34.33
CA ASN H 1269 21.16 5.42 35.74
C ASN H 1269 21.96 6.70 35.92
N ILE H 1270 21.26 7.83 35.95
CA ILE H 1270 21.89 9.14 36.13
C ILE H 1270 20.97 9.99 36.99
N ALA H 1271 21.55 10.68 37.97
CA ALA H 1271 20.83 11.60 38.84
C ALA H 1271 21.24 13.03 38.52
N VAL H 1272 20.27 13.89 38.24
CA VAL H 1272 20.52 15.29 37.91
C VAL H 1272 20.25 16.13 39.14
N GLN H 1273 21.24 16.94 39.54
CA GLN H 1273 21.12 17.80 40.70
C GLN H 1273 21.50 19.21 40.31
N PRO H 1274 20.71 20.22 40.69
CA PRO H 1274 21.07 21.60 40.34
C PRO H 1274 22.30 22.08 41.10
N THR H 1275 23.08 22.92 40.42
CA THR H 1275 24.24 23.53 41.04
C THR H 1275 23.79 24.47 42.18
N GLU H 1276 24.63 24.59 43.20
CA GLU H 1276 24.22 25.26 44.43
C GLU H 1276 23.66 26.65 44.18
N GLU H 1277 24.03 27.30 43.07
CA GLU H 1277 23.49 28.62 42.77
C GLU H 1277 21.97 28.55 42.72
N ALA H 1278 21.32 29.41 43.52
CA ALA H 1278 19.86 29.41 43.61
C ALA H 1278 19.37 30.85 43.71
N ARG H 1279 18.12 31.05 43.30
CA ARG H 1279 17.49 32.36 43.39
C ARG H 1279 17.06 32.64 44.83
N ALA H 1280 16.74 33.92 45.09
CA ALA H 1280 16.41 34.33 46.45
C ALA H 1280 15.21 33.54 46.99
N ALA H 1281 14.20 33.32 46.15
CA ALA H 1281 13.01 32.59 46.57
C ALA H 1281 12.89 31.27 45.81
N GLY I 28 25.90 33.98 16.16
CA GLY I 28 26.20 33.99 14.74
C GLY I 28 25.18 33.25 13.89
N TYR I 29 23.90 33.51 14.16
CA TYR I 29 22.82 32.83 13.46
C TYR I 29 21.53 33.60 13.74
N ASP I 30 20.47 33.23 13.01
CA ASP I 30 19.18 33.85 13.22
C ASP I 30 18.56 33.39 14.54
N THR I 31 17.62 34.18 15.03
CA THR I 31 17.00 33.92 16.33
C THR I 31 16.30 32.57 16.33
N PRO I 32 16.67 31.65 17.23
CA PRO I 32 15.98 30.35 17.25
C PRO I 32 14.54 30.50 17.73
N LEU I 33 13.61 30.00 16.91
CA LEU I 33 12.19 30.17 17.15
C LEU I 33 11.56 28.85 17.54
N GLY I 34 10.65 28.89 18.50
CA GLY I 34 9.90 27.69 18.86
C GLY I 34 10.79 26.63 19.49
N ILE I 35 10.76 25.43 18.91
CA ILE I 35 11.33 24.24 19.54
C ILE I 35 12.82 24.05 19.21
N THR I 36 13.40 24.93 18.40
CA THR I 36 14.84 24.88 18.14
C THR I 36 15.64 25.68 19.16
N ASN I 37 14.99 26.26 20.17
CA ASN I 37 15.65 26.97 21.24
C ASN I 37 15.51 26.18 22.54
N PRO I 38 16.61 25.94 23.28
CA PRO I 38 17.99 26.36 22.99
C PRO I 38 18.59 25.62 21.79
N PRO I 39 19.53 26.25 21.09
CA PRO I 39 20.14 25.60 19.93
C PRO I 39 20.74 24.26 20.30
N ILE I 40 20.45 23.24 19.48
CA ILE I 40 20.95 21.89 19.76
C ILE I 40 22.47 21.84 19.70
N ASP I 41 23.10 22.81 19.03
CA ASP I 41 24.55 22.79 18.88
C ASP I 41 25.23 23.17 20.19
N GLU I 42 24.71 24.17 20.89
CA GLU I 42 25.29 24.54 22.17
C GLU I 42 24.96 23.52 23.26
N LEU I 43 23.79 22.88 23.16
CA LEU I 43 23.42 21.88 24.16
C LEU I 43 24.39 20.70 24.13
N LEU I 44 24.92 20.35 22.96
CA LEU I 44 25.79 19.18 22.82
C LEU I 44 27.23 19.45 23.25
N ASP I 45 27.51 20.60 23.86
CA ASP I 45 28.83 20.91 24.39
C ASP I 45 28.93 20.67 25.89
N ARG I 46 27.87 20.95 26.63
CA ARG I 46 27.81 20.61 28.05
C ARG I 46 27.64 19.12 28.28
N VAL I 47 27.49 18.33 27.21
CA VAL I 47 27.21 16.90 27.32
C VAL I 47 28.14 16.13 26.39
N SER I 48 28.28 14.83 26.67
CA SER I 48 29.21 14.00 25.90
C SER I 48 28.58 13.49 24.61
N SER I 49 27.26 13.27 24.58
CA SER I 49 26.62 12.66 23.43
C SER I 49 25.15 13.03 23.40
N LYS I 50 24.54 12.82 22.23
CA LYS I 50 23.11 13.09 22.07
C LYS I 50 22.29 12.33 23.10
N TYR I 51 22.63 11.07 23.36
CA TYR I 51 21.78 10.23 24.20
C TYR I 51 21.78 10.70 25.65
N ALA I 52 22.94 11.07 26.19
CA ALA I 52 23.02 11.47 27.58
C ALA I 52 22.17 12.71 27.85
N LEU I 53 22.17 13.65 26.91
CA LEU I 53 21.37 14.86 27.04
C LEU I 53 19.90 14.51 27.26
N VAL I 54 19.42 13.46 26.60
CA VAL I 54 18.02 13.08 26.72
C VAL I 54 17.69 12.76 28.17
N ILE I 55 18.50 11.91 28.81
CA ILE I 55 18.22 11.52 30.18
C ILE I 55 18.35 12.72 31.11
N TYR I 56 19.39 13.53 30.93
CA TYR I 56 19.51 14.74 31.74
C TYR I 56 18.21 15.54 31.70
N ALA I 57 17.77 15.90 30.48
CA ALA I 57 16.61 16.76 30.32
C ALA I 57 15.36 16.10 30.91
N ALA I 58 15.14 14.82 30.62
CA ALA I 58 13.91 14.18 31.05
C ALA I 58 13.84 14.08 32.57
N LYS I 59 14.93 13.69 33.23
CA LYS I 59 14.89 13.54 34.67
C LYS I 59 14.78 14.89 35.36
N ARG I 60 15.42 15.93 34.81
CA ARG I 60 15.19 17.26 35.38
C ARG I 60 13.75 17.70 35.18
N ALA I 61 13.15 17.34 34.04
CA ALA I 61 11.75 17.68 33.82
C ALA I 61 10.85 16.99 34.83
N ARG I 62 11.16 15.74 35.15
CA ARG I 62 10.38 15.03 36.18
C ARG I 62 10.53 15.72 37.53
N GLN I 63 11.74 16.14 37.89
CA GLN I 63 11.91 16.90 39.13
C GLN I 63 11.07 18.17 39.12
N ILE I 64 11.06 18.89 38.00
CA ILE I 64 10.30 20.14 37.92
C ILE I 64 8.81 19.86 38.06
N ASN I 65 8.33 18.78 37.44
CA ASN I 65 6.92 18.43 37.57
C ASN I 65 6.57 18.09 39.02
N ASP I 66 7.45 17.35 39.70
CA ASP I 66 7.22 17.08 41.11
C ASP I 66 7.21 18.37 41.93
N TYR I 67 8.05 19.34 41.56
CA TYR I 67 8.01 20.64 42.24
C TYR I 67 6.65 21.29 42.07
N TYR I 68 6.15 21.33 40.84
CA TYR I 68 4.86 21.98 40.59
C TYR I 68 3.69 21.19 41.19
N ASN I 69 3.88 19.90 41.47
CA ASN I 69 2.84 19.13 42.13
C ASN I 69 3.01 19.06 43.64
N GLN I 70 4.20 19.37 44.15
CA GLN I 70 4.48 19.36 45.58
C GLN I 70 4.75 20.77 46.12
N LEU I 71 4.28 21.79 45.42
CA LEU I 71 4.50 23.17 45.86
C LEU I 71 3.54 23.56 46.98
N GLY I 72 2.31 23.06 46.92
CA GLY I 72 1.33 23.34 47.96
C GLY I 72 1.36 22.41 49.14
N GLU I 73 2.08 21.29 49.05
CA GLU I 73 2.13 20.31 50.12
C GLU I 73 3.53 19.73 50.23
N GLY I 74 3.98 19.54 51.47
CA GLY I 74 5.16 18.75 51.74
C GLY I 74 6.45 19.55 51.61
N ILE I 75 7.48 19.05 52.29
CA ILE I 75 8.83 19.60 52.20
C ILE I 75 9.68 18.63 51.39
N LEU I 76 11.00 18.83 51.41
CA LEU I 76 11.93 18.03 50.60
C LEU I 76 11.47 17.99 49.14
N GLU I 77 10.71 19.01 48.72
CA GLU I 77 10.28 19.09 47.33
C GLU I 77 11.49 19.30 46.44
N TYR I 78 11.48 18.66 45.27
CA TYR I 78 12.60 18.77 44.35
C TYR I 78 12.80 20.22 43.93
N VAL I 79 14.03 20.53 43.52
CA VAL I 79 14.42 21.91 43.27
C VAL I 79 13.56 22.48 42.15
N GLY I 80 12.95 23.64 42.42
CA GLY I 80 12.08 24.26 41.46
C GLY I 80 12.84 24.77 40.25
N PRO I 81 12.11 25.43 39.34
CA PRO I 81 12.75 25.95 38.13
C PRO I 81 13.88 26.93 38.45
N LEU I 82 15.12 26.51 38.21
CA LEU I 82 16.26 27.38 38.50
C LEU I 82 16.14 28.70 37.76
N VAL I 83 15.85 28.65 36.45
CA VAL I 83 15.75 29.85 35.64
C VAL I 83 14.34 30.38 35.71
N GLU I 84 14.14 31.61 35.24
CA GLU I 84 12.81 32.22 35.22
C GLU I 84 11.95 31.51 34.18
N PRO I 85 10.82 30.92 34.55
CA PRO I 85 10.00 30.22 33.56
C PRO I 85 9.09 31.18 32.81
N GLY I 86 9.06 31.05 31.48
CA GLY I 86 8.04 31.73 30.70
C GLY I 86 6.65 31.31 31.12
N LEU I 87 5.68 32.13 30.79
CA LEU I 87 4.30 31.83 31.16
C LEU I 87 3.83 30.56 30.45
N GLN I 88 3.46 29.56 31.25
CA GLN I 88 2.92 28.30 30.73
C GLN I 88 3.95 27.58 29.87
N GLU I 89 5.20 27.56 30.34
CA GLU I 89 6.28 26.89 29.63
C GLU I 89 6.35 25.43 30.05
N LYS I 90 6.63 24.56 29.08
CA LYS I 90 6.68 23.13 29.36
C LYS I 90 7.87 22.81 30.27
N PRO I 91 7.71 21.92 31.25
CA PRO I 91 8.85 21.58 32.12
C PRO I 91 10.07 21.12 31.36
N LEU I 92 9.87 20.35 30.29
CA LEU I 92 10.99 19.90 29.48
C LEU I 92 11.77 21.09 28.92
N SER I 93 11.06 22.12 28.47
CA SER I 93 11.73 23.30 27.92
C SER I 93 12.56 24.01 28.98
N ILE I 94 12.03 24.12 30.19
CA ILE I 94 12.75 24.79 31.27
C ILE I 94 14.01 24.01 31.62
N ALA I 95 13.88 22.68 31.74
CA ALA I 95 15.06 21.87 32.03
C ALA I 95 16.10 21.97 30.92
N LEU I 96 15.64 22.02 29.67
CA LEU I 96 16.56 22.11 28.55
C LEU I 96 17.32 23.44 28.59
N ARG I 97 16.63 24.53 28.90
CA ARG I 97 17.32 25.81 29.03
C ARG I 97 18.29 25.79 30.20
N GLU I 98 17.91 25.17 31.32
CA GLU I 98 18.85 25.00 32.42
C GLU I 98 20.12 24.30 31.95
N ILE I 99 19.95 23.19 31.22
CA ILE I 99 21.11 22.50 30.66
C ILE I 99 21.96 23.45 29.85
N HIS I 100 21.31 24.28 29.03
CA HIS I 100 22.05 25.25 28.21
C HIS I 100 22.75 26.30 29.06
N ALA I 101 22.30 26.53 30.29
CA ALA I 101 22.86 27.57 31.14
C ALA I 101 23.82 27.04 32.20
N ASP I 102 24.28 25.79 32.06
CA ASP I 102 25.26 25.22 32.97
C ASP I 102 24.82 25.37 34.42
N LEU I 103 23.58 24.96 34.70
CA LEU I 103 23.01 25.06 36.04
C LEU I 103 22.70 23.70 36.64
N LEU I 104 23.18 22.62 36.02
CA LEU I 104 22.91 21.27 36.50
C LEU I 104 24.22 20.49 36.53
N GLU I 105 24.21 19.40 37.29
CA GLU I 105 25.33 18.48 37.35
C GLU I 105 24.89 17.13 36.82
N HIS I 106 25.64 16.07 37.11
CA HIS I 106 25.30 14.74 36.58
C HIS I 106 26.02 13.69 37.41
N THR I 107 25.66 12.43 37.17
CA THR I 107 26.24 11.31 37.91
C THR I 107 26.12 10.06 37.02
N GLU I 108 27.16 9.82 36.23
CA GLU I 108 27.19 8.66 35.35
C GLU I 108 27.72 7.43 36.08
#